data_3H3Y
#
_entry.id   3H3Y
#
_cell.length_a   1.000
_cell.length_b   1.000
_cell.length_c   1.000
_cell.angle_alpha   90.00
_cell.angle_beta   90.00
_cell.angle_gamma   90.00
#
_symmetry.space_group_name_H-M   'P 1'
#
_entity_poly.entity_id   1
_entity_poly.type   'polypeptide(L)'
_entity_poly.pdbx_seq_one_letter_code
;ETQQRCVTATDYDTFVSERFGSIIQAVQTFTDSTKPGYAFIAAKPKSGLYLTTVQREDIKNYLKDYNLAPITPSIISPNY
LFIKTNLKVTYALNKLQESEQWLEGQIIDKIDRYYTEDVEIFNSSFAKSKMLTYVDDADHSVIGSSATIQMVREVQNFYK
TPEAGIKYNNQIKDRSMESNTFSFNSGRKVVNPDTGLEEDVLYDVRIVSTDRDSKGIGKVIIGPFASGDVTENENIQPYT
GNDFNKLANSDGRDKYYVIGEINYPADVIYWNIAKINLTSEKFEVQTIELYSDPTDDVIFTRDGSLIVFENDLRPQYLTI
DLEPISQLEHHHHHH
;
_entity_poly.pdbx_strand_id   A,B,C,D,E,F,G,H,I,J,K,L
#
# COMPACT_ATOMS: atom_id res chain seq x y z
N VAL A 7 34.56 -67.48 54.78
CA VAL A 7 35.58 -66.47 54.68
C VAL A 7 34.98 -65.11 54.95
N THR A 8 35.62 -64.05 54.48
CA THR A 8 35.08 -62.75 54.74
C THR A 8 35.10 -62.51 56.22
N ALA A 9 35.71 -61.41 56.62
CA ALA A 9 35.84 -61.10 58.02
C ALA A 9 34.48 -60.96 58.63
N THR A 10 33.56 -60.39 57.88
CA THR A 10 32.24 -60.20 58.42
C THR A 10 31.67 -61.54 58.76
N ASP A 11 31.85 -62.52 57.89
CA ASP A 11 31.30 -63.83 58.17
C ASP A 11 31.95 -64.34 59.43
N TYR A 12 33.25 -64.17 59.56
CA TYR A 12 33.93 -64.60 60.76
C TYR A 12 33.48 -63.85 61.98
N ASP A 13 33.21 -62.57 61.88
CA ASP A 13 32.88 -61.85 63.08
C ASP A 13 31.67 -62.51 63.67
N THR A 14 30.72 -62.84 62.83
CA THR A 14 29.54 -63.52 63.32
C THR A 14 30.02 -64.78 63.97
N PHE A 15 30.54 -65.66 63.14
CA PHE A 15 30.97 -66.97 63.63
C PHE A 15 31.29 -67.00 65.12
N VAL A 16 31.87 -65.92 65.62
CA VAL A 16 32.32 -65.81 67.01
C VAL A 16 31.26 -65.10 67.85
N SER A 17 30.48 -64.22 67.23
CA SER A 17 29.37 -63.60 67.93
C SER A 17 28.29 -64.66 68.15
N GLU A 18 28.68 -65.92 67.97
CA GLU A 18 27.77 -67.04 68.18
C GLU A 18 28.43 -68.10 69.06
N ARG A 19 29.43 -68.79 68.52
CA ARG A 19 30.15 -69.82 69.27
C ARG A 19 30.70 -69.34 70.62
N PHE A 20 30.77 -68.02 70.80
CA PHE A 20 31.26 -67.42 72.03
C PHE A 20 30.29 -66.36 72.54
N GLY A 21 29.53 -65.77 71.63
CA GLY A 21 28.56 -64.76 71.99
C GLY A 21 28.04 -64.97 73.40
N SER A 22 28.96 -64.97 74.36
CA SER A 22 28.62 -65.17 75.75
C SER A 22 29.48 -64.28 76.60
N ILE A 23 30.78 -64.40 76.42
CA ILE A 23 31.72 -63.60 77.19
C ILE A 23 32.49 -62.68 76.29
N ILE A 24 31.85 -62.31 75.19
CA ILE A 24 32.44 -61.43 74.17
C ILE A 24 31.46 -60.35 73.74
N GLN A 25 31.91 -59.10 73.72
CA GLN A 25 31.04 -57.98 73.39
C GLN A 25 31.10 -57.56 71.92
N ALA A 26 32.30 -57.58 71.33
CA ALA A 26 32.46 -57.12 69.96
C ALA A 26 33.56 -57.87 69.20
N VAL A 27 33.46 -57.86 67.86
CA VAL A 27 34.47 -58.48 67.01
C VAL A 27 34.85 -57.63 65.79
N GLN A 28 36.16 -57.46 65.57
CA GLN A 28 36.69 -56.83 64.38
C GLN A 28 37.61 -57.78 63.65
N THR A 29 37.13 -58.38 62.57
CA THR A 29 38.00 -59.21 61.73
C THR A 29 38.62 -58.42 60.60
N PHE A 30 39.86 -58.04 60.82
CA PHE A 30 40.62 -57.30 59.85
C PHE A 30 41.82 -58.13 59.43
N THR A 31 42.40 -57.80 58.29
CA THR A 31 43.60 -58.48 57.84
C THR A 31 44.68 -57.43 57.64
N ASP A 32 45.89 -57.72 58.11
CA ASP A 32 46.98 -56.75 57.99
C ASP A 32 47.76 -56.95 56.69
N SER A 33 47.94 -55.88 55.94
CA SER A 33 48.62 -55.93 54.64
C SER A 33 50.12 -56.21 54.76
N THR A 34 50.65 -56.09 55.98
CA THR A 34 52.06 -56.41 56.25
C THR A 34 52.22 -57.90 56.61
N LYS A 35 51.14 -58.50 57.11
CA LYS A 35 51.15 -59.86 57.61
C LYS A 35 50.16 -60.77 56.89
N PRO A 36 50.52 -61.23 55.67
CA PRO A 36 49.72 -62.07 54.78
C PRO A 36 49.30 -63.39 55.42
N GLY A 37 48.31 -64.07 54.85
CA GLY A 37 47.88 -65.36 55.36
C GLY A 37 47.42 -65.38 56.81
N TYR A 38 47.49 -64.23 57.49
CA TYR A 38 47.03 -64.13 58.86
C TYR A 38 45.75 -63.30 58.97
N ALA A 39 44.72 -63.91 59.54
CA ALA A 39 43.45 -63.22 59.73
C ALA A 39 43.31 -62.86 61.19
N PHE A 40 43.32 -61.56 61.48
CA PHE A 40 43.33 -61.09 62.86
C PHE A 40 41.93 -60.83 63.41
N ILE A 41 41.72 -61.25 64.66
CA ILE A 41 40.41 -61.14 65.27
C ILE A 41 40.46 -60.37 66.59
N ALA A 42 40.08 -59.10 66.52
CA ALA A 42 39.99 -58.29 67.71
C ALA A 42 38.75 -58.72 68.47
N ALA A 43 38.85 -58.74 69.80
CA ALA A 43 37.76 -59.22 70.65
C ALA A 43 37.68 -58.47 71.97
N LYS A 44 36.60 -57.72 72.18
CA LYS A 44 36.39 -57.07 73.46
C LYS A 44 35.67 -58.03 74.41
N PRO A 45 36.21 -58.19 75.64
CA PRO A 45 35.73 -59.11 76.67
C PRO A 45 34.32 -58.81 77.16
N LYS A 46 33.75 -57.68 76.75
CA LYS A 46 32.42 -57.30 77.20
C LYS A 46 32.36 -56.85 78.67
N SER A 47 33.45 -57.06 79.38
CA SER A 47 33.50 -56.76 80.81
C SER A 47 34.81 -56.02 81.07
N GLY A 48 35.91 -56.75 81.00
CA GLY A 48 37.22 -56.19 81.27
C GLY A 48 37.92 -55.65 80.03
N LEU A 49 39.23 -55.86 79.96
CA LEU A 49 40.01 -55.38 78.83
C LEU A 49 40.54 -56.51 77.98
N TYR A 50 41.38 -57.35 78.57
CA TYR A 50 42.07 -58.38 77.82
C TYR A 50 41.41 -59.75 77.93
N LEU A 51 41.21 -60.39 76.78
CA LEU A 51 40.73 -61.77 76.77
C LEU A 51 41.89 -62.68 77.16
N THR A 52 41.66 -63.53 78.14
CA THR A 52 42.73 -64.31 78.75
C THR A 52 44.02 -63.49 78.81
N THR A 53 44.04 -62.52 79.72
CA THR A 53 45.27 -61.80 80.02
C THR A 53 46.23 -62.81 80.65
N VAL A 54 45.57 -63.92 80.93
CA VAL A 54 46.06 -65.17 81.45
C VAL A 54 46.64 -65.76 80.19
N GLN A 55 46.60 -64.98 79.12
CA GLN A 55 47.19 -65.41 77.88
C GLN A 55 46.65 -66.60 77.12
N ARG A 56 45.38 -66.52 76.73
CA ARG A 56 44.78 -67.50 75.85
C ARG A 56 43.66 -68.17 76.51
N GLU A 57 44.00 -68.79 77.62
CA GLU A 57 42.93 -69.49 78.34
C GLU A 57 41.74 -69.31 77.41
N ASP A 58 41.68 -68.14 76.79
CA ASP A 58 40.59 -67.79 75.90
C ASP A 58 41.09 -67.68 74.46
N ILE A 59 42.08 -66.81 74.23
CA ILE A 59 42.57 -66.55 72.87
C ILE A 59 43.16 -67.81 72.21
N LYS A 60 43.01 -68.94 72.88
CA LYS A 60 43.45 -70.23 72.35
C LYS A 60 42.22 -71.08 72.01
N ASN A 61 41.16 -70.92 72.79
CA ASN A 61 39.89 -71.58 72.51
C ASN A 61 39.31 -71.18 71.16
N TYR A 62 39.45 -69.91 70.81
CA TYR A 62 38.95 -69.42 69.53
C TYR A 62 39.85 -69.91 68.41
N LEU A 63 41.16 -69.94 68.67
CA LEU A 63 42.07 -70.60 67.76
C LEU A 63 41.43 -71.95 67.40
N LYS A 64 40.99 -72.68 68.43
CA LYS A 64 40.35 -73.99 68.23
C LYS A 64 38.96 -73.90 67.60
N ASP A 65 38.87 -73.18 66.50
CA ASP A 65 37.66 -73.16 65.68
C ASP A 65 38.10 -73.13 64.21
N TYR A 66 37.91 -74.26 63.54
CA TYR A 66 38.43 -74.37 62.18
C TYR A 66 37.47 -74.94 61.14
N ASN A 67 37.43 -74.27 60.00
CA ASN A 67 36.60 -74.64 58.87
C ASN A 67 37.45 -74.86 57.62
N LEU A 68 37.74 -73.78 56.90
CA LEU A 68 38.50 -73.84 55.67
C LEU A 68 39.51 -72.73 55.48
N ALA A 69 40.36 -72.91 54.48
CA ALA A 69 41.33 -71.91 54.10
C ALA A 69 42.75 -72.19 54.51
N PRO A 70 43.67 -71.63 53.76
CA PRO A 70 45.09 -71.77 53.98
C PRO A 70 45.57 -70.66 54.84
N ILE A 71 44.68 -69.75 55.23
CA ILE A 71 45.05 -68.66 56.09
C ILE A 71 44.73 -69.07 57.50
N THR A 72 45.44 -68.50 58.44
CA THR A 72 45.31 -68.87 59.87
C THR A 72 44.83 -67.74 60.79
N PRO A 73 43.90 -68.06 61.72
CA PRO A 73 43.41 -67.06 62.67
C PRO A 73 44.50 -66.64 63.66
N SER A 74 44.40 -65.42 64.17
CA SER A 74 45.32 -64.91 65.20
C SER A 74 44.54 -64.08 66.19
N ILE A 75 43.77 -64.75 67.06
CA ILE A 75 42.87 -64.10 67.98
C ILE A 75 43.60 -63.19 68.98
N ILE A 76 43.51 -61.88 68.74
CA ILE A 76 44.19 -60.91 69.58
C ILE A 76 43.20 -60.08 70.40
N SER A 77 43.72 -59.36 71.39
CA SER A 77 42.94 -58.38 72.11
C SER A 77 43.07 -57.05 71.39
N PRO A 78 42.00 -56.24 71.43
CA PRO A 78 41.90 -55.02 70.61
C PRO A 78 43.03 -54.03 70.90
N ASN A 79 43.50 -53.34 69.86
CA ASN A 79 44.51 -52.33 70.01
C ASN A 79 43.84 -51.08 70.58
N TYR A 80 43.99 -50.86 71.89
CA TYR A 80 43.21 -49.84 72.60
C TYR A 80 43.80 -48.46 72.45
N LEU A 81 42.93 -47.50 72.18
CA LEU A 81 43.29 -46.10 72.22
C LEU A 81 42.78 -45.61 73.55
N PHE A 82 43.64 -44.97 74.34
CA PHE A 82 43.16 -44.38 75.60
C PHE A 82 43.12 -42.86 75.52
N ILE A 83 42.27 -42.25 76.33
CA ILE A 83 42.15 -40.81 76.36
C ILE A 83 42.58 -40.24 77.72
N LYS A 84 43.83 -39.80 77.83
CA LYS A 84 44.28 -39.18 79.05
C LYS A 84 43.58 -37.83 79.21
N THR A 85 42.49 -37.80 79.97
CA THR A 85 41.68 -36.60 80.12
C THR A 85 42.06 -35.82 81.36
N ASN A 86 42.36 -34.53 81.21
CA ASN A 86 42.55 -33.67 82.37
C ASN A 86 41.32 -32.78 82.58
N LEU A 87 40.27 -33.37 83.14
CA LEU A 87 38.99 -32.68 83.30
C LEU A 87 39.11 -31.56 84.33
N LYS A 88 38.35 -30.49 84.13
CA LYS A 88 38.32 -29.35 85.06
C LYS A 88 36.91 -28.80 85.10
N VAL A 89 35.98 -29.58 85.64
CA VAL A 89 34.60 -29.16 85.87
C VAL A 89 34.48 -28.05 86.93
N THR A 90 33.53 -27.13 86.77
CA THR A 90 33.25 -26.13 87.80
C THR A 90 31.75 -26.02 88.11
N TYR A 91 31.42 -25.89 89.40
CA TYR A 91 30.02 -25.89 89.83
C TYR A 91 29.70 -24.75 90.79
N ALA A 92 28.42 -24.62 91.12
CA ALA A 92 27.97 -23.57 92.02
C ALA A 92 27.90 -24.11 93.44
N LEU A 93 28.63 -23.46 94.34
CA LEU A 93 28.71 -23.90 95.73
C LEU A 93 27.35 -24.31 96.30
N ASN A 94 26.37 -23.44 96.08
CA ASN A 94 25.04 -23.60 96.66
C ASN A 94 24.19 -24.66 95.99
N LYS A 95 24.24 -24.73 94.66
CA LYS A 95 23.40 -25.68 93.93
C LYS A 95 23.72 -27.11 94.32
N LEU A 96 24.86 -27.30 94.97
CA LEU A 96 25.34 -28.64 95.34
C LEU A 96 24.91 -29.06 96.75
N GLN A 97 24.28 -30.24 96.82
CA GLN A 97 23.86 -30.80 98.10
C GLN A 97 24.71 -31.92 98.70
N GLU A 98 25.33 -32.76 97.86
CA GLU A 98 26.19 -33.82 98.37
C GLU A 98 27.62 -33.31 98.13
N SER A 99 28.60 -34.06 98.60
CA SER A 99 30.00 -33.67 98.44
C SER A 99 30.65 -33.66 97.06
N GLU A 100 31.86 -33.09 96.98
CA GLU A 100 32.67 -33.18 95.78
C GLU A 100 32.92 -34.66 95.44
N GLN A 101 33.11 -35.46 96.47
CA GLN A 101 33.34 -36.91 96.32
C GLN A 101 32.15 -37.59 95.67
N TRP A 102 30.94 -37.23 96.08
CA TRP A 102 29.76 -37.85 95.52
C TRP A 102 29.53 -37.34 94.12
N LEU A 103 29.93 -36.09 93.89
CA LEU A 103 29.81 -35.44 92.60
C LEU A 103 30.73 -36.08 91.55
N GLU A 104 32.00 -36.28 91.90
CA GLU A 104 32.90 -36.97 90.99
C GLU A 104 32.28 -38.29 90.59
N GLY A 105 31.89 -39.08 91.58
CA GLY A 105 31.24 -40.35 91.31
C GLY A 105 29.95 -40.19 90.53
N GLN A 106 29.66 -38.97 90.11
CA GLN A 106 28.44 -38.67 89.38
C GLN A 106 28.76 -38.27 87.94
N ILE A 107 29.86 -37.55 87.77
CA ILE A 107 30.31 -37.18 86.44
C ILE A 107 30.92 -38.39 85.74
N ILE A 108 31.77 -39.14 86.44
CA ILE A 108 32.37 -40.32 85.82
C ILE A 108 31.32 -41.38 85.52
N ASP A 109 30.18 -41.30 86.19
CA ASP A 109 29.05 -42.14 85.83
C ASP A 109 28.52 -41.76 84.45
N LYS A 110 28.67 -40.49 84.08
CA LYS A 110 28.25 -39.98 82.78
C LYS A 110 29.33 -40.20 81.72
N ILE A 111 30.54 -39.71 82.01
CA ILE A 111 31.66 -39.98 81.13
C ILE A 111 31.66 -41.45 80.74
N ASP A 112 31.20 -42.33 81.62
CA ASP A 112 31.07 -43.74 81.23
C ASP A 112 29.88 -43.96 80.29
N ARG A 113 28.73 -43.37 80.63
CA ARG A 113 27.51 -43.54 79.84
C ARG A 113 27.77 -43.13 78.39
N TYR A 114 28.50 -42.04 78.19
CA TYR A 114 28.84 -41.62 76.83
C TYR A 114 29.66 -42.70 76.13
N TYR A 115 30.89 -42.89 76.59
CA TYR A 115 31.76 -43.92 76.05
C TYR A 115 31.03 -45.20 75.66
N THR A 116 30.44 -45.87 76.64
CA THR A 116 29.85 -47.20 76.44
C THR A 116 28.61 -47.22 75.55
N GLU A 117 28.12 -46.07 75.16
CA GLU A 117 26.97 -46.02 74.27
C GLU A 117 27.36 -45.62 72.85
N ASP A 118 28.26 -44.65 72.74
CA ASP A 118 28.64 -44.10 71.45
C ASP A 118 30.07 -44.47 71.01
N VAL A 119 30.99 -44.49 71.95
CA VAL A 119 32.38 -44.71 71.63
C VAL A 119 32.97 -46.07 71.76
N GLU A 120 32.56 -46.83 72.76
CA GLU A 120 33.22 -48.09 72.96
C GLU A 120 32.67 -49.09 71.99
N ILE A 121 33.03 -48.90 70.74
CA ILE A 121 32.59 -49.77 69.66
C ILE A 121 33.64 -49.85 68.58
N PHE A 122 33.58 -50.87 67.74
CA PHE A 122 34.51 -51.04 66.64
C PHE A 122 34.19 -50.09 65.51
N ASN A 123 35.25 -49.50 64.94
CA ASN A 123 35.12 -48.49 63.89
C ASN A 123 34.02 -47.56 64.41
N SER A 124 34.31 -46.84 65.49
CA SER A 124 33.34 -45.95 66.13
C SER A 124 34.40 -44.94 66.59
N SER A 125 33.95 -43.79 67.09
CA SER A 125 34.85 -42.69 67.44
C SER A 125 34.44 -41.89 68.69
N PHE A 126 35.34 -41.03 69.14
CA PHE A 126 35.17 -40.25 70.36
C PHE A 126 35.34 -38.77 70.03
N ALA A 127 34.56 -37.93 70.68
CA ALA A 127 34.69 -36.48 70.51
C ALA A 127 34.66 -35.77 71.86
N LYS A 128 35.71 -35.01 72.17
CA LYS A 128 35.75 -34.31 73.45
C LYS A 128 34.53 -33.44 73.68
N SER A 129 34.14 -32.65 72.69
CA SER A 129 33.01 -31.76 72.87
C SER A 129 31.76 -32.53 73.27
N LYS A 130 31.64 -33.75 72.76
CA LYS A 130 30.42 -34.51 72.93
C LYS A 130 30.35 -35.11 74.32
N MET A 131 31.49 -35.43 74.90
CA MET A 131 31.52 -36.05 76.21
C MET A 131 31.38 -34.97 77.28
N LEU A 132 32.01 -33.83 77.05
CA LEU A 132 31.88 -32.69 77.95
C LEU A 132 30.44 -32.22 78.00
N THR A 133 29.63 -32.57 76.99
CA THR A 133 28.22 -32.32 77.14
C THR A 133 27.70 -33.25 78.24
N TYR A 134 28.04 -34.53 78.15
CA TYR A 134 27.64 -35.50 79.18
C TYR A 134 28.12 -35.12 80.60
N VAL A 135 29.35 -34.63 80.71
CA VAL A 135 29.85 -34.19 82.00
C VAL A 135 29.00 -33.05 82.56
N ASP A 136 28.78 -32.02 81.74
CA ASP A 136 27.97 -30.87 82.14
C ASP A 136 26.60 -31.32 82.67
N ASP A 137 26.16 -32.48 82.20
CA ASP A 137 24.80 -32.95 82.42
C ASP A 137 24.73 -33.89 83.61
N ALA A 138 25.25 -33.45 84.74
CA ALA A 138 25.28 -34.29 85.94
C ALA A 138 24.68 -33.60 87.18
N ASP A 139 24.18 -32.37 87.03
CA ASP A 139 23.65 -31.63 88.16
C ASP A 139 22.85 -30.40 87.72
N HIS A 140 22.24 -29.71 88.68
CA HIS A 140 21.63 -28.41 88.43
C HIS A 140 22.76 -27.39 88.40
N SER A 141 23.96 -27.85 88.74
CA SER A 141 25.19 -27.07 88.58
C SER A 141 26.36 -27.65 89.33
N VAL A 142 27.51 -27.87 88.67
CA VAL A 142 27.79 -27.86 87.21
C VAL A 142 27.40 -26.72 86.26
N ILE A 143 28.20 -25.66 86.25
CA ILE A 143 28.08 -24.56 85.30
C ILE A 143 28.66 -24.89 83.93
N GLY A 144 29.91 -25.32 83.92
CA GLY A 144 30.62 -25.65 82.69
C GLY A 144 31.73 -26.67 82.88
N SER A 145 32.63 -26.77 81.93
CA SER A 145 33.72 -27.75 82.03
C SER A 145 34.83 -27.58 80.98
N SER A 146 36.06 -27.90 81.36
CA SER A 146 37.18 -27.83 80.44
C SER A 146 37.79 -29.22 80.38
N ALA A 147 38.70 -29.42 79.44
CA ALA A 147 39.35 -30.71 79.31
C ALA A 147 40.59 -30.56 78.46
N THR A 148 41.51 -31.49 78.59
CA THR A 148 42.76 -31.44 77.87
C THR A 148 43.12 -32.87 77.69
N ILE A 149 42.98 -33.36 76.47
CA ILE A 149 43.16 -34.78 76.28
C ILE A 149 44.35 -35.12 75.42
N GLN A 150 44.82 -36.34 75.62
CA GLN A 150 45.85 -36.95 74.81
C GLN A 150 45.43 -38.36 74.51
N MET A 151 45.87 -38.86 73.38
CA MET A 151 45.66 -40.23 73.05
C MET A 151 46.77 -41.02 73.70
N VAL A 152 46.43 -42.19 74.21
CA VAL A 152 47.42 -43.05 74.80
C VAL A 152 47.40 -44.40 74.09
N ARG A 153 48.60 -44.87 73.75
CA ARG A 153 48.77 -46.22 73.24
C ARG A 153 49.65 -46.93 74.24
N GLU A 154 49.18 -48.05 74.78
CA GLU A 154 50.00 -48.82 75.70
C GLU A 154 50.95 -49.72 74.94
N VAL A 155 52.22 -49.65 75.28
CA VAL A 155 53.26 -50.34 74.54
C VAL A 155 53.84 -51.46 75.37
N GLN A 156 53.60 -52.71 75.00
CA GLN A 156 54.37 -53.81 75.56
C GLN A 156 55.72 -53.83 74.86
N ASN A 157 56.74 -54.34 75.54
CA ASN A 157 58.12 -54.15 75.10
C ASN A 157 58.42 -52.73 74.67
N PHE A 158 58.84 -51.93 75.63
CA PHE A 158 59.34 -50.59 75.40
C PHE A 158 60.57 -50.63 74.51
N TYR A 159 61.25 -51.77 74.47
CA TYR A 159 62.53 -51.81 73.80
C TYR A 159 62.40 -51.38 72.34
N LYS A 160 61.37 -51.90 71.68
CA LYS A 160 61.16 -51.62 70.27
C LYS A 160 59.71 -51.80 69.85
N THR A 161 59.26 -50.95 68.93
CA THR A 161 57.92 -51.05 68.36
C THR A 161 57.81 -52.31 67.51
N PRO A 162 56.59 -52.65 67.09
CA PRO A 162 56.46 -53.79 66.19
C PRO A 162 57.20 -53.60 64.89
N GLU A 163 57.34 -54.73 64.21
CA GLU A 163 57.86 -54.81 62.86
C GLU A 163 57.34 -53.67 61.99
N ALA A 164 56.03 -53.45 62.00
CA ALA A 164 55.40 -52.48 61.11
C ALA A 164 55.08 -51.10 61.71
N GLY A 165 55.67 -50.80 62.87
CA GLY A 165 55.39 -49.56 63.57
C GLY A 165 54.05 -49.60 64.27
N ILE A 166 53.81 -48.62 65.14
CA ILE A 166 52.51 -48.49 65.79
C ILE A 166 51.82 -47.25 65.25
N LYS A 167 50.50 -47.31 65.11
CA LYS A 167 49.73 -46.17 64.64
C LYS A 167 48.65 -45.79 65.63
N TYR A 168 48.08 -44.59 65.48
CA TYR A 168 46.96 -44.16 66.32
C TYR A 168 45.61 -44.26 65.62
N ASN A 169 45.62 -44.39 64.29
CA ASN A 169 44.44 -44.20 63.48
C ASN A 169 43.96 -42.76 63.61
N ASN A 170 44.87 -41.89 64.06
CA ASN A 170 44.63 -40.46 64.13
C ASN A 170 45.90 -39.65 63.95
N GLN A 171 45.73 -38.37 63.68
CA GLN A 171 46.84 -37.48 63.38
C GLN A 171 47.19 -36.68 64.63
N ILE A 172 48.48 -36.61 64.93
CA ILE A 172 48.95 -35.89 66.11
C ILE A 172 49.75 -34.66 65.68
N LYS A 173 50.19 -33.87 66.64
CA LYS A 173 50.83 -32.60 66.35
C LYS A 173 52.32 -32.75 66.54
N ASP A 174 53.10 -31.85 65.94
CA ASP A 174 54.56 -31.87 66.10
C ASP A 174 55.06 -31.88 67.55
N ARG A 175 55.86 -32.89 67.89
CA ARG A 175 56.46 -33.06 69.23
C ARG A 175 55.43 -33.69 70.17
N SER A 176 54.15 -33.70 69.74
CA SER A 176 53.07 -34.23 70.55
C SER A 176 53.36 -35.59 71.19
N MET A 177 54.11 -36.44 70.47
CA MET A 177 54.36 -37.82 70.91
C MET A 177 55.45 -37.92 71.95
N GLU A 178 55.09 -38.43 73.13
CA GLU A 178 56.05 -38.61 74.21
C GLU A 178 55.58 -39.68 75.17
N SER A 179 56.52 -40.49 75.65
CA SER A 179 56.22 -41.55 76.61
C SER A 179 56.41 -41.11 78.05
N ASN A 180 55.89 -41.88 79.00
CA ASN A 180 56.21 -41.67 80.40
C ASN A 180 57.69 -41.98 80.61
N THR A 181 58.21 -41.66 81.79
CA THR A 181 59.63 -41.88 82.04
C THR A 181 59.88 -43.28 82.61
N PHE A 182 61.08 -43.79 82.37
CA PHE A 182 61.50 -45.06 82.94
C PHE A 182 62.98 -45.01 83.33
N SER A 183 63.41 -45.94 84.18
CA SER A 183 64.76 -45.88 84.69
C SER A 183 65.75 -46.61 83.80
N PHE A 184 66.89 -45.96 83.58
CA PHE A 184 67.99 -46.55 82.85
C PHE A 184 69.18 -46.73 83.77
N ASN A 185 69.52 -47.99 84.05
CA ASN A 185 70.65 -48.30 84.92
C ASN A 185 72.01 -48.09 84.25
N SER A 186 72.56 -46.89 84.37
CA SER A 186 73.92 -46.64 83.90
C SER A 186 74.81 -47.60 84.67
N GLY A 187 75.79 -48.18 83.99
CA GLY A 187 76.68 -49.14 84.63
C GLY A 187 77.40 -48.58 85.85
N ARG A 188 77.64 -47.26 85.81
CA ARG A 188 78.47 -46.57 86.81
C ARG A 188 77.93 -46.55 88.24
N LYS A 189 78.79 -46.11 89.16
CA LYS A 189 78.53 -46.18 90.60
C LYS A 189 78.93 -44.91 91.33
N VAL A 190 78.13 -44.50 92.32
CA VAL A 190 78.39 -43.26 93.03
C VAL A 190 77.93 -43.35 94.50
N VAL A 191 78.39 -42.41 95.34
CA VAL A 191 78.11 -42.45 96.78
C VAL A 191 77.60 -41.11 97.33
N ASN A 192 76.74 -41.23 98.32
CA ASN A 192 76.37 -40.10 99.13
C ASN A 192 75.71 -40.41 100.45
N PRO A 193 75.59 -39.38 101.29
CA PRO A 193 74.98 -39.61 102.58
C PRO A 193 75.55 -40.81 103.31
N ASP A 194 76.86 -40.89 103.42
CA ASP A 194 77.43 -41.93 104.24
C ASP A 194 76.86 -43.22 103.75
N THR A 195 76.79 -43.52 102.47
CA THR A 195 76.10 -44.80 102.39
C THR A 195 76.91 -45.90 101.69
N GLY A 196 77.58 -45.56 100.60
CA GLY A 196 78.36 -46.54 99.87
C GLY A 196 78.26 -46.42 98.37
N LEU A 197 78.57 -47.50 97.67
CA LEU A 197 78.52 -47.54 96.21
C LEU A 197 77.10 -47.32 95.69
N GLU A 198 76.12 -47.87 96.38
CA GLU A 198 74.72 -47.74 95.98
C GLU A 198 74.46 -48.30 94.59
N GLU A 199 75.11 -49.41 94.27
CA GLU A 199 74.94 -50.07 92.98
C GLU A 199 75.32 -49.19 91.79
N ASP A 200 74.43 -49.11 90.81
CA ASP A 200 74.68 -48.33 89.60
C ASP A 200 73.76 -47.11 89.47
N VAL A 201 74.38 -45.97 89.20
CA VAL A 201 73.65 -44.70 89.05
C VAL A 201 72.47 -44.89 88.10
N LEU A 202 71.29 -44.41 88.51
CA LEU A 202 70.09 -44.46 87.67
C LEU A 202 69.50 -43.07 87.43
N TYR A 203 69.10 -42.80 86.20
CA TYR A 203 68.31 -41.59 85.94
C TYR A 203 67.07 -41.87 85.11
N ASP A 204 66.09 -40.97 85.22
CA ASP A 204 64.85 -41.09 84.45
C ASP A 204 65.05 -40.64 83.00
N VAL A 205 64.72 -41.54 82.07
CA VAL A 205 64.93 -41.33 80.65
C VAL A 205 63.62 -41.61 79.91
N ARG A 206 63.45 -41.13 78.67
CA ARG A 206 62.19 -41.36 77.93
C ARG A 206 62.24 -41.15 76.41
N ILE A 207 61.14 -41.50 75.74
CA ILE A 207 61.04 -41.43 74.28
C ILE A 207 60.08 -40.31 73.79
N VAL A 208 60.61 -39.41 72.97
CA VAL A 208 59.88 -38.25 72.46
C VAL A 208 60.03 -38.13 70.93
N SER A 209 59.10 -37.46 70.27
CA SER A 209 59.23 -37.20 68.82
C SER A 209 59.68 -35.76 68.55
N THR A 210 60.16 -35.52 67.33
CA THR A 210 60.64 -34.19 66.97
C THR A 210 59.72 -33.60 65.92
N ASP A 211 59.77 -32.27 65.77
CA ASP A 211 59.02 -31.60 64.72
C ASP A 211 59.27 -32.37 63.42
N ARG A 212 58.24 -32.45 62.57
CA ARG A 212 58.37 -33.14 61.28
C ARG A 212 59.22 -32.36 60.30
N ASP A 213 60.01 -33.08 59.51
CA ASP A 213 60.80 -32.48 58.46
C ASP A 213 59.91 -32.13 57.28
N SER A 214 60.53 -31.62 56.22
CA SER A 214 59.83 -31.11 55.05
C SER A 214 59.02 -32.17 54.30
N LYS A 215 59.05 -33.42 54.77
CA LYS A 215 58.32 -34.52 54.12
C LYS A 215 57.35 -35.21 55.08
N GLY A 216 57.21 -34.66 56.28
CA GLY A 216 56.26 -35.14 57.28
C GLY A 216 56.82 -36.11 58.30
N ILE A 217 58.11 -35.96 58.59
CA ILE A 217 58.84 -37.06 59.21
C ILE A 217 59.92 -36.61 60.19
N GLY A 218 59.66 -36.82 61.48
CA GLY A 218 60.62 -36.48 62.51
C GLY A 218 61.21 -37.74 63.10
N LYS A 219 62.16 -37.56 64.02
CA LYS A 219 62.84 -38.69 64.65
C LYS A 219 62.09 -39.12 65.89
N VAL A 220 62.40 -40.31 66.39
CA VAL A 220 61.94 -40.73 67.70
C VAL A 220 63.19 -40.83 68.56
N ILE A 221 63.35 -39.91 69.49
CA ILE A 221 64.61 -39.84 70.23
C ILE A 221 64.49 -40.19 71.71
N ILE A 222 65.60 -40.62 72.31
CA ILE A 222 65.56 -41.09 73.69
C ILE A 222 66.68 -40.44 74.49
N GLY A 223 66.36 -40.00 75.71
CA GLY A 223 67.33 -39.33 76.57
C GLY A 223 66.67 -38.73 77.80
N PRO A 224 67.42 -37.93 78.58
CA PRO A 224 68.82 -37.55 78.36
C PRO A 224 69.79 -38.67 78.77
N PHE A 225 71.09 -38.41 78.66
CA PHE A 225 72.11 -39.34 79.13
C PHE A 225 73.31 -38.61 79.69
N ALA A 226 74.36 -39.38 79.93
CA ALA A 226 75.62 -38.86 80.42
C ALA A 226 76.54 -38.82 79.23
N SER A 227 77.66 -38.14 79.38
CA SER A 227 78.48 -37.81 78.24
C SER A 227 79.36 -38.93 77.70
N GLY A 228 79.14 -40.15 78.12
CA GLY A 228 78.13 -40.47 79.10
C GLY A 228 77.98 -41.97 79.13
N ASP A 229 76.77 -42.42 79.36
CA ASP A 229 76.53 -43.84 79.49
C ASP A 229 76.21 -44.54 78.18
N VAL A 230 76.17 -43.80 77.08
CA VAL A 230 75.92 -44.43 75.77
C VAL A 230 77.10 -44.24 74.83
N THR A 231 77.53 -45.33 74.20
CA THR A 231 78.76 -45.33 73.40
C THR A 231 78.55 -44.85 71.96
N GLU A 232 79.23 -43.75 71.61
CA GLU A 232 79.04 -43.07 70.33
C GLU A 232 79.95 -43.56 69.19
N ASN A 233 79.33 -43.77 68.03
CA ASN A 233 79.97 -44.34 66.84
C ASN A 233 79.90 -43.39 65.66
N GLU A 234 80.10 -43.93 64.47
CA GLU A 234 79.86 -43.19 63.24
C GLU A 234 78.36 -43.04 63.07
N ASN A 235 77.62 -44.04 63.54
CA ASN A 235 76.16 -43.99 63.50
C ASN A 235 75.61 -43.31 64.74
N ILE A 236 75.85 -43.97 65.88
CA ILE A 236 75.41 -43.47 67.18
C ILE A 236 76.07 -42.15 67.56
N GLN A 237 75.32 -41.07 67.47
CA GLN A 237 75.82 -39.74 67.83
C GLN A 237 74.71 -38.93 68.47
N PRO A 238 74.99 -38.06 69.41
CA PRO A 238 73.90 -37.36 70.05
C PRO A 238 73.06 -36.60 69.04
N TYR A 239 71.74 -36.58 69.24
CA TYR A 239 70.92 -35.94 68.26
C TYR A 239 71.43 -34.55 68.11
N THR A 240 71.54 -34.12 66.88
CA THR A 240 72.14 -32.86 66.57
C THR A 240 71.51 -31.59 67.11
N GLY A 241 70.21 -31.41 67.03
CA GLY A 241 69.71 -30.12 67.47
C GLY A 241 68.38 -29.93 68.13
N ASN A 242 68.26 -28.84 68.89
CA ASN A 242 66.97 -28.55 69.53
C ASN A 242 65.86 -28.60 68.50
N ASP A 243 64.71 -29.14 68.88
CA ASP A 243 63.68 -29.49 67.92
C ASP A 243 62.56 -30.30 68.55
N PHE A 244 62.41 -30.22 69.88
CA PHE A 244 61.48 -31.09 70.59
C PHE A 244 61.40 -30.74 72.07
N ASN A 245 60.84 -31.65 72.86
CA ASN A 245 60.63 -31.43 74.29
C ASN A 245 61.64 -32.17 75.17
N LYS A 246 62.53 -31.43 75.84
CA LYS A 246 63.49 -32.07 76.74
C LYS A 246 62.92 -32.14 78.16
N LEU A 247 63.34 -33.12 78.97
CA LEU A 247 62.80 -33.20 80.32
C LEU A 247 63.74 -32.69 81.41
N ALA A 248 63.19 -32.51 82.61
CA ALA A 248 63.87 -31.90 83.74
C ALA A 248 65.18 -32.61 84.12
N ASN A 249 66.29 -31.91 83.91
CA ASN A 249 67.59 -32.41 84.33
C ASN A 249 67.89 -32.05 85.78
N SER A 250 67.01 -32.49 86.68
CA SER A 250 67.25 -32.35 88.11
C SER A 250 68.51 -33.14 88.45
N ASP A 251 68.96 -33.92 87.47
CA ASP A 251 70.22 -34.65 87.55
C ASP A 251 71.23 -34.02 86.57
N GLY A 252 70.82 -32.94 85.90
CA GLY A 252 71.70 -32.14 85.05
C GLY A 252 71.89 -32.58 83.59
N ARG A 253 71.50 -33.81 83.28
CA ARG A 253 71.87 -34.48 82.03
C ARG A 253 71.27 -33.90 80.76
N ASP A 254 71.87 -34.22 79.63
CA ASP A 254 71.25 -33.93 78.36
C ASP A 254 72.10 -34.32 77.18
N LYS A 255 71.75 -35.44 76.59
CA LYS A 255 72.31 -35.82 75.33
C LYS A 255 71.27 -36.80 74.94
N TYR A 256 70.59 -36.53 73.84
CA TYR A 256 69.59 -37.50 73.42
C TYR A 256 70.08 -38.17 72.15
N TYR A 257 69.56 -39.36 71.86
CA TYR A 257 69.99 -40.15 70.70
C TYR A 257 68.81 -40.60 69.82
N VAL A 258 68.95 -40.51 68.50
CA VAL A 258 67.89 -40.95 67.57
C VAL A 258 67.73 -42.47 67.58
N ILE A 259 66.49 -42.98 67.62
CA ILE A 259 66.27 -44.41 67.51
C ILE A 259 65.08 -44.87 66.65
N GLY A 260 64.58 -44.00 65.77
CA GLY A 260 63.51 -44.36 64.87
C GLY A 260 62.96 -43.14 64.18
N GLU A 261 61.67 -43.16 63.85
CA GLU A 261 61.01 -41.95 63.34
C GLU A 261 59.49 -42.07 63.31
N ILE A 262 58.81 -40.93 63.35
CA ILE A 262 57.37 -40.95 63.13
C ILE A 262 57.16 -40.49 61.73
N ASN A 263 56.30 -41.21 61.02
CA ASN A 263 55.72 -40.72 59.79
C ASN A 263 54.38 -40.10 60.17
N TYR A 264 54.34 -38.77 60.26
CA TYR A 264 53.14 -38.10 60.74
C TYR A 264 51.94 -38.32 59.84
N PRO A 265 52.11 -38.08 58.52
CA PRO A 265 51.05 -38.32 57.55
C PRO A 265 50.62 -39.79 57.51
N ALA A 266 51.58 -40.70 57.38
CA ALA A 266 51.27 -42.13 57.32
C ALA A 266 50.76 -42.67 58.65
N ASP A 267 51.00 -41.89 59.71
CA ASP A 267 50.67 -42.32 61.07
C ASP A 267 51.32 -43.66 61.38
N VAL A 268 52.65 -43.67 61.46
CA VAL A 268 53.40 -44.84 61.91
C VAL A 268 54.61 -44.41 62.74
N ILE A 269 54.87 -45.14 63.82
CA ILE A 269 55.98 -44.82 64.69
C ILE A 269 56.81 -46.05 64.96
N TYR A 270 58.10 -45.99 64.62
CA TYR A 270 59.00 -47.11 64.85
C TYR A 270 60.21 -46.66 65.65
N TRP A 271 60.60 -47.50 66.61
CA TRP A 271 61.92 -47.39 67.23
C TRP A 271 62.47 -48.74 67.65
N ASN A 272 63.76 -48.75 67.95
CA ASN A 272 64.47 -49.95 68.30
C ASN A 272 65.67 -49.50 69.09
N ILE A 273 65.66 -49.75 70.40
CA ILE A 273 66.73 -49.23 71.23
C ILE A 273 68.07 -49.86 70.85
N ALA A 274 67.99 -51.04 70.25
CA ALA A 274 69.18 -51.69 69.70
C ALA A 274 69.90 -50.82 68.67
N LYS A 275 69.26 -49.74 68.20
CA LYS A 275 69.90 -48.88 67.20
C LYS A 275 71.04 -48.08 67.83
N ILE A 276 70.88 -47.71 69.09
CA ILE A 276 72.04 -47.39 69.90
C ILE A 276 72.38 -48.77 70.48
N ASN A 277 73.26 -48.88 71.46
CA ASN A 277 73.64 -50.24 71.84
C ASN A 277 73.24 -50.72 73.22
N LEU A 278 72.09 -50.22 73.69
CA LEU A 278 71.65 -50.53 75.03
C LEU A 278 70.83 -51.81 75.11
N THR A 279 71.16 -52.63 76.09
CA THR A 279 70.46 -53.87 76.29
C THR A 279 69.26 -53.58 77.19
N SER A 280 68.15 -54.26 76.92
CA SER A 280 66.94 -54.14 77.74
C SER A 280 67.23 -54.34 79.23
N GLU A 281 68.34 -55.01 79.53
CA GLU A 281 68.78 -55.20 80.91
C GLU A 281 68.99 -53.85 81.58
N LYS A 282 69.48 -52.89 80.82
CA LYS A 282 69.74 -51.56 81.34
C LYS A 282 68.45 -50.75 81.55
N PHE A 283 67.29 -51.40 81.44
CA PHE A 283 65.99 -50.74 81.65
C PHE A 283 65.10 -51.51 82.60
N GLU A 284 64.66 -50.84 83.66
CA GLU A 284 63.79 -51.45 84.65
C GLU A 284 62.51 -52.02 84.05
N VAL A 285 61.99 -51.36 83.01
CA VAL A 285 60.61 -51.57 82.59
C VAL A 285 60.39 -52.69 81.57
N GLN A 286 59.11 -52.94 81.28
CA GLN A 286 58.70 -53.79 80.17
C GLN A 286 57.68 -53.05 79.32
N THR A 287 56.58 -52.64 79.96
CA THR A 287 55.54 -51.87 79.30
C THR A 287 55.71 -50.37 79.53
N ILE A 288 55.40 -49.57 78.52
CA ILE A 288 55.37 -48.12 78.70
C ILE A 288 54.16 -47.47 78.03
N GLU A 289 54.00 -46.17 78.26
CA GLU A 289 52.86 -45.42 77.74
C GLU A 289 53.34 -44.45 76.66
N LEU A 290 52.57 -44.33 75.59
CA LEU A 290 52.93 -43.42 74.52
C LEU A 290 51.83 -42.38 74.32
N TYR A 291 52.11 -41.15 74.76
CA TYR A 291 51.14 -40.06 74.69
C TYR A 291 51.43 -39.17 73.50
N SER A 292 50.35 -38.81 72.81
CA SER A 292 50.41 -37.76 71.82
C SER A 292 49.11 -37.04 71.97
N ASP A 293 49.08 -35.78 71.59
CA ASP A 293 47.84 -35.04 71.54
C ASP A 293 47.46 -34.75 70.09
N PRO A 294 46.18 -35.01 69.76
CA PRO A 294 45.63 -35.04 68.41
C PRO A 294 45.50 -33.65 67.80
N THR A 295 45.21 -33.59 66.50
CA THR A 295 44.71 -32.38 65.86
C THR A 295 43.24 -32.55 65.71
N ASP A 296 42.78 -33.71 66.13
CA ASP A 296 41.40 -34.12 65.96
C ASP A 296 40.50 -33.58 67.05
N ASP A 297 39.42 -32.94 66.63
CA ASP A 297 38.36 -32.64 67.58
C ASP A 297 37.48 -33.87 67.62
N VAL A 298 37.88 -34.86 66.83
CA VAL A 298 37.27 -36.18 66.85
C VAL A 298 38.33 -37.29 66.65
N ILE A 299 38.36 -38.25 67.58
CA ILE A 299 39.34 -39.31 67.53
C ILE A 299 38.70 -40.56 66.94
N PHE A 300 39.32 -41.14 65.95
CA PHE A 300 38.76 -42.29 65.28
C PHE A 300 39.42 -43.57 65.64
N THR A 301 38.57 -44.54 65.91
CA THR A 301 39.02 -45.86 66.20
C THR A 301 39.13 -46.38 64.81
N ARG A 302 39.33 -47.68 64.62
CA ARG A 302 39.47 -48.21 63.29
C ARG A 302 39.70 -49.69 63.24
N ASP A 303 40.78 -50.14 62.64
CA ASP A 303 40.97 -51.57 62.48
C ASP A 303 41.64 -52.26 63.63
N GLY A 304 40.84 -52.85 64.49
CA GLY A 304 41.34 -53.58 65.61
C GLY A 304 41.59 -52.61 66.72
N SER A 305 41.50 -51.34 66.37
CA SER A 305 41.62 -50.24 67.32
C SER A 305 40.25 -49.96 67.93
N LEU A 306 40.26 -49.48 69.17
CA LEU A 306 39.02 -49.34 69.93
C LEU A 306 39.22 -48.32 71.04
N ILE A 307 38.39 -47.28 71.07
CA ILE A 307 38.50 -46.25 72.11
C ILE A 307 37.67 -46.63 73.31
N VAL A 308 38.34 -46.89 74.43
CA VAL A 308 37.65 -47.40 75.58
C VAL A 308 37.90 -46.55 76.84
N PHE A 309 36.95 -46.60 77.78
CA PHE A 309 37.04 -45.85 79.02
C PHE A 309 36.84 -46.81 80.17
N GLU A 310 37.93 -47.19 80.82
CA GLU A 310 37.87 -48.11 81.94
C GLU A 310 38.47 -47.49 83.20
N ASN A 311 37.76 -46.54 83.81
CA ASN A 311 38.36 -45.74 84.89
C ASN A 311 38.80 -46.57 86.10
N ASP A 312 37.89 -47.38 86.64
CA ASP A 312 38.26 -48.38 87.64
C ASP A 312 39.59 -49.11 87.51
N LEU A 313 39.84 -49.62 86.31
CA LEU A 313 41.00 -50.45 85.98
C LEU A 313 42.08 -49.66 85.26
N ARG A 314 41.80 -48.38 85.09
CA ARG A 314 42.67 -47.47 84.36
C ARG A 314 42.38 -46.05 84.84
N PRO A 315 42.51 -45.83 86.15
CA PRO A 315 42.08 -44.59 86.78
C PRO A 315 43.04 -43.49 86.40
N GLN A 316 44.29 -43.89 86.25
CA GLN A 316 45.39 -43.02 85.85
C GLN A 316 45.05 -42.12 84.66
N TYR A 317 44.07 -42.54 83.87
CA TYR A 317 43.71 -41.83 82.64
C TYR A 317 42.48 -40.96 82.84
N LEU A 318 42.54 -40.13 83.87
CA LEU A 318 41.45 -39.23 84.22
C LEU A 318 41.81 -38.53 85.52
N THR A 319 41.94 -37.21 85.44
CA THR A 319 42.04 -36.37 86.62
C THR A 319 40.90 -35.37 86.55
N ILE A 320 40.11 -35.31 87.62
CA ILE A 320 39.05 -34.31 87.76
C ILE A 320 39.41 -33.25 88.78
N ASP A 321 39.62 -32.02 88.34
CA ASP A 321 39.81 -30.91 89.26
C ASP A 321 38.55 -30.08 89.31
N LEU A 322 37.81 -30.15 90.40
CA LEU A 322 36.61 -29.34 90.55
C LEU A 322 36.94 -27.91 90.98
N GLU A 323 35.94 -27.06 90.91
CA GLU A 323 36.10 -25.69 91.35
C GLU A 323 34.74 -25.20 91.76
N PRO A 324 34.63 -24.77 93.01
CA PRO A 324 33.34 -24.32 93.53
C PRO A 324 33.22 -22.83 93.28
N ILE A 325 31.97 -22.41 93.13
CA ILE A 325 31.69 -21.04 92.82
C ILE A 325 30.71 -20.38 93.75
N SER A 326 31.04 -19.14 94.07
CA SER A 326 30.25 -18.33 94.94
C SER A 326 28.91 -18.11 94.30
N GLN A 327 27.87 -17.97 95.10
CA GLN A 327 26.54 -17.75 94.58
C GLN A 327 26.42 -16.34 93.99
N LEU A 328 25.40 -16.09 93.20
CA LEU A 328 25.17 -14.77 92.59
C LEU A 328 23.86 -14.13 93.07
N GLU A 329 23.75 -12.79 93.17
CA GLU A 329 22.40 -12.45 93.64
C GLU A 329 21.63 -13.56 94.40
N HIS A 330 21.39 -13.36 95.71
CA HIS A 330 20.30 -14.00 96.47
C HIS A 330 19.60 -12.97 97.26
N HIS A 331 18.64 -12.33 96.62
CA HIS A 331 18.13 -11.07 97.06
C HIS A 331 17.11 -10.54 96.08
N HIS A 332 15.86 -10.94 96.23
CA HIS A 332 14.79 -10.29 95.47
C HIS A 332 13.49 -11.02 95.47
N ALA B 9 17.41 -4.58 92.16
CA ALA B 9 17.28 -5.07 90.82
C ALA B 9 15.83 -5.05 90.47
N THR B 10 15.19 -6.17 90.60
CA THR B 10 13.83 -6.35 90.17
C THR B 10 12.85 -5.43 90.85
N ASP B 11 13.22 -4.80 91.94
CA ASP B 11 12.21 -3.98 92.60
C ASP B 11 11.65 -2.97 91.63
N TYR B 12 12.48 -2.32 90.86
CA TYR B 12 11.96 -1.36 89.93
C TYR B 12 12.08 -1.81 88.49
N ASP B 13 12.99 -2.73 88.25
CA ASP B 13 13.22 -3.25 86.93
C ASP B 13 12.01 -3.96 86.40
N THR B 14 11.38 -4.74 87.26
CA THR B 14 10.26 -5.54 86.84
C THR B 14 9.17 -4.68 86.31
N PHE B 15 8.84 -3.65 87.06
CA PHE B 15 7.78 -2.82 86.60
C PHE B 15 8.16 -2.49 85.21
N VAL B 16 9.09 -1.60 85.09
CA VAL B 16 9.56 -1.24 83.76
C VAL B 16 9.44 -2.42 82.80
N SER B 17 9.81 -3.60 83.25
CA SER B 17 9.77 -4.79 82.40
C SER B 17 8.33 -5.16 82.01
N GLU B 18 7.36 -4.45 82.55
CA GLU B 18 5.96 -4.66 82.20
C GLU B 18 5.51 -3.68 81.13
N ARG B 19 5.71 -2.39 81.40
CA ARG B 19 5.27 -1.33 80.50
C ARG B 19 6.09 -1.27 79.21
N PHE B 20 7.09 -2.13 79.10
CA PHE B 20 8.02 -2.07 77.98
C PHE B 20 8.51 -3.42 77.54
N GLY B 21 7.90 -4.48 78.05
CA GLY B 21 8.30 -5.85 77.74
C GLY B 21 8.40 -6.15 76.25
N SER B 22 7.83 -5.27 75.43
CA SER B 22 7.83 -5.44 73.98
C SER B 22 9.17 -5.03 73.35
N ILE B 23 9.94 -4.21 74.07
CA ILE B 23 11.31 -3.94 73.64
C ILE B 23 12.33 -4.55 74.58
N ILE B 24 12.49 -3.99 75.77
CA ILE B 24 13.54 -4.45 76.68
C ILE B 24 13.48 -5.94 77.01
N GLN B 25 14.61 -6.62 76.84
CA GLN B 25 14.70 -8.04 77.15
C GLN B 25 15.49 -8.30 78.42
N ALA B 26 16.10 -7.25 78.96
CA ALA B 26 16.91 -7.40 80.16
C ALA B 26 17.01 -6.09 80.94
N VAL B 27 16.55 -6.12 82.19
CA VAL B 27 16.58 -4.95 83.04
C VAL B 27 17.02 -5.30 84.43
N GLN B 28 18.01 -4.58 84.92
CA GLN B 28 18.49 -4.73 86.29
C GLN B 28 19.06 -3.40 86.78
N THR B 29 18.89 -3.14 88.08
CA THR B 29 19.40 -1.92 88.68
C THR B 29 20.68 -2.25 89.43
N PHE B 30 21.44 -1.20 89.74
CA PHE B 30 22.63 -1.33 90.57
C PHE B 30 23.15 0.05 90.94
N THR B 31 23.98 0.10 91.98
CA THR B 31 24.62 1.33 92.38
C THR B 31 26.09 1.24 92.00
N ASP B 32 26.80 2.36 92.05
CA ASP B 32 28.23 2.31 91.84
C ASP B 32 28.93 2.62 93.15
N SER B 33 29.72 1.71 93.66
CA SER B 33 30.28 2.09 94.91
C SER B 33 31.17 3.17 94.41
N THR B 34 30.84 4.40 94.73
CA THR B 34 31.66 5.49 94.25
C THR B 34 30.85 6.61 93.72
N LYS B 35 29.92 6.29 92.85
CA LYS B 35 29.07 7.32 92.32
C LYS B 35 27.95 7.31 93.28
N PRO B 36 28.24 7.68 94.50
CA PRO B 36 27.25 7.61 95.55
C PRO B 36 26.09 8.45 95.21
N GLY B 37 24.89 7.95 95.47
CA GLY B 37 23.70 8.71 95.19
C GLY B 37 22.99 8.30 93.93
N TYR B 38 23.75 7.74 93.01
CA TYR B 38 23.23 7.44 91.68
C TYR B 38 22.81 5.99 91.53
N ALA B 39 21.61 5.79 91.00
CA ALA B 39 21.11 4.44 90.71
C ALA B 39 20.85 4.34 89.22
N PHE B 40 21.45 3.34 88.58
CA PHE B 40 21.36 3.17 87.14
C PHE B 40 20.59 1.91 86.83
N ILE B 41 19.82 1.92 85.73
CA ILE B 41 19.21 0.69 85.27
C ILE B 41 19.69 0.34 83.88
N ALA B 42 20.41 -0.76 83.76
CA ALA B 42 20.85 -1.22 82.46
C ALA B 42 19.69 -1.92 81.79
N ALA B 43 19.43 -1.61 80.53
CA ALA B 43 18.42 -2.34 79.79
C ALA B 43 18.92 -2.67 78.40
N LYS B 44 18.72 -3.92 78.00
CA LYS B 44 19.02 -4.36 76.65
C LYS B 44 17.74 -4.53 75.83
N PRO B 45 17.66 -3.80 74.71
CA PRO B 45 16.57 -3.97 73.73
C PRO B 45 16.42 -5.46 73.41
N LYS B 46 15.22 -5.98 73.28
CA LYS B 46 15.13 -7.35 72.86
C LYS B 46 15.62 -7.26 71.46
N SER B 47 15.38 -6.11 70.87
CA SER B 47 15.61 -5.89 69.47
C SER B 47 16.98 -5.33 69.22
N GLY B 48 17.99 -6.11 69.51
CA GLY B 48 19.35 -5.63 69.33
C GLY B 48 20.09 -5.28 70.59
N LEU B 49 20.80 -4.18 70.50
CA LEU B 49 21.90 -3.78 71.41
C LEU B 49 21.69 -2.53 72.26
N TYR B 50 21.43 -1.40 71.62
CA TYR B 50 21.29 -0.14 72.37
C TYR B 50 19.91 0.48 72.17
N LEU B 51 19.20 0.70 73.28
CA LEU B 51 17.93 1.39 73.21
C LEU B 51 18.17 2.77 72.63
N THR B 52 17.20 3.28 71.86
CA THR B 52 17.37 4.58 71.21
C THR B 52 16.99 5.74 72.13
N THR B 53 17.73 6.83 71.98
CA THR B 53 17.61 7.98 72.87
C THR B 53 16.17 8.50 72.96
N VAL B 54 15.34 8.10 72.01
CA VAL B 54 13.91 8.37 72.12
C VAL B 54 13.25 7.28 72.97
N GLN B 55 13.53 6.01 72.67
CA GLN B 55 13.09 4.91 73.54
C GLN B 55 13.52 5.14 74.99
N ARG B 56 14.61 5.89 75.17
CA ARG B 56 15.17 6.12 76.50
C ARG B 56 14.53 7.29 77.22
N GLU B 57 14.11 8.29 76.47
CA GLU B 57 13.48 9.45 77.08
C GLU B 57 12.04 9.13 77.46
N ASP B 58 11.41 8.24 76.69
CA ASP B 58 10.08 7.78 77.02
C ASP B 58 10.11 7.01 78.34
N ILE B 59 11.01 6.03 78.40
CA ILE B 59 11.11 5.18 79.58
C ILE B 59 11.49 5.97 80.83
N LYS B 60 12.35 6.97 80.67
CA LYS B 60 12.72 7.82 81.80
C LYS B 60 11.50 8.61 82.26
N ASN B 61 10.65 8.97 81.31
CA ASN B 61 9.46 9.77 81.61
C ASN B 61 8.27 8.96 82.09
N TYR B 62 8.53 7.78 82.67
CA TYR B 62 7.54 7.12 83.50
C TYR B 62 8.01 7.28 84.95
N LEU B 63 9.20 7.86 85.12
CA LEU B 63 9.73 8.15 86.44
C LEU B 63 8.89 9.22 87.12
N LYS B 64 8.38 10.14 86.32
CA LYS B 64 7.44 11.13 86.80
C LYS B 64 6.12 10.43 87.10
N ASP B 65 5.77 9.47 86.25
CA ASP B 65 4.50 8.75 86.34
C ASP B 65 4.41 8.29 87.79
N TYR B 66 5.36 7.45 88.20
CA TYR B 66 5.59 7.16 89.60
C TYR B 66 6.36 8.31 90.24
N ASN B 67 5.64 9.11 91.01
CA ASN B 67 6.14 10.38 91.55
C ASN B 67 7.42 10.18 92.35
N LEU B 68 8.50 10.77 91.84
CA LEU B 68 9.71 10.94 92.63
C LEU B 68 10.29 12.23 92.08
N ALA B 69 10.66 13.12 92.99
CA ALA B 69 11.21 14.42 92.65
C ALA B 69 12.73 14.27 92.64
N PRO B 70 13.29 13.54 93.62
CA PRO B 70 14.75 13.40 93.65
C PRO B 70 15.15 12.98 92.24
N ILE B 71 16.35 13.37 91.80
CA ILE B 71 16.94 12.86 90.57
C ILE B 71 16.69 11.36 90.73
N THR B 72 16.08 10.78 89.70
CA THR B 72 15.58 9.41 89.75
C THR B 72 16.00 8.54 88.57
N PRO B 73 16.64 7.43 88.96
CA PRO B 73 17.28 6.39 88.17
C PRO B 73 17.62 6.81 86.78
N SER B 74 18.83 6.49 86.36
CA SER B 74 19.28 6.83 85.03
C SER B 74 19.06 5.51 84.39
N ILE B 75 18.38 5.50 83.27
CA ILE B 75 18.30 4.34 82.44
C ILE B 75 19.52 4.39 81.59
N ILE B 76 20.02 3.24 81.18
CA ILE B 76 21.17 3.22 80.31
C ILE B 76 21.32 1.86 79.74
N SER B 77 22.12 1.75 78.70
CA SER B 77 22.40 0.44 78.09
C SER B 77 23.48 -0.35 78.83
N PRO B 78 23.33 -1.68 78.87
CA PRO B 78 24.13 -2.63 79.63
C PRO B 78 25.63 -2.60 79.28
N ASN B 79 26.49 -2.88 80.26
CA ASN B 79 27.93 -2.99 79.98
C ASN B 79 28.26 -4.38 79.41
N TYR B 80 28.33 -4.47 78.08
CA TYR B 80 28.46 -5.76 77.40
C TYR B 80 29.84 -6.40 77.45
N LEU B 81 29.86 -7.68 77.70
CA LEU B 81 31.07 -8.43 77.60
C LEU B 81 30.79 -9.33 76.41
N PHE B 82 31.70 -9.35 75.46
CA PHE B 82 31.54 -10.13 74.25
C PHE B 82 32.56 -11.22 74.19
N ILE B 83 32.21 -12.31 73.55
CA ILE B 83 33.09 -13.43 73.43
C ILE B 83 33.53 -13.56 72.01
N LYS B 84 34.80 -13.37 71.74
CA LYS B 84 35.22 -13.46 70.37
C LYS B 84 35.43 -14.91 70.26
N THR B 85 34.56 -15.56 69.53
CA THR B 85 34.66 -16.97 69.40
C THR B 85 35.30 -17.37 68.12
N ASN B 86 36.17 -18.35 68.23
CA ASN B 86 36.86 -18.90 67.12
C ASN B 86 36.47 -20.33 67.18
N LEU B 87 35.43 -20.64 66.46
CA LEU B 87 34.80 -21.97 66.46
C LEU B 87 35.35 -22.84 65.35
N LYS B 88 35.35 -24.15 65.61
CA LYS B 88 35.75 -25.16 64.64
C LYS B 88 34.82 -26.33 64.79
N VAL B 89 34.08 -26.65 63.74
CA VAL B 89 33.17 -27.78 63.78
C VAL B 89 33.55 -28.78 62.71
N THR B 90 33.77 -30.03 63.08
CA THR B 90 34.10 -31.04 62.08
C THR B 90 32.86 -31.90 61.85
N TYR B 91 32.48 -32.11 60.59
CA TYR B 91 31.23 -32.82 60.27
C TYR B 91 31.44 -33.92 59.22
N ALA B 92 30.45 -34.82 59.13
CA ALA B 92 30.55 -35.98 58.24
C ALA B 92 30.02 -35.67 56.84
N LEU B 93 30.87 -35.85 55.82
CA LEU B 93 30.45 -35.57 54.45
C LEU B 93 29.14 -36.28 54.11
N ASN B 94 29.13 -37.60 54.27
CA ASN B 94 27.96 -38.41 53.93
C ASN B 94 26.67 -37.83 54.48
N LYS B 95 26.71 -37.44 55.74
CA LYS B 95 25.49 -37.14 56.49
C LYS B 95 25.03 -35.69 56.37
N LEU B 96 25.70 -34.92 55.50
CA LEU B 96 25.38 -33.50 55.33
C LEU B 96 24.77 -33.20 53.98
N GLN B 97 23.47 -32.90 53.98
CA GLN B 97 22.72 -32.76 52.73
C GLN B 97 22.93 -31.41 52.03
N GLU B 98 22.71 -30.31 52.76
CA GLU B 98 22.79 -28.98 52.18
C GLU B 98 24.19 -28.40 52.10
N SER B 99 24.26 -27.11 51.77
CA SER B 99 25.54 -26.45 51.59
C SER B 99 26.25 -26.26 52.92
N GLU B 100 27.56 -26.06 52.86
CA GLU B 100 28.31 -25.65 54.02
C GLU B 100 27.74 -24.33 54.51
N GLN B 101 27.45 -23.45 53.57
CA GLN B 101 26.85 -22.14 53.89
C GLN B 101 25.56 -22.32 54.70
N TRP B 102 24.83 -23.39 54.39
CA TRP B 102 23.60 -23.68 55.13
C TRP B 102 23.93 -24.13 56.54
N LEU B 103 24.75 -25.17 56.64
CA LEU B 103 25.19 -25.70 57.92
C LEU B 103 25.58 -24.59 58.89
N GLU B 104 26.53 -23.73 58.49
CA GLU B 104 26.88 -22.59 59.32
C GLU B 104 25.62 -21.94 59.88
N GLY B 105 24.77 -21.43 58.99
CA GLY B 105 23.52 -20.83 59.41
C GLY B 105 22.86 -21.67 60.49
N GLN B 106 22.79 -22.97 60.24
CA GLN B 106 22.11 -23.88 61.15
C GLN B 106 22.72 -23.88 62.55
N ILE B 107 24.02 -23.72 62.64
CA ILE B 107 24.68 -23.71 63.95
C ILE B 107 24.73 -22.31 64.55
N ILE B 108 25.07 -21.33 63.73
CA ILE B 108 25.04 -19.94 64.19
C ILE B 108 23.67 -19.56 64.75
N ASP B 109 22.66 -20.37 64.46
CA ASP B 109 21.37 -20.21 65.14
C ASP B 109 21.45 -20.83 66.53
N LYS B 110 21.99 -22.04 66.60
CA LYS B 110 22.07 -22.76 67.86
C LYS B 110 22.83 -21.94 68.88
N ILE B 111 23.92 -21.31 68.45
CA ILE B 111 24.70 -20.50 69.38
C ILE B 111 23.78 -19.46 69.99
N ASP B 112 23.00 -18.80 69.15
CA ASP B 112 22.14 -17.71 69.61
C ASP B 112 21.05 -18.24 70.54
N ARG B 113 20.49 -19.39 70.21
CA ARG B 113 19.43 -19.99 71.01
C ARG B 113 19.95 -20.35 72.40
N TYR B 114 21.24 -20.63 72.50
CA TYR B 114 21.85 -20.90 73.81
C TYR B 114 22.04 -19.60 74.57
N TYR B 115 22.49 -18.57 73.85
CA TYR B 115 22.73 -17.26 74.45
C TYR B 115 21.46 -16.63 74.96
N THR B 116 20.44 -16.63 74.11
CA THR B 116 19.16 -16.07 74.51
C THR B 116 18.63 -16.79 75.74
N GLU B 117 18.63 -18.12 75.70
CA GLU B 117 18.08 -18.91 76.81
C GLU B 117 18.90 -18.93 78.11
N ASP B 118 20.19 -19.23 78.02
CA ASP B 118 20.96 -19.47 79.23
C ASP B 118 21.96 -18.37 79.60
N VAL B 119 22.21 -17.44 78.68
CA VAL B 119 23.31 -16.49 78.89
C VAL B 119 22.90 -15.03 78.94
N GLU B 120 22.09 -14.61 77.97
CA GLU B 120 21.73 -13.21 77.85
C GLU B 120 20.72 -12.85 78.91
N ILE B 121 21.24 -12.58 80.10
CA ILE B 121 20.46 -12.45 81.32
C ILE B 121 21.45 -11.91 82.34
N PHE B 122 20.98 -11.14 83.31
CA PHE B 122 21.92 -10.50 84.22
C PHE B 122 22.49 -11.45 85.27
N ASN B 123 23.82 -11.44 85.38
CA ASN B 123 24.51 -12.30 86.33
C ASN B 123 24.50 -13.80 86.00
N SER B 124 23.80 -14.17 84.93
CA SER B 124 23.93 -15.49 84.32
C SER B 124 25.26 -15.52 83.59
N SER B 125 25.73 -16.69 83.22
CA SER B 125 27.07 -16.76 82.65
C SER B 125 27.23 -17.61 81.39
N PHE B 126 28.33 -17.37 80.67
CA PHE B 126 28.69 -18.09 79.46
C PHE B 126 29.62 -19.25 79.78
N ALA B 127 29.24 -20.45 79.36
CA ALA B 127 30.07 -21.64 79.52
C ALA B 127 30.38 -22.23 78.17
N LYS B 128 31.61 -22.06 77.72
CA LYS B 128 32.03 -22.56 76.41
C LYS B 128 31.66 -24.02 76.19
N SER B 129 31.70 -24.80 77.26
CA SER B 129 31.36 -26.21 77.18
C SER B 129 29.89 -26.43 76.83
N LYS B 130 29.03 -25.49 77.22
CA LYS B 130 27.60 -25.64 77.02
C LYS B 130 27.27 -25.36 75.57
N MET B 131 27.73 -24.20 75.10
CA MET B 131 27.40 -23.74 73.76
C MET B 131 27.97 -24.66 72.69
N LEU B 132 29.10 -25.30 72.99
CA LEU B 132 29.64 -26.33 72.09
C LEU B 132 28.69 -27.51 71.99
N THR B 133 28.06 -27.89 73.09
CA THR B 133 27.07 -28.96 73.03
C THR B 133 25.84 -28.48 72.25
N TYR B 134 25.59 -27.17 72.25
CA TYR B 134 24.57 -26.60 71.37
C TYR B 134 24.98 -26.73 69.92
N VAL B 135 26.21 -26.31 69.61
CA VAL B 135 26.78 -26.48 68.28
C VAL B 135 26.65 -27.94 67.80
N ASP B 136 27.15 -28.88 68.60
CA ASP B 136 27.01 -30.31 68.32
C ASP B 136 25.57 -30.66 67.96
N ASP B 137 24.63 -29.94 68.55
CA ASP B 137 23.21 -30.26 68.56
C ASP B 137 22.50 -29.75 67.30
N ALA B 138 23.23 -28.98 66.50
CA ALA B 138 22.65 -28.25 65.37
C ALA B 138 22.27 -29.09 64.14
N ASP B 139 22.76 -30.31 64.03
CA ASP B 139 22.49 -31.12 62.84
C ASP B 139 22.72 -32.51 63.42
N HIS B 140 22.26 -33.55 62.72
CA HIS B 140 22.52 -34.92 63.14
C HIS B 140 23.85 -35.40 62.60
N SER B 141 24.62 -34.46 62.04
CA SER B 141 25.79 -34.75 61.24
C SER B 141 27.04 -34.00 61.72
N VAL B 142 26.92 -33.39 62.90
CA VAL B 142 27.98 -32.54 63.43
C VAL B 142 28.74 -33.25 64.54
N ILE B 143 29.70 -34.02 64.08
CA ILE B 143 30.34 -35.05 64.82
C ILE B 143 30.98 -34.62 66.09
N GLY B 144 31.49 -33.41 66.08
CA GLY B 144 32.27 -32.86 67.17
C GLY B 144 32.90 -31.51 66.90
N SER B 145 32.85 -30.62 67.90
CA SER B 145 33.40 -29.26 67.76
C SER B 145 34.48 -28.93 68.79
N SER B 146 35.18 -27.82 68.55
CA SER B 146 36.14 -27.29 69.50
C SER B 146 36.01 -25.79 69.37
N ALA B 147 36.75 -25.02 70.16
CA ALA B 147 36.44 -23.60 70.28
C ALA B 147 37.43 -22.83 71.13
N THR B 148 37.70 -21.59 70.73
CA THR B 148 38.69 -20.76 71.37
C THR B 148 38.14 -19.35 71.60
N ILE B 149 38.09 -18.91 72.85
CA ILE B 149 37.43 -17.64 73.13
C ILE B 149 38.37 -16.52 73.55
N GLN B 150 37.87 -15.31 73.39
CA GLN B 150 38.48 -14.10 73.91
C GLN B 150 37.39 -13.27 74.52
N MET B 151 37.77 -12.33 75.38
CA MET B 151 36.80 -11.41 75.95
C MET B 151 36.91 -10.04 75.29
N VAL B 152 35.76 -9.46 74.93
CA VAL B 152 35.77 -8.12 74.37
C VAL B 152 34.94 -7.15 75.20
N ARG B 153 35.61 -6.16 75.75
CA ARG B 153 34.95 -5.05 76.40
C ARG B 153 35.05 -3.92 75.40
N GLU B 154 33.92 -3.33 75.04
CA GLU B 154 33.92 -2.26 74.04
C GLU B 154 34.05 -0.93 74.75
N VAL B 155 35.18 -0.27 74.57
CA VAL B 155 35.51 0.92 75.34
C VAL B 155 34.92 2.18 74.73
N GLN B 156 34.22 2.95 75.57
CA GLN B 156 33.57 4.19 75.15
C GLN B 156 34.57 5.30 74.81
N ASN B 157 35.55 5.49 75.68
CA ASN B 157 36.63 6.45 75.43
C ASN B 157 38.02 5.82 75.54
N PHE B 158 38.79 5.95 74.47
CA PHE B 158 40.11 5.34 74.34
C PHE B 158 41.14 6.06 75.20
N TYR B 159 40.91 7.33 75.45
CA TYR B 159 41.97 8.16 76.03
C TYR B 159 42.30 7.86 77.48
N LYS B 160 41.28 7.62 78.29
CA LYS B 160 41.52 7.27 79.67
C LYS B 160 40.40 6.39 80.13
N THR B 161 40.76 5.41 80.96
CA THR B 161 39.78 4.53 81.53
C THR B 161 38.87 5.36 82.41
N PRO B 162 37.72 4.80 82.81
CA PRO B 162 36.84 5.54 83.70
C PRO B 162 37.58 5.94 84.96
N GLU B 163 37.10 7.00 85.61
CA GLU B 163 37.61 7.38 86.91
C GLU B 163 38.05 6.17 87.72
N ALA B 164 37.24 5.11 87.66
CA ALA B 164 37.35 4.01 88.62
C ALA B 164 38.25 2.90 88.08
N GLY B 165 37.73 2.13 87.13
CA GLY B 165 38.56 1.50 86.11
C GLY B 165 37.74 0.79 85.05
N ILE B 166 38.40 -0.09 84.29
CA ILE B 166 37.69 -1.07 83.48
C ILE B 166 38.02 -2.47 83.99
N LYS B 167 36.99 -3.28 84.19
CA LYS B 167 37.20 -4.66 84.62
C LYS B 167 36.37 -5.67 83.83
N TYR B 168 36.87 -6.90 83.74
CA TYR B 168 36.24 -7.94 82.93
C TYR B 168 35.32 -8.83 83.76
N ASN B 169 35.37 -8.65 85.09
CA ASN B 169 34.70 -9.56 86.01
C ASN B 169 35.21 -10.98 85.82
N ASN B 170 36.41 -11.07 85.25
CA ASN B 170 37.02 -12.36 84.93
C ASN B 170 38.52 -12.26 84.83
N GLN B 171 39.15 -13.40 85.07
CA GLN B 171 40.59 -13.46 85.11
C GLN B 171 41.14 -13.62 83.70
N ILE B 172 42.01 -12.69 83.29
CA ILE B 172 42.72 -12.85 82.02
C ILE B 172 44.16 -13.37 82.22
N LYS B 173 44.83 -13.70 81.12
CA LYS B 173 46.18 -14.23 81.18
C LYS B 173 47.18 -13.08 81.04
N ASP B 174 48.47 -13.41 81.08
CA ASP B 174 49.51 -12.39 80.96
C ASP B 174 49.63 -11.89 79.54
N ARG B 175 49.89 -10.58 79.39
CA ARG B 175 50.10 -9.95 78.09
C ARG B 175 48.84 -10.01 77.24
N SER B 176 47.81 -10.59 77.85
CA SER B 176 46.57 -10.95 77.17
C SER B 176 45.78 -9.71 76.76
N MET B 177 45.61 -8.78 77.68
CA MET B 177 44.89 -7.54 77.41
C MET B 177 45.52 -6.81 76.23
N GLU B 178 44.76 -6.60 75.17
CA GLU B 178 45.26 -5.84 74.06
C GLU B 178 44.10 -5.28 73.28
N SER B 179 44.13 -3.97 73.08
CA SER B 179 43.14 -3.24 72.28
C SER B 179 43.47 -3.43 70.81
N ASN B 180 42.58 -2.98 69.93
CA ASN B 180 42.93 -2.97 68.52
C ASN B 180 43.74 -1.73 68.17
N THR B 181 43.94 -1.50 66.88
CA THR B 181 44.79 -0.38 66.47
C THR B 181 44.04 0.89 66.08
N PHE B 182 44.63 2.03 66.43
CA PHE B 182 44.05 3.33 66.10
C PHE B 182 45.14 4.31 65.66
N SER B 183 44.81 5.14 64.67
CA SER B 183 45.80 6.01 64.04
C SER B 183 46.28 7.06 65.00
N PHE B 184 47.60 7.17 65.15
CA PHE B 184 48.17 8.30 65.87
C PHE B 184 48.67 9.32 64.84
N ASN B 185 48.49 10.60 65.14
CA ASN B 185 48.92 11.65 64.22
C ASN B 185 50.16 12.38 64.73
N SER B 186 51.31 12.05 64.14
CA SER B 186 52.59 12.62 64.57
C SER B 186 52.56 14.15 64.54
N GLY B 187 52.50 14.70 63.34
CA GLY B 187 52.47 16.15 63.18
C GLY B 187 53.43 16.62 62.10
N ARG B 188 54.23 15.71 61.57
CA ARG B 188 55.19 16.05 60.52
C ARG B 188 54.52 16.11 59.16
N LYS B 189 55.16 16.80 58.21
CA LYS B 189 54.70 16.84 56.83
C LYS B 189 55.38 15.74 56.03
N VAL B 190 54.70 15.22 55.00
CA VAL B 190 55.26 14.14 54.20
C VAL B 190 55.78 14.62 52.85
N VAL B 191 55.28 15.76 52.38
CA VAL B 191 55.65 16.29 51.07
C VAL B 191 55.52 15.22 49.98
N ASN B 192 54.28 14.99 49.55
CA ASN B 192 54.02 14.02 48.49
C ASN B 192 53.08 14.57 47.41
N PRO B 193 53.64 14.87 46.22
CA PRO B 193 52.87 15.38 45.07
C PRO B 193 51.83 14.37 44.58
N ASP B 194 51.88 13.15 45.09
CA ASP B 194 50.87 12.14 44.77
C ASP B 194 49.51 12.62 45.24
N THR B 195 49.46 13.07 46.50
CA THR B 195 48.23 13.60 47.09
C THR B 195 48.44 15.06 47.51
N GLY B 196 48.93 15.87 46.58
CA GLY B 196 49.07 17.30 46.80
C GLY B 196 50.47 17.77 47.17
N LEU B 197 50.60 18.28 48.39
CA LEU B 197 51.88 18.78 48.87
C LEU B 197 52.14 18.40 50.33
N GLU B 198 51.11 17.93 51.01
CA GLU B 198 51.25 17.57 52.42
C GLU B 198 50.19 16.60 52.96
N GLU B 199 50.62 15.40 53.31
CA GLU B 199 49.85 14.52 54.19
C GLU B 199 50.50 14.57 55.58
N ASP B 200 49.73 14.22 56.60
CA ASP B 200 50.13 14.54 57.97
C ASP B 200 50.32 13.08 58.42
N VAL B 201 51.55 12.57 58.34
CA VAL B 201 51.85 11.18 58.73
C VAL B 201 51.18 10.58 59.97
N LEU B 202 50.42 9.52 59.77
CA LEU B 202 49.69 8.90 60.88
C LEU B 202 49.82 7.38 60.92
N TYR B 203 50.58 6.88 61.89
CA TYR B 203 50.85 5.44 62.01
C TYR B 203 50.09 4.76 63.13
N ASP B 204 49.58 3.56 62.84
CA ASP B 204 48.80 2.80 63.81
C ASP B 204 49.51 2.60 65.15
N VAL B 205 48.75 2.17 66.15
CA VAL B 205 49.22 2.08 67.51
C VAL B 205 48.15 1.36 68.31
N ARG B 206 48.55 0.57 69.31
CA ARG B 206 47.57 -0.12 70.16
C ARG B 206 47.94 -0.01 71.63
N ILE B 207 47.10 -0.51 72.54
CA ILE B 207 47.46 -0.52 73.96
C ILE B 207 47.37 -1.90 74.60
N VAL B 208 48.53 -2.44 74.94
CA VAL B 208 48.70 -3.81 75.41
C VAL B 208 49.06 -3.80 76.88
N SER B 209 49.01 -4.97 77.51
CA SER B 209 49.43 -5.13 78.90
C SER B 209 50.65 -6.06 78.97
N THR B 210 51.45 -5.89 80.01
CA THR B 210 52.64 -6.73 80.20
C THR B 210 52.43 -7.70 81.34
N ASP B 211 53.48 -8.44 81.66
CA ASP B 211 53.43 -9.57 82.60
C ASP B 211 53.29 -9.17 84.06
N ARG B 212 52.51 -9.96 84.81
CA ARG B 212 52.38 -9.77 86.25
C ARG B 212 53.75 -9.63 86.90
N ASP B 213 53.84 -8.70 87.87
CA ASP B 213 55.04 -8.56 88.67
C ASP B 213 55.13 -9.60 89.79
N SER B 214 56.12 -9.39 90.65
CA SER B 214 56.16 -9.98 91.98
C SER B 214 55.10 -9.07 92.55
N LYS B 215 54.17 -9.67 93.27
CA LYS B 215 52.85 -9.11 93.48
C LYS B 215 51.55 -8.89 92.65
N GLY B 216 51.49 -9.47 91.46
CA GLY B 216 50.25 -9.50 90.69
C GLY B 216 49.93 -8.33 89.77
N ILE B 217 50.84 -7.38 89.63
CA ILE B 217 50.58 -6.20 88.83
C ILE B 217 51.34 -6.13 87.50
N GLY B 218 50.65 -5.71 86.45
CA GLY B 218 51.27 -5.47 85.16
C GLY B 218 51.27 -3.99 84.86
N LYS B 219 51.78 -3.64 83.68
CA LYS B 219 51.81 -2.25 83.25
C LYS B 219 51.03 -2.11 81.93
N VAL B 220 50.14 -1.12 81.85
CA VAL B 220 49.39 -0.90 80.61
C VAL B 220 50.17 0.04 79.68
N ILE B 221 50.84 -0.52 78.68
CA ILE B 221 51.69 0.29 77.82
C ILE B 221 51.08 0.50 76.44
N ILE B 222 51.52 1.53 75.73
CA ILE B 222 50.89 1.91 74.46
C ILE B 222 51.82 1.92 73.24
N GLY B 223 51.37 1.23 72.18
CA GLY B 223 52.09 1.00 70.92
C GLY B 223 53.18 1.94 70.43
N PRO B 224 53.90 1.49 69.38
CA PRO B 224 55.15 2.00 68.77
C PRO B 224 55.17 3.46 68.28
N PHE B 225 56.25 4.16 68.60
CA PHE B 225 56.44 5.55 68.18
C PHE B 225 57.83 5.77 67.56
N ALA B 226 58.07 6.98 67.02
CA ALA B 226 59.33 7.29 66.37
C ALA B 226 60.19 8.32 67.13
N SER B 227 60.57 7.98 68.36
CA SER B 227 61.41 8.84 69.19
C SER B 227 60.90 10.26 69.29
N GLY B 228 61.17 11.05 68.24
CA GLY B 228 60.83 12.45 68.21
C GLY B 228 59.44 12.86 68.66
N ASP B 229 58.41 12.30 68.02
CA ASP B 229 57.03 12.78 68.23
C ASP B 229 56.40 12.42 69.59
N VAL B 230 57.17 11.83 70.49
CA VAL B 230 56.80 11.75 71.89
C VAL B 230 57.91 12.36 72.75
N THR B 231 57.59 13.40 73.52
CA THR B 231 58.61 14.09 74.29
C THR B 231 58.91 13.40 75.62
N GLU B 232 60.18 13.11 75.81
CA GLU B 232 60.64 12.40 76.98
C GLU B 232 61.53 13.28 77.81
N ASN B 233 61.27 13.27 79.10
CA ASN B 233 62.03 14.01 80.05
C ASN B 233 62.26 12.92 81.03
N GLU B 234 63.23 13.06 81.91
CA GLU B 234 63.47 11.97 82.83
C GLU B 234 62.18 11.76 83.59
N ASN B 235 61.75 10.51 83.58
CA ASN B 235 60.51 10.15 84.20
C ASN B 235 59.76 9.41 83.10
N ILE B 236 59.28 10.19 82.14
CA ILE B 236 58.56 9.69 81.01
C ILE B 236 59.56 9.26 79.97
N GLN B 237 60.01 8.02 80.02
CA GLN B 237 60.96 7.54 79.04
C GLN B 237 60.57 6.16 78.52
N PRO B 238 61.01 5.79 77.32
CA PRO B 238 60.56 4.55 76.68
C PRO B 238 60.54 3.39 77.65
N TYR B 239 59.50 2.57 77.57
CA TYR B 239 59.42 1.35 78.38
C TYR B 239 60.34 0.30 77.79
N THR B 240 60.94 -0.49 78.67
CA THR B 240 61.85 -1.54 78.26
C THR B 240 61.54 -2.78 79.08
N GLY B 241 61.12 -3.85 78.41
CA GLY B 241 60.77 -5.06 79.13
C GLY B 241 60.65 -6.29 78.26
N ASN B 242 60.17 -6.09 77.03
CA ASN B 242 59.86 -7.21 76.15
C ASN B 242 58.95 -8.24 76.81
N ASP B 243 58.27 -7.83 77.89
CA ASP B 243 57.29 -8.70 78.56
C ASP B 243 55.87 -8.40 78.10
N PHE B 244 55.72 -8.07 76.83
CA PHE B 244 54.41 -7.80 76.25
C PHE B 244 54.47 -8.16 74.77
N ASN B 245 53.38 -7.92 74.05
CA ASN B 245 53.32 -8.24 72.63
C ASN B 245 53.52 -7.01 71.75
N LYS B 246 54.61 -7.00 70.99
CA LYS B 246 54.88 -5.92 70.06
C LYS B 246 54.08 -6.17 68.78
N LEU B 247 53.98 -5.18 67.89
CA LEU B 247 53.18 -5.41 66.70
C LEU B 247 53.89 -5.35 65.33
N ALA B 248 53.24 -5.93 64.32
CA ALA B 248 53.76 -5.93 62.95
C ALA B 248 54.13 -4.52 62.48
N ASN B 249 55.33 -4.38 61.95
CA ASN B 249 55.76 -3.11 61.39
C ASN B 249 56.25 -3.21 59.97
N SER B 250 56.43 -2.04 59.36
CA SER B 250 57.12 -1.89 58.10
C SER B 250 58.00 -0.66 58.31
N ASP B 251 57.78 0.00 59.44
CA ASP B 251 58.47 1.23 59.78
C ASP B 251 59.50 0.98 60.88
N GLY B 252 60.43 1.90 61.04
CA GLY B 252 61.37 1.86 62.14
C GLY B 252 60.72 2.40 63.39
N ARG B 253 59.88 1.58 64.02
CA ARG B 253 59.13 2.00 65.20
C ARG B 253 59.15 0.95 66.32
N ASP B 254 59.77 1.27 67.45
CA ASP B 254 59.92 0.31 68.53
C ASP B 254 59.93 0.94 69.91
N LYS B 255 59.31 2.12 70.02
CA LYS B 255 59.33 2.84 71.27
C LYS B 255 57.95 2.88 71.90
N TYR B 256 57.68 1.95 72.81
CA TYR B 256 56.39 1.88 73.50
C TYR B 256 56.52 2.63 74.82
N TYR B 257 55.41 3.17 75.32
CA TYR B 257 55.43 3.98 76.54
C TYR B 257 54.45 3.46 77.59
N VAL B 258 54.60 3.88 78.84
CA VAL B 258 53.77 3.36 79.93
C VAL B 258 52.74 4.35 80.47
N ILE B 259 51.48 3.96 80.42
CA ILE B 259 50.39 4.65 81.12
C ILE B 259 49.77 3.61 82.05
N GLY B 260 48.74 3.99 82.81
CA GLY B 260 48.09 3.11 83.78
C GLY B 260 48.72 1.77 84.19
N GLU B 261 47.87 0.80 84.54
CA GLU B 261 48.34 -0.53 84.93
C GLU B 261 47.22 -1.54 85.20
N ILE B 262 47.53 -2.81 84.95
CA ILE B 262 46.56 -3.89 85.14
C ILE B 262 46.80 -4.51 86.50
N ASN B 263 45.76 -4.60 87.31
CA ASN B 263 45.87 -5.43 88.51
C ASN B 263 45.25 -6.77 88.19
N TYR B 264 46.09 -7.69 87.76
CA TYR B 264 45.60 -8.97 87.25
C TYR B 264 44.60 -9.68 88.18
N PRO B 265 44.96 -9.87 89.45
CA PRO B 265 44.11 -10.59 90.40
C PRO B 265 42.83 -9.86 90.79
N ALA B 266 42.87 -8.53 90.89
CA ALA B 266 41.68 -7.75 91.21
C ALA B 266 40.97 -7.28 89.93
N ASP B 267 41.35 -7.88 88.81
CA ASP B 267 41.09 -7.34 87.48
C ASP B 267 40.57 -5.90 87.49
N VAL B 268 41.48 -4.96 87.63
CA VAL B 268 41.16 -3.56 87.34
C VAL B 268 42.19 -3.06 86.35
N ILE B 269 41.71 -2.22 85.43
CA ILE B 269 42.55 -1.70 84.38
C ILE B 269 42.35 -0.19 84.35
N TYR B 270 43.38 0.55 84.70
CA TYR B 270 43.33 1.99 84.55
C TYR B 270 44.46 2.38 83.61
N TRP B 271 44.18 3.33 82.74
CA TRP B 271 45.23 3.99 81.99
C TRP B 271 44.77 5.39 81.67
N ASN B 272 45.71 6.26 81.37
CA ASN B 272 45.38 7.60 80.97
C ASN B 272 46.46 8.15 80.06
N ILE B 273 46.18 8.21 78.77
CA ILE B 273 47.15 8.67 77.78
C ILE B 273 47.82 9.96 78.25
N ALA B 274 47.09 10.76 79.03
CA ALA B 274 47.62 12.04 79.48
C ALA B 274 49.00 11.88 80.12
N LYS B 275 49.22 10.74 80.75
CA LYS B 275 50.49 10.46 81.42
C LYS B 275 51.69 10.58 80.47
N ILE B 276 51.46 10.98 79.23
CA ILE B 276 52.56 11.21 78.30
C ILE B 276 52.45 12.48 77.40
N ASN B 277 51.62 13.44 77.80
CA ASN B 277 51.48 14.67 77.02
C ASN B 277 51.01 14.43 75.60
N LEU B 278 49.86 13.78 75.46
CA LEU B 278 49.26 13.55 74.16
C LEU B 278 47.75 13.76 74.22
N THR B 279 47.31 14.93 73.75
CA THR B 279 45.89 15.27 73.79
C THR B 279 45.06 14.36 72.91
N SER B 280 43.80 14.15 73.29
CA SER B 280 42.88 13.37 72.47
C SER B 280 42.99 13.76 71.01
N GLU B 281 43.09 15.06 70.76
CA GLU B 281 43.25 15.64 69.42
C GLU B 281 44.18 14.80 68.55
N LYS B 282 45.22 14.25 69.17
CA LYS B 282 46.30 13.61 68.44
C LYS B 282 45.93 12.27 67.81
N PHE B 283 44.84 11.65 68.26
CA PHE B 283 44.44 10.35 67.74
C PHE B 283 43.12 10.42 66.98
N GLU B 284 43.09 9.87 65.79
CA GLU B 284 41.86 9.85 65.02
C GLU B 284 40.97 8.63 65.33
N VAL B 285 40.50 8.53 66.58
CA VAL B 285 39.38 7.66 66.97
C VAL B 285 38.77 8.25 68.21
N GLN B 286 37.71 7.62 68.70
CA GLN B 286 37.11 8.05 69.95
C GLN B 286 36.69 6.84 70.75
N THR B 287 36.65 5.70 70.07
CA THR B 287 36.20 4.46 70.67
C THR B 287 37.15 3.35 70.30
N ILE B 288 37.34 2.40 71.19
CA ILE B 288 38.16 1.22 70.88
C ILE B 288 37.58 -0.06 71.48
N GLU B 289 38.29 -1.16 71.28
CA GLU B 289 37.87 -2.47 71.78
C GLU B 289 39.04 -3.18 72.43
N LEU B 290 38.81 -3.67 73.64
CA LEU B 290 39.83 -4.29 74.44
C LEU B 290 39.58 -5.78 74.45
N TYR B 291 40.58 -6.55 74.08
CA TYR B 291 40.46 -8.00 74.08
C TYR B 291 41.32 -8.60 75.19
N SER B 292 41.21 -9.90 75.40
CA SER B 292 42.00 -10.58 76.41
C SER B 292 41.52 -11.99 76.57
N ASP B 293 42.46 -12.90 76.78
CA ASP B 293 42.15 -14.31 76.94
C ASP B 293 41.68 -14.57 78.34
N PRO B 294 40.52 -15.22 78.51
CA PRO B 294 40.11 -15.67 79.83
C PRO B 294 41.11 -16.67 80.42
N THR B 295 41.03 -16.89 81.73
CA THR B 295 41.80 -17.95 82.36
C THR B 295 40.98 -19.19 82.17
N ASP B 296 39.67 -19.05 82.35
CA ASP B 296 38.79 -20.21 82.31
C ASP B 296 37.94 -20.30 81.04
N ASP B 297 37.13 -21.35 81.00
CA ASP B 297 36.19 -21.55 79.91
C ASP B 297 34.79 -21.36 80.46
N VAL B 298 34.70 -20.75 81.64
CA VAL B 298 33.43 -20.32 82.19
C VAL B 298 33.54 -18.85 82.60
N ILE B 299 32.80 -17.97 81.94
CA ILE B 299 32.99 -16.54 82.20
C ILE B 299 31.74 -15.85 82.77
N PHE B 300 31.96 -14.81 83.58
CA PHE B 300 30.94 -14.28 84.47
C PHE B 300 30.58 -12.82 84.29
N THR B 301 29.36 -12.50 84.69
CA THR B 301 28.89 -11.12 84.73
C THR B 301 28.60 -10.71 86.17
N ARG B 302 28.48 -9.41 86.38
CA ARG B 302 28.38 -8.84 87.70
C ARG B 302 27.65 -7.56 87.32
N ASP B 303 27.80 -6.53 88.15
CA ASP B 303 26.93 -5.37 88.27
C ASP B 303 26.72 -4.67 86.95
N GLY B 304 25.56 -4.88 86.34
CA GLY B 304 25.22 -4.18 85.10
C GLY B 304 25.97 -4.64 83.86
N SER B 305 26.80 -5.65 84.02
CA SER B 305 27.46 -6.28 82.90
C SER B 305 26.57 -7.39 82.36
N LEU B 306 26.56 -7.55 81.04
CA LEU B 306 25.76 -8.56 80.39
C LEU B 306 26.56 -9.14 79.24
N ILE B 307 26.56 -10.46 79.14
CA ILE B 307 27.23 -11.20 78.07
C ILE B 307 26.22 -11.50 76.97
N VAL B 308 26.61 -11.29 75.71
CA VAL B 308 25.63 -11.32 74.61
C VAL B 308 26.18 -11.68 73.22
N PHE B 309 25.39 -12.45 72.48
CA PHE B 309 25.71 -12.87 71.12
C PHE B 309 24.79 -12.14 70.18
N GLU B 310 25.30 -11.13 69.51
CA GLU B 310 24.46 -10.39 68.58
C GLU B 310 25.06 -10.45 67.20
N ASN B 311 24.97 -11.62 66.58
CA ASN B 311 25.89 -11.92 65.51
C ASN B 311 25.73 -11.35 64.13
N ASP B 312 24.50 -11.07 63.72
CA ASP B 312 24.24 -10.24 62.55
C ASP B 312 24.58 -8.77 62.71
N LEU B 313 25.17 -8.43 63.85
CA LEU B 313 25.51 -7.04 64.16
C LEU B 313 26.88 -6.93 64.82
N ARG B 314 27.38 -8.07 65.31
CA ARG B 314 28.78 -8.17 65.70
C ARG B 314 29.41 -9.44 65.15
N PRO B 315 29.52 -9.52 63.83
CA PRO B 315 29.79 -10.78 63.15
C PRO B 315 31.26 -11.06 63.26
N GLN B 316 31.98 -10.00 63.57
CA GLN B 316 33.42 -10.02 63.76
C GLN B 316 33.86 -10.85 64.95
N TYR B 317 32.90 -11.27 65.79
CA TYR B 317 33.23 -11.96 67.03
C TYR B 317 32.91 -13.44 66.95
N LEU B 318 32.63 -13.91 65.74
CA LEU B 318 32.49 -15.33 65.48
C LEU B 318 33.21 -15.64 64.18
N THR B 319 33.95 -16.73 64.18
CA THR B 319 34.46 -17.29 62.95
C THR B 319 34.24 -18.79 63.04
N ILE B 320 33.78 -19.39 61.95
CA ILE B 320 33.54 -20.82 61.89
C ILE B 320 34.48 -21.49 60.88
N ASP B 321 35.24 -22.48 61.33
CA ASP B 321 35.98 -23.35 60.40
C ASP B 321 35.31 -24.69 60.42
N LEU B 322 34.87 -25.17 59.26
CA LEU B 322 34.35 -26.53 59.18
C LEU B 322 35.42 -27.50 58.71
N GLU B 323 35.22 -28.77 59.01
CA GLU B 323 36.13 -29.78 58.56
C GLU B 323 35.30 -30.96 58.12
N PRO B 324 35.19 -31.16 56.80
CA PRO B 324 34.43 -32.29 56.30
C PRO B 324 35.20 -33.60 56.34
N ILE B 325 34.56 -34.62 56.88
CA ILE B 325 35.18 -35.91 57.00
C ILE B 325 34.48 -37.03 56.26
N SER B 326 35.24 -38.00 55.80
CA SER B 326 34.71 -39.15 55.09
C SER B 326 35.22 -40.47 55.69
N GLN B 327 36.40 -40.91 55.27
CA GLN B 327 37.07 -42.12 55.79
C GLN B 327 38.34 -42.52 55.03
N LEU B 328 39.52 -41.99 55.35
CA LEU B 328 39.74 -40.95 56.35
C LEU B 328 41.21 -40.56 56.71
N GLU B 329 42.23 -41.32 56.30
CA GLU B 329 43.61 -40.93 56.61
C GLU B 329 43.81 -39.39 56.74
N HIS B 330 42.85 -38.59 57.20
CA HIS B 330 43.38 -37.24 57.41
C HIS B 330 42.30 -36.18 57.71
N HIS B 331 42.48 -35.44 58.80
CA HIS B 331 41.73 -34.21 59.09
C HIS B 331 42.64 -33.14 59.73
N HIS B 332 43.82 -32.99 59.13
CA HIS B 332 44.86 -32.01 59.50
C HIS B 332 46.08 -32.67 60.13
N VAL C 7 3.17 9.22 92.82
CA VAL C 7 4.04 10.25 92.28
C VAL C 7 3.31 10.99 91.19
N THR C 8 4.03 11.63 90.30
CA THR C 8 3.36 12.36 89.25
C THR C 8 2.57 13.47 89.88
N ALA C 9 2.81 14.69 89.43
CA ALA C 9 2.14 15.84 89.99
C ALA C 9 0.66 15.70 89.80
N THR C 10 0.26 15.16 88.68
CA THR C 10 -1.15 15.02 88.43
C THR C 10 -1.73 14.14 89.50
N ASP C 11 -1.05 13.06 89.84
CA ASP C 11 -1.59 12.18 90.86
C ASP C 11 -1.70 12.96 92.13
N TYR C 12 -0.69 13.74 92.46
CA TYR C 12 -0.75 14.55 93.65
C TYR C 12 -1.82 15.59 93.61
N ASP C 13 -2.06 16.20 92.46
CA ASP C 13 -3.03 17.27 92.46
C ASP C 13 -4.32 16.69 92.94
N THR C 14 -4.65 15.52 92.46
CA THR C 14 -5.87 14.88 92.90
C THR C 14 -5.75 14.71 94.38
N PHE C 15 -4.82 13.88 94.78
CA PHE C 15 -4.65 13.58 96.19
C PHE C 15 -5.17 14.65 97.13
N VAL C 16 -5.02 15.90 96.73
CA VAL C 16 -5.40 17.07 97.53
C VAL C 16 -6.79 17.57 97.12
N SER C 17 -7.15 17.38 95.86
CA SER C 17 -8.50 17.69 95.43
C SER C 17 -9.47 16.69 96.06
N GLU C 18 -8.98 15.97 97.06
CA GLU C 18 -9.78 15.00 97.79
C GLU C 18 -9.66 15.20 99.29
N ARG C 19 -8.48 14.88 99.83
CA ARG C 19 -8.21 15.05 101.26
C ARG C 19 -8.51 16.46 101.79
N PHE C 20 -8.62 17.42 100.87
CA PHE C 20 -8.91 18.80 101.22
C PHE C 20 -10.06 19.35 100.39
N GLY C 21 -10.24 18.79 99.20
CA GLY C 21 -11.31 19.21 98.32
C GLY C 21 -12.49 19.75 99.09
N SER C 22 -12.24 20.77 99.89
CA SER C 22 -13.25 21.39 100.71
C SER C 22 -13.05 22.88 100.74
N ILE C 23 -11.85 23.29 101.13
CA ILE C 23 -11.52 24.69 101.20
C ILE C 23 -10.43 25.03 100.21
N ILE C 24 -10.39 24.26 99.14
CA ILE C 24 -9.40 24.43 98.07
C ILE C 24 -10.06 24.37 96.70
N GLN C 25 -9.74 25.35 95.84
CA GLN C 25 -10.35 25.43 94.52
C GLN C 25 -9.54 24.79 93.41
N ALA C 26 -8.21 24.94 93.47
CA ALA C 26 -7.36 24.43 92.40
C ALA C 26 -5.99 23.95 92.90
N VAL C 27 -5.35 23.07 92.14
CA VAL C 27 -4.00 22.59 92.46
C VAL C 27 -3.07 22.52 91.23
N GLN C 28 -1.87 23.07 91.38
CA GLN C 28 -0.81 22.94 90.38
C GLN C 28 0.41 22.30 91.00
N THR C 29 0.63 21.01 90.74
CA THR C 29 1.85 20.36 91.20
C THR C 29 2.94 20.41 90.14
N PHE C 30 3.84 21.34 90.33
CA PHE C 30 4.96 21.52 89.44
C PHE C 30 6.23 21.28 90.22
N THR C 31 7.32 21.03 89.52
CA THR C 31 8.62 20.87 90.16
C THR C 31 9.57 21.87 89.56
N ASP C 32 10.36 22.55 90.40
CA ASP C 32 11.28 23.55 89.91
C ASP C 32 12.64 22.96 89.59
N SER C 33 13.14 23.22 88.39
CA SER C 33 14.42 22.66 87.93
C SER C 33 15.63 23.25 88.65
N THR C 34 15.41 24.34 89.39
CA THR C 34 16.46 24.95 90.21
C THR C 34 16.49 24.34 91.62
N LYS C 35 15.34 23.79 92.03
CA LYS C 35 15.17 23.27 93.38
C LYS C 35 14.77 21.79 93.39
N PRO C 36 15.75 20.89 93.20
CA PRO C 36 15.61 19.43 93.13
C PRO C 36 14.98 18.84 94.39
N GLY C 37 14.50 17.61 94.32
CA GLY C 37 13.93 16.94 95.48
C GLY C 37 12.76 17.65 96.14
N TYR C 38 12.39 18.82 95.63
CA TYR C 38 11.26 19.56 96.17
C TYR C 38 10.07 19.56 95.20
N ALA C 39 8.93 19.08 95.68
CA ALA C 39 7.74 19.05 94.86
C ALA C 39 6.81 20.15 95.33
N PHE C 40 6.58 21.14 94.47
CA PHE C 40 5.82 22.32 94.86
C PHE C 40 4.34 22.20 94.55
N ILE C 41 3.52 22.65 95.49
CA ILE C 41 2.08 22.51 95.35
C ILE C 41 1.36 23.86 95.49
N ALA C 42 1.01 24.44 94.34
CA ALA C 42 0.25 25.67 94.34
C ALA C 42 -1.19 25.32 94.72
N ALA C 43 -1.81 26.20 95.50
CA ALA C 43 -3.16 25.96 96.01
C ALA C 43 -3.99 27.23 96.12
N LYS C 44 -5.04 27.34 95.32
CA LYS C 44 -5.96 28.47 95.45
C LYS C 44 -7.01 28.16 96.51
N PRO C 45 -7.21 29.09 97.46
CA PRO C 45 -8.12 28.96 98.60
C PRO C 45 -9.58 28.83 98.22
N LYS C 46 -9.91 29.00 96.94
CA LYS C 46 -11.30 28.94 96.49
C LYS C 46 -12.17 30.11 96.92
N SER C 47 -11.62 30.93 97.81
CA SER C 47 -12.36 32.06 98.36
C SER C 47 -11.44 33.27 98.32
N GLY C 48 -10.44 33.28 99.19
CA GLY C 48 -9.51 34.40 99.29
C GLY C 48 -8.30 34.25 98.39
N LEU C 49 -7.14 34.66 98.90
CA LEU C 49 -5.90 34.60 98.15
C LEU C 49 -4.94 33.58 98.73
N TYR C 50 -4.50 33.83 99.95
CA TYR C 50 -3.45 33.01 100.56
C TYR C 50 -4.00 31.94 101.49
N LEU C 51 -3.50 30.71 101.30
CA LEU C 51 -3.82 29.63 102.24
C LEU C 51 -3.01 29.84 103.49
N THR C 52 -3.69 29.83 104.64
CA THR C 52 -3.07 30.22 105.90
C THR C 52 -2.07 31.35 105.67
N THR C 53 -2.60 32.55 105.44
CA THR C 53 -1.76 33.75 105.40
C THR C 53 -1.24 33.96 106.81
N VAL C 54 -1.88 33.15 107.64
CA VAL C 54 -1.68 32.92 109.04
C VAL C 54 -0.48 32.02 108.99
N GLN C 55 0.01 31.81 107.79
CA GLN C 55 1.20 31.01 107.61
C GLN C 55 1.22 29.52 107.97
N ARG C 56 0.36 28.76 107.32
CA ARG C 56 0.40 27.32 107.42
C ARG C 56 -0.87 26.83 107.98
N GLU C 57 -1.15 27.30 109.17
CA GLU C 57 -2.40 26.84 109.78
C GLU C 57 -2.90 25.82 108.78
N ASP C 58 -2.69 26.12 107.51
CA ASP C 58 -3.13 25.28 106.43
C ASP C 58 -1.95 24.65 105.70
N ILE C 59 -1.04 25.48 105.19
CA ILE C 59 0.10 24.99 104.39
C ILE C 59 1.02 24.06 105.19
N LYS C 60 0.60 23.73 106.41
CA LYS C 60 1.31 22.78 107.24
C LYS C 60 0.51 21.48 107.36
N ASN C 61 -0.81 21.60 107.33
CA ASN C 61 -1.69 20.44 107.32
C ASN C 61 -1.47 19.56 106.09
N TYR C 62 -1.23 20.19 104.95
CA TYR C 62 -0.98 19.45 103.73
C TYR C 62 0.40 18.83 103.76
N LEU C 63 1.35 19.56 104.32
CA LEU C 63 2.65 18.98 104.62
C LEU C 63 2.39 17.64 105.28
N LYS C 64 1.50 17.63 106.28
CA LYS C 64 1.15 16.42 107.00
C LYS C 64 0.31 15.44 106.17
N ASP C 65 0.79 15.14 104.98
CA ASP C 65 0.22 14.07 104.15
C ASP C 65 1.37 13.35 103.47
N TYR C 66 1.64 12.13 103.91
CA TYR C 66 2.82 11.43 103.43
C TYR C 66 2.60 9.98 103.01
N ASN C 67 3.15 9.65 101.85
CA ASN C 67 3.08 8.32 101.27
C ASN C 67 4.49 7.77 101.01
N LEU C 68 5.05 8.10 99.86
CA LEU C 68 6.36 7.62 99.46
C LEU C 68 7.25 8.65 98.79
N ALA C 69 8.51 8.28 98.65
CA ALA C 69 9.48 9.10 97.93
C ALA C 69 10.47 9.83 98.82
N PRO C 70 11.61 10.11 98.23
CA PRO C 70 12.69 10.80 98.89
C PRO C 70 12.56 12.27 98.63
N ILE C 71 11.56 12.67 97.87
CA ILE C 71 11.34 14.07 97.60
C ILE C 71 10.34 14.56 98.59
N THR C 72 10.40 15.86 98.88
CA THR C 72 9.53 16.47 99.90
C THR C 72 8.57 17.56 99.39
N PRO C 73 7.32 17.52 99.87
CA PRO C 73 6.33 18.54 99.46
C PRO C 73 6.70 19.92 99.99
N SER C 74 6.26 20.96 99.29
CA SER C 74 6.45 22.35 99.73
C SER C 74 5.20 23.16 99.39
N ILE C 75 4.14 22.94 100.16
CA ILE C 75 2.84 23.53 99.89
C ILE C 75 2.87 25.06 99.94
N ILE C 76 2.84 25.69 98.76
CA ILE C 76 2.91 27.14 98.67
C ILE C 76 1.59 27.73 98.16
N SER C 77 1.45 29.04 98.31
CA SER C 77 0.35 29.76 97.69
C SER C 77 0.77 30.18 96.30
N PRO C 78 -0.18 30.23 95.36
CA PRO C 78 0.10 30.41 93.95
C PRO C 78 0.84 31.73 93.65
N ASN C 79 1.76 31.69 92.70
CA ASN C 79 2.47 32.89 92.28
C ASN C 79 1.53 33.73 91.42
N TYR C 80 0.94 34.76 92.01
CA TYR C 80 -0.15 35.49 91.37
C TYR C 80 0.34 36.52 90.39
N LEU C 81 -0.30 36.54 89.22
CA LEU C 81 -0.10 37.60 88.26
C LEU C 81 -1.27 38.54 88.45
N PHE C 82 -1.02 39.82 88.65
CA PHE C 82 -2.12 40.77 88.73
C PHE C 82 -2.20 41.66 87.48
N ILE C 83 -3.38 42.17 87.20
CA ILE C 83 -3.59 43.03 86.04
C ILE C 83 -3.98 44.45 86.46
N LYS C 84 -3.02 45.35 86.55
CA LYS C 84 -3.35 46.73 86.88
C LYS C 84 -4.09 47.35 85.70
N THR C 85 -5.42 47.36 85.77
CA THR C 85 -6.24 47.83 84.67
C THR C 85 -6.64 49.29 84.85
N ASN C 86 -6.37 50.12 83.85
CA ASN C 86 -6.90 51.48 83.87
C ASN C 86 -8.08 51.62 82.92
N LEU C 87 -9.23 51.13 83.37
CA LEU C 87 -10.45 51.10 82.54
C LEU C 87 -10.96 52.50 82.26
N LYS C 88 -11.55 52.69 81.09
CA LYS C 88 -12.14 53.97 80.70
C LYS C 88 -13.38 53.71 79.86
N VAL C 89 -14.40 53.15 80.50
CA VAL C 89 -15.71 52.93 79.88
C VAL C 89 -16.45 54.25 79.56
N THR C 90 -17.21 54.28 78.46
CA THR C 90 -18.06 55.44 78.15
C THR C 90 -19.49 55.04 77.80
N TYR C 91 -20.47 55.78 78.29
CA TYR C 91 -21.88 55.42 78.11
C TYR C 91 -22.74 56.60 77.65
N ALA C 92 -24.00 56.31 77.35
CA ALA C 92 -24.91 57.34 76.88
C ALA C 92 -25.70 57.88 78.06
N LEU C 93 -25.62 59.19 78.27
CA LEU C 93 -26.28 59.84 79.39
C LEU C 93 -27.70 59.34 79.62
N ASN C 94 -28.46 59.29 78.53
CA ASN C 94 -29.87 58.97 78.57
C ASN C 94 -30.17 57.49 78.78
N LYS C 95 -29.41 56.63 78.11
CA LYS C 95 -29.66 55.18 78.21
C LYS C 95 -29.52 54.68 79.65
N LEU C 96 -28.91 55.51 80.49
CA LEU C 96 -28.63 55.13 81.88
C LEU C 96 -29.71 55.58 82.85
N GLN C 97 -30.22 54.61 83.63
CA GLN C 97 -31.24 54.88 84.64
C GLN C 97 -30.78 54.96 86.09
N GLU C 98 -29.77 54.19 86.48
CA GLU C 98 -29.25 54.23 87.85
C GLU C 98 -27.96 55.04 87.74
N SER C 99 -27.35 55.33 88.89
CA SER C 99 -26.11 56.10 88.90
C SER C 99 -24.81 55.51 88.34
N GLU C 100 -23.79 56.36 88.21
CA GLU C 100 -22.46 55.90 87.86
C GLU C 100 -21.98 54.88 88.90
N GLN C 101 -22.33 55.13 90.16
CA GLN C 101 -21.98 54.24 91.27
C GLN C 101 -22.58 52.86 91.09
N TRP C 102 -23.84 52.80 90.68
CA TRP C 102 -24.51 51.52 90.50
C TRP C 102 -23.96 50.84 89.26
N LEU C 103 -23.58 51.66 88.29
CA LEU C 103 -23.01 51.17 87.03
C LEU C 103 -21.64 50.52 87.23
N GLU C 104 -20.75 51.19 87.96
CA GLU C 104 -19.46 50.60 88.27
C GLU C 104 -19.69 49.23 88.91
N GLY C 105 -20.52 49.20 89.94
CA GLY C 105 -20.84 47.94 90.60
C GLY C 105 -21.51 46.96 89.66
N GLN C 106 -21.61 47.32 88.39
CA GLN C 106 -22.25 46.49 87.39
C GLN C 106 -21.23 45.96 86.39
N ILE C 107 -20.25 46.79 86.06
CA ILE C 107 -19.18 46.37 85.17
C ILE C 107 -18.22 45.46 85.92
N ILE C 108 -17.84 45.82 87.14
CA ILE C 108 -16.94 44.96 87.91
C ILE C 108 -17.59 43.64 88.26
N ASP C 109 -18.92 43.60 88.22
CA ASP C 109 -19.62 42.33 88.35
C ASP C 109 -19.35 41.44 87.13
N LYS C 110 -19.10 42.07 85.99
CA LYS C 110 -18.77 41.36 84.75
C LYS C 110 -17.28 41.04 84.66
N ILE C 111 -16.45 42.07 84.80
CA ILE C 111 -15.02 41.85 84.87
C ILE C 111 -14.72 40.68 85.80
N ASP C 112 -15.53 40.50 86.84
CA ASP C 112 -15.35 39.32 87.67
C ASP C 112 -15.84 38.04 86.99
N ARG C 113 -17.02 38.10 86.38
CA ARG C 113 -17.60 36.95 85.70
C ARG C 113 -16.63 36.38 84.67
N TYR C 114 -15.97 37.26 83.93
CA TYR C 114 -14.97 36.81 82.95
C TYR C 114 -13.84 36.05 83.66
N TYR C 115 -13.05 36.79 84.43
CA TYR C 115 -11.97 36.21 85.21
C TYR C 115 -12.31 34.82 85.76
N THR C 116 -13.29 34.77 86.65
CA THR C 116 -13.60 33.54 87.40
C THR C 116 -14.16 32.39 86.57
N GLU C 117 -14.43 32.64 85.30
CA GLU C 117 -14.91 31.59 84.44
C GLU C 117 -13.85 31.10 83.47
N ASP C 118 -13.10 32.05 82.90
CA ASP C 118 -12.10 31.71 81.89
C ASP C 118 -10.65 31.86 82.36
N VAL C 119 -10.38 32.87 83.18
CA VAL C 119 -9.02 33.16 83.59
C VAL C 119 -8.52 32.67 84.90
N GLU C 120 -9.35 32.64 85.91
CA GLU C 120 -8.85 32.30 87.21
C GLU C 120 -8.74 30.79 87.29
N ILE C 121 -7.76 30.27 86.57
CA ILE C 121 -7.49 28.85 86.53
C ILE C 121 -6.02 28.58 86.31
N PHE C 122 -5.58 27.38 86.63
CA PHE C 122 -4.19 27.00 86.44
C PHE C 122 -3.90 26.72 84.99
N ASN C 123 -2.74 27.19 84.53
CA ASN C 123 -2.33 27.10 83.12
C ASN C 123 -3.59 27.50 82.35
N SER C 124 -3.97 28.78 82.47
CA SER C 124 -5.18 29.30 81.82
C SER C 124 -4.59 30.70 81.62
N SER C 125 -5.30 31.53 80.86
CA SER C 125 -4.81 32.85 80.44
C SER C 125 -5.87 33.95 80.39
N PHE C 126 -5.39 35.19 80.22
CA PHE C 126 -6.24 36.37 80.23
C PHE C 126 -6.00 37.15 78.95
N ALA C 127 -7.06 37.75 78.42
CA ALA C 127 -6.94 38.59 77.23
C ALA C 127 -7.73 39.88 77.40
N LYS C 128 -7.06 41.02 77.28
CA LYS C 128 -7.76 42.30 77.46
C LYS C 128 -8.96 42.43 76.54
N SER C 129 -8.79 42.12 75.26
CA SER C 129 -9.89 42.27 74.31
C SER C 129 -11.11 41.49 74.77
N LYS C 130 -10.87 40.35 75.41
CA LYS C 130 -11.94 39.43 75.73
C LYS C 130 -12.72 39.92 76.94
N MET C 131 -12.04 40.61 77.85
CA MET C 131 -12.70 41.08 79.06
C MET C 131 -13.45 42.36 78.76
N LEU C 132 -12.86 43.21 77.93
CA LEU C 132 -13.53 44.43 77.49
C LEU C 132 -14.79 44.10 76.71
N THR C 133 -14.91 42.88 76.20
CA THR C 133 -16.19 42.50 75.66
C THR C 133 -17.17 42.38 76.83
N TYR C 134 -16.75 41.69 77.89
CA TYR C 134 -17.60 41.57 79.09
C TYR C 134 -17.97 42.92 79.71
N VAL C 135 -17.04 43.86 79.77
CA VAL C 135 -17.32 45.19 80.27
C VAL C 135 -18.41 45.86 79.44
N ASP C 136 -18.21 45.89 78.11
CA ASP C 136 -19.17 46.48 77.20
C ASP C 136 -20.58 45.93 77.42
N ASP C 137 -20.63 44.70 77.93
CA ASP C 137 -21.86 43.93 78.02
C ASP C 137 -22.52 44.08 79.39
N ALA C 138 -22.72 45.32 79.81
CA ALA C 138 -23.29 45.58 81.13
C ALA C 138 -24.51 46.53 81.10
N ASP C 139 -24.91 46.96 79.90
CA ASP C 139 -26.02 47.92 79.78
C ASP C 139 -26.51 48.03 78.34
N HIS C 140 -27.58 48.80 78.14
CA HIS C 140 -28.03 49.17 76.81
C HIS C 140 -27.12 50.29 76.34
N SER C 141 -26.27 50.77 77.24
CA SER C 141 -25.20 51.70 76.90
C SER C 141 -24.58 52.36 78.12
N VAL C 142 -23.26 52.31 78.29
CA VAL C 142 -22.22 51.51 77.56
C VAL C 142 -22.10 51.43 76.03
N ILE C 143 -21.48 52.44 75.44
CA ILE C 143 -21.14 52.47 74.01
C ILE C 143 -19.89 51.65 73.70
N GLY C 144 -18.81 51.95 74.41
CA GLY C 144 -17.54 51.28 74.20
C GLY C 144 -16.65 51.27 75.44
N SER C 145 -15.37 51.00 75.27
CA SER C 145 -14.46 50.95 76.41
C SER C 145 -12.96 50.90 76.03
N SER C 146 -12.13 51.49 76.86
CA SER C 146 -10.69 51.45 76.64
C SER C 146 -10.07 50.83 77.87
N ALA C 147 -8.79 50.51 77.79
CA ALA C 147 -8.10 49.92 78.91
C ALA C 147 -6.61 50.04 78.70
N THR C 148 -5.85 49.95 79.78
CA THR C 148 -4.41 50.09 79.73
C THR C 148 -3.92 49.25 80.85
N ILE C 149 -3.36 48.10 80.53
CA ILE C 149 -3.03 47.18 81.59
C ILE C 149 -1.55 46.95 81.73
N GLN C 150 -1.19 46.54 82.94
CA GLN C 150 0.15 46.10 83.29
C GLN C 150 0.02 44.84 84.10
N MET C 151 1.04 44.02 84.00
CA MET C 151 1.12 42.85 84.83
C MET C 151 1.74 43.29 86.14
N VAL C 152 1.25 42.73 87.23
CA VAL C 152 1.80 43.02 88.53
C VAL C 152 2.25 41.73 89.19
N ARG C 153 3.46 41.75 89.72
CA ARG C 153 3.96 40.66 90.55
C ARG C 153 4.20 41.27 91.92
N GLU C 154 3.58 40.70 92.94
CA GLU C 154 3.81 41.19 94.29
C GLU C 154 5.07 40.56 94.86
N VAL C 155 5.95 41.41 95.37
CA VAL C 155 7.26 40.97 95.82
C VAL C 155 7.36 41.07 97.33
N GLN C 156 7.43 39.95 98.03
CA GLN C 156 7.84 39.97 99.43
C GLN C 156 9.35 40.13 99.46
N ASN C 157 9.87 40.70 100.54
CA ASN C 157 11.26 41.16 100.57
C ASN C 157 11.67 41.91 99.30
N PHE C 158 11.45 43.20 99.33
CA PHE C 158 11.92 44.12 98.31
C PHE C 158 13.44 44.08 98.22
N TYR C 159 14.10 43.65 99.29
CA TYR C 159 15.54 43.79 99.34
C TYR C 159 16.19 43.05 98.16
N LYS C 160 15.71 41.84 97.90
CA LYS C 160 16.28 41.02 96.86
C LYS C 160 15.29 39.99 96.33
N THR C 161 15.36 39.72 95.02
CA THR C 161 14.55 38.68 94.40
C THR C 161 14.98 37.31 94.89
N PRO C 162 14.21 36.28 94.55
CA PRO C 162 14.65 34.94 94.92
C PRO C 162 15.96 34.55 94.27
N GLU C 163 16.51 33.48 94.83
CA GLU C 163 17.69 32.81 94.31
C GLU C 163 17.66 32.71 92.78
N ALA C 164 16.53 32.27 92.22
CA ALA C 164 16.43 32.01 90.79
C ALA C 164 15.75 33.12 89.95
N GLY C 165 15.61 34.30 90.52
CA GLY C 165 14.93 35.40 89.86
C GLY C 165 13.43 35.22 89.85
N ILE C 166 12.70 36.28 89.50
CA ILE C 166 11.25 36.18 89.37
C ILE C 166 10.89 36.30 87.90
N LYS C 167 9.87 35.56 87.48
CA LYS C 167 9.41 35.64 86.09
C LYS C 167 7.95 36.01 86.01
N TYR C 168 7.48 36.39 84.82
CA TYR C 168 6.06 36.70 84.61
C TYR C 168 5.30 35.57 83.91
N ASN C 169 6.05 34.65 83.29
CA ASN C 169 5.48 33.71 82.33
C ASN C 169 4.93 34.48 81.13
N ASN C 170 5.39 35.71 80.98
CA ASN C 170 5.07 36.54 79.82
C ASN C 170 6.20 37.51 79.48
N GLN C 171 6.13 38.05 78.27
CA GLN C 171 7.17 38.91 77.74
C GLN C 171 6.74 40.36 77.91
N ILE C 172 7.67 41.19 78.41
CA ILE C 172 7.38 42.60 78.62
C ILE C 172 8.22 43.44 77.66
N LYS C 173 8.02 44.75 77.71
CA LYS C 173 8.65 45.64 76.75
C LYS C 173 9.81 46.35 77.41
N ASP C 174 10.74 46.87 76.62
CA ASP C 174 11.87 47.62 77.15
C ASP C 174 11.52 48.78 78.11
N ARG C 175 12.06 48.73 79.32
CA ARG C 175 11.85 49.75 80.37
C ARG C 175 10.51 49.49 81.05
N SER C 176 9.68 48.64 80.46
CA SER C 176 8.35 48.33 80.99
C SER C 176 8.34 48.03 82.50
N MET C 177 9.40 47.38 82.98
CA MET C 177 9.45 46.92 84.37
C MET C 177 9.81 48.02 85.36
N GLU C 178 8.89 48.29 86.28
CA GLU C 178 9.13 49.31 87.30
C GLU C 178 8.27 49.04 88.53
N SER C 179 8.85 49.28 89.71
CA SER C 179 8.15 49.08 90.97
C SER C 179 7.50 50.38 91.46
N ASN C 180 6.59 50.26 92.44
CA ASN C 180 6.10 51.44 93.13
C ASN C 180 7.24 52.05 93.93
N THR C 181 7.03 53.24 94.48
CA THR C 181 8.09 53.90 95.21
C THR C 181 8.07 53.51 96.69
N PHE C 182 9.25 53.58 97.32
CA PHE C 182 9.35 53.36 98.76
C PHE C 182 10.39 54.30 99.37
N SER C 183 10.34 54.46 100.69
CA SER C 183 11.20 55.44 101.33
C SER C 183 12.55 54.86 101.71
N PHE C 184 13.59 55.65 101.43
CA PHE C 184 14.95 55.31 101.81
C PHE C 184 15.46 56.32 102.81
N ASN C 185 15.66 55.88 104.05
CA ASN C 185 16.16 56.75 105.10
C ASN C 185 17.65 57.07 104.99
N SER C 186 17.98 58.15 104.28
CA SER C 186 19.36 58.61 104.23
C SER C 186 19.75 58.91 105.67
N GLY C 187 20.98 58.56 106.04
CA GLY C 187 21.42 58.77 107.41
C GLY C 187 21.35 60.23 107.85
N ARG C 188 21.49 61.13 106.88
CA ARG C 188 21.61 62.57 107.13
C ARG C 188 20.38 63.27 107.74
N LYS C 189 20.58 64.51 108.16
CA LYS C 189 19.59 65.27 108.92
C LYS C 189 19.46 66.72 108.44
N VAL C 190 18.24 67.22 108.42
CA VAL C 190 17.99 68.58 107.92
C VAL C 190 16.83 69.25 108.66
N VAL C 191 16.71 70.57 108.52
CA VAL C 191 15.70 71.35 109.25
C VAL C 191 14.90 72.30 108.35
N ASN C 192 13.65 72.47 108.73
CA ASN C 192 12.83 73.53 108.18
C ASN C 192 11.59 73.89 108.95
N PRO C 193 10.98 75.00 108.57
CA PRO C 193 9.79 75.41 109.26
C PRO C 193 9.93 75.39 110.78
N ASP C 194 10.97 76.01 111.29
CA ASP C 194 11.08 76.14 112.72
C ASP C 194 10.93 74.78 113.30
N THR C 195 11.58 73.73 112.80
CA THR C 195 11.12 72.57 113.57
C THR C 195 12.23 71.81 114.28
N GLY C 196 13.37 71.63 113.61
CA GLY C 196 14.47 70.91 114.22
C GLY C 196 15.19 69.97 113.26
N LEU C 197 15.90 69.00 113.82
CA LEU C 197 16.63 68.02 113.04
C LEU C 197 15.71 67.18 112.15
N GLU C 198 14.55 66.83 112.68
CA GLU C 198 13.59 66.02 111.94
C GLU C 198 14.14 64.67 111.53
N GLU C 199 14.92 64.06 112.43
CA GLU C 199 15.51 62.75 112.17
C GLU C 199 16.43 62.71 110.96
N ASP C 200 16.20 61.73 110.09
CA ASP C 200 17.01 61.55 108.90
C ASP C 200 16.25 61.82 107.60
N VAL C 201 16.85 62.62 106.74
CA VAL C 201 16.26 62.99 105.45
C VAL C 201 15.78 61.73 104.73
N LEU C 202 14.54 61.76 104.21
CA LEU C 202 13.98 60.64 103.44
C LEU C 202 13.55 61.09 102.06
N TYR C 203 13.85 60.29 101.04
CA TYR C 203 13.27 60.51 99.73
C TYR C 203 12.68 59.25 99.12
N ASP C 204 11.76 59.43 98.18
CA ASP C 204 11.15 58.31 97.48
C ASP C 204 12.06 57.74 96.39
N VAL C 205 12.33 56.45 96.49
CA VAL C 205 13.26 55.76 95.61
C VAL C 205 12.57 54.51 95.03
N ARG C 206 13.08 53.95 93.93
CA ARG C 206 12.43 52.76 93.33
C ARG C 206 13.29 51.95 92.35
N ILE C 207 12.75 50.80 91.93
CA ILE C 207 13.44 49.86 91.05
C ILE C 207 12.83 49.80 89.62
N VAL C 208 13.68 50.08 88.62
CA VAL C 208 13.27 50.14 87.21
C VAL C 208 14.21 49.30 86.34
N SER C 209 13.74 48.87 85.16
CA SER C 209 14.63 48.17 84.21
C SER C 209 15.08 49.09 83.07
N THR C 210 16.12 48.69 82.36
CA THR C 210 16.65 49.49 81.27
C THR C 210 16.40 48.77 79.94
N ASP C 211 16.45 49.52 78.85
CA ASP C 211 16.35 48.92 77.53
C ASP C 211 17.31 47.72 77.49
N ARG C 212 16.90 46.67 76.79
CA ARG C 212 17.74 45.48 76.66
C ARG C 212 18.95 45.72 75.76
N ASP C 213 20.07 45.11 76.13
CA ASP C 213 21.29 45.18 75.32
C ASP C 213 21.14 44.24 74.13
N SER C 214 22.21 44.16 73.35
CA SER C 214 22.22 43.40 72.10
C SER C 214 22.00 41.89 72.27
N LYS C 215 21.85 41.45 73.51
CA LYS C 215 21.65 40.01 73.81
C LYS C 215 20.35 39.76 74.58
N GLY C 216 19.55 40.81 74.76
CA GLY C 216 18.25 40.71 75.40
C GLY C 216 18.23 41.02 76.88
N ILE C 217 19.14 41.88 77.31
CA ILE C 217 19.48 41.94 78.72
C ILE C 217 19.83 43.34 79.24
N GLY C 218 18.94 43.90 80.03
CA GLY C 218 19.16 45.20 80.61
C GLY C 218 19.41 45.08 82.09
N LYS C 219 19.70 46.20 82.74
CA LYS C 219 20.00 46.21 84.16
C LYS C 219 18.72 46.40 84.97
N VAL C 220 18.78 46.11 86.25
CA VAL C 220 17.71 46.49 87.17
C VAL C 220 18.30 47.53 88.09
N ILE C 221 17.88 48.79 87.92
CA ILE C 221 18.53 49.87 88.65
C ILE C 221 17.66 50.54 89.71
N ILE C 222 18.29 51.16 90.69
CA ILE C 222 17.55 51.73 91.80
C ILE C 222 18.02 53.16 92.07
N GLY C 223 17.06 54.07 92.31
CA GLY C 223 17.38 55.47 92.53
C GLY C 223 16.12 56.33 92.55
N PRO C 224 16.28 57.67 92.57
CA PRO C 224 17.56 58.39 92.57
C PRO C 224 18.21 58.41 93.96
N PHE C 225 19.35 59.08 94.08
CA PHE C 225 20.00 59.26 95.37
C PHE C 225 20.68 60.63 95.47
N ALA C 226 21.48 60.78 96.50
CA ALA C 226 22.23 61.98 96.76
C ALA C 226 23.64 61.67 96.35
N SER C 227 24.47 62.69 96.24
CA SER C 227 25.75 62.53 95.60
C SER C 227 26.85 61.90 96.43
N GLY C 228 26.50 61.30 97.56
CA GLY C 228 25.14 61.27 98.04
C GLY C 228 25.09 60.30 99.19
N ASP C 229 23.97 59.61 99.31
CA ASP C 229 23.77 58.72 100.41
C ASP C 229 24.25 57.29 100.15
N VAL C 230 24.77 57.02 98.96
CA VAL C 230 25.30 55.68 98.65
C VAL C 230 26.80 55.73 98.34
N THR C 231 27.56 54.85 98.98
CA THR C 231 29.02 54.89 98.91
C THR C 231 29.60 54.17 97.68
N GLU C 232 30.30 54.94 96.85
CA GLU C 232 30.78 54.46 95.55
C GLU C 232 32.19 53.84 95.58
N ASN C 233 32.30 52.68 94.92
CA ASN C 233 33.52 51.85 94.91
C ASN C 233 34.04 51.67 93.50
N GLU C 234 34.88 50.65 93.33
CA GLU C 234 35.31 50.21 92.01
C GLU C 234 34.13 49.52 91.34
N ASN C 235 33.31 48.87 92.16
CA ASN C 235 32.10 48.21 91.68
C ASN C 235 30.93 49.17 91.66
N ILE C 236 30.56 49.61 92.87
CA ILE C 236 29.46 50.55 93.06
C ILE C 236 29.73 51.90 92.42
N GLN C 237 29.08 52.19 91.30
CA GLN C 237 29.24 53.47 90.63
C GLN C 237 27.92 53.87 90.00
N PRO C 238 27.60 55.14 89.91
CA PRO C 238 26.29 55.50 89.39
C PRO C 238 26.09 54.94 88.00
N TYR C 239 24.89 54.49 87.69
CA TYR C 239 24.69 53.88 86.40
C TYR C 239 25.11 54.88 85.39
N THR C 240 25.85 54.41 84.43
CA THR C 240 26.45 55.27 83.44
C THR C 240 25.57 56.11 82.56
N GLY C 241 24.50 55.59 81.98
CA GLY C 241 23.77 56.45 81.08
C GLY C 241 22.28 56.39 80.88
N ASN C 242 21.70 57.49 80.40
CA ASN C 242 20.27 57.49 80.15
C ASN C 242 19.89 56.30 79.29
N ASP C 243 18.74 55.69 79.58
CA ASP C 243 18.42 54.39 79.02
C ASP C 243 17.18 53.79 79.66
N PHE C 244 16.35 54.61 80.28
CA PHE C 244 15.22 54.12 81.07
C PHE C 244 14.33 55.25 81.58
N ASN C 245 13.49 54.93 82.56
CA ASN C 245 12.52 55.89 83.11
C ASN C 245 12.95 56.45 84.46
N LYS C 246 13.29 57.74 84.52
CA LYS C 246 13.65 58.36 85.80
C LYS C 246 12.40 58.96 86.46
N LEU C 247 12.38 59.06 87.79
CA LEU C 247 11.20 59.63 88.44
C LEU C 247 11.37 61.06 88.92
N ALA C 248 10.25 61.69 89.26
CA ALA C 248 10.18 63.12 89.62
C ALA C 248 11.11 63.51 90.77
N ASN C 249 12.13 64.32 90.44
CA ASN C 249 13.02 64.86 91.45
C ASN C 249 12.46 66.15 92.04
N SER C 250 11.27 66.05 92.62
CA SER C 250 10.69 67.16 93.37
C SER C 250 11.60 67.45 94.54
N ASP C 251 12.55 66.54 94.75
CA ASP C 251 13.62 66.72 95.74
C ASP C 251 14.95 66.93 95.01
N GLY C 252 14.91 66.99 93.68
CA GLY C 252 16.07 67.34 92.86
C GLY C 252 17.04 66.23 92.46
N ARG C 253 16.94 65.09 93.14
CA ARG C 253 17.97 64.04 93.09
C ARG C 253 18.11 63.30 91.75
N ASP C 254 19.25 62.66 91.57
CA ASP C 254 19.41 61.75 90.46
C ASP C 254 20.77 61.13 90.39
N LYS C 255 20.86 59.90 90.82
CA LYS C 255 22.02 59.11 90.61
C LYS C 255 21.42 57.79 90.84
N TYR C 256 21.42 56.93 89.83
CA TYR C 256 20.87 55.62 90.06
C TYR C 256 22.01 54.61 90.04
N TYR C 257 21.79 53.45 90.65
CA TYR C 257 22.82 52.41 90.75
C TYR C 257 22.32 51.04 90.28
N VAL C 258 23.15 50.31 89.53
CA VAL C 258 22.79 48.96 89.04
C VAL C 258 22.73 47.95 90.19
N ILE C 259 21.70 47.10 90.24
CA ILE C 259 21.66 46.04 91.24
C ILE C 259 21.14 44.66 90.77
N GLY C 260 21.15 44.43 89.46
CA GLY C 260 20.75 43.13 88.93
C GLY C 260 20.61 43.20 87.42
N GLU C 261 19.70 42.40 86.87
CA GLU C 261 19.35 42.51 85.46
C GLU C 261 18.10 41.74 85.08
N ILE C 262 17.43 42.16 84.00
CA ILE C 262 16.34 41.36 83.47
C ILE C 262 16.90 40.64 82.28
N ASN C 263 16.60 39.36 82.21
CA ASN C 263 16.75 38.62 80.97
C ASN C 263 15.38 38.63 80.28
N TYR C 264 15.23 39.50 79.29
CA TYR C 264 13.92 39.69 78.68
C TYR C 264 13.42 38.42 77.99
N PRO C 265 14.26 37.81 77.12
CA PRO C 265 13.90 36.56 76.46
C PRO C 265 13.65 35.43 77.47
N ALA C 266 14.57 35.21 78.40
CA ALA C 266 14.42 34.14 79.39
C ALA C 266 13.31 34.43 80.38
N ASP C 267 12.89 35.70 80.43
CA ASP C 267 11.91 36.16 81.41
C ASP C 267 12.37 35.82 82.82
N VAL C 268 13.44 36.46 83.27
CA VAL C 268 13.90 36.36 84.66
C VAL C 268 14.44 37.72 85.15
N ILE C 269 14.11 38.07 86.38
CA ILE C 269 14.55 39.34 86.93
C ILE C 269 15.18 39.11 88.30
N TYR C 270 16.43 39.52 88.45
CA TYR C 270 17.13 39.36 89.72
C TYR C 270 17.69 40.70 90.17
N TRP C 271 17.55 40.98 91.46
CA TRP C 271 18.32 42.05 92.11
C TRP C 271 18.64 41.73 93.55
N ASN C 272 19.55 42.50 94.11
CA ASN C 272 20.02 42.29 95.46
C ASN C 272 20.58 43.62 95.90
N ILE C 273 19.88 44.29 96.81
CA ILE C 273 20.30 45.64 97.17
C ILE C 273 21.66 45.60 97.86
N ALA C 274 21.99 44.46 98.43
CA ALA C 274 23.31 44.25 99.00
C ALA C 274 24.43 44.45 97.96
N LYS C 275 24.10 44.52 96.67
CA LYS C 275 25.13 44.71 95.65
C LYS C 275 25.70 46.12 95.71
N ILE C 276 24.86 47.09 96.06
CA ILE C 276 25.38 48.33 96.61
C ILE C 276 25.42 48.00 98.09
N ASN C 277 25.64 48.95 98.99
CA ASN C 277 25.84 48.53 100.37
C ASN C 277 24.77 48.93 101.37
N LEU C 278 23.54 49.02 100.91
CA LEU C 278 22.45 49.49 101.74
C LEU C 278 21.80 48.37 102.53
N THR C 279 21.59 48.64 103.81
CA THR C 279 20.96 47.68 104.69
C THR C 279 19.45 47.90 104.60
N SER C 280 18.71 46.80 104.64
CA SER C 280 17.25 46.85 104.64
C SER C 280 16.68 47.81 105.69
N GLU C 281 17.49 48.09 106.72
CA GLU C 281 17.13 49.06 107.75
C GLU C 281 16.88 50.42 107.13
N LYS C 282 17.65 50.75 106.11
CA LYS C 282 17.51 52.02 105.43
C LYS C 282 16.26 52.08 104.52
N PHE C 283 15.39 51.07 104.63
CA PHE C 283 14.15 51.04 103.83
C PHE C 283 12.93 50.76 104.69
N GLU C 284 11.95 51.65 104.61
CA GLU C 284 10.71 51.51 105.37
C GLU C 284 9.99 50.20 105.10
N VAL C 285 10.08 49.71 103.87
CA VAL C 285 9.16 48.69 103.40
C VAL C 285 9.59 47.24 103.64
N GLN C 286 8.69 46.32 103.29
CA GLN C 286 8.99 44.90 103.23
C GLN C 286 8.55 44.35 101.87
N THR C 287 7.27 44.52 101.58
CA THR C 287 6.70 44.09 100.31
C THR C 287 6.63 45.26 99.32
N ILE C 288 6.88 44.97 98.04
CA ILE C 288 6.66 45.97 96.99
C ILE C 288 5.98 45.40 95.76
N GLU C 289 5.65 46.27 94.82
CA GLU C 289 4.93 45.89 93.61
C GLU C 289 5.86 46.02 92.40
N LEU C 290 5.78 45.05 91.50
CA LEU C 290 6.61 45.11 90.30
C LEU C 290 5.73 45.13 89.05
N TYR C 291 5.67 46.29 88.41
CA TYR C 291 4.83 46.49 87.23
C TYR C 291 5.65 46.41 85.97
N SER C 292 5.11 45.71 85.00
CA SER C 292 5.64 45.75 83.66
C SER C 292 4.42 45.71 82.78
N ASP C 293 4.54 46.23 81.57
CA ASP C 293 3.47 46.09 80.59
C ASP C 293 3.92 45.17 79.46
N PRO C 294 3.04 44.23 79.11
CA PRO C 294 3.30 43.10 78.22
C PRO C 294 3.45 43.52 76.77
N THR C 295 3.90 42.58 75.92
CA THR C 295 3.76 42.70 74.47
C THR C 295 2.61 41.82 74.09
N ASP C 296 2.06 41.16 75.09
CA ASP C 296 1.02 40.18 74.90
C ASP C 296 -0.35 40.81 74.81
N ASP C 297 -1.08 40.45 73.76
CA ASP C 297 -2.49 40.77 73.72
C ASP C 297 -3.18 39.63 74.45
N VAL C 298 -2.35 38.69 74.90
CA VAL C 298 -2.81 37.60 75.77
C VAL C 298 -1.76 37.27 76.84
N ILE C 299 -2.18 37.28 78.10
CA ILE C 299 -1.26 37.03 79.19
C ILE C 299 -1.42 35.59 79.66
N PHE C 300 -0.32 34.88 79.77
CA PHE C 300 -0.37 33.49 80.12
C PHE C 300 0.05 33.21 81.53
N THR C 301 -0.74 32.41 82.18
CA THR C 301 -0.46 31.97 83.50
C THR C 301 0.43 30.80 83.18
N ARG C 302 0.75 29.97 84.15
CA ARG C 302 1.63 28.86 83.87
C ARG C 302 1.93 28.01 85.08
N ASP C 303 3.18 27.83 85.42
CA ASP C 303 3.51 26.94 86.50
C ASP C 303 3.49 27.54 87.88
N GLY C 304 2.39 27.36 88.56
CA GLY C 304 2.25 27.85 89.91
C GLY C 304 1.80 29.28 89.84
N SER C 305 1.84 29.79 88.63
CA SER C 305 1.37 31.14 88.31
C SER C 305 -0.12 31.10 88.03
N LEU C 306 -0.81 32.18 88.33
CA LEU C 306 -2.27 32.20 88.26
C LEU C 306 -2.75 33.63 88.13
N ILE C 307 -3.53 33.92 87.10
CA ILE C 307 -4.05 35.28 86.89
C ILE C 307 -5.39 35.44 87.59
N VAL C 308 -5.41 36.30 88.59
CA VAL C 308 -6.58 36.40 89.43
C VAL C 308 -7.09 37.85 89.53
N PHE C 309 -8.39 37.99 89.78
CA PHE C 309 -9.03 39.29 89.91
C PHE C 309 -9.77 39.34 91.24
N GLU C 310 -9.18 40.02 92.21
CA GLU C 310 -9.78 40.13 93.53
C GLU C 310 -10.00 41.60 93.91
N ASN C 311 -10.97 42.25 93.28
CA ASN C 311 -11.10 43.71 93.43
C ASN C 311 -11.34 44.17 94.88
N ASP C 312 -12.34 43.59 95.53
CA ASP C 312 -12.52 43.79 96.98
C ASP C 312 -11.29 43.86 97.87
N LEU C 313 -10.40 42.87 97.68
CA LEU C 313 -9.21 42.68 98.51
C LEU C 313 -7.95 43.19 97.81
N ARG C 314 -8.17 43.75 96.63
CA ARG C 314 -7.10 44.24 95.78
C ARG C 314 -7.68 45.30 94.85
N PRO C 315 -8.29 46.34 95.43
CA PRO C 315 -9.06 47.32 94.68
C PRO C 315 -8.10 48.19 93.90
N GLN C 316 -6.95 48.42 94.50
CA GLN C 316 -5.86 49.19 93.93
C GLN C 316 -5.55 48.83 92.47
N TYR C 317 -5.93 47.62 92.08
CA TYR C 317 -5.61 47.12 90.75
C TYR C 317 -6.80 47.23 89.81
N LEU C 318 -7.35 48.43 89.73
CA LEU C 318 -8.50 48.73 88.89
C LEU C 318 -8.93 50.15 89.17
N THR C 319 -8.86 50.98 88.13
CA THR C 319 -9.46 52.30 88.15
C THR C 319 -10.44 52.36 86.99
N ILE C 320 -11.68 52.73 87.30
CA ILE C 320 -12.70 52.96 86.27
C ILE C 320 -13.02 54.43 86.11
N ASP C 321 -12.66 55.01 84.96
CA ASP C 321 -13.06 56.37 84.66
C ASP C 321 -14.19 56.35 83.66
N LEU C 322 -15.40 56.67 84.09
CA LEU C 322 -16.54 56.73 83.18
C LEU C 322 -16.58 58.04 82.39
N GLU C 323 -17.42 58.07 81.38
CA GLU C 323 -17.60 59.27 80.61
C GLU C 323 -18.99 59.22 80.04
N PRO C 324 -19.79 60.24 80.36
CA PRO C 324 -21.17 60.27 79.91
C PRO C 324 -21.23 60.97 78.56
N ILE C 325 -22.21 60.58 77.78
CA ILE C 325 -22.35 61.10 76.46
C ILE C 325 -23.72 61.67 76.15
N SER C 326 -23.68 62.79 75.47
CA SER C 326 -24.86 63.50 75.07
C SER C 326 -25.66 62.60 74.14
N GLN C 327 -26.97 62.74 74.16
CA GLN C 327 -27.81 61.94 73.30
C GLN C 327 -27.68 62.39 71.86
N LEU C 328 -28.14 61.57 70.91
CA LEU C 328 -28.07 61.91 69.48
C LEU C 328 -29.46 62.02 68.85
N GLU C 329 -29.68 62.85 67.82
CA GLU C 329 -31.09 62.76 67.41
C GLU C 329 -32.08 62.21 68.46
N HIS C 330 -33.00 63.06 68.95
CA HIS C 330 -34.29 62.66 69.55
C HIS C 330 -35.37 63.49 68.97
N HIS C 331 -35.86 63.04 67.82
CA HIS C 331 -36.60 63.88 66.93
C HIS C 331 -36.96 63.12 65.68
N HIS C 332 -38.06 62.40 65.70
CA HIS C 332 -38.59 61.83 64.45
C HIS C 332 -39.65 60.78 64.62
N ALA D 9 -34.92 64.44 58.95
CA ALA D 9 -34.28 63.23 58.57
C ALA D 9 -35.31 62.36 57.92
N THR D 10 -35.85 61.45 58.69
CA THR D 10 -36.75 60.45 58.18
C THR D 10 -38.00 61.00 57.54
N ASP D 11 -38.31 62.27 57.75
CA ASP D 11 -39.56 62.74 57.17
C ASP D 11 -39.57 62.50 55.68
N TYR D 12 -38.48 62.78 55.01
CA TYR D 12 -38.47 62.54 53.59
C TYR D 12 -37.57 61.39 53.19
N ASP D 13 -36.62 61.08 54.05
CA ASP D 13 -35.69 60.02 53.79
C ASP D 13 -36.38 58.69 53.70
N THR D 14 -37.34 58.47 54.59
CA THR D 14 -38.01 57.21 54.65
C THR D 14 -38.69 56.90 53.37
N PHE D 15 -39.43 57.87 52.87
CA PHE D 15 -40.11 57.61 51.66
C PHE D 15 -39.07 57.10 50.75
N VAL D 16 -38.26 58.01 50.26
CA VAL D 16 -37.16 57.59 49.40
C VAL D 16 -36.68 56.18 49.76
N SER D 17 -36.55 55.90 51.05
CA SER D 17 -36.07 54.60 51.50
C SER D 17 -37.04 53.46 51.14
N GLU D 18 -38.19 53.83 50.59
CA GLU D 18 -39.17 52.84 50.15
C GLU D 18 -39.02 52.55 48.66
N ARG D 19 -39.07 53.61 47.86
CA ARG D 19 -39.01 53.49 46.40
C ARG D 19 -37.63 53.09 45.90
N PHE D 20 -36.68 52.92 46.80
CA PHE D 20 -35.30 52.68 46.42
C PHE D 20 -34.57 51.77 47.39
N GLY D 21 -35.30 51.17 48.32
CA GLY D 21 -34.73 50.30 49.33
C GLY D 21 -33.82 49.21 48.78
N SER D 22 -33.91 48.96 47.48
CA SER D 22 -33.11 47.94 46.82
C SER D 22 -31.68 48.39 46.55
N ILE D 23 -31.45 49.70 46.54
CA ILE D 23 -30.10 50.22 46.49
C ILE D 23 -29.70 50.90 47.80
N ILE D 24 -30.26 52.08 48.06
CA ILE D 24 -29.83 52.87 49.22
C ILE D 24 -29.98 52.11 50.56
N GLN D 25 -28.89 52.09 51.33
CA GLN D 25 -28.91 51.45 52.64
C GLN D 25 -28.91 52.47 53.78
N ALA D 26 -28.75 53.74 53.43
CA ALA D 26 -28.72 54.78 54.45
C ALA D 26 -29.12 56.14 53.88
N VAL D 27 -30.17 56.72 54.45
CA VAL D 27 -30.67 58.00 54.00
C VAL D 27 -31.04 58.86 55.18
N GLN D 28 -30.52 60.08 55.17
CA GLN D 28 -30.84 61.08 56.18
C GLN D 28 -30.71 62.48 55.59
N THR D 29 -31.57 63.39 56.04
CA THR D 29 -31.52 64.77 55.58
C THR D 29 -30.83 65.62 56.61
N PHE D 30 -30.42 66.81 56.20
CA PHE D 30 -29.87 67.80 57.11
C PHE D 30 -29.70 69.13 56.38
N THR D 31 -29.57 70.20 57.16
CA THR D 31 -29.31 71.52 56.61
C THR D 31 -27.86 71.88 56.91
N ASP D 32 -27.35 72.93 56.28
CA ASP D 32 -26.03 73.41 56.63
C ASP D 32 -26.16 74.76 57.32
N SER D 33 -25.74 74.88 58.54
CA SER D 33 -25.97 76.17 59.10
C SER D 33 -25.01 76.92 58.25
N THR D 34 -25.52 77.74 57.36
CA THR D 34 -24.65 78.48 56.49
C THR D 34 -25.10 78.47 55.08
N LYS D 35 -25.39 77.29 54.57
CA LYS D 35 -25.87 77.21 53.23
C LYS D 35 -27.33 77.31 53.43
N PRO D 36 -27.77 78.46 53.89
CA PRO D 36 -29.17 78.64 54.22
C PRO D 36 -30.01 78.41 53.02
N GLY D 37 -31.12 77.73 53.20
CA GLY D 37 -32.02 77.47 52.10
C GLY D 37 -31.91 76.10 51.52
N TYR D 38 -30.74 75.50 51.68
CA TYR D 38 -30.44 74.23 51.03
C TYR D 38 -30.63 73.04 51.96
N ALA D 39 -31.35 72.04 51.47
CA ALA D 39 -31.53 70.79 52.22
C ALA D 39 -30.95 69.65 51.40
N PHE D 40 -30.04 68.89 52.02
CA PHE D 40 -29.33 67.82 51.33
C PHE D 40 -29.74 66.49 51.92
N ILE D 41 -29.79 65.45 51.08
CA ILE D 41 -29.99 64.11 51.61
C ILE D 41 -28.81 63.23 51.25
N ALA D 42 -28.08 62.80 52.27
CA ALA D 42 -26.99 61.88 52.04
C ALA D 42 -27.56 60.47 51.88
N ALA D 43 -27.11 59.75 50.88
CA ALA D 43 -27.53 58.37 50.75
C ALA D 43 -26.34 57.51 50.39
N LYS D 44 -26.22 56.37 51.09
CA LYS D 44 -25.21 55.38 50.79
C LYS D 44 -25.83 54.17 50.07
N PRO D 45 -25.34 53.87 48.87
CA PRO D 45 -25.71 52.64 48.16
C PRO D 45 -25.58 51.44 49.09
N LYS D 46 -26.50 50.50 49.07
CA LYS D 46 -26.28 49.33 49.88
C LYS D 46 -25.12 48.72 49.21
N SER D 47 -25.07 48.94 47.91
CA SER D 47 -24.12 48.29 47.03
C SER D 47 -22.86 49.09 46.87
N GLY D 48 -22.12 49.26 47.94
CA GLY D 48 -20.92 50.04 47.88
C GLY D 48 -20.99 51.42 48.51
N LEU D 49 -20.40 52.37 47.81
CA LEU D 49 -19.99 53.68 48.33
C LEU D 49 -20.71 54.92 47.75
N TYR D 50 -20.65 55.10 46.44
CA TYR D 50 -21.24 56.28 45.81
C TYR D 50 -22.33 55.92 44.81
N LEU D 51 -23.52 56.43 45.03
CA LEU D 51 -24.60 56.25 44.08
C LEU D 51 -24.16 56.86 42.75
N THR D 52 -24.59 56.24 41.64
CA THR D 52 -24.16 56.70 40.32
C THR D 52 -25.03 57.83 39.81
N THR D 53 -24.40 58.76 39.10
CA THR D 53 -25.05 59.98 38.64
C THR D 53 -26.33 59.71 37.86
N VAL D 54 -26.50 58.47 37.39
CA VAL D 54 -27.77 58.06 36.82
C VAL D 54 -28.73 57.63 37.94
N GLN D 55 -28.26 56.79 38.85
CA GLN D 55 -29.03 56.47 40.05
C GLN D 55 -29.47 57.73 40.80
N ARG D 56 -28.69 58.79 40.65
CA ARG D 56 -28.95 60.05 41.35
C ARG D 56 -29.94 60.94 40.64
N GLU D 57 -29.94 60.90 39.32
CA GLU D 57 -30.87 61.71 38.56
C GLU D 57 -32.27 61.12 38.59
N ASP D 58 -32.34 59.79 38.67
CA ASP D 58 -33.62 59.11 38.82
C ASP D 58 -34.24 59.48 40.15
N ILE D 59 -33.48 59.32 41.22
CA ILE D 59 -33.96 59.59 42.56
C ILE D 59 -34.37 61.06 42.74
N LYS D 60 -33.62 61.97 42.12
CA LYS D 60 -33.97 63.39 42.19
C LYS D 60 -35.28 63.62 41.46
N ASN D 61 -35.51 62.85 40.40
CA ASN D 61 -36.71 62.99 39.58
C ASN D 61 -37.93 62.26 40.13
N TYR D 62 -37.95 62.03 41.44
CA TYR D 62 -39.19 61.70 42.12
C TYR D 62 -39.59 62.93 42.93
N LEU D 63 -38.72 63.94 42.92
CA LEU D 63 -39.00 65.21 43.57
C LEU D 63 -40.14 65.92 42.86
N LYS D 64 -40.18 65.74 41.55
CA LYS D 64 -41.29 66.26 40.75
C LYS D 64 -42.52 65.41 41.09
N ASP D 65 -42.30 64.11 41.25
CA ASP D 65 -43.37 63.15 41.49
C ASP D 65 -44.20 63.75 42.62
N TYR D 66 -43.58 63.91 43.78
CA TYR D 66 -44.13 64.74 44.84
C TYR D 66 -43.88 66.21 44.52
N ASN D 67 -44.96 66.88 44.10
CA ASN D 67 -44.90 68.23 43.56
C ASN D 67 -44.24 69.21 44.52
N LEU D 68 -43.10 69.74 44.12
CA LEU D 68 -42.52 70.89 44.78
C LEU D 68 -41.80 71.60 43.64
N ALA D 69 -42.03 72.91 43.55
CA ALA D 69 -41.45 73.74 42.50
C ALA D 69 -40.16 74.34 43.07
N PRO D 70 -40.18 74.77 44.35
CA PRO D 70 -38.97 75.36 44.91
C PRO D 70 -37.85 74.37 44.60
N ILE D 71 -36.62 74.88 44.40
CA ILE D 71 -35.43 74.03 44.31
C ILE D 71 -35.64 73.10 45.49
N THR D 72 -35.56 71.80 45.21
CA THR D 72 -35.94 70.77 46.16
C THR D 72 -34.90 69.65 46.31
N PRO D 73 -34.51 69.50 47.57
CA PRO D 73 -33.49 68.63 48.15
C PRO D 73 -32.48 68.17 47.17
N SER D 74 -31.22 68.24 47.55
CA SER D 74 -30.15 67.81 46.69
C SER D 74 -29.91 66.47 47.31
N ILE D 75 -29.88 65.45 46.50
CA ILE D 75 -29.43 64.16 46.93
C ILE D 75 -27.95 64.19 46.79
N ILE D 76 -27.25 63.45 47.60
CA ILE D 76 -25.81 63.40 47.50
C ILE D 76 -25.30 62.26 48.30
N SER D 77 -24.06 61.89 48.06
CA SER D 77 -23.42 60.81 48.82
C SER D 77 -22.86 61.27 50.17
N PRO D 78 -22.94 60.41 51.18
CA PRO D 78 -22.62 60.68 52.59
C PRO D 78 -21.19 61.15 52.83
N ASN D 79 -20.95 61.99 53.84
CA ASN D 79 -19.61 62.39 54.20
C ASN D 79 -18.93 61.31 55.07
N TYR D 80 -18.15 60.44 54.43
CA TYR D 80 -17.60 59.25 55.10
C TYR D 80 -16.44 59.52 56.05
N LEU D 81 -16.49 58.89 57.20
CA LEU D 81 -15.37 58.91 58.09
C LEU D 81 -14.92 57.47 58.07
N PHE D 82 -13.64 57.25 57.83
CA PHE D 82 -13.07 55.93 57.73
C PHE D 82 -12.12 55.68 58.86
N ILE D 83 -12.02 54.42 59.26
CA ILE D 83 -11.14 54.05 60.33
C ILE D 83 -10.01 53.27 59.77
N LYS D 84 -8.81 53.78 59.86
CA LYS D 84 -7.71 53.04 59.32
C LYS D 84 -7.38 52.17 60.44
N THR D 85 -7.68 50.90 60.28
CA THR D 85 -7.45 49.98 61.36
C THR D 85 -6.20 49.21 61.16
N ASN D 86 -5.49 49.06 62.25
CA ASN D 86 -4.27 48.31 62.29
C ASN D 86 -4.55 47.30 63.31
N LEU D 87 -5.02 46.17 62.85
CA LEU D 87 -5.48 45.07 63.70
C LEU D 87 -4.36 44.06 63.94
N LYS D 88 -4.43 43.41 65.09
CA LYS D 88 -3.52 42.35 65.47
C LYS D 88 -4.31 41.29 66.21
N VAL D 89 -4.35 40.09 65.65
CA VAL D 89 -5.07 39.00 66.29
C VAL D 89 -4.12 37.87 66.59
N THR D 90 -4.06 37.43 67.84
CA THR D 90 -3.19 36.32 68.17
C THR D 90 -4.06 35.06 68.36
N TYR D 91 -3.69 33.96 67.73
CA TYR D 91 -4.53 32.74 67.73
C TYR D 91 -3.73 31.48 68.08
N ALA D 92 -4.45 30.43 68.44
CA ALA D 92 -3.82 29.18 68.89
C ALA D 92 -3.53 28.23 67.72
N LEU D 93 -2.26 27.86 67.56
CA LEU D 93 -1.89 26.95 66.46
C LEU D 93 -2.76 25.71 66.44
N ASN D 94 -2.79 24.98 67.56
CA ASN D 94 -3.53 23.73 67.65
C ASN D 94 -4.95 23.86 67.12
N LYS D 95 -5.63 24.93 67.52
CA LYS D 95 -7.07 25.04 67.33
C LYS D 95 -7.46 25.66 65.99
N LEU D 96 -6.48 25.89 65.12
CA LEU D 96 -6.74 26.52 63.82
C LEU D 96 -6.54 25.55 62.65
N GLN D 97 -7.64 25.15 62.03
CA GLN D 97 -7.61 24.11 61.01
C GLN D 97 -7.14 24.59 59.64
N GLU D 98 -7.77 25.64 59.12
CA GLU D 98 -7.47 26.13 57.77
C GLU D 98 -6.28 27.08 57.70
N SER D 99 -6.11 27.70 56.54
CA SER D 99 -4.98 28.58 56.29
C SER D 99 -5.11 29.87 57.10
N GLU D 100 -3.98 30.53 57.30
CA GLU D 100 -4.01 31.88 57.84
C GLU D 100 -4.82 32.74 56.90
N GLN D 101 -4.61 32.57 55.60
CA GLN D 101 -5.35 33.31 54.59
C GLN D 101 -6.86 33.13 54.78
N TRP D 102 -7.26 31.95 55.22
CA TRP D 102 -8.67 31.68 55.49
C TRP D 102 -9.14 32.45 56.71
N LEU D 103 -8.44 32.25 57.82
CA LEU D 103 -8.74 32.94 59.07
C LEU D 103 -8.98 34.42 58.85
N GLU D 104 -8.03 35.12 58.25
CA GLU D 104 -8.24 36.52 57.91
C GLU D 104 -9.63 36.72 57.33
N GLY D 105 -9.90 36.08 56.20
CA GLY D 105 -11.21 36.15 55.58
C GLY D 105 -12.30 36.02 56.62
N GLN D 106 -12.15 35.03 57.49
CA GLN D 106 -13.16 34.73 58.49
C GLN D 106 -13.41 35.90 59.44
N ILE D 107 -12.37 36.65 59.75
CA ILE D 107 -12.53 37.79 60.66
C ILE D 107 -12.89 39.07 59.92
N ILE D 108 -12.21 39.32 58.80
CA ILE D 108 -12.56 40.45 57.95
C ILE D 108 -14.03 40.42 57.55
N ASP D 109 -14.68 39.28 57.72
CA ASP D 109 -16.13 39.24 57.59
C ASP D 109 -16.79 39.77 58.85
N LYS D 110 -16.31 39.31 59.99
CA LYS D 110 -16.88 39.71 61.27
C LYS D 110 -16.84 41.21 61.41
N ILE D 111 -15.72 41.82 61.03
CA ILE D 111 -15.62 43.27 61.12
C ILE D 111 -16.78 43.90 60.38
N ASP D 112 -17.02 43.41 59.17
CA ASP D 112 -18.05 44.00 58.31
C ASP D 112 -19.43 43.77 58.90
N ARG D 113 -19.66 42.58 59.45
CA ARG D 113 -20.94 42.25 60.05
C ARG D 113 -21.24 43.14 61.24
N TYR D 114 -20.20 43.63 61.91
CA TYR D 114 -20.38 44.56 63.01
C TYR D 114 -20.69 45.95 62.47
N TYR D 115 -20.00 46.33 61.41
CA TYR D 115 -20.18 47.64 60.77
C TYR D 115 -21.57 47.78 60.18
N THR D 116 -21.97 46.79 59.42
CA THR D 116 -23.28 46.80 58.81
C THR D 116 -24.36 46.89 59.89
N GLU D 117 -24.26 46.04 60.91
CA GLU D 117 -25.27 46.03 61.97
C GLU D 117 -25.28 47.21 62.93
N ASP D 118 -24.14 47.56 63.51
CA ASP D 118 -24.14 48.53 64.59
C ASP D 118 -23.55 49.89 64.22
N VAL D 119 -22.90 50.00 63.08
CA VAL D 119 -22.14 51.21 62.78
C VAL D 119 -22.59 51.98 61.54
N GLU D 120 -22.78 51.25 60.44
CA GLU D 120 -23.09 51.88 59.17
C GLU D 120 -24.54 52.33 59.17
N ILE D 121 -24.75 53.50 59.75
CA ILE D 121 -26.06 54.00 60.09
C ILE D 121 -25.82 55.44 60.53
N PHE D 122 -26.78 56.31 60.32
CA PHE D 122 -26.52 57.72 60.59
C PHE D 122 -26.55 58.05 62.08
N ASN D 123 -25.50 58.74 62.53
CA ASN D 123 -25.37 59.13 63.93
C ASN D 123 -25.13 57.98 64.91
N SER D 124 -25.12 56.75 64.40
CA SER D 124 -24.61 55.60 65.15
C SER D 124 -23.09 55.71 65.17
N SER D 125 -22.42 54.96 66.03
CA SER D 125 -20.99 55.16 66.16
C SER D 125 -20.13 53.90 66.19
N PHE D 126 -18.84 54.09 65.94
CA PHE D 126 -17.84 53.03 65.95
C PHE D 126 -17.16 52.94 67.31
N ALA D 127 -17.18 51.75 67.90
CA ALA D 127 -16.52 51.49 69.17
C ALA D 127 -15.49 50.40 68.98
N LYS D 128 -14.21 50.77 68.98
CA LYS D 128 -13.13 49.81 68.77
C LYS D 128 -13.25 48.60 69.68
N SER D 129 -13.75 48.81 70.89
CA SER D 129 -13.92 47.73 71.85
C SER D 129 -14.95 46.71 71.39
N LYS D 130 -15.92 47.15 70.61
CA LYS D 130 -17.01 46.28 70.19
C LYS D 130 -16.52 45.37 69.07
N MET D 131 -15.96 46.00 68.04
CA MET D 131 -15.53 45.29 66.86
C MET D 131 -14.42 44.30 67.17
N LEU D 132 -13.59 44.59 68.17
CA LEU D 132 -12.60 43.62 68.65
C LEU D 132 -13.28 42.40 69.23
N THR D 133 -14.39 42.58 69.94
CA THR D 133 -15.12 41.43 70.44
C THR D 133 -15.76 40.67 69.28
N TYR D 134 -16.05 41.37 68.18
CA TYR D 134 -16.46 40.71 66.95
C TYR D 134 -15.32 39.88 66.38
N VAL D 135 -14.15 40.50 66.25
CA VAL D 135 -12.94 39.79 65.82
C VAL D 135 -12.71 38.52 66.66
N ASP D 136 -12.66 38.68 67.98
CA ASP D 136 -12.55 37.54 68.90
C ASP D 136 -13.55 36.45 68.56
N ASP D 137 -14.69 36.86 68.03
CA ASP D 137 -15.88 36.02 67.87
C ASP D 137 -15.82 35.20 66.57
N ALA D 138 -14.82 35.49 65.74
CA ALA D 138 -14.74 34.96 64.39
C ALA D 138 -14.36 33.49 64.24
N ASP D 139 -13.80 32.88 65.29
CA ASP D 139 -13.35 31.50 65.20
C ASP D 139 -13.40 31.11 66.66
N HIS D 140 -13.35 29.81 66.95
CA HIS D 140 -13.27 29.34 68.34
C HIS D 140 -11.83 29.30 68.81
N SER D 141 -10.95 29.87 68.01
CA SER D 141 -9.51 29.71 68.14
C SER D 141 -8.77 31.05 68.19
N VAL D 142 -9.53 32.13 68.33
CA VAL D 142 -8.98 33.47 68.26
C VAL D 142 -8.89 34.09 69.65
N ILE D 143 -7.80 33.74 70.30
CA ILE D 143 -7.60 33.87 71.69
C ILE D 143 -7.77 35.24 72.24
N GLY D 144 -7.41 36.22 71.44
CA GLY D 144 -7.37 37.61 71.84
C GLY D 144 -6.77 38.56 70.83
N SER D 145 -7.41 39.72 70.66
CA SER D 145 -6.94 40.72 69.70
C SER D 145 -6.62 42.09 70.31
N SER D 146 -5.96 42.95 69.53
CA SER D 146 -5.69 44.31 69.92
C SER D 146 -5.81 45.10 68.64
N ALA D 147 -5.66 46.42 68.69
CA ALA D 147 -6.07 47.23 67.56
C ALA D 147 -5.73 48.70 67.72
N THR D 148 -5.36 49.33 66.61
CA THR D 148 -4.93 50.72 66.59
C THR D 148 -5.59 51.48 65.46
N ILE D 149 -6.33 52.53 65.78
CA ILE D 149 -7.11 53.21 64.75
C ILE D 149 -6.61 54.60 64.39
N GLN D 150 -7.00 55.02 63.20
CA GLN D 150 -6.84 56.38 62.73
C GLN D 150 -8.13 56.79 62.08
N MET D 151 -8.33 58.09 61.93
CA MET D 151 -9.50 58.59 61.23
C MET D 151 -9.14 59.08 59.83
N VAL D 152 -9.94 58.68 58.84
CA VAL D 152 -9.70 59.16 57.49
C VAL D 152 -10.90 59.92 56.93
N ARG D 153 -10.69 61.19 56.66
CA ARG D 153 -11.66 61.99 55.95
C ARG D 153 -11.09 62.10 54.55
N GLU D 154 -11.89 61.73 53.55
CA GLU D 154 -11.41 61.76 52.17
C GLU D 154 -11.77 63.09 51.55
N VAL D 155 -10.75 63.89 51.29
CA VAL D 155 -10.95 65.28 50.87
C VAL D 155 -11.19 65.41 49.38
N GLN D 156 -12.28 66.10 49.02
CA GLN D 156 -12.66 66.32 47.63
C GLN D 156 -11.70 67.23 46.88
N ASN D 157 -11.36 68.36 47.49
CA ASN D 157 -10.37 69.27 46.93
C ASN D 157 -9.22 69.58 47.90
N PHE D 158 -8.00 69.32 47.44
CA PHE D 158 -6.80 69.47 48.25
C PHE D 158 -6.43 70.92 48.46
N TYR D 159 -6.82 71.77 47.53
CA TYR D 159 -6.30 73.13 47.52
C TYR D 159 -6.79 74.03 48.64
N LYS D 160 -8.06 73.94 48.97
CA LYS D 160 -8.59 74.71 50.07
C LYS D 160 -9.73 73.96 50.68
N THR D 161 -9.82 74.04 52.00
CA THR D 161 -10.91 73.42 52.72
C THR D 161 -12.18 74.08 52.27
N PRO D 162 -13.34 73.47 52.59
CA PRO D 162 -14.60 74.10 52.22
C PRO D 162 -14.68 75.48 52.82
N GLU D 163 -15.49 76.35 52.20
CA GLU D 163 -15.79 77.65 52.77
C GLU D 163 -15.79 77.61 54.30
N ALA D 164 -16.37 76.55 54.85
CA ALA D 164 -16.73 76.54 56.27
C ALA D 164 -15.63 75.90 57.11
N GLY D 165 -15.51 74.58 57.03
CA GLY D 165 -14.24 73.92 57.22
C GLY D 165 -14.30 72.44 56.95
N ILE D 166 -13.30 71.69 57.42
CA ILE D 166 -13.40 70.24 57.54
C ILE D 166 -13.32 69.85 59.00
N LYS D 167 -14.24 69.00 59.44
CA LYS D 167 -14.22 68.52 60.82
C LYS D 167 -14.44 67.01 60.92
N TYR D 168 -13.91 66.42 61.98
CA TYR D 168 -13.94 64.97 62.17
C TYR D 168 -15.10 64.53 63.04
N ASN D 169 -15.78 65.52 63.64
CA ASN D 169 -16.80 65.24 64.66
C ASN D 169 -16.18 64.46 65.82
N ASN D 170 -14.87 64.58 65.93
CA ASN D 170 -14.12 63.85 66.95
C ASN D 170 -12.80 64.53 67.26
N GLN D 171 -12.35 64.27 68.47
CA GLN D 171 -11.15 64.91 68.98
C GLN D 171 -9.92 64.15 68.49
N ILE D 172 -9.01 64.85 67.80
CA ILE D 172 -7.72 64.27 67.44
C ILE D 172 -6.60 64.73 68.39
N LYS D 173 -5.42 64.12 68.25
CA LYS D 173 -4.29 64.44 69.10
C LYS D 173 -3.44 65.51 68.43
N ASP D 174 -2.35 65.93 69.09
CA ASP D 174 -1.47 66.95 68.55
C ASP D 174 -0.63 66.41 67.40
N ARG D 175 -0.41 67.25 66.38
CA ARG D 175 0.44 66.89 65.23
C ARG D 175 -0.17 65.74 64.45
N SER D 176 -1.32 65.29 64.92
CA SER D 176 -1.98 64.09 64.46
C SER D 176 -2.49 64.23 63.03
N MET D 177 -3.18 65.33 62.76
CA MET D 177 -3.71 65.60 61.42
C MET D 177 -2.59 65.59 60.39
N GLU D 178 -2.67 64.69 59.43
CA GLU D 178 -1.69 64.67 58.36
C GLU D 178 -2.28 64.00 57.15
N SER D 179 -2.22 64.70 56.03
CA SER D 179 -2.66 64.19 54.74
C SER D 179 -1.58 63.29 54.17
N ASN D 180 -1.86 62.60 53.08
CA ASN D 180 -0.82 61.85 52.40
C ASN D 180 -0.02 62.76 51.48
N THR D 181 0.84 62.18 50.65
CA THR D 181 1.71 63.00 49.82
C THR D 181 1.22 63.19 48.39
N PHE D 182 1.46 64.39 47.86
CA PHE D 182 1.07 64.73 46.49
C PHE D 182 2.17 65.54 45.81
N SER D 183 2.38 65.27 44.52
CA SER D 183 3.50 65.85 43.79
C SER D 183 3.35 67.35 43.64
N PHE D 184 4.36 68.11 44.02
CA PHE D 184 4.39 69.53 43.71
C PHE D 184 5.30 69.73 42.49
N ASN D 185 4.92 70.63 41.61
CA ASN D 185 5.71 70.89 40.41
C ASN D 185 6.45 72.23 40.49
N SER D 186 7.74 72.17 40.77
CA SER D 186 8.55 73.37 40.94
C SER D 186 8.47 74.30 39.73
N GLY D 187 9.03 73.84 38.61
CA GLY D 187 9.01 74.62 37.39
C GLY D 187 10.36 74.67 36.70
N ARG D 188 11.39 74.12 37.38
CA ARG D 188 12.73 74.09 36.82
C ARG D 188 12.91 72.95 35.82
N LYS D 189 13.91 73.06 34.97
CA LYS D 189 14.26 71.99 34.04
C LYS D 189 15.34 71.10 34.66
N VAL D 190 15.34 69.82 34.31
CA VAL D 190 16.31 68.89 34.88
C VAL D 190 17.45 68.56 33.92
N VAL D 191 17.21 68.73 32.62
CA VAL D 191 18.21 68.40 31.61
C VAL D 191 18.74 66.98 31.81
N ASN D 192 17.95 65.99 31.38
CA ASN D 192 18.35 64.60 31.48
C ASN D 192 18.12 63.83 30.18
N PRO D 193 19.21 63.51 29.46
CA PRO D 193 19.16 62.74 28.20
C PRO D 193 18.61 61.32 28.41
N ASP D 194 18.45 60.91 29.65
CA ASP D 194 17.82 59.63 29.97
C ASP D 194 16.39 59.61 29.44
N THR D 195 15.65 60.66 29.77
CA THR D 195 14.28 60.83 29.32
C THR D 195 14.13 62.09 28.46
N GLY D 196 15.00 62.22 27.46
CA GLY D 196 14.92 63.31 26.51
C GLY D 196 15.87 64.47 26.76
N LEU D 197 15.30 65.63 27.08
CA LEU D 197 16.09 66.83 27.32
C LEU D 197 15.54 67.65 28.49
N GLU D 198 14.33 67.33 28.93
CA GLU D 198 13.71 68.06 30.03
C GLU D 198 12.58 67.33 30.76
N GLU D 199 12.82 67.00 32.02
CA GLU D 199 11.74 66.67 32.95
C GLU D 199 11.54 67.89 33.87
N ASP D 200 10.37 67.97 34.49
CA ASP D 200 9.94 69.23 35.09
C ASP D 200 9.94 68.70 36.53
N VAL D 201 11.04 68.88 37.26
CA VAL D 201 11.16 68.40 38.64
C VAL D 201 9.97 68.54 39.60
N LEU D 202 9.49 67.40 40.09
CA LEU D 202 8.32 67.40 40.97
C LEU D 202 8.50 66.52 42.21
N TYR D 203 8.63 67.18 43.36
CA TYR D 203 8.88 66.50 44.62
C TYR D 203 7.66 66.44 45.55
N ASP D 204 7.47 65.28 46.18
CA ASP D 204 6.33 65.08 47.07
C ASP D 204 6.22 66.13 48.18
N VAL D 205 5.07 66.16 48.82
CA VAL D 205 4.73 67.19 49.79
C VAL D 205 3.44 66.77 50.47
N ARG D 206 3.27 67.11 51.75
CA ARG D 206 2.03 66.76 52.46
C ARG D 206 1.54 67.96 53.29
N ILE D 207 0.38 67.84 53.92
CA ILE D 207 -0.09 68.91 54.81
C ILE D 207 -0.44 68.42 56.21
N VAL D 208 0.40 68.82 57.18
CA VAL D 208 0.36 68.36 58.55
C VAL D 208 -0.13 69.47 59.46
N SER D 209 -0.45 69.12 60.71
CA SER D 209 -0.83 70.10 61.71
C SER D 209 0.20 70.12 62.84
N THR D 210 0.31 71.26 63.52
CA THR D 210 1.25 71.39 64.63
C THR D 210 0.50 71.42 65.96
N ASP D 211 1.26 71.64 67.03
CA ASP D 211 0.77 71.52 68.41
C ASP D 211 -0.15 72.64 68.86
N ARG D 212 -1.16 72.28 69.65
CA ARG D 212 -2.06 73.25 70.25
C ARG D 212 -1.27 74.39 70.90
N ASP D 213 -1.77 75.62 70.74
CA ASP D 213 -1.19 76.76 71.42
C ASP D 213 -1.67 76.86 72.87
N SER D 214 -1.32 78.00 73.47
CA SER D 214 -1.96 78.50 74.67
C SER D 214 -3.21 78.96 73.96
N LYS D 215 -4.36 78.62 74.54
CA LYS D 215 -5.62 78.50 73.81
C LYS D 215 -6.27 77.53 72.81
N GLY D 216 -5.64 76.38 72.58
CA GLY D 216 -6.26 75.31 71.83
C GLY D 216 -6.09 75.29 70.32
N ILE D 217 -5.31 76.21 69.77
CA ILE D 217 -5.17 76.31 68.32
C ILE D 217 -3.82 75.84 67.78
N GLY D 218 -3.86 75.13 66.66
CA GLY D 218 -2.65 74.73 65.96
C GLY D 218 -2.57 75.45 64.63
N LYS D 219 -1.52 75.16 63.87
CA LYS D 219 -1.34 75.75 62.55
C LYS D 219 -1.30 74.65 61.49
N VAL D 220 -2.06 74.80 60.41
CA VAL D 220 -2.02 73.80 59.33
C VAL D 220 -0.93 74.14 58.33
N ILE D 221 0.21 73.45 58.42
CA ILE D 221 1.34 73.80 57.56
C ILE D 221 1.56 72.76 56.46
N ILE D 222 2.26 73.15 55.39
CA ILE D 222 2.39 72.28 54.21
C ILE D 222 3.84 71.93 53.83
N GLY D 223 4.07 70.63 53.64
CA GLY D 223 5.35 70.00 53.36
C GLY D 223 6.49 70.76 52.67
N PRO D 224 7.68 70.14 52.67
CA PRO D 224 9.03 70.63 52.31
C PRO D 224 9.23 71.23 50.90
N PHE D 225 9.93 72.36 50.86
CA PHE D 225 10.25 73.04 49.60
C PHE D 225 11.73 73.41 49.50
N ALA D 226 12.15 73.91 48.33
CA ALA D 226 13.55 74.28 48.11
C ALA D 226 13.80 75.78 47.97
N SER D 227 13.48 76.53 49.02
CA SER D 227 13.69 77.98 49.07
C SER D 227 13.13 78.69 47.84
N GLY D 228 13.87 78.63 46.75
CA GLY D 228 13.52 79.33 45.52
C GLY D 228 12.09 79.24 45.04
N ASP D 229 11.59 78.02 44.81
CA ASP D 229 10.31 77.83 44.15
C ASP D 229 9.06 78.18 44.98
N VAL D 230 9.26 78.75 46.16
CA VAL D 230 8.19 79.43 46.88
C VAL D 230 8.62 80.86 47.21
N THR D 231 7.88 81.85 46.72
CA THR D 231 8.29 83.24 46.91
C THR D 231 7.87 83.80 48.26
N GLU D 232 8.84 84.31 48.98
CA GLU D 232 8.63 84.83 50.30
C GLU D 232 8.89 86.30 50.34
N ASN D 233 7.97 87.00 50.98
CA ASN D 233 8.06 88.41 51.14
C ASN D 233 7.78 88.48 52.61
N GLU D 234 8.11 89.57 53.26
CA GLU D 234 7.88 89.60 54.69
C GLU D 234 6.40 89.36 54.88
N ASN D 235 6.11 88.37 55.72
CA ASN D 235 4.75 88.00 55.98
C ASN D 235 4.76 86.49 55.73
N ILE D 236 4.83 86.15 54.45
CA ILE D 236 4.87 84.78 54.01
C ILE D 236 6.29 84.30 54.07
N GLN D 237 6.71 83.77 55.21
CA GLN D 237 8.07 83.27 55.33
C GLN D 237 8.09 81.90 56.01
N PRO D 238 9.13 81.10 55.78
CA PRO D 238 9.18 79.72 56.26
C PRO D 238 8.70 79.62 57.69
N TYR D 239 7.90 78.59 57.98
CA TYR D 239 7.47 78.31 59.35
C TYR D 239 8.62 77.70 60.13
N THR D 240 8.69 78.04 61.40
CA THR D 240 9.74 77.53 62.27
C THR D 240 9.12 77.15 63.60
N GLY D 241 9.18 75.87 63.95
CA GLY D 241 8.57 75.43 65.18
C GLY D 241 9.00 74.04 65.62
N ASN D 242 9.25 73.16 64.65
CA ASN D 242 9.53 71.77 64.95
C ASN D 242 8.46 71.14 65.86
N ASP D 243 7.29 71.77 65.91
CA ASP D 243 6.16 71.22 66.68
C ASP D 243 5.18 70.47 65.76
N PHE D 244 5.72 69.79 64.76
CA PHE D 244 4.94 69.00 63.84
C PHE D 244 5.79 67.85 63.33
N ASN D 245 5.25 67.05 62.42
CA ASN D 245 5.99 65.91 61.87
C ASN D 245 6.56 66.20 60.49
N LYS D 246 7.88 66.21 60.39
CA LYS D 246 8.56 66.42 59.12
C LYS D 246 8.58 65.08 58.38
N LEU D 247 8.94 65.08 57.09
CA LEU D 247 8.91 63.80 56.37
C LEU D 247 10.24 63.29 55.80
N ALA D 248 10.28 61.99 55.50
CA ALA D 248 11.46 61.35 54.90
C ALA D 248 11.93 62.08 53.66
N ASN D 249 13.23 62.39 53.62
CA ASN D 249 13.82 63.01 52.44
C ASN D 249 15.01 62.26 51.90
N SER D 250 15.42 62.68 50.70
CA SER D 250 16.67 62.28 50.10
C SER D 250 17.23 63.57 49.53
N ASP D 251 16.39 64.61 49.55
CA ASP D 251 16.72 65.91 48.99
C ASP D 251 17.00 66.91 50.11
N GLY D 252 17.66 68.01 49.73
CA GLY D 252 17.85 69.12 50.66
C GLY D 252 16.59 69.96 50.72
N ARG D 253 15.60 69.47 51.45
CA ARG D 253 14.30 70.14 51.54
C ARG D 253 13.78 70.22 53.00
N ASP D 254 13.68 71.43 53.53
CA ASP D 254 13.26 71.57 54.93
C ASP D 254 12.49 72.87 55.19
N LYS D 255 11.85 73.38 54.15
CA LYS D 255 11.15 74.65 54.26
C LYS D 255 9.64 74.45 54.16
N TYR D 256 8.98 74.32 55.32
CA TYR D 256 7.53 74.15 55.36
C TYR D 256 6.88 75.50 55.54
N TYR D 257 5.65 75.67 55.05
CA TYR D 257 4.97 76.96 55.10
C TYR D 257 3.60 76.86 55.77
N VAL D 258 3.03 77.99 56.18
CA VAL D 258 1.78 77.99 56.94
C VAL D 258 0.57 78.50 56.14
N ILE D 259 -0.45 77.65 56.05
CA ILE D 259 -1.78 78.02 55.57
C ILE D 259 -2.74 77.70 56.71
N GLY D 260 -4.03 77.95 56.51
CA GLY D 260 -5.04 77.73 57.54
C GLY D 260 -4.67 77.45 59.01
N GLU D 261 -5.52 76.68 59.69
CA GLU D 261 -5.26 76.32 61.08
C GLU D 261 -6.29 75.36 61.69
N ILE D 262 -5.84 74.55 62.64
CA ILE D 262 -6.68 73.56 63.30
C ILE D 262 -7.18 74.16 64.59
N ASN D 263 -8.49 74.16 64.80
CA ASN D 263 -9.00 74.46 66.13
C ASN D 263 -9.27 73.14 66.82
N TYR D 264 -8.28 72.66 67.56
CA TYR D 264 -8.35 71.33 68.13
C TYR D 264 -9.65 71.03 68.89
N PRO D 265 -10.02 71.90 69.86
CA PRO D 265 -11.21 71.66 70.69
C PRO D 265 -12.54 71.79 69.94
N ALA D 266 -12.63 72.69 68.98
CA ALA D 266 -13.84 72.84 68.17
C ALA D 266 -13.78 72.00 66.89
N ASP D 267 -12.82 71.08 66.86
CA ASP D 267 -12.35 70.45 65.63
C ASP D 267 -12.88 71.10 64.36
N VAL D 268 -12.23 72.19 63.97
CA VAL D 268 -12.42 72.73 62.62
C VAL D 268 -11.05 72.88 62.00
N ILE D 269 -11.01 72.60 60.71
CA ILE D 269 -9.77 72.62 59.98
C ILE D 269 -10.00 73.44 58.72
N TYR D 270 -9.36 74.59 58.64
CA TYR D 270 -9.40 75.38 57.41
C TYR D 270 -7.98 75.53 56.93
N TRP D 271 -7.79 75.43 55.62
CA TRP D 271 -6.54 75.83 55.01
C TRP D 271 -6.84 76.29 53.60
N ASN D 272 -5.93 77.07 53.05
CA ASN D 272 -6.07 77.50 51.67
C ASN D 272 -4.70 77.74 51.08
N ILE D 273 -4.24 76.82 50.23
CA ILE D 273 -2.92 76.92 49.62
C ILE D 273 -2.68 78.32 49.08
N ALA D 274 -3.76 78.99 48.66
CA ALA D 274 -3.64 80.31 48.07
C ALA D 274 -2.80 81.24 48.95
N LYS D 275 -2.90 81.05 50.26
CA LYS D 275 -2.18 81.87 51.22
C LYS D 275 -0.67 81.89 50.97
N ILE D 276 -0.21 81.23 49.90
CA ILE D 276 1.21 81.27 49.54
C ILE D 276 1.52 81.44 48.03
N ASN D 277 0.56 81.91 47.25
CA ASN D 277 0.79 82.12 45.82
C ASN D 277 1.17 80.84 45.09
N LEU D 278 0.32 79.83 45.18
CA LEU D 278 0.53 78.59 44.46
C LEU D 278 -0.78 78.07 43.87
N THR D 279 -0.96 78.30 42.57
CA THR D 279 -2.20 77.89 41.91
C THR D 279 -2.37 76.39 41.90
N SER D 280 -3.62 75.94 41.89
CA SER D 280 -3.91 74.51 41.78
C SER D 280 -3.04 73.86 40.70
N GLU D 281 -2.90 74.56 39.57
CA GLU D 281 -2.08 74.13 38.44
C GLU D 281 -0.78 73.47 38.90
N LYS D 282 -0.21 73.99 39.97
CA LYS D 282 1.13 73.63 40.40
C LYS D 282 1.24 72.22 40.99
N PHE D 283 0.11 71.63 41.40
CA PHE D 283 0.12 70.31 42.02
C PHE D 283 -0.57 69.27 41.15
N GLU D 284 0.08 68.15 40.91
CA GLU D 284 -0.55 67.09 40.15
C GLU D 284 -1.39 66.14 41.01
N VAL D 285 -2.46 66.66 41.62
CA VAL D 285 -3.56 65.85 42.17
C VAL D 285 -4.78 66.73 42.21
N GLN D 286 -5.89 66.18 42.66
CA GLN D 286 -7.09 66.98 42.83
C GLN D 286 -7.81 66.54 44.08
N THR D 287 -7.41 65.39 44.59
CA THR D 287 -8.06 64.80 45.75
C THR D 287 -6.98 64.30 46.70
N ILE D 288 -7.26 64.36 48.00
CA ILE D 288 -6.33 63.81 48.99
C ILE D 288 -7.07 63.13 50.14
N GLU D 289 -6.31 62.64 51.11
CA GLU D 289 -6.86 61.96 52.28
C GLU D 289 -6.19 62.46 53.54
N LEU D 290 -7.01 62.83 54.51
CA LEU D 290 -6.54 63.42 55.74
C LEU D 290 -6.67 62.39 56.84
N TYR D 291 -5.59 62.13 57.55
CA TYR D 291 -5.61 61.17 58.65
C TYR D 291 -5.46 61.91 59.96
N SER D 292 -5.59 61.17 61.06
CA SER D 292 -5.42 61.77 62.38
C SER D 292 -5.85 60.77 63.44
N ASP D 293 -5.12 60.75 64.54
CA ASP D 293 -5.38 59.85 65.64
C ASP D 293 -6.52 60.37 66.48
N PRO D 294 -7.55 59.56 66.73
CA PRO D 294 -8.59 59.94 67.68
C PRO D 294 -8.00 60.14 69.09
N THR D 295 -8.76 60.82 69.94
CA THR D 295 -8.41 60.90 71.34
C THR D 295 -8.91 59.64 71.96
N ASP D 296 -10.11 59.25 71.57
CA ASP D 296 -10.76 58.11 72.19
C ASP D 296 -10.81 56.85 71.31
N ASP D 297 -11.39 55.81 71.87
CA ASP D 297 -11.59 54.56 71.15
C ASP D 297 -13.07 54.39 70.88
N VAL D 298 -13.82 55.50 71.02
CA VAL D 298 -15.21 55.54 70.60
C VAL D 298 -15.42 56.77 69.72
N ILE D 299 -15.72 56.55 68.44
CA ILE D 299 -15.79 57.69 67.52
C ILE D 299 -17.18 57.92 66.92
N PHE D 300 -17.50 59.18 66.61
CA PHE D 300 -18.87 59.62 66.39
C PHE D 300 -19.16 60.24 65.03
N THR D 301 -20.42 60.15 64.64
CA THR D 301 -20.91 60.82 63.45
C THR D 301 -21.94 61.86 63.83
N ARG D 302 -22.23 62.75 62.87
CA ARG D 302 -23.06 63.91 63.13
C ARG D 302 -23.54 64.13 61.71
N ASP D 303 -23.92 65.36 61.40
CA ASP D 303 -24.78 65.78 60.29
C ASP D 303 -24.29 65.26 58.95
N GLY D 304 -24.91 64.22 58.44
CA GLY D 304 -24.58 63.71 57.12
C GLY D 304 -23.25 62.96 57.01
N SER D 305 -22.58 62.81 58.15
CA SER D 305 -21.38 62.00 58.22
C SER D 305 -21.78 60.57 58.53
N LEU D 306 -21.07 59.63 57.93
CA LEU D 306 -21.34 58.21 58.12
C LEU D 306 -20.01 57.48 58.19
N ILE D 307 -19.88 56.59 59.17
CA ILE D 307 -18.70 55.75 59.36
C ILE D 307 -18.93 54.40 58.68
N VAL D 308 -17.94 53.90 57.96
CA VAL D 308 -18.17 52.74 57.10
C VAL D 308 -16.94 51.87 56.77
N PHE D 309 -17.17 50.57 56.74
CA PHE D 309 -16.14 49.58 56.42
C PHE D 309 -16.44 49.01 55.05
N GLU D 310 -15.70 49.45 54.05
CA GLU D 310 -15.95 48.92 52.73
C GLU D 310 -14.70 48.28 52.19
N ASN D 311 -14.38 47.11 52.73
CA ASN D 311 -13.01 46.65 52.66
C ASN D 311 -12.43 46.06 51.41
N ASP D 312 -13.26 45.42 50.60
CA ASP D 312 -12.89 45.07 49.23
C ASP D 312 -12.77 46.23 48.27
N LEU D 313 -12.91 47.45 48.80
CA LEU D 313 -12.88 48.65 47.99
C LEU D 313 -12.07 49.75 48.67
N ARG D 314 -11.86 49.60 49.97
CA ARG D 314 -10.90 50.42 50.69
C ARG D 314 -9.99 49.56 51.57
N PRO D 315 -9.18 48.72 50.94
CA PRO D 315 -8.52 47.62 51.63
C PRO D 315 -7.33 48.18 52.36
N GLN D 316 -6.94 49.36 51.91
CA GLN D 316 -5.84 50.13 52.46
C GLN D 316 -6.07 50.57 53.90
N TYR D 317 -7.31 50.42 54.39
CA TYR D 317 -7.66 50.93 55.72
C TYR D 317 -7.81 49.82 56.73
N LEU D 318 -7.35 48.63 56.36
CA LEU D 318 -7.26 47.51 57.28
C LEU D 318 -5.94 46.80 57.03
N THR D 319 -5.25 46.47 58.10
CA THR D 319 -4.13 45.56 58.02
C THR D 319 -4.28 44.59 59.17
N ILE D 320 -4.04 43.31 58.91
CA ILE D 320 -4.13 42.28 59.93
C ILE D 320 -2.77 41.65 60.17
N ASP D 321 -2.30 41.65 61.43
CA ASP D 321 -1.14 40.86 61.82
C ASP D 321 -1.64 39.73 62.68
N LEU D 322 -1.36 38.50 62.28
CA LEU D 322 -1.67 37.36 63.16
C LEU D 322 -0.45 36.95 63.97
N GLU D 323 -0.72 36.27 65.07
CA GLU D 323 0.35 35.75 65.88
C GLU D 323 -0.06 34.36 66.32
N PRO D 324 0.58 33.35 65.73
CA PRO D 324 0.27 31.98 66.10
C PRO D 324 0.97 31.55 67.38
N ILE D 325 0.20 30.96 68.29
CA ILE D 325 0.74 30.52 69.54
C ILE D 325 0.61 29.04 69.79
N SER D 326 1.55 28.48 70.53
CA SER D 326 1.54 27.08 70.90
C SER D 326 1.72 26.88 72.40
N GLN D 327 2.98 26.86 72.87
CA GLN D 327 3.31 26.74 74.30
C GLN D 327 4.81 26.59 74.57
N LEU D 328 5.61 27.65 74.69
CA LEU D 328 5.19 29.04 74.48
C LEU D 328 6.22 30.18 74.83
N GLU D 329 7.33 29.91 75.49
CA GLU D 329 8.30 30.97 75.77
C GLU D 329 8.31 32.10 74.72
N HIS D 330 7.22 32.46 74.04
CA HIS D 330 7.47 33.66 73.26
C HIS D 330 6.34 34.03 72.27
N HIS D 331 5.86 35.27 72.34
CA HIS D 331 5.01 35.88 71.31
C HIS D 331 5.37 37.37 71.10
N HIS D 332 6.69 37.61 71.00
CA HIS D 332 7.29 38.92 70.75
C HIS D 332 8.02 39.47 71.98
N VAL E 7 -48.06 66.92 44.12
CA VAL E 7 -47.09 67.59 43.27
C VAL E 7 -47.16 67.02 41.87
N THR E 8 -46.09 67.18 41.10
CA THR E 8 -46.13 66.64 39.77
C THR E 8 -47.20 67.38 39.01
N ALA E 9 -46.82 67.94 37.88
CA ALA E 9 -47.73 68.70 37.07
C ALA E 9 -48.87 67.84 36.64
N THR E 10 -48.57 66.60 36.34
CA THR E 10 -49.62 65.73 35.89
C THR E 10 -50.65 65.61 36.98
N ASP E 11 -50.20 65.46 38.22
CA ASP E 11 -51.15 65.34 39.30
C ASP E 11 -51.98 66.60 39.35
N TYR E 12 -51.33 67.75 39.20
CA TYR E 12 -52.07 68.99 39.21
C TYR E 12 -53.00 69.12 38.04
N ASP E 13 -52.62 68.64 36.87
CA ASP E 13 -53.49 68.87 35.74
C ASP E 13 -54.81 68.25 36.07
N THR E 14 -54.77 67.06 36.63
CA THR E 14 -55.99 66.41 37.00
C THR E 14 -56.68 67.32 37.97
N PHE E 15 -56.06 67.49 39.13
CA PHE E 15 -56.66 68.28 40.17
C PHE E 15 -57.67 69.31 39.69
N VAL E 16 -57.39 69.90 38.53
CA VAL E 16 -58.19 70.96 37.94
C VAL E 16 -59.17 70.39 36.91
N SER E 17 -58.79 69.29 36.28
CA SER E 17 -59.71 68.60 35.39
C SER E 17 -60.81 67.95 36.22
N GLU E 18 -60.89 68.38 37.47
CA GLU E 18 -61.91 67.89 38.40
C GLU E 18 -62.62 69.04 39.09
N ARG E 19 -61.92 69.72 39.98
CA ARG E 19 -62.47 70.87 40.70
C ARG E 19 -63.07 71.95 39.79
N PHE E 20 -62.72 71.89 38.50
CA PHE E 20 -63.22 72.85 37.53
C PHE E 20 -63.77 72.13 36.31
N GLY E 21 -63.25 70.93 36.05
CA GLY E 21 -63.70 70.14 34.91
C GLY E 21 -65.14 70.45 34.55
N SER E 22 -65.40 71.71 34.26
CA SER E 22 -66.74 72.15 33.92
C SER E 22 -66.65 73.18 32.83
N ILE E 23 -65.86 74.22 33.07
CA ILE E 23 -65.70 75.29 32.11
C ILE E 23 -64.28 75.34 31.63
N ILE E 24 -63.62 74.19 31.66
CA ILE E 24 -62.23 74.05 31.26
C ILE E 24 -62.04 72.83 30.35
N GLN E 25 -61.36 73.03 29.22
CA GLN E 25 -61.17 71.94 28.25
C GLN E 25 -59.85 71.19 28.41
N ALA E 26 -58.78 71.92 28.71
CA ALA E 26 -57.46 71.30 28.80
C ALA E 26 -56.55 71.95 29.84
N VAL E 27 -55.55 71.19 30.31
CA VAL E 27 -54.57 71.71 31.27
C VAL E 27 -53.12 71.29 30.93
N GLN E 28 -52.22 72.26 30.94
CA GLN E 28 -50.78 72.01 30.82
C GLN E 28 -50.06 72.56 32.02
N THR E 29 -49.68 71.70 32.96
CA THR E 29 -48.86 72.14 34.08
C THR E 29 -47.37 71.98 33.80
N PHE E 30 -46.76 73.09 33.43
CA PHE E 30 -45.35 73.12 33.15
C PHE E 30 -44.68 74.05 34.14
N THR E 31 -43.37 73.93 34.29
CA THR E 31 -42.63 74.83 35.15
C THR E 31 -41.55 75.49 34.31
N ASP E 32 -41.37 76.80 34.47
CA ASP E 32 -40.38 77.52 33.69
C ASP E 32 -39.03 77.55 34.40
N SER E 33 -37.98 77.16 33.68
CA SER E 33 -36.63 77.10 34.25
C SER E 33 -36.03 78.47 34.55
N THR E 34 -36.65 79.52 34.02
CA THR E 34 -36.25 80.90 34.30
C THR E 34 -36.95 81.44 35.55
N LYS E 35 -38.11 80.86 35.86
CA LYS E 35 -38.96 81.33 36.95
C LYS E 35 -39.23 80.25 37.99
N PRO E 36 -38.25 80.01 38.89
CA PRO E 36 -38.26 79.01 39.97
C PRO E 36 -39.44 79.17 40.92
N GLY E 37 -39.73 78.15 41.72
CA GLY E 37 -40.81 78.23 42.70
C GLY E 37 -42.18 78.58 42.15
N TYR E 38 -42.28 78.80 40.84
CA TYR E 38 -43.56 79.09 40.21
C TYR E 38 -44.03 77.94 39.34
N ALA E 39 -45.23 77.44 39.62
CA ALA E 39 -45.80 76.36 38.85
C ALA E 39 -46.89 76.92 37.96
N PHE E 40 -46.66 76.89 36.65
CA PHE E 40 -47.58 77.52 35.70
C PHE E 40 -48.65 76.58 35.19
N ILE E 41 -49.86 77.09 35.11
CA ILE E 41 -51.01 76.27 34.71
C ILE E 41 -51.75 76.87 33.51
N ALA E 42 -51.45 76.33 32.33
CA ALA E 42 -52.16 76.72 31.14
C ALA E 42 -53.55 76.12 31.18
N ALA E 43 -54.54 76.88 30.72
CA ALA E 43 -55.94 76.46 30.80
C ALA E 43 -56.75 76.95 29.61
N LYS E 44 -57.22 76.02 28.77
CA LYS E 44 -58.12 76.40 27.68
C LYS E 44 -59.56 76.41 28.18
N PRO E 45 -60.28 77.52 27.92
CA PRO E 45 -61.66 77.76 28.36
C PRO E 45 -62.67 76.77 27.82
N LYS E 46 -62.27 75.90 26.89
CA LYS E 46 -63.19 74.95 26.28
C LYS E 46 -64.22 75.57 25.34
N SER E 47 -64.28 76.89 25.33
CA SER E 47 -65.25 77.62 24.53
C SER E 47 -64.51 78.75 23.82
N GLY E 48 -64.13 79.76 24.59
CA GLY E 48 -63.47 80.93 24.04
C GLY E 48 -61.96 80.81 24.04
N LEU E 49 -61.28 81.92 24.33
CA LEU E 49 -59.82 81.94 24.34
C LEU E 49 -59.27 82.12 25.74
N TYR E 50 -59.57 83.26 26.35
CA TYR E 50 -58.98 83.62 27.63
C TYR E 50 -59.88 83.31 28.81
N LEU E 51 -59.31 82.67 29.82
CA LEU E 51 -60.03 82.46 31.08
C LEU E 51 -60.02 83.77 31.84
N THR E 52 -61.21 84.20 32.25
CA THR E 52 -61.38 85.53 32.83
C THR E 52 -60.48 86.54 32.11
N THR E 53 -60.85 86.87 30.88
CA THR E 53 -60.19 87.96 30.17
C THR E 53 -60.52 89.25 30.93
N VAL E 54 -61.46 88.99 31.82
CA VAL E 54 -62.03 89.85 32.81
C VAL E 54 -60.95 89.79 33.85
N GLN E 55 -59.87 89.11 33.52
CA GLN E 55 -58.74 89.04 34.41
C GLN E 55 -58.85 88.37 35.77
N ARG E 56 -59.17 87.09 35.77
CA ARG E 56 -59.14 86.28 36.96
C ARG E 56 -60.47 85.77 37.28
N GLU E 57 -61.37 86.71 37.46
CA GLU E 57 -62.73 86.26 37.79
C GLU E 57 -62.57 84.76 37.90
N ASP E 58 -61.71 84.22 37.03
CA ASP E 58 -61.47 82.80 36.98
C ASP E 58 -60.05 82.47 37.43
N ILE E 59 -59.06 83.06 36.77
CA ILE E 59 -57.64 82.75 37.06
C ILE E 59 -57.25 83.11 38.50
N LYS E 60 -58.24 83.50 39.29
CA LYS E 60 -58.04 83.78 40.71
C LYS E 60 -58.71 82.69 41.55
N ASN E 61 -59.82 82.17 41.05
CA ASN E 61 -60.49 81.04 41.69
C ASN E 61 -59.61 79.81 41.79
N TYR E 62 -58.82 79.56 40.75
CA TYR E 62 -57.92 78.41 40.74
C TYR E 62 -56.75 78.69 41.66
N LEU E 63 -56.28 79.93 41.66
CA LEU E 63 -55.31 80.35 42.67
C LEU E 63 -55.82 79.82 44.01
N LYS E 64 -57.10 80.06 44.29
CA LYS E 64 -57.74 79.63 45.54
C LYS E 64 -57.95 78.11 45.60
N ASP E 65 -56.88 77.37 45.34
CA ASP E 65 -56.86 75.92 45.55
C ASP E 65 -55.49 75.55 46.09
N TYR E 66 -55.44 75.21 47.37
CA TYR E 66 -54.16 74.99 48.02
C TYR E 66 -54.04 73.73 48.87
N ASN E 67 -52.94 73.02 48.65
CA ASN E 67 -52.62 71.80 49.37
C ASN E 67 -51.27 71.92 50.08
N LEU E 68 -50.19 71.65 49.36
CA LEU E 68 -48.86 71.67 49.92
C LEU E 68 -47.80 72.27 49.02
N ALA E 69 -46.65 72.52 49.59
CA ALA E 69 -45.49 73.00 48.86
C ALA E 69 -45.17 74.45 49.06
N PRO E 70 -43.90 74.76 48.87
CA PRO E 70 -43.37 76.11 48.99
C PRO E 70 -43.42 76.79 47.66
N ILE E 71 -43.87 76.09 46.64
CA ILE E 71 -43.99 76.68 45.33
C ILE E 71 -45.38 77.18 45.17
N THR E 72 -45.56 78.18 44.33
CA THR E 72 -46.86 78.84 44.14
C THR E 72 -47.46 78.73 42.73
N PRO E 73 -48.76 78.46 42.63
CA PRO E 73 -49.42 78.38 41.33
C PRO E 73 -49.48 79.75 40.64
N SER E 74 -49.51 79.74 39.31
CA SER E 74 -49.66 80.96 38.52
C SER E 74 -50.57 80.68 37.32
N ILE E 75 -51.87 80.57 37.60
CA ILE E 75 -52.84 80.17 36.59
C ILE E 75 -52.92 81.15 35.43
N ILE E 76 -52.34 80.77 34.29
CA ILE E 76 -52.30 81.63 33.11
C ILE E 76 -53.18 81.08 31.99
N SER E 77 -53.43 81.92 30.99
CA SER E 77 -54.07 81.47 29.77
C SER E 77 -53.00 81.02 28.81
N PRO E 78 -53.30 80.02 27.98
CA PRO E 78 -52.30 79.34 27.14
C PRO E 78 -51.60 80.28 26.18
N ASN E 79 -50.31 80.06 25.96
CA ASN E 79 -49.54 80.85 25.01
C ASN E 79 -49.92 80.38 23.60
N TYR E 80 -50.78 81.14 22.93
CA TYR E 80 -51.38 80.68 21.69
C TYR E 80 -50.50 80.90 20.50
N LEU E 81 -50.41 79.88 19.65
CA LEU E 81 -49.78 80.00 18.36
C LEU E 81 -50.92 80.16 17.37
N PHE E 82 -50.86 81.20 16.54
CA PHE E 82 -51.89 81.34 15.51
C PHE E 82 -51.32 81.05 14.12
N ILE E 83 -52.21 80.64 13.21
CA ILE E 83 -51.79 80.35 11.85
C ILE E 83 -52.43 81.31 10.84
N LYS E 84 -51.72 82.36 10.47
CA LYS E 84 -52.23 83.27 9.47
C LYS E 84 -52.25 82.56 8.12
N THR E 85 -53.41 82.01 7.76
CA THR E 85 -53.54 81.22 6.54
C THR E 85 -54.05 82.06 5.38
N ASN E 86 -53.32 82.05 4.25
CA ASN E 86 -53.84 82.66 3.04
C ASN E 86 -54.34 81.59 2.08
N LEU E 87 -55.53 81.06 2.35
CA LEU E 87 -56.10 79.96 1.57
C LEU E 87 -56.45 80.43 0.17
N LYS E 88 -56.32 79.52 -0.80
CA LYS E 88 -56.68 79.79 -2.20
C LYS E 88 -57.26 78.53 -2.81
N VAL E 89 -58.43 78.13 -2.33
CA VAL E 89 -59.20 77.01 -2.89
C VAL E 89 -59.71 77.29 -4.31
N THR E 90 -59.77 76.24 -5.16
CA THR E 90 -60.37 76.39 -6.49
C THR E 90 -61.37 75.26 -6.79
N TYR E 91 -62.50 75.59 -7.40
CA TYR E 91 -63.57 74.62 -7.64
C TYR E 91 -64.10 74.67 -9.07
N ALA E 92 -64.98 73.74 -9.39
CA ALA E 92 -65.56 73.66 -10.72
C ALA E 92 -66.88 74.40 -10.74
N LEU E 93 -66.99 75.38 -11.64
CA LEU E 93 -68.19 76.21 -11.73
C LEU E 93 -69.47 75.41 -11.65
N ASN E 94 -69.53 74.33 -12.42
CA ASN E 94 -70.72 73.53 -12.56
C ASN E 94 -71.02 72.62 -11.38
N LYS E 95 -69.98 72.00 -10.83
CA LYS E 95 -70.16 71.06 -9.73
C LYS E 95 -70.79 71.73 -8.51
N LEU E 96 -70.77 73.06 -8.51
CA LEU E 96 -71.26 73.86 -7.39
C LEU E 96 -72.72 74.27 -7.53
N GLN E 97 -73.51 73.95 -6.50
CA GLN E 97 -74.93 74.32 -6.47
C GLN E 97 -75.33 75.52 -5.61
N GLU E 98 -74.63 75.74 -4.49
CA GLU E 98 -74.94 76.88 -3.64
C GLU E 98 -73.84 77.90 -3.94
N SER E 99 -73.95 79.09 -3.37
CA SER E 99 -72.96 80.13 -3.59
C SER E 99 -71.53 79.99 -3.05
N GLU E 100 -70.65 80.88 -3.49
CA GLU E 100 -69.31 80.98 -2.92
C GLU E 100 -69.42 81.23 -1.41
N GLN E 101 -70.40 82.05 -1.03
CA GLN E 101 -70.67 82.38 0.38
C GLN E 101 -71.00 81.13 1.19
N TRP E 102 -71.85 80.27 0.64
CA TRP E 102 -72.23 79.07 1.35
C TRP E 102 -71.08 78.09 1.38
N LEU E 103 -70.27 78.13 0.32
CA LEU E 103 -69.10 77.28 0.19
C LEU E 103 -68.02 77.62 1.22
N GLU E 104 -67.70 78.91 1.36
CA GLU E 104 -66.74 79.32 2.37
C GLU E 104 -67.21 78.79 3.72
N GLY E 105 -68.46 79.06 4.06
CA GLY E 105 -69.03 78.56 5.30
C GLY E 105 -69.04 77.06 5.38
N GLN E 106 -68.45 76.41 4.37
CA GLN E 106 -68.41 74.96 4.30
C GLN E 106 -67.00 74.45 4.47
N ILE E 107 -66.03 75.18 3.93
CA ILE E 107 -64.63 74.84 4.10
C ILE E 107 -64.18 75.19 5.51
N ILE E 108 -64.54 76.38 6.00
CA ILE E 108 -64.14 76.75 7.35
C ILE E 108 -64.82 75.87 8.39
N ASP E 109 -65.91 75.22 8.01
CA ASP E 109 -66.51 74.20 8.86
C ASP E 109 -65.58 72.99 8.99
N LYS E 110 -64.78 72.76 7.95
CA LYS E 110 -63.81 71.66 7.93
C LYS E 110 -62.49 72.08 8.59
N ILE E 111 -61.91 73.17 8.09
CA ILE E 111 -60.74 73.73 8.73
C ILE E 111 -60.94 73.74 10.24
N ASP E 112 -62.17 73.93 10.70
CA ASP E 112 -62.40 73.83 12.14
C ASP E 112 -62.37 72.38 12.64
N ARG E 113 -63.04 71.49 11.90
CA ARG E 113 -63.12 70.08 12.26
C ARG E 113 -61.72 69.50 12.44
N TYR E 114 -60.80 69.86 11.55
CA TYR E 114 -59.42 69.39 11.67
C TYR E 114 -58.81 69.89 12.98
N TYR E 115 -58.59 71.20 13.06
CA TYR E 115 -58.08 71.83 14.26
C TYR E 115 -58.59 71.18 15.55
N THR E 116 -59.90 71.28 15.79
CA THR E 116 -60.49 70.88 17.06
C THR E 116 -60.46 69.38 17.34
N GLU E 117 -60.01 68.59 16.37
CA GLU E 117 -59.91 67.16 16.59
C GLU E 117 -58.46 66.72 16.77
N ASP E 118 -57.57 67.28 15.95
CA ASP E 118 -56.17 66.86 15.95
C ASP E 118 -55.21 67.91 16.52
N VAL E 119 -55.47 69.18 16.26
CA VAL E 119 -54.57 70.23 16.66
C VAL E 119 -54.83 71.00 17.91
N GLU E 120 -56.07 71.27 18.22
CA GLU E 120 -56.32 72.12 19.35
C GLU E 120 -56.20 71.30 20.61
N ILE E 121 -54.96 70.95 20.92
CA ILE E 121 -54.64 70.16 22.09
C ILE E 121 -53.28 70.52 22.62
N PHE E 122 -53.01 70.19 23.87
CA PHE E 122 -51.72 70.45 24.49
C PHE E 122 -50.68 69.47 24.01
N ASN E 123 -49.48 69.99 23.73
CA ASN E 123 -48.38 69.20 23.17
C ASN E 123 -49.05 68.39 22.06
N SER E 124 -49.50 69.07 21.01
CA SER E 124 -50.19 68.44 19.88
C SER E 124 -49.66 69.43 18.85
N SER E 125 -49.89 69.13 17.56
CA SER E 125 -49.31 69.90 16.46
C SER E 125 -50.23 70.06 15.24
N PHE E 126 -49.81 70.93 14.32
CA PHE E 126 -50.59 71.30 13.15
C PHE E 126 -49.74 71.05 11.91
N ALA E 127 -50.37 70.59 10.83
CA ALA E 127 -49.67 70.40 9.56
C ALA E 127 -50.50 70.95 8.41
N LYS E 128 -49.92 71.88 7.65
CA LYS E 128 -50.67 72.46 6.54
C LYS E 128 -51.20 71.41 5.56
N SER E 129 -50.36 70.46 5.18
CA SER E 129 -50.77 69.46 4.22
C SER E 129 -52.01 68.72 4.71
N LYS E 130 -52.09 68.54 6.03
CA LYS E 130 -53.13 67.70 6.60
C LYS E 130 -54.45 68.43 6.64
N MET E 131 -54.40 69.75 6.80
CA MET E 131 -55.63 70.53 6.88
C MET E 131 -56.17 70.79 5.49
N LEU E 132 -55.27 71.04 4.55
CA LEU E 132 -55.65 71.21 3.16
C LEU E 132 -56.28 69.94 2.62
N THR E 133 -56.04 68.80 3.26
CA THR E 133 -56.81 67.63 2.89
C THR E 133 -58.26 67.89 3.32
N TYR E 134 -58.46 68.33 4.57
CA TYR E 134 -59.79 68.66 5.06
C TYR E 134 -60.52 69.72 4.22
N VAL E 135 -59.80 70.75 3.79
CA VAL E 135 -60.39 71.77 2.93
C VAL E 135 -60.88 71.16 1.63
N ASP E 136 -60.00 70.41 0.95
CA ASP E 136 -60.35 69.74 -0.31
C ASP E 136 -61.63 68.92 -0.16
N ASP E 137 -61.89 68.47 1.05
CA ASP E 137 -62.93 67.50 1.34
C ASP E 137 -64.22 68.18 1.78
N ALA E 138 -64.68 69.13 0.97
CA ALA E 138 -65.89 69.89 1.31
C ALA E 138 -66.94 69.91 0.18
N ASP E 139 -66.66 69.22 -0.93
CA ASP E 139 -67.57 69.23 -2.07
C ASP E 139 -67.22 68.15 -3.08
N HIS E 140 -68.06 68.02 -4.12
CA HIS E 140 -67.73 67.18 -5.27
C HIS E 140 -66.78 67.97 -6.14
N SER E 141 -66.57 69.23 -5.76
CA SER E 141 -65.53 70.07 -6.37
C SER E 141 -65.70 71.54 -6.04
N VAL E 142 -64.67 72.22 -5.52
CA VAL E 142 -63.37 71.72 -4.97
C VAL E 142 -62.45 70.72 -5.70
N ILE E 143 -61.65 71.25 -6.63
CA ILE E 143 -60.60 70.49 -7.32
C ILE E 143 -59.34 70.34 -6.47
N GLY E 144 -58.82 71.47 -6.00
CA GLY E 144 -57.61 71.50 -5.21
C GLY E 144 -57.53 72.70 -4.27
N SER E 145 -56.33 72.99 -3.76
CA SER E 145 -56.18 74.10 -2.83
C SER E 145 -54.72 74.49 -2.55
N SER E 146 -54.48 75.78 -2.32
CA SER E 146 -53.16 76.26 -1.98
C SER E 146 -53.26 76.94 -0.63
N ALA E 147 -52.12 77.27 -0.04
CA ALA E 147 -52.12 77.94 1.23
C ALA E 147 -50.75 78.55 1.47
N THR E 148 -50.70 79.54 2.34
CA THR E 148 -49.46 80.24 2.64
C THR E 148 -49.61 80.66 4.05
N ILE E 149 -48.90 79.99 4.95
CA ILE E 149 -49.15 80.27 6.35
C ILE E 149 -47.97 80.89 7.04
N GLN E 150 -48.29 81.57 8.13
CA GLN E 150 -47.33 82.13 9.06
C GLN E 150 -47.81 81.82 10.45
N MET E 151 -46.85 81.70 11.35
CA MET E 151 -47.18 81.56 12.74
C MET E 151 -47.38 82.96 13.29
N VAL E 152 -48.36 83.10 14.17
CA VAL E 152 -48.58 84.37 14.81
C VAL E 152 -48.50 84.19 16.32
N ARG E 153 -47.77 85.09 16.96
CA ARG E 153 -47.75 85.18 18.40
C ARG E 153 -48.30 86.55 18.75
N GLU E 154 -49.35 86.59 19.56
CA GLU E 154 -49.91 87.87 19.97
C GLU E 154 -49.12 88.41 21.15
N VAL E 155 -48.69 89.66 21.02
CA VAL E 155 -47.82 90.27 22.00
C VAL E 155 -48.54 91.35 22.77
N GLN E 156 -48.80 91.15 24.06
CA GLN E 156 -49.20 92.25 24.91
C GLN E 156 -47.95 93.05 25.26
N ASN E 157 -48.13 94.32 25.54
CA ASN E 157 -47.00 95.25 25.61
C ASN E 157 -46.01 95.08 24.46
N PHE E 158 -46.27 95.80 23.39
CA PHE E 158 -45.38 95.92 22.27
C PHE E 158 -44.04 96.51 22.71
N TYR E 159 -44.05 97.23 23.81
CA TYR E 159 -42.86 98.00 24.16
C TYR E 159 -41.65 97.07 24.30
N LYS E 160 -41.85 95.95 24.97
CA LYS E 160 -40.77 95.02 25.21
C LYS E 160 -41.26 93.60 25.45
N THR E 161 -40.50 92.63 24.97
CA THR E 161 -40.79 91.21 25.20
C THR E 161 -40.61 90.88 26.68
N PRO E 162 -41.04 89.67 27.07
CA PRO E 162 -40.80 89.28 28.46
C PRO E 162 -39.33 89.22 28.81
N GLU E 163 -39.10 89.17 30.11
CA GLU E 163 -37.81 88.94 30.71
C GLU E 163 -37.00 87.88 29.94
N ALA E 164 -37.63 86.74 29.67
CA ALA E 164 -36.94 85.61 29.05
C ALA E 164 -37.11 85.44 27.54
N GLY E 165 -37.60 86.47 26.87
CA GLY E 165 -37.87 86.43 25.44
C GLY E 165 -39.12 85.64 25.14
N ILE E 166 -39.61 85.73 23.90
CA ILE E 166 -40.75 84.93 23.46
C ILE E 166 -40.27 83.90 22.47
N LYS E 167 -40.87 82.71 22.51
CA LYS E 167 -40.51 81.65 21.57
C LYS E 167 -41.72 81.18 20.79
N TYR E 168 -41.49 80.44 19.71
CA TYR E 168 -42.59 79.85 18.93
C TYR E 168 -42.79 78.35 19.21
N ASN E 169 -41.79 77.73 19.82
CA ASN E 169 -41.70 76.27 19.87
C ASN E 169 -41.57 75.71 18.46
N ASN E 170 -41.15 76.58 17.54
CA ASN E 170 -40.84 76.20 16.17
C ASN E 170 -39.76 77.09 15.56
N GLN E 171 -39.19 76.60 14.46
CA GLN E 171 -38.08 77.26 13.81
C GLN E 171 -38.59 78.07 12.63
N ILE E 172 -38.14 79.31 12.53
CA ILE E 172 -38.55 80.20 11.44
C ILE E 172 -37.38 80.48 10.52
N LYS E 173 -37.64 81.21 9.45
CA LYS E 173 -36.64 81.43 8.42
C LYS E 173 -36.05 82.81 8.57
N ASP E 174 -34.87 83.04 8.00
CA ASP E 174 -34.23 84.36 8.04
C ASP E 174 -35.12 85.52 7.54
N ARG E 175 -35.30 86.53 8.41
CA ARG E 175 -36.09 87.74 8.09
C ARG E 175 -37.58 87.42 8.28
N SER E 176 -37.91 86.14 8.38
CA SER E 176 -39.30 85.69 8.51
C SER E 176 -40.10 86.48 9.56
N MET E 177 -39.44 86.87 10.64
CA MET E 177 -40.12 87.51 11.78
C MET E 177 -40.40 88.99 11.55
N GLU E 178 -41.68 89.34 11.57
CA GLU E 178 -42.08 90.73 11.39
C GLU E 178 -43.45 90.98 12.01
N SER E 179 -43.61 92.14 12.63
CA SER E 179 -44.86 92.53 13.25
C SER E 179 -45.74 93.36 12.31
N ASN E 180 -47.01 93.51 12.67
CA ASN E 180 -47.87 94.45 11.96
C ASN E 180 -47.36 95.86 12.27
N THR E 181 -47.89 96.85 11.55
CA THR E 181 -47.42 98.22 11.75
C THR E 181 -48.22 98.93 12.86
N PHE E 182 -47.57 99.91 13.49
CA PHE E 182 -48.24 100.73 14.48
C PHE E 182 -47.75 102.19 14.38
N SER E 183 -48.50 103.12 14.95
CA SER E 183 -48.17 104.52 14.79
C SER E 183 -47.21 105.02 15.84
N PHE E 184 -46.23 105.78 15.38
CA PHE E 184 -45.28 106.43 16.27
C PHE E 184 -45.43 107.93 16.17
N ASN E 185 -45.89 108.55 17.24
CA ASN E 185 -46.08 110.00 17.28
C ASN E 185 -44.78 110.80 17.41
N SER E 186 -44.18 111.13 16.28
CA SER E 186 -43.01 112.01 16.31
C SER E 186 -43.47 113.30 16.96
N GLY E 187 -42.62 113.89 17.81
CA GLY E 187 -42.98 115.10 18.51
C GLY E 187 -43.36 116.25 17.58
N ARG E 188 -42.77 116.24 16.39
CA ARG E 188 -42.88 117.35 15.42
C ARG E 188 -44.27 117.60 14.85
N LYS E 189 -44.39 118.73 14.15
CA LYS E 189 -45.67 119.25 13.67
C LYS E 189 -45.59 119.77 12.24
N VAL E 190 -46.64 119.53 11.46
CA VAL E 190 -46.64 119.92 10.06
C VAL E 190 -48.05 120.30 9.58
N VAL E 191 -48.15 120.97 8.43
CA VAL E 191 -49.43 121.47 7.91
C VAL E 191 -49.67 121.13 6.44
N ASN E 192 -50.93 120.90 6.13
CA ASN E 192 -51.38 120.84 4.76
C ASN E 192 -52.86 121.00 4.54
N PRO E 193 -53.22 121.15 3.26
CA PRO E 193 -54.62 121.33 2.96
C PRO E 193 -55.31 122.35 3.84
N ASP E 194 -54.74 123.54 3.94
CA ASP E 194 -55.43 124.59 4.64
C ASP E 194 -55.79 124.06 5.99
N THR E 195 -54.92 123.38 6.73
CA THR E 195 -55.66 122.95 7.93
C THR E 195 -55.08 123.45 9.24
N GLY E 196 -53.75 123.43 9.37
CA GLY E 196 -53.11 123.86 10.59
C GLY E 196 -51.95 122.98 11.02
N LEU E 197 -51.60 123.07 12.29
CA LEU E 197 -50.50 122.29 12.87
C LEU E 197 -50.77 120.79 12.77
N GLU E 198 -52.02 120.39 12.98
CA GLU E 198 -52.39 118.97 12.92
C GLU E 198 -51.63 118.13 13.94
N GLU E 199 -51.42 118.68 15.13
CA GLU E 199 -50.73 117.98 16.20
C GLU E 199 -49.30 117.57 15.84
N ASP E 200 -48.98 116.31 16.08
CA ASP E 200 -47.64 115.79 15.82
C ASP E 200 -47.60 114.77 14.68
N VAL E 201 -46.68 114.99 13.75
CA VAL E 201 -46.51 114.11 12.60
C VAL E 201 -46.46 112.64 13.06
N LEU E 202 -47.22 111.78 12.38
CA LEU E 202 -47.22 110.33 12.67
C LEU E 202 -46.87 109.53 11.44
N TYR E 203 -46.03 108.51 11.61
CA TYR E 203 -45.82 107.53 10.54
C TYR E 203 -45.93 106.10 11.04
N ASP E 204 -46.21 105.20 10.11
CA ASP E 204 -46.29 103.77 10.43
C ASP E 204 -44.91 103.13 10.56
N VAL E 205 -44.68 102.52 11.72
CA VAL E 205 -43.38 101.94 12.05
C VAL E 205 -43.59 100.49 12.52
N ARG E 206 -42.55 99.65 12.50
CA ARG E 206 -42.70 98.25 12.93
C ARG E 206 -41.41 97.49 13.29
N ILE E 207 -41.59 96.27 13.81
CA ILE E 207 -40.49 95.43 14.27
C ILE E 207 -40.23 94.21 13.36
N VAL E 208 -39.00 94.10 12.86
CA VAL E 208 -38.59 93.04 11.93
C VAL E 208 -37.28 92.39 12.39
N SER E 209 -37.02 91.15 11.96
CA SER E 209 -35.73 90.51 12.25
C SER E 209 -34.79 90.53 11.05
N THR E 210 -33.51 90.29 11.29
CA THR E 210 -32.52 90.32 10.22
C THR E 210 -31.98 88.91 10.01
N ASP E 211 -31.39 88.68 8.83
CA ASP E 211 -30.73 87.41 8.57
C ASP E 211 -29.85 87.07 9.76
N ARG E 212 -29.76 85.79 10.10
CA ARG E 212 -28.92 85.35 11.21
C ARG E 212 -27.43 85.46 10.90
N ASP E 213 -26.65 85.84 11.90
CA ASP E 213 -25.21 85.89 11.78
C ASP E 213 -24.64 84.48 11.83
N SER E 214 -23.32 84.40 11.79
CA SER E 214 -22.59 83.14 11.71
C SER E 214 -22.80 82.22 12.92
N LYS E 215 -23.57 82.67 13.91
CA LYS E 215 -23.82 81.89 15.12
C LYS E 215 -25.33 81.66 15.36
N GLY E 216 -26.14 82.07 14.39
CA GLY E 216 -27.59 81.82 14.43
C GLY E 216 -28.41 82.97 14.98
N ILE E 217 -27.91 84.19 14.81
CA ILE E 217 -28.39 85.29 15.63
C ILE E 217 -28.43 86.63 14.92
N GLY E 218 -29.66 87.10 14.63
CA GLY E 218 -29.83 88.38 13.99
C GLY E 218 -30.41 89.37 14.97
N LYS E 219 -30.57 90.62 14.52
CA LYS E 219 -31.09 91.68 15.37
C LYS E 219 -32.60 91.74 15.27
N VAL E 220 -33.23 92.42 16.21
CA VAL E 220 -34.64 92.75 16.10
C VAL E 220 -34.70 94.26 15.94
N ILE E 221 -35.01 94.74 14.75
CA ILE E 221 -34.91 96.18 14.49
C ILE E 221 -36.25 96.87 14.27
N ILE E 222 -36.28 98.18 14.51
CA ILE E 222 -37.53 98.92 14.43
C ILE E 222 -37.35 100.18 13.60
N GLY E 223 -38.31 100.47 12.73
CA GLY E 223 -38.25 101.62 11.84
C GLY E 223 -39.36 101.60 10.80
N PRO E 224 -39.30 102.50 9.80
CA PRO E 224 -38.27 103.53 9.62
C PRO E 224 -38.46 104.73 10.56
N PHE E 225 -37.60 105.74 10.43
CA PHE E 225 -37.75 106.97 11.19
C PHE E 225 -37.31 108.18 10.37
N ALA E 226 -37.19 109.30 11.05
CA ALA E 226 -36.75 110.54 10.47
C ALA E 226 -35.33 110.72 10.91
N SER E 227 -34.62 111.64 10.29
CA SER E 227 -33.19 111.71 10.46
C SER E 227 -32.69 112.35 11.74
N GLY E 228 -33.55 112.55 12.71
CA GLY E 228 -34.96 112.24 12.58
C GLY E 228 -35.56 112.36 13.95
N ASP E 229 -36.53 111.52 14.22
CA ASP E 229 -37.25 111.59 15.46
C ASP E 229 -36.64 110.75 16.58
N VAL E 230 -35.55 110.05 16.32
CA VAL E 230 -34.87 109.27 17.36
C VAL E 230 -33.45 109.77 17.60
N THR E 231 -33.10 109.97 18.86
CA THR E 231 -31.84 110.62 19.22
C THR E 231 -30.66 109.64 19.30
N GLU E 232 -29.66 109.88 18.45
CA GLU E 232 -28.53 108.96 18.28
C GLU E 232 -27.32 109.23 19.20
N ASN E 233 -26.81 108.14 19.78
CA ASN E 233 -25.75 108.17 20.78
C ASN E 233 -24.54 107.38 20.33
N GLU E 234 -23.69 107.02 21.29
CA GLU E 234 -22.60 106.09 21.05
C GLU E 234 -23.21 104.70 20.88
N ASN E 235 -24.30 104.46 21.59
CA ASN E 235 -25.03 103.21 21.47
C ASN E 235 -26.05 103.26 20.37
N ILE E 236 -27.03 104.14 20.55
CA ILE E 236 -28.11 104.35 19.61
C ILE E 236 -27.60 104.91 18.27
N GLN E 237 -27.57 104.06 17.25
CA GLN E 237 -27.13 104.47 15.92
C GLN E 237 -27.93 103.73 14.87
N PRO E 238 -28.22 104.31 13.73
CA PRO E 238 -29.06 103.60 12.78
C PRO E 238 -28.45 102.27 12.40
N TYR E 239 -29.28 101.25 12.24
CA TYR E 239 -28.72 99.95 11.95
C TYR E 239 -27.87 100.11 10.75
N THR E 240 -26.70 99.52 10.82
CA THR E 240 -25.72 99.69 9.79
C THR E 240 -26.03 99.23 8.37
N GLY E 241 -26.60 98.07 8.16
CA GLY E 241 -26.77 97.67 6.77
C GLY E 241 -27.92 96.85 6.27
N ASN E 242 -28.19 96.96 4.98
CA ASN E 242 -29.27 96.16 4.41
C ASN E 242 -29.06 94.69 4.77
N ASP E 243 -30.15 93.99 5.06
CA ASP E 243 -30.06 92.67 5.69
C ASP E 243 -31.42 92.16 6.14
N PHE E 244 -32.51 92.70 5.57
CA PHE E 244 -33.84 92.40 6.05
C PHE E 244 -34.92 93.02 5.18
N ASN E 245 -36.14 93.08 5.71
CA ASN E 245 -37.30 93.60 4.96
C ASN E 245 -37.70 95.01 5.38
N LYS E 246 -37.51 96.00 4.51
CA LYS E 246 -37.92 97.37 4.82
C LYS E 246 -39.36 97.61 4.33
N LEU E 247 -40.09 98.52 4.97
CA LEU E 247 -41.46 98.76 4.52
C LEU E 247 -41.64 100.03 3.69
N ALA E 248 -42.81 100.15 3.05
CA ALA E 248 -43.12 101.22 2.11
C ALA E 248 -42.98 102.62 2.70
N ASN E 249 -41.99 103.36 2.20
CA ASN E 249 -41.80 104.74 2.58
C ASN E 249 -42.66 105.67 1.72
N SER E 250 -43.97 105.44 1.75
CA SER E 250 -44.91 106.36 1.11
C SER E 250 -44.78 107.71 1.79
N ASP E 251 -44.05 107.72 2.90
CA ASP E 251 -43.70 108.93 3.62
C ASP E 251 -42.19 109.21 3.46
N GLY E 252 -41.52 108.35 2.68
CA GLY E 252 -40.13 108.55 2.29
C GLY E 252 -39.03 108.05 3.25
N ARG E 253 -39.42 107.74 4.48
CA ARG E 253 -38.48 107.52 5.59
C ARG E 253 -37.61 106.28 5.49
N ASP E 254 -36.51 106.27 6.23
CA ASP E 254 -35.74 105.06 6.39
C ASP E 254 -34.53 105.24 7.24
N LYS E 255 -34.62 104.81 8.47
CA LYS E 255 -33.48 104.70 9.33
C LYS E 255 -34.05 103.76 10.31
N TYR E 256 -33.46 102.59 10.43
CA TYR E 256 -33.99 101.67 11.43
C TYR E 256 -32.97 101.56 12.55
N TYR E 257 -33.42 101.14 13.73
CA TYR E 257 -32.55 101.03 14.91
C TYR E 257 -32.65 99.65 15.58
N VAL E 258 -31.51 99.08 16.00
CA VAL E 258 -31.50 97.78 16.69
C VAL E 258 -32.11 97.87 18.09
N ILE E 259 -32.96 96.91 18.47
CA ILE E 259 -33.48 96.89 19.83
C ILE E 259 -33.59 95.51 20.50
N GLY E 260 -32.87 94.52 19.99
CA GLY E 260 -32.85 93.20 20.60
C GLY E 260 -32.17 92.20 19.68
N GLU E 261 -32.60 90.94 19.76
CA GLU E 261 -32.15 89.95 18.79
C GLU E 261 -32.94 88.65 18.82
N ILE E 262 -32.96 87.92 17.71
CA ILE E 262 -33.55 86.59 17.72
C ILE E 262 -32.41 85.63 17.80
N ASN E 263 -32.56 84.66 18.68
CA ASN E 263 -31.73 83.47 18.64
C ASN E 263 -32.50 82.43 17.85
N TYR E 264 -32.15 82.24 16.59
CA TYR E 264 -32.93 81.38 15.72
C TYR E 264 -32.92 79.92 16.19
N PRO E 265 -31.72 79.37 16.45
CA PRO E 265 -31.61 78.01 16.97
C PRO E 265 -32.31 77.85 18.32
N ALA E 266 -32.01 78.72 19.28
CA ALA E 266 -32.62 78.65 20.61
C ALA E 266 -34.10 78.97 20.59
N ASP E 267 -34.54 79.60 19.49
CA ASP E 267 -35.92 80.06 19.37
C ASP E 267 -36.27 80.97 20.53
N VAL E 268 -35.64 82.15 20.59
CA VAL E 268 -36.00 83.18 21.56
C VAL E 268 -35.87 84.58 20.92
N ILE E 269 -36.83 85.45 21.21
CA ILE E 269 -36.81 86.79 20.65
C ILE E 269 -37.00 87.81 21.76
N TYR E 270 -36.05 88.72 21.89
CA TYR E 270 -36.14 89.76 22.90
C TYR E 270 -35.98 91.13 22.26
N TRP E 271 -36.80 92.07 22.70
CA TRP E 271 -36.55 93.49 22.45
C TRP E 271 -37.05 94.38 23.58
N ASN E 272 -36.62 95.63 23.55
CA ASN E 272 -36.93 96.58 24.58
C ASN E 272 -36.76 97.93 23.94
N ILE E 273 -37.87 98.63 23.69
CA ILE E 273 -37.78 99.88 22.95
C ILE E 273 -37.00 100.91 23.76
N ALA E 274 -36.98 100.72 25.07
CA ALA E 274 -36.16 101.55 25.93
C ALA E 274 -34.66 101.51 25.55
N LYS E 275 -34.27 100.57 24.71
CA LYS E 275 -32.86 100.49 24.31
C LYS E 275 -32.48 101.65 23.39
N ILE E 276 -33.42 102.09 22.57
CA ILE E 276 -33.34 103.44 22.05
C ILE E 276 -34.08 104.23 23.13
N ASN E 277 -34.43 105.50 22.93
CA ASN E 277 -34.98 106.21 24.06
C ASN E 277 -36.44 106.63 23.98
N LEU E 278 -37.22 105.83 23.28
CA LEU E 278 -38.62 106.18 23.04
C LEU E 278 -39.54 105.70 24.15
N THR E 279 -40.41 106.60 24.58
CA THR E 279 -41.37 106.30 25.62
C THR E 279 -42.59 105.70 24.95
N SER E 280 -43.20 104.72 25.61
CA SER E 280 -44.42 104.08 25.14
C SER E 280 -45.51 105.11 24.79
N GLU E 281 -45.40 106.31 25.35
CA GLU E 281 -46.30 107.40 25.05
C GLU E 281 -46.25 107.73 23.56
N LYS E 282 -45.07 107.61 22.98
CA LYS E 282 -44.89 107.89 21.57
C LYS E 282 -45.46 106.79 20.67
N PHE E 283 -46.20 105.84 21.25
CA PHE E 283 -46.81 104.75 20.47
C PHE E 283 -48.29 104.58 20.80
N GLU E 284 -49.12 104.64 19.76
CA GLU E 284 -50.56 104.50 19.92
C GLU E 284 -50.95 103.19 20.59
N VAL E 285 -50.19 102.14 20.33
CA VAL E 285 -50.66 100.77 20.61
C VAL E 285 -50.36 100.24 22.00
N GLN E 286 -50.89 99.04 22.27
CA GLN E 286 -50.53 98.26 23.44
C GLN E 286 -50.15 96.85 23.01
N THR E 287 -51.08 96.19 22.33
CA THR E 287 -50.85 94.84 21.80
C THR E 287 -50.43 94.89 20.33
N ILE E 288 -49.52 94.00 19.95
CA ILE E 288 -49.19 93.84 18.53
C ILE E 288 -49.08 92.38 18.11
N GLU E 289 -48.90 92.16 16.80
CA GLU E 289 -48.83 90.83 16.24
C GLU E 289 -47.41 90.54 15.76
N LEU E 290 -46.93 89.32 16.02
CA LEU E 290 -45.60 88.95 15.57
C LEU E 290 -45.67 87.76 14.61
N TYR E 291 -45.44 88.04 13.33
CA TYR E 291 -45.52 87.03 12.29
C TYR E 291 -44.15 86.53 11.91
N SER E 292 -44.05 85.22 11.78
CA SER E 292 -42.88 84.61 11.17
C SER E 292 -43.44 83.47 10.37
N ASP E 293 -42.72 83.07 9.34
CA ASP E 293 -43.08 81.87 8.60
C ASP E 293 -42.05 80.77 8.85
N PRO E 294 -42.56 79.57 9.13
CA PRO E 294 -41.81 78.42 9.62
C PRO E 294 -40.92 77.80 8.54
N THR E 295 -40.04 76.88 8.96
CA THR E 295 -39.38 75.96 8.04
C THR E 295 -40.10 74.64 8.17
N ASP E 296 -41.07 74.64 9.08
CA ASP E 296 -41.79 73.44 9.44
C ASP E 296 -42.92 73.16 8.48
N ASP E 297 -42.96 71.93 7.97
CA ASP E 297 -44.15 71.47 7.29
C ASP E 297 -45.06 70.93 8.37
N VAL E 298 -44.57 71.01 9.59
CA VAL E 298 -45.35 70.70 10.78
C VAL E 298 -45.03 71.66 11.95
N ILE E 299 -46.06 72.29 12.49
CA ILE E 299 -45.87 73.25 13.55
C ILE E 299 -46.18 72.60 14.90
N PHE E 300 -45.26 72.72 15.83
CA PHE E 300 -45.43 72.07 17.11
C PHE E 300 -45.82 73.01 18.21
N THR E 301 -46.80 72.57 18.95
CA THR E 301 -47.25 73.29 20.10
C THR E 301 -46.27 72.75 21.12
N ARG E 302 -46.47 73.02 22.39
CA ARG E 302 -45.53 72.55 23.37
C ARG E 302 -45.89 72.94 24.78
N ASP E 303 -45.00 73.62 25.48
CA ASP E 303 -45.27 73.92 26.87
C ASP E 303 -46.05 75.17 27.14
N GLY E 304 -47.34 75.00 27.32
CA GLY E 304 -48.20 76.11 27.62
C GLY E 304 -48.61 76.74 26.33
N SER E 305 -47.95 76.30 25.28
CA SER E 305 -48.25 76.70 23.90
C SER E 305 -49.34 75.83 23.34
N LEU E 306 -50.15 76.39 22.45
CA LEU E 306 -51.33 75.70 21.96
C LEU E 306 -51.75 76.28 20.62
N ILE E 307 -51.86 75.43 19.60
CA ILE E 307 -52.25 75.90 18.27
C ILE E 307 -53.77 75.86 18.12
N VAL E 308 -54.36 77.02 17.99
CA VAL E 308 -55.81 77.10 18.01
C VAL E 308 -56.37 77.82 16.76
N PHE E 309 -57.61 77.50 16.41
CA PHE E 309 -58.28 78.10 15.26
C PHE E 309 -59.61 78.65 15.71
N GLU E 310 -59.66 79.97 15.88
CA GLU E 310 -60.89 80.62 16.33
C GLU E 310 -61.35 81.67 15.32
N ASN E 311 -61.88 81.24 14.18
CA ASN E 311 -62.12 82.17 13.08
C ASN E 311 -63.13 83.28 13.42
N ASP E 312 -64.30 82.90 13.93
CA ASP E 312 -65.22 83.88 14.50
C ASP E 312 -64.67 85.04 15.31
N LEU E 313 -63.78 84.73 16.24
CA LEU E 313 -63.21 85.66 17.20
C LEU E 313 -61.80 86.10 16.79
N ARG E 314 -61.37 85.59 15.64
CA ARG E 314 -60.04 85.81 15.13
C ARG E 314 -60.09 85.60 13.62
N PRO E 315 -60.96 86.34 12.94
CA PRO E 315 -61.25 86.11 11.52
C PRO E 315 -60.08 86.57 10.70
N GLN E 316 -59.44 87.62 11.20
CA GLN E 316 -58.26 88.22 10.60
C GLN E 316 -57.20 87.20 10.19
N TYR E 317 -57.24 86.02 10.81
CA TYR E 317 -56.23 85.00 10.58
C TYR E 317 -56.74 83.92 9.63
N LEU E 318 -57.22 84.37 8.48
CA LEU E 318 -57.75 83.50 7.46
C LEU E 318 -58.34 84.35 6.35
N THR E 319 -57.76 84.23 5.16
CA THR E 319 -58.34 84.78 3.95
C THR E 319 -58.55 83.63 2.98
N ILE E 320 -59.77 83.49 2.49
CA ILE E 320 -60.10 82.51 1.46
C ILE E 320 -60.35 83.18 0.11
N ASP E 321 -59.47 82.95 -0.86
CA ASP E 321 -59.71 83.42 -2.21
C ASP E 321 -60.12 82.24 -3.07
N LEU E 322 -61.39 82.18 -3.45
CA LEU E 322 -61.86 81.12 -4.34
C LEU E 322 -61.54 81.40 -5.79
N GLU E 323 -61.70 80.38 -6.62
CA GLU E 323 -61.50 80.55 -8.04
C GLU E 323 -62.37 79.53 -8.72
N PRO E 324 -63.26 79.99 -9.59
CA PRO E 324 -64.18 79.11 -10.28
C PRO E 324 -63.54 78.64 -11.57
N ILE E 325 -63.93 77.45 -11.98
CA ILE E 325 -63.37 76.85 -13.15
C ILE E 325 -64.38 76.39 -14.16
N SER E 326 -64.04 76.64 -15.40
CA SER E 326 -64.84 76.30 -16.53
C SER E 326 -64.98 74.80 -16.56
N GLN E 327 -66.11 74.30 -17.06
CA GLN E 327 -66.32 72.87 -17.14
C GLN E 327 -65.45 72.27 -18.25
N LEU E 328 -65.28 70.96 -18.24
CA LEU E 328 -64.48 70.26 -19.26
C LEU E 328 -65.31 69.31 -20.10
N GLU E 329 -64.99 69.05 -21.38
CA GLU E 329 -65.95 68.09 -21.95
C GLU E 329 -67.32 67.99 -21.25
N HIS E 330 -68.40 68.41 -21.92
CA HIS E 330 -69.79 67.98 -21.67
C HIS E 330 -70.42 67.63 -22.95
N HIS E 331 -70.20 66.40 -23.38
CA HIS E 331 -70.39 66.00 -24.74
C HIS E 331 -69.98 64.55 -24.92
N HIS E 332 -70.89 63.64 -24.67
CA HIS E 332 -70.63 62.24 -25.05
C HIS E 332 -71.56 61.23 -24.46
N ALA F 9 -64.72 61.94 -29.00
CA ALA F 9 -63.91 61.23 -28.05
C ALA F 9 -64.39 59.81 -28.03
N THR F 10 -65.21 59.51 -27.07
CA THR F 10 -65.66 58.16 -26.82
C THR F 10 -66.38 57.53 -27.97
N ASP F 11 -66.82 58.30 -28.95
CA ASP F 11 -67.59 57.65 -30.01
C ASP F 11 -66.79 56.53 -30.63
N TYR F 12 -65.52 56.77 -30.89
CA TYR F 12 -64.74 55.70 -31.47
C TYR F 12 -63.71 55.14 -30.50
N ASP F 13 -63.35 55.94 -29.52
CA ASP F 13 -62.38 55.53 -28.54
C ASP F 13 -62.85 54.35 -27.75
N THR F 14 -64.12 54.36 -27.39
CA THR F 14 -64.65 53.31 -26.55
C THR F 14 -64.53 51.99 -27.22
N PHE F 15 -64.92 51.94 -28.47
CA PHE F 15 -64.84 50.68 -29.12
C PHE F 15 -63.44 50.25 -28.90
N VAL F 16 -62.55 50.85 -29.63
CA VAL F 16 -61.14 50.53 -29.45
C VAL F 16 -60.86 50.10 -28.00
N SER F 17 -61.42 50.83 -27.05
CA SER F 17 -61.19 50.54 -25.64
C SER F 17 -61.76 49.17 -25.23
N GLU F 18 -62.45 48.52 -26.16
CA GLU F 18 -62.99 47.19 -25.91
C GLU F 18 -62.06 46.10 -26.45
N ARG F 19 -61.71 46.22 -27.73
CA ARG F 19 -60.88 45.23 -28.40
C ARG F 19 -59.43 45.27 -27.95
N PHE F 20 -59.10 46.19 -27.05
CA PHE F 20 -57.72 46.41 -26.65
C PHE F 20 -57.59 46.81 -25.19
N GLY F 21 -58.68 46.70 -24.44
CA GLY F 21 -58.68 47.09 -23.04
C GLY F 21 -57.57 46.47 -22.20
N SER F 22 -56.94 45.43 -22.74
CA SER F 22 -55.86 44.73 -22.05
C SER F 22 -54.53 45.48 -22.13
N ILE F 23 -54.40 46.39 -23.10
CA ILE F 23 -53.26 47.28 -23.13
C ILE F 23 -53.66 48.73 -22.83
N ILE F 24 -54.32 49.37 -23.79
CA ILE F 24 -54.63 50.79 -23.65
C ILE F 24 -55.43 51.12 -22.38
N GLN F 25 -54.94 52.11 -21.62
CA GLN F 25 -55.62 52.55 -20.40
C GLN F 25 -56.28 53.91 -20.60
N ALA F 26 -56.03 54.55 -21.73
CA ALA F 26 -56.60 55.86 -21.99
C ALA F 26 -56.70 56.14 -23.48
N VAL F 27 -57.92 56.39 -23.95
CA VAL F 27 -58.17 56.67 -25.34
C VAL F 27 -59.14 57.80 -25.50
N GLN F 28 -58.76 58.79 -26.30
CA GLN F 28 -59.63 59.90 -26.64
C GLN F 28 -59.26 60.45 -28.01
N THR F 29 -60.28 60.91 -28.75
CA THR F 29 -60.06 61.48 -30.06
C THR F 29 -60.08 62.99 -29.97
N PHE F 30 -59.57 63.63 -31.01
CA PHE F 30 -59.63 65.09 -31.12
C PHE F 30 -59.19 65.50 -32.52
N THR F 31 -59.53 66.73 -32.89
CA THR F 31 -59.09 67.31 -34.16
C THR F 31 -58.05 68.37 -33.83
N ASP F 32 -57.34 68.83 -34.86
CA ASP F 32 -56.44 69.95 -34.65
C ASP F 32 -56.98 71.16 -35.38
N SER F 33 -57.29 72.23 -34.68
CA SER F 33 -57.84 73.27 -35.45
C SER F 33 -56.62 73.62 -36.23
N THR F 34 -56.61 73.31 -37.50
CA THR F 34 -55.45 73.61 -38.29
C THR F 34 -55.08 72.48 -39.19
N LYS F 35 -54.99 71.30 -38.63
CA LYS F 35 -54.67 70.16 -39.43
C LYS F 35 -56.02 69.69 -39.84
N PRO F 36 -56.68 70.50 -40.61
CA PRO F 36 -58.04 70.20 -40.99
C PRO F 36 -58.10 68.91 -41.72
N GLY F 37 -59.10 68.11 -41.42
CA GLY F 37 -59.25 66.83 -42.09
C GLY F 37 -58.78 65.66 -41.28
N TYR F 38 -57.86 65.93 -40.38
CA TYR F 38 -57.18 64.85 -39.64
C TYR F 38 -57.78 64.64 -38.26
N ALA F 39 -58.08 63.38 -37.94
CA ALA F 39 -58.57 63.00 -36.63
C ALA F 39 -57.58 62.04 -35.99
N PHE F 40 -57.11 62.39 -34.79
CA PHE F 40 -56.09 61.60 -34.11
C PHE F 40 -56.69 60.97 -32.86
N ILE F 41 -56.22 59.77 -32.52
CA ILE F 41 -56.61 59.19 -31.25
C ILE F 41 -55.39 58.95 -30.39
N ALA F 42 -55.30 59.67 -29.29
CA ALA F 42 -54.20 59.45 -28.36
C ALA F 42 -54.53 58.23 -27.51
N ALA F 43 -53.58 57.33 -27.36
CA ALA F 43 -53.78 56.21 -26.47
C ALA F 43 -52.55 55.98 -25.62
N LYS F 44 -52.78 55.78 -24.32
CA LYS F 44 -51.72 55.43 -23.39
C LYS F 44 -51.79 53.94 -23.02
N PRO F 45 -50.71 53.20 -23.29
CA PRO F 45 -50.58 51.81 -22.82
C PRO F 45 -50.92 51.73 -21.34
N LYS F 46 -51.62 50.73 -20.88
CA LYS F 46 -51.81 50.64 -19.46
C LYS F 46 -50.44 50.34 -18.99
N SER F 47 -49.71 49.66 -19.85
CA SER F 47 -48.42 49.12 -19.53
C SER F 47 -47.32 50.06 -19.87
N GLY F 48 -47.28 51.20 -19.21
CA GLY F 48 -46.26 52.19 -19.50
C GLY F 48 -46.74 53.41 -20.26
N LEU F 49 -45.91 53.80 -21.20
CA LEU F 49 -45.91 55.13 -21.84
C LEU F 49 -46.26 55.20 -23.33
N TYR F 50 -45.51 54.49 -24.16
CA TYR F 50 -45.73 54.55 -25.61
C TYR F 50 -46.09 53.20 -26.19
N LEU F 51 -47.25 53.12 -26.84
CA LEU F 51 -47.63 51.90 -27.53
C LEU F 51 -46.58 51.61 -28.59
N THR F 52 -46.32 50.33 -28.83
CA THR F 52 -45.27 49.94 -29.79
C THR F 52 -45.79 49.91 -31.22
N THR F 53 -44.92 50.30 -32.14
CA THR F 53 -45.29 50.47 -33.54
C THR F 53 -45.93 49.22 -34.13
N VAL F 54 -45.76 48.10 -33.47
CA VAL F 54 -46.51 46.89 -33.83
C VAL F 54 -47.89 46.93 -33.18
N GLN F 55 -47.94 47.21 -31.88
CA GLN F 55 -49.22 47.44 -31.19
C GLN F 55 -50.05 48.49 -31.92
N ARG F 56 -49.37 49.41 -32.61
CA ARG F 56 -50.02 50.52 -33.28
C ARG F 56 -50.53 50.16 -34.67
N GLU F 57 -49.82 49.28 -35.36
CA GLU F 57 -50.23 48.88 -36.69
C GLU F 57 -51.39 47.91 -36.61
N ASP F 58 -51.43 47.11 -35.55
CA ASP F 58 -52.55 46.21 -35.31
C ASP F 58 -53.81 47.02 -35.08
N ILE F 59 -53.73 47.96 -34.14
CA ILE F 59 -54.88 48.77 -33.78
C ILE F 59 -55.38 49.61 -34.96
N LYS F 60 -54.47 50.11 -35.78
CA LYS F 60 -54.87 50.87 -36.96
C LYS F 60 -55.60 49.95 -37.92
N ASN F 61 -55.18 48.69 -37.97
CA ASN F 61 -55.76 47.71 -38.88
C ASN F 61 -57.04 47.05 -38.37
N TYR F 62 -57.75 47.75 -37.49
CA TYR F 62 -59.16 47.44 -37.22
C TYR F 62 -59.98 48.54 -37.88
N LEU F 63 -59.29 49.55 -38.42
CA LEU F 63 -59.94 50.63 -39.14
C LEU F 63 -60.55 50.10 -40.43
N LYS F 64 -59.88 49.12 -41.02
CA LYS F 64 -60.41 48.42 -42.17
C LYS F 64 -61.57 47.56 -41.71
N ASP F 65 -61.42 46.97 -40.52
CA ASP F 65 -62.40 46.03 -39.96
C ASP F 65 -63.73 46.78 -40.07
N TYR F 66 -63.84 47.90 -39.38
CA TYR F 66 -64.91 48.85 -39.62
C TYR F 66 -64.62 49.66 -40.87
N ASN F 67 -65.32 49.32 -41.94
CA ASN F 67 -65.05 49.83 -43.29
C ASN F 67 -65.07 51.35 -43.34
N LEU F 68 -63.91 51.93 -43.63
CA LEU F 68 -63.83 53.33 -44.00
C LEU F 68 -62.66 53.35 -44.97
N ALA F 69 -62.87 54.00 -46.11
CA ALA F 69 -61.87 54.09 -47.16
C ALA F 69 -61.11 55.41 -46.93
N PRO F 70 -61.83 56.49 -46.59
CA PRO F 70 -61.13 57.76 -46.39
C PRO F 70 -59.97 57.45 -45.45
N ILE F 71 -58.86 58.18 -45.58
CA ILE F 71 -57.77 58.14 -44.62
C ILE F 71 -58.54 58.23 -43.31
N THR F 72 -58.25 57.29 -42.42
CA THR F 72 -59.02 57.09 -41.20
C THR F 72 -58.18 56.97 -39.94
N PRO F 73 -58.52 57.88 -39.01
CA PRO F 73 -57.93 58.18 -37.71
C PRO F 73 -56.52 57.70 -37.57
N SER F 74 -55.68 58.56 -37.05
CA SER F 74 -54.29 58.23 -36.85
C SER F 74 -54.35 57.90 -35.40
N ILE F 75 -53.84 56.76 -35.02
CA ILE F 75 -53.63 56.45 -33.65
C ILE F 75 -52.31 57.04 -33.31
N ILE F 76 -52.11 57.43 -32.06
CA ILE F 76 -50.85 57.98 -31.66
C ILE F 76 -50.79 58.02 -30.17
N SER F 77 -49.60 58.19 -29.64
CA SER F 77 -49.42 58.31 -28.20
C SER F 77 -49.69 59.72 -27.67
N PRO F 78 -50.26 59.80 -26.46
CA PRO F 78 -50.76 61.03 -25.81
C PRO F 78 -49.69 62.11 -25.62
N ASN F 79 -50.09 63.38 -25.67
CA ASN F 79 -49.17 64.47 -25.39
C ASN F 79 -49.02 64.67 -23.87
N TYR F 80 -47.97 64.08 -23.29
CA TYR F 80 -47.82 64.02 -21.83
C TYR F 80 -47.35 65.32 -21.18
N LEU F 81 -47.98 65.66 -20.08
CA LEU F 81 -47.52 66.75 -19.28
C LEU F 81 -47.05 66.04 -18.03
N PHE F 82 -45.83 66.33 -17.60
CA PHE F 82 -45.24 65.71 -16.45
C PHE F 82 -45.03 66.71 -15.36
N ILE F 83 -45.09 66.24 -14.12
CA ILE F 83 -44.91 67.10 -12.99
C ILE F 83 -43.62 66.77 -12.33
N LYS F 84 -42.68 67.68 -12.32
CA LYS F 84 -41.43 67.36 -11.72
C LYS F 84 -41.71 67.70 -10.32
N THR F 85 -41.82 66.69 -9.50
CA THR F 85 -42.15 66.91 -8.13
C THR F 85 -40.96 66.87 -7.25
N ASN F 86 -40.93 67.81 -6.35
CA ASN F 86 -39.89 67.92 -5.37
C ASN F 86 -40.62 67.83 -4.09
N LEU F 87 -40.72 66.62 -3.60
CA LEU F 87 -41.50 66.29 -2.42
C LEU F 87 -40.64 66.32 -1.16
N LYS F 88 -41.29 66.65 -0.04
CA LYS F 88 -40.67 66.64 1.28
C LYS F 88 -41.68 66.11 2.27
N VAL F 89 -41.35 64.99 2.90
CA VAL F 89 -42.25 64.41 3.88
C VAL F 89 -41.55 64.33 5.22
N THR F 90 -42.15 64.90 6.26
CA THR F 90 -41.54 64.82 7.57
C THR F 90 -42.31 63.78 8.40
N TYR F 91 -41.61 62.85 9.04
CA TYR F 91 -42.24 61.73 9.75
C TYR F 91 -41.70 61.54 11.16
N ALA F 92 -42.44 60.79 11.97
CA ALA F 92 -42.10 60.60 13.38
C ALA F 92 -41.18 59.39 13.58
N LEU F 93 -40.00 59.62 14.16
CA LEU F 93 -39.06 58.53 14.40
C LEU F 93 -39.72 57.35 15.09
N ASN F 94 -40.30 57.61 16.27
CA ASN F 94 -40.92 56.57 17.09
C ASN F 94 -41.83 55.67 16.27
N LYS F 95 -42.67 56.28 15.44
CA LYS F 95 -43.79 55.58 14.81
C LYS F 95 -43.43 54.92 13.49
N LEU F 96 -42.15 54.94 13.12
CA LEU F 96 -41.70 54.37 11.85
C LEU F 96 -40.86 53.11 12.03
N GLN F 97 -41.43 51.96 11.70
CA GLN F 97 -40.81 50.68 11.98
C GLN F 97 -39.69 50.31 10.99
N GLU F 98 -40.00 50.33 9.69
CA GLU F 98 -39.05 49.90 8.67
C GLU F 98 -38.05 50.96 8.25
N SER F 99 -37.32 50.67 7.18
CA SER F 99 -36.28 51.56 6.69
C SER F 99 -36.88 52.82 6.07
N GLU F 100 -36.08 53.86 5.99
CA GLU F 100 -36.46 55.03 5.22
C GLU F 100 -36.69 54.60 3.79
N GLN F 101 -35.81 53.73 3.28
CA GLN F 101 -35.92 53.21 1.93
C GLN F 101 -37.28 52.55 1.72
N TRP F 102 -37.80 51.92 2.77
CA TRP F 102 -39.12 51.30 2.71
C TRP F 102 -40.20 52.35 2.62
N LEU F 103 -40.20 53.25 3.60
CA LEU F 103 -41.16 54.36 3.65
C LEU F 103 -41.32 55.02 2.29
N GLU F 104 -40.23 55.48 1.69
CA GLU F 104 -40.29 56.03 0.34
C GLU F 104 -41.17 55.15 -0.54
N GLY F 105 -40.74 53.90 -0.73
CA GLY F 105 -41.53 52.97 -1.51
C GLY F 105 -43.00 53.07 -1.16
N GLN F 106 -43.29 53.09 0.12
CA GLN F 106 -44.66 53.10 0.60
C GLN F 106 -45.44 54.32 0.12
N ILE F 107 -44.76 55.46 0.01
CA ILE F 107 -45.44 56.68 -0.44
C ILE F 107 -45.41 56.82 -1.96
N ILE F 108 -44.25 56.55 -2.55
CA ILE F 108 -44.15 56.54 -4.01
C ILE F 108 -45.18 55.61 -4.65
N ASP F 109 -45.76 54.73 -3.85
CA ASP F 109 -46.91 53.95 -4.32
C ASP F 109 -48.16 54.80 -4.26
N LYS F 110 -48.35 55.48 -3.11
CA LYS F 110 -49.53 56.31 -2.92
C LYS F 110 -49.65 57.33 -4.01
N ILE F 111 -48.54 57.95 -4.36
CA ILE F 111 -48.57 58.96 -5.42
C ILE F 111 -49.17 58.34 -6.66
N ASP F 112 -48.71 57.15 -7.02
CA ASP F 112 -49.14 56.50 -8.24
C ASP F 112 -50.62 56.11 -8.16
N ARG F 113 -51.04 55.65 -6.99
CA ARG F 113 -52.42 55.24 -6.80
C ARG F 113 -53.37 56.44 -6.94
N TYR F 114 -52.87 57.64 -6.64
CA TYR F 114 -53.65 58.84 -6.84
C TYR F 114 -53.70 59.21 -8.31
N TYR F 115 -52.56 59.07 -8.98
CA TYR F 115 -52.44 59.38 -10.40
C TYR F 115 -53.30 58.46 -11.25
N THR F 116 -53.18 57.17 -11.00
CA THR F 116 -53.96 56.21 -11.74
C THR F 116 -55.45 56.47 -11.54
N GLU F 117 -55.87 56.65 -10.30
CA GLU F 117 -57.29 56.87 -10.01
C GLU F 117 -57.87 58.22 -10.42
N ASP F 118 -57.24 59.32 -10.04
CA ASP F 118 -57.87 60.62 -10.22
C ASP F 118 -57.25 61.48 -11.31
N VAL F 119 -56.08 61.10 -11.83
CA VAL F 119 -55.35 62.00 -12.71
C VAL F 119 -55.10 61.46 -14.12
N GLU F 120 -54.63 60.22 -14.20
CA GLU F 120 -54.24 59.64 -15.48
C GLU F 120 -55.48 59.28 -16.26
N ILE F 121 -56.04 60.28 -16.92
CA ILE F 121 -57.35 60.21 -17.53
C ILE F 121 -57.45 61.49 -18.34
N PHE F 122 -58.19 61.47 -19.45
CA PHE F 122 -58.20 62.63 -20.32
C PHE F 122 -59.03 63.79 -19.79
N ASN F 123 -58.41 64.97 -19.77
CA ASN F 123 -59.08 66.16 -19.28
C ASN F 123 -59.35 66.21 -17.77
N SER F 124 -59.01 65.13 -17.07
CA SER F 124 -58.92 65.13 -15.62
C SER F 124 -57.66 65.89 -15.24
N SER F 125 -57.52 66.28 -13.98
CA SER F 125 -56.39 67.14 -13.65
C SER F 125 -55.62 66.77 -12.38
N PHE F 126 -54.40 67.29 -12.28
CA PHE F 126 -53.52 67.09 -11.14
C PHE F 126 -53.68 68.23 -10.12
N ALA F 127 -53.95 67.86 -8.88
CA ALA F 127 -54.06 68.83 -7.79
C ALA F 127 -53.03 68.49 -6.72
N LYS F 128 -51.98 69.29 -6.64
CA LYS F 128 -50.91 69.06 -5.68
C LYS F 128 -51.44 68.85 -4.26
N SER F 129 -52.52 69.54 -3.93
CA SER F 129 -53.11 69.41 -2.62
C SER F 129 -53.69 68.03 -2.36
N LYS F 130 -54.11 67.36 -3.42
CA LYS F 130 -54.76 66.06 -3.29
C LYS F 130 -53.71 64.99 -3.04
N MET F 131 -52.71 64.98 -3.91
CA MET F 131 -51.67 63.96 -3.87
C MET F 131 -50.85 64.04 -2.59
N LEU F 132 -50.72 65.24 -2.03
CA LEU F 132 -50.08 65.40 -0.72
C LEU F 132 -50.91 64.72 0.36
N THR F 133 -52.23 64.79 0.26
CA THR F 133 -53.06 64.08 1.22
C THR F 133 -52.93 62.57 1.00
N TYR F 134 -52.62 62.18 -0.23
CA TYR F 134 -52.27 60.77 -0.50
C TYR F 134 -50.96 60.42 0.18
N VAL F 135 -49.94 61.23 -0.02
CA VAL F 135 -48.66 61.06 0.66
C VAL F 135 -48.86 60.93 2.18
N ASP F 136 -49.52 61.90 2.79
CA ASP F 136 -49.88 61.84 4.20
C ASP F 136 -50.47 60.49 4.58
N ASP F 137 -51.18 59.89 3.63
CA ASP F 137 -52.05 58.74 3.85
C ASP F 137 -51.26 57.43 3.81
N ALA F 138 -49.99 57.52 3.43
CA ALA F 138 -49.17 56.35 3.13
C ALA F 138 -48.69 55.52 4.34
N ASP F 139 -48.76 56.08 5.54
CA ASP F 139 -48.26 55.37 6.71
C ASP F 139 -49.06 56.05 7.80
N HIS F 140 -49.12 55.46 8.99
CA HIS F 140 -49.78 56.10 10.13
C HIS F 140 -48.80 57.03 10.85
N SER F 141 -47.66 57.26 10.22
CA SER F 141 -46.51 57.90 10.86
C SER F 141 -45.98 59.08 10.05
N VAL F 142 -46.75 59.50 9.06
CA VAL F 142 -46.32 60.53 8.12
C VAL F 142 -47.02 61.85 8.42
N ILE F 143 -46.44 62.54 9.36
CA ILE F 143 -47.02 63.62 10.08
C ILE F 143 -47.53 64.74 9.25
N GLY F 144 -46.84 64.97 8.16
CA GLY F 144 -47.10 66.11 7.29
C GLY F 144 -46.10 66.32 6.18
N SER F 145 -46.59 66.63 4.99
CA SER F 145 -45.73 66.84 3.81
C SER F 145 -45.86 68.23 3.17
N SER F 146 -44.94 68.53 2.27
CA SER F 146 -44.99 69.76 1.49
C SER F 146 -44.43 69.36 0.15
N ALA F 147 -44.41 70.27 -0.83
CA ALA F 147 -44.18 69.85 -2.20
C ALA F 147 -44.06 71.01 -3.17
N THR F 148 -43.18 70.86 -4.16
CA THR F 148 -42.88 71.90 -5.13
C THR F 148 -42.86 71.33 -6.53
N ILE F 149 -43.71 71.86 -7.41
CA ILE F 149 -43.84 71.25 -8.73
C ILE F 149 -43.30 72.10 -9.86
N GLN F 150 -43.02 71.41 -10.96
CA GLN F 150 -42.69 72.02 -12.24
C GLN F 150 -43.46 71.27 -13.31
N MET F 151 -43.61 71.89 -14.47
CA MET F 151 -44.25 71.22 -15.58
C MET F 151 -43.21 70.78 -16.61
N VAL F 152 -43.33 69.53 -17.07
CA VAL F 152 -42.43 69.06 -18.11
C VAL F 152 -43.18 68.63 -19.36
N ARG F 153 -42.92 69.33 -20.45
CA ARG F 153 -43.39 68.93 -21.76
C ARG F 153 -42.17 68.35 -22.43
N GLU F 154 -42.28 67.12 -22.92
CA GLU F 154 -41.15 66.46 -23.54
C GLU F 154 -41.17 66.71 -25.03
N VAL F 155 -40.21 67.50 -25.51
CA VAL F 155 -40.23 67.98 -26.87
C VAL F 155 -39.64 67.00 -27.86
N GLN F 156 -40.40 66.70 -28.92
CA GLN F 156 -39.99 65.75 -29.95
C GLN F 156 -38.82 66.27 -30.80
N ASN F 157 -38.92 67.51 -31.24
CA ASN F 157 -37.82 68.16 -31.97
C ASN F 157 -37.40 69.49 -31.35
N PHE F 158 -36.12 69.58 -31.03
CA PHE F 158 -35.54 70.73 -30.35
C PHE F 158 -35.42 71.93 -31.27
N TYR F 159 -35.29 71.68 -32.56
CA TYR F 159 -34.91 72.74 -33.48
C TYR F 159 -35.97 73.81 -33.71
N LYS F 160 -37.22 73.39 -33.86
CA LYS F 160 -38.29 74.34 -34.02
C LYS F 160 -39.54 73.76 -33.44
N THR F 161 -40.32 74.62 -32.82
CA THR F 161 -41.60 74.22 -32.26
C THR F 161 -42.47 73.76 -33.41
N PRO F 162 -43.58 73.08 -33.09
CA PRO F 162 -44.48 72.65 -34.17
C PRO F 162 -44.94 73.86 -34.95
N GLU F 163 -45.33 73.63 -36.20
CA GLU F 163 -45.95 74.66 -37.02
C GLU F 163 -46.77 75.63 -36.16
N ALA F 164 -47.51 75.07 -35.19
CA ALA F 164 -48.56 75.81 -34.52
C ALA F 164 -48.06 76.47 -33.24
N GLY F 165 -47.85 75.66 -32.21
CA GLY F 165 -46.84 75.95 -31.21
C GLY F 165 -46.68 74.81 -30.21
N ILE F 166 -46.05 75.12 -29.08
CA ILE F 166 -46.13 74.26 -27.90
C ILE F 166 -46.82 75.01 -26.78
N LYS F 167 -47.79 74.35 -26.14
CA LYS F 167 -48.49 74.96 -25.01
C LYS F 167 -48.65 73.99 -23.85
N TYR F 168 -48.74 74.55 -22.64
CA TYR F 168 -48.80 73.76 -21.41
C TYR F 168 -50.23 73.54 -20.95
N ASN F 169 -51.17 74.22 -21.59
CA ASN F 169 -52.55 74.26 -21.12
C ASN F 169 -52.63 74.81 -19.71
N ASN F 170 -51.59 75.55 -19.34
CA ASN F 170 -51.45 76.09 -18.01
C ASN F 170 -50.56 77.30 -17.96
N GLN F 171 -50.80 78.13 -16.96
CA GLN F 171 -50.11 79.39 -16.84
C GLN F 171 -48.77 79.16 -16.15
N ILE F 172 -47.68 79.56 -16.79
CA ILE F 172 -46.36 79.54 -16.15
C ILE F 172 -45.95 80.94 -15.66
N LYS F 173 -44.85 81.00 -14.91
CA LYS F 173 -44.37 82.26 -14.36
C LYS F 173 -43.34 82.87 -15.31
N ASP F 174 -42.81 84.03 -14.96
CA ASP F 174 -41.82 84.70 -15.79
C ASP F 174 -40.48 84.01 -15.74
N ARG F 175 -39.78 83.97 -16.88
CA ARG F 175 -38.43 83.39 -16.97
C ARG F 175 -38.47 81.89 -16.67
N SER F 176 -39.67 81.41 -16.41
CA SER F 176 -39.92 80.07 -15.91
C SER F 176 -39.58 79.00 -16.95
N MET F 177 -40.08 79.20 -18.17
CA MET F 177 -39.82 78.26 -19.25
C MET F 177 -38.32 78.10 -19.46
N GLU F 178 -37.83 76.88 -19.31
CA GLU F 178 -36.43 76.62 -19.58
C GLU F 178 -36.24 75.15 -19.87
N SER F 179 -35.62 74.89 -21.02
CA SER F 179 -35.27 73.55 -21.45
C SER F 179 -34.01 73.11 -20.73
N ASN F 180 -33.64 71.85 -20.87
CA ASN F 180 -32.35 71.41 -20.33
C ASN F 180 -31.23 71.74 -21.31
N THR F 181 -30.04 71.23 -21.04
CA THR F 181 -28.89 71.58 -21.87
C THR F 181 -28.55 70.55 -22.95
N PHE F 182 -28.12 71.06 -24.11
CA PHE F 182 -27.74 70.22 -25.23
C PHE F 182 -26.48 70.76 -25.90
N SER F 183 -25.60 69.86 -26.33
CA SER F 183 -24.29 70.25 -26.86
C SER F 183 -24.42 70.99 -28.15
N PHE F 184 -23.81 72.17 -28.24
CA PHE F 184 -23.68 72.85 -29.52
C PHE F 184 -22.28 72.61 -30.06
N ASN F 185 -22.16 72.42 -31.37
CA ASN F 185 -20.87 72.16 -31.98
C ASN F 185 -20.36 73.36 -32.77
N SER F 186 -19.41 74.09 -32.19
CA SER F 186 -18.87 75.30 -32.79
C SER F 186 -18.35 75.04 -34.20
N GLY F 187 -17.25 74.30 -34.28
CA GLY F 187 -16.65 73.98 -35.56
C GLY F 187 -15.15 74.18 -35.56
N ARG F 188 -14.63 74.73 -34.46
CA ARG F 188 -13.19 74.96 -34.34
C ARG F 188 -12.45 73.69 -33.94
N LYS F 189 -11.14 73.65 -34.18
CA LYS F 189 -10.30 72.55 -33.75
C LYS F 189 -9.69 72.88 -32.38
N VAL F 190 -9.42 71.88 -31.57
CA VAL F 190 -8.88 72.11 -30.24
C VAL F 190 -7.38 71.79 -30.16
N VAL F 191 -6.90 70.95 -31.07
CA VAL F 191 -5.49 70.54 -31.06
C VAL F 191 -5.08 70.02 -29.68
N ASN F 192 -5.47 68.79 -29.37
CA ASN F 192 -5.10 68.17 -28.10
C ASN F 192 -4.58 66.75 -28.27
N PRO F 193 -3.25 66.58 -28.07
CA PRO F 193 -2.58 65.27 -28.16
C PRO F 193 -3.09 64.29 -27.12
N ASP F 194 -3.87 64.77 -26.16
CA ASP F 194 -4.50 63.89 -25.16
C ASP F 194 -5.42 62.90 -25.87
N THR F 195 -6.28 63.43 -26.74
CA THR F 195 -7.20 62.62 -27.53
C THR F 195 -6.92 62.79 -29.02
N GLY F 196 -5.66 62.60 -29.41
CA GLY F 196 -5.27 62.63 -30.80
C GLY F 196 -4.66 63.94 -31.29
N LEU F 197 -5.37 64.59 -32.20
CA LEU F 197 -4.90 65.85 -32.78
C LEU F 197 -6.03 66.86 -32.94
N GLU F 198 -7.27 66.40 -32.83
CA GLU F 198 -8.42 67.28 -32.98
C GLU F 198 -9.72 66.80 -32.36
N GLU F 199 -10.18 67.52 -31.34
CA GLU F 199 -11.57 67.44 -30.90
C GLU F 199 -12.30 68.68 -31.41
N ASP F 200 -13.62 68.62 -31.52
CA ASP F 200 -14.37 69.59 -32.29
C ASP F 200 -15.12 70.19 -31.10
N VAL F 201 -14.59 71.27 -30.51
CA VAL F 201 -15.20 71.93 -29.35
C VAL F 201 -16.73 72.09 -29.29
N LEU F 202 -17.34 71.50 -28.28
CA LEU F 202 -18.80 71.53 -28.15
C LEU F 202 -19.27 71.88 -26.74
N TYR F 203 -19.80 73.09 -26.59
CA TYR F 203 -20.25 73.60 -25.30
C TYR F 203 -21.76 73.62 -25.11
N ASP F 204 -22.21 73.22 -23.93
CA ASP F 204 -23.64 73.15 -23.63
C ASP F 204 -24.37 74.47 -23.89
N VAL F 205 -25.69 74.39 -23.90
CA VAL F 205 -26.54 75.51 -24.30
C VAL F 205 -27.98 75.11 -23.98
N ARG F 206 -28.82 76.06 -23.59
CA ARG F 206 -30.23 75.76 -23.31
C ARG F 206 -31.14 76.80 -23.95
N ILE F 207 -32.46 76.63 -23.86
CA ILE F 207 -33.39 77.65 -24.36
C ILE F 207 -34.40 78.10 -23.31
N VAL F 208 -34.24 79.35 -22.87
CA VAL F 208 -34.98 79.93 -21.77
C VAL F 208 -35.95 80.98 -22.29
N SER F 209 -36.86 81.43 -21.44
CA SER F 209 -37.78 82.52 -21.78
C SER F 209 -37.52 83.72 -20.87
N THR F 210 -37.85 84.91 -21.37
CA THR F 210 -37.66 86.14 -20.59
C THR F 210 -38.99 86.68 -20.12
N ASP F 211 -38.94 87.85 -19.49
CA ASP F 211 -40.09 88.44 -18.79
C ASP F 211 -41.16 89.01 -19.70
N ARG F 212 -42.42 88.84 -19.29
CA ARG F 212 -43.55 89.43 -20.00
C ARG F 212 -43.29 90.90 -20.30
N ASP F 213 -43.68 91.33 -21.51
CA ASP F 213 -43.62 92.73 -21.87
C ASP F 213 -44.80 93.52 -21.31
N SER F 214 -44.89 94.77 -21.76
CA SER F 214 -46.10 95.57 -21.70
C SER F 214 -46.80 94.83 -22.83
N LYS F 215 -48.06 94.49 -22.58
CA LYS F 215 -48.71 93.37 -23.25
C LYS F 215 -48.68 91.84 -23.23
N GLY F 216 -47.97 91.27 -22.26
CA GLY F 216 -48.04 89.83 -22.01
C GLY F 216 -47.08 88.92 -22.77
N ILE F 217 -46.18 89.48 -23.55
CA ILE F 217 -45.28 88.67 -24.37
C ILE F 217 -43.83 88.64 -23.90
N GLY F 218 -43.23 87.46 -23.95
CA GLY F 218 -41.82 87.30 -23.67
C GLY F 218 -41.07 86.92 -24.93
N LYS F 219 -39.77 86.71 -24.79
CA LYS F 219 -38.93 86.31 -25.92
C LYS F 219 -38.27 84.96 -25.61
N VAL F 220 -38.34 84.02 -26.54
CA VAL F 220 -37.68 82.72 -26.34
C VAL F 220 -36.24 82.77 -26.81
N ILE F 221 -35.29 82.91 -25.89
CA ILE F 221 -33.90 83.08 -26.29
C ILE F 221 -33.07 81.82 -26.00
N ILE F 222 -31.93 81.69 -26.68
CA ILE F 222 -31.14 80.46 -26.60
C ILE F 222 -29.70 80.64 -26.09
N GLY F 223 -29.34 79.82 -25.10
CA GLY F 223 -28.07 79.83 -24.38
C GLY F 223 -26.80 80.36 -25.00
N PRO F 224 -25.75 80.51 -24.17
CA PRO F 224 -24.44 81.18 -24.34
C PRO F 224 -23.55 80.74 -25.52
N PHE F 225 -22.99 81.71 -26.22
CA PHE F 225 -22.09 81.46 -27.35
C PHE F 225 -20.80 82.29 -27.25
N ALA F 226 -19.86 82.04 -28.14
CA ALA F 226 -18.56 82.74 -28.12
C ALA F 226 -18.36 83.70 -29.32
N SER F 227 -19.23 84.69 -29.44
CA SER F 227 -19.15 85.71 -30.48
C SER F 227 -19.00 85.10 -31.87
N GLY F 228 -17.79 84.69 -32.19
CA GLY F 228 -17.45 84.17 -33.51
C GLY F 228 -18.40 83.16 -34.13
N ASP F 229 -18.62 82.03 -33.44
CA ASP F 229 -19.35 80.91 -34.05
C ASP F 229 -20.86 81.10 -34.24
N VAL F 230 -21.36 82.32 -33.98
CA VAL F 230 -22.68 82.72 -34.45
C VAL F 230 -22.56 84.01 -35.27
N THR F 231 -22.98 83.96 -36.53
CA THR F 231 -22.80 85.13 -37.39
C THR F 231 -23.92 86.16 -37.24
N GLU F 232 -23.50 87.39 -36.96
CA GLU F 232 -24.41 88.46 -36.71
C GLU F 232 -24.29 89.50 -37.77
N ASN F 233 -25.44 89.93 -38.25
CA ASN F 233 -25.53 90.96 -39.25
C ASN F 233 -26.55 91.81 -38.58
N GLU F 234 -26.68 93.06 -38.98
CA GLU F 234 -27.63 93.89 -38.30
C GLU F 234 -28.98 93.20 -38.45
N ASN F 235 -29.62 93.02 -37.32
CA ASN F 235 -30.88 92.34 -37.28
C ASN F 235 -30.68 91.26 -36.23
N ILE F 236 -29.91 90.25 -36.63
CA ILE F 236 -29.57 89.13 -35.79
C ILE F 236 -28.39 89.52 -34.95
N GLN F 237 -28.61 90.12 -33.79
CA GLN F 237 -27.51 90.49 -32.93
C GLN F 237 -27.78 90.10 -31.47
N PRO F 238 -26.74 89.93 -30.67
CA PRO F 238 -26.90 89.40 -29.31
C PRO F 238 -28.07 90.05 -28.59
N TYR F 239 -28.84 89.25 -27.86
CA TYR F 239 -29.92 89.77 -27.03
C TYR F 239 -29.34 90.42 -25.78
N THR F 240 -29.98 91.48 -25.35
CA THR F 240 -29.54 92.21 -24.17
C THR F 240 -30.76 92.55 -23.33
N GLY F 241 -30.84 92.00 -22.12
CA GLY F 241 -31.99 92.26 -21.28
C GLY F 241 -31.78 91.89 -19.83
N ASN F 242 -31.02 90.83 -19.59
CA ASN F 242 -30.88 90.29 -18.25
C ASN F 242 -32.22 90.00 -17.59
N ASP F 243 -33.28 89.91 -18.40
CA ASP F 243 -34.60 89.56 -17.89
C ASP F 243 -34.91 88.07 -18.08
N PHE F 244 -33.88 87.24 -17.93
CA PHE F 244 -34.00 85.80 -18.04
C PHE F 244 -32.96 85.15 -17.16
N ASN F 245 -32.88 83.83 -17.18
CA ASN F 245 -31.90 83.10 -16.37
C ASN F 245 -30.69 82.65 -17.17
N LYS F 246 -29.53 83.18 -16.83
CA LYS F 246 -28.29 82.79 -17.48
C LYS F 246 -27.80 81.49 -16.83
N LEU F 247 -26.82 80.81 -17.42
CA LEU F 247 -26.39 79.55 -16.82
C LEU F 247 -24.93 79.47 -16.32
N ALA F 248 -24.67 78.49 -15.45
CA ALA F 248 -23.33 78.24 -14.92
C ALA F 248 -22.30 78.10 -16.03
N ASN F 249 -21.21 78.84 -15.90
CA ASN F 249 -20.11 78.72 -16.85
C ASN F 249 -18.77 78.45 -16.21
N SER F 250 -17.81 78.11 -17.05
CA SER F 250 -16.41 78.04 -16.69
C SER F 250 -15.70 78.71 -17.86
N ASP F 251 -16.47 78.99 -18.90
CA ASP F 251 -15.95 79.57 -20.13
C ASP F 251 -16.36 81.05 -20.23
N GLY F 252 -15.67 81.78 -21.11
CA GLY F 252 -16.05 83.14 -21.41
C GLY F 252 -17.20 83.14 -22.41
N ARG F 253 -18.40 82.86 -21.94
CA ARG F 253 -19.57 82.75 -22.80
C ARG F 253 -20.79 83.50 -22.24
N ASP F 254 -21.23 84.56 -22.92
CA ASP F 254 -22.33 85.36 -22.41
C ASP F 254 -23.19 85.98 -23.51
N LYS F 255 -23.20 85.34 -24.67
CA LYS F 255 -23.92 85.88 -25.81
C LYS F 255 -25.12 85.01 -26.15
N TYR F 256 -26.28 85.39 -25.63
CA TYR F 256 -27.52 84.65 -25.90
C TYR F 256 -28.23 85.31 -27.07
N TYR F 257 -29.02 84.54 -27.82
CA TYR F 257 -29.68 85.07 -29.02
C TYR F 257 -31.19 84.83 -28.99
N VAL F 258 -31.95 85.53 -29.83
CA VAL F 258 -33.41 85.46 -29.79
C VAL F 258 -34.02 84.72 -30.97
N ILE F 259 -34.79 83.67 -30.65
CA ILE F 259 -35.67 83.00 -31.61
C ILE F 259 -37.08 83.10 -31.03
N GLY F 260 -38.07 82.55 -31.73
CA GLY F 260 -39.47 82.62 -31.29
C GLY F 260 -39.93 83.57 -30.17
N GLU F 261 -40.96 83.16 -29.45
CA GLU F 261 -41.48 83.95 -28.33
C GLU F 261 -42.62 83.30 -27.55
N ILE F 262 -42.71 83.61 -26.26
CA ILE F 262 -43.73 83.05 -25.38
C ILE F 262 -44.87 84.02 -25.30
N ASN F 263 -46.08 83.58 -25.58
CA ASN F 263 -47.24 84.39 -25.25
C ASN F 263 -47.77 83.91 -23.92
N TYR F 264 -47.31 84.54 -22.85
CA TYR F 264 -47.61 84.05 -21.51
C TYR F 264 -49.09 83.78 -21.24
N PRO F 265 -49.97 84.77 -21.52
CA PRO F 265 -51.41 84.63 -21.24
C PRO F 265 -52.14 83.62 -22.14
N ALA F 266 -51.73 83.52 -23.40
CA ALA F 266 -52.34 82.54 -24.32
C ALA F 266 -51.55 81.23 -24.33
N ASP F 267 -50.68 81.07 -23.33
CA ASP F 267 -49.60 80.09 -23.37
C ASP F 267 -49.39 79.43 -24.73
N VAL F 268 -48.69 80.14 -25.60
CA VAL F 268 -48.15 79.53 -26.81
C VAL F 268 -46.68 79.82 -26.85
N ILE F 269 -45.93 78.84 -27.32
CA ILE F 269 -44.49 78.94 -27.38
C ILE F 269 -44.06 78.51 -28.76
N TYR F 270 -43.53 79.47 -29.53
CA TYR F 270 -42.94 79.13 -30.81
C TYR F 270 -41.50 79.55 -30.77
N TRP F 271 -40.64 78.74 -31.34
CA TRP F 271 -39.28 79.15 -31.62
C TRP F 271 -38.79 78.39 -32.83
N ASN F 272 -37.76 78.91 -33.46
CA ASN F 272 -37.17 78.22 -34.59
C ASN F 272 -35.70 78.60 -34.70
N ILE F 273 -34.82 77.70 -34.29
CA ILE F 273 -33.39 77.96 -34.31
C ILE F 273 -32.96 78.57 -35.64
N ALA F 274 -33.68 78.24 -36.71
CA ALA F 274 -33.32 78.72 -38.04
C ALA F 274 -33.14 80.24 -38.03
N LYS F 275 -33.92 80.91 -37.19
CA LYS F 275 -33.86 82.37 -37.12
C LYS F 275 -32.46 82.90 -36.81
N ILE F 276 -31.47 82.00 -36.74
CA ILE F 276 -30.08 82.44 -36.54
C ILE F 276 -29.02 81.71 -37.39
N ASN F 277 -29.43 81.06 -38.48
CA ASN F 277 -28.47 80.37 -39.35
C ASN F 277 -27.70 79.28 -38.63
N LEU F 278 -28.42 78.34 -38.04
CA LEU F 278 -27.79 77.20 -37.38
C LEU F 278 -28.55 75.90 -37.69
N THR F 279 -28.03 75.13 -38.62
CA THR F 279 -28.68 73.89 -39.03
C THR F 279 -28.74 72.87 -37.91
N SER F 280 -29.78 72.03 -37.93
CA SER F 280 -29.88 70.95 -36.96
C SER F 280 -28.54 70.24 -36.77
N GLU F 281 -27.86 70.01 -37.89
CA GLU F 281 -26.54 69.38 -37.91
C GLU F 281 -25.66 69.85 -36.76
N LYS F 282 -25.78 71.12 -36.42
CA LYS F 282 -24.86 71.78 -35.50
C LYS F 282 -25.01 71.34 -34.04
N PHE F 283 -26.15 70.74 -33.70
CA PHE F 283 -26.40 70.32 -32.33
C PHE F 283 -26.49 68.82 -32.18
N GLU F 284 -25.75 68.26 -31.23
CA GLU F 284 -25.81 66.83 -31.00
C GLU F 284 -26.93 66.43 -30.04
N VAL F 285 -28.19 66.66 -30.44
CA VAL F 285 -29.37 66.04 -29.83
C VAL F 285 -30.46 66.05 -30.87
N GLN F 286 -31.61 65.50 -30.52
CA GLN F 286 -32.76 65.56 -31.42
C GLN F 286 -34.02 65.78 -30.61
N THR F 287 -33.88 65.58 -29.30
CA THR F 287 -35.03 65.68 -28.41
C THR F 287 -34.60 66.47 -27.18
N ILE F 288 -35.54 67.22 -26.61
CA ILE F 288 -35.27 67.94 -25.37
C ILE F 288 -36.47 67.93 -24.43
N GLU F 289 -36.32 68.60 -23.29
CA GLU F 289 -37.38 68.69 -22.29
C GLU F 289 -37.51 70.11 -21.80
N LEU F 290 -38.75 70.60 -21.81
CA LEU F 290 -39.04 71.97 -21.46
C LEU F 290 -39.70 71.99 -20.10
N TYR F 291 -39.13 72.77 -19.18
CA TYR F 291 -39.70 72.88 -17.84
C TYR F 291 -40.32 74.26 -17.66
N SER F 292 -40.99 74.46 -16.53
CA SER F 292 -41.58 75.75 -16.23
C SER F 292 -42.46 75.64 -15.00
N ASP F 293 -42.44 76.67 -14.18
CA ASP F 293 -43.20 76.69 -12.95
C ASP F 293 -44.63 77.05 -13.25
N PRO F 294 -45.59 76.25 -12.78
CA PRO F 294 -47.00 76.64 -12.88
C PRO F 294 -47.28 77.92 -12.09
N THR F 295 -48.41 78.56 -12.38
CA THR F 295 -48.85 79.68 -11.60
C THR F 295 -49.56 79.07 -10.41
N ASP F 296 -50.34 78.05 -10.68
CA ASP F 296 -51.16 77.45 -9.64
C ASP F 296 -50.66 76.08 -9.14
N ASP F 297 -51.41 75.53 -8.20
CA ASP F 297 -51.12 74.22 -7.66
C ASP F 297 -52.22 73.28 -8.13
N VAL F 298 -52.97 73.71 -9.14
CA VAL F 298 -53.93 72.84 -9.81
C VAL F 298 -53.69 72.93 -11.31
N ILE F 299 -53.24 71.84 -11.93
CA ILE F 299 -52.87 71.91 -13.34
C ILE F 299 -53.73 71.04 -14.26
N PHE F 300 -53.88 71.48 -15.51
CA PHE F 300 -54.95 70.99 -16.39
C PHE F 300 -54.50 70.37 -17.70
N THR F 301 -55.34 69.48 -18.22
CA THR F 301 -55.15 68.91 -19.54
C THR F 301 -56.28 69.32 -20.46
N ARG F 302 -56.06 69.13 -21.76
CA ARG F 302 -56.95 69.63 -22.78
C ARG F 302 -56.59 68.64 -23.86
N ASP F 303 -56.82 69.02 -25.12
CA ASP F 303 -56.97 68.18 -26.29
C ASP F 303 -55.80 67.22 -26.47
N GLY F 304 -56.00 65.96 -26.11
CA GLY F 304 -54.99 64.94 -26.32
C GLY F 304 -53.78 65.01 -25.40
N SER F 305 -53.81 65.95 -24.47
CA SER F 305 -52.81 66.04 -23.42
C SER F 305 -53.24 65.18 -22.26
N LEU F 306 -52.26 64.53 -21.63
CA LEU F 306 -52.52 63.66 -20.50
C LEU F 306 -51.40 63.84 -19.49
N ILE F 307 -51.78 63.99 -18.21
CA ILE F 307 -50.84 64.14 -17.10
C ILE F 307 -50.62 62.76 -16.48
N VAL F 308 -49.35 62.42 -16.19
CA VAL F 308 -49.03 61.05 -15.81
C VAL F 308 -47.78 60.85 -14.93
N PHE F 309 -47.89 59.93 -13.99
CA PHE F 309 -46.80 59.58 -13.08
C PHE F 309 -46.29 58.21 -13.47
N GLU F 310 -45.15 58.15 -14.13
CA GLU F 310 -44.63 56.86 -14.51
C GLU F 310 -43.24 56.68 -13.91
N ASN F 311 -43.21 56.46 -12.61
CA ASN F 311 -41.99 56.74 -11.89
C ASN F 311 -40.81 55.82 -11.92
N ASP F 312 -41.04 54.53 -12.10
CA ASP F 312 -39.98 53.60 -12.45
C ASP F 312 -39.43 53.75 -13.86
N LEU F 313 -39.88 54.78 -14.56
CA LEU F 313 -39.48 55.01 -15.94
C LEU F 313 -39.23 56.49 -16.20
N ARG F 314 -39.74 57.33 -15.31
CA ARG F 314 -39.36 58.74 -15.28
C ARG F 314 -39.03 59.19 -13.86
N PRO F 315 -37.96 58.62 -13.30
CA PRO F 315 -37.72 58.69 -11.86
C PRO F 315 -37.13 60.04 -11.55
N GLN F 316 -36.62 60.65 -12.61
CA GLN F 316 -36.03 61.96 -12.58
C GLN F 316 -37.02 63.07 -12.23
N TYR F 317 -38.32 62.75 -12.20
CA TYR F 317 -39.35 63.77 -11.99
C TYR F 317 -39.96 63.66 -10.61
N LEU F 318 -39.32 62.89 -9.75
CA LEU F 318 -39.68 62.85 -8.33
C LEU F 318 -38.39 62.84 -7.54
N THR F 319 -38.37 63.64 -6.47
CA THR F 319 -37.34 63.53 -5.48
C THR F 319 -38.04 63.61 -4.12
N ILE F 320 -37.63 62.75 -3.20
CA ILE F 320 -38.20 62.74 -1.86
C ILE F 320 -37.15 63.12 -0.82
N ASP F 321 -37.43 64.14 -0.01
CA ASP F 321 -36.62 64.43 1.17
C ASP F 321 -37.45 64.06 2.37
N LEU F 322 -36.94 63.18 3.22
CA LEU F 322 -37.61 62.90 4.48
C LEU F 322 -37.01 63.72 5.61
N GLU F 323 -37.79 63.89 6.67
CA GLU F 323 -37.30 64.59 7.83
C GLU F 323 -37.80 63.82 9.03
N PRO F 324 -36.90 63.10 9.70
CA PRO F 324 -37.29 62.36 10.90
C PRO F 324 -37.37 63.24 12.13
N ILE F 325 -38.48 63.11 12.85
CA ILE F 325 -38.68 63.89 14.04
C ILE F 325 -38.85 63.08 15.30
N SER F 326 -38.43 63.65 16.42
CA SER F 326 -38.55 63.02 17.73
C SER F 326 -39.20 63.94 18.74
N GLN F 327 -38.40 64.80 19.38
CA GLN F 327 -38.87 65.81 20.36
C GLN F 327 -37.75 66.56 21.07
N LEU F 328 -37.18 67.65 20.53
CA LEU F 328 -37.51 68.18 19.21
C LEU F 328 -36.89 69.57 18.80
N GLU F 329 -36.29 70.32 19.72
CA GLU F 329 -35.68 71.60 19.31
C GLU F 329 -35.15 71.61 17.86
N HIS F 330 -35.73 70.92 16.89
CA HIS F 330 -35.16 71.27 15.59
C HIS F 330 -35.60 70.33 14.43
N HIS F 331 -36.09 70.94 13.34
CA HIS F 331 -36.30 70.26 12.06
C HIS F 331 -35.95 71.20 10.88
N HIS F 332 -34.81 71.89 11.03
CA HIS F 332 -34.21 72.80 10.04
C HIS F 332 -34.30 74.26 10.49
N VAL G 7 -67.74 47.97 -42.76
CA VAL G 7 -66.51 48.27 -43.47
C VAL G 7 -65.78 46.99 -43.79
N THR G 8 -64.48 47.06 -44.02
CA THR G 8 -63.77 45.86 -44.33
C THR G 8 -64.30 45.34 -45.63
N ALA G 9 -63.40 45.12 -46.58
CA ALA G 9 -63.79 44.64 -47.89
C ALA G 9 -64.45 43.32 -47.76
N THR G 10 -63.97 42.50 -46.86
CA THR G 10 -64.56 41.20 -46.73
C THR G 10 -66.01 41.37 -46.33
N ASP G 11 -66.28 42.28 -45.43
CA ASP G 11 -67.66 42.47 -45.02
C ASP G 11 -68.45 42.89 -46.23
N TYR G 12 -67.91 43.80 -47.02
CA TYR G 12 -68.60 44.23 -48.22
C TYR G 12 -68.76 43.12 -49.22
N ASP G 13 -67.78 42.25 -49.37
CA ASP G 13 -67.92 41.27 -50.41
C ASP G 13 -69.18 40.49 -50.12
N THR G 14 -69.36 40.15 -48.87
CA THR G 14 -70.56 39.43 -48.51
C THR G 14 -71.71 40.31 -48.90
N PHE G 15 -71.83 41.43 -48.22
CA PHE G 15 -72.94 42.32 -48.46
C PHE G 15 -73.58 42.17 -49.84
N VAL G 16 -72.76 41.92 -50.84
CA VAL G 16 -73.18 41.81 -52.23
C VAL G 16 -73.42 40.35 -52.63
N SER G 17 -72.68 39.45 -51.98
CA SER G 17 -72.94 38.03 -52.19
C SER G 17 -74.28 37.67 -51.55
N GLU G 18 -75.06 38.70 -51.24
CA GLU G 18 -76.37 38.53 -50.64
C GLU G 18 -77.41 39.35 -51.39
N ARG G 19 -77.33 40.68 -51.23
CA ARG G 19 -78.25 41.60 -51.91
C ARG G 19 -78.33 41.39 -53.43
N PHE G 20 -77.34 40.69 -53.97
CA PHE G 20 -77.30 40.41 -55.40
C PHE G 20 -77.07 38.92 -55.66
N GLY G 21 -76.42 38.26 -54.71
CA GLY G 21 -76.13 36.84 -54.83
C GLY G 21 -77.18 36.14 -55.68
N SER G 22 -77.31 36.61 -56.92
CA SER G 22 -78.28 36.05 -57.83
C SER G 22 -77.68 36.01 -59.20
N ILE G 23 -77.21 37.16 -59.67
CA ILE G 23 -76.62 37.26 -60.98
C ILE G 23 -75.17 37.64 -60.87
N ILE G 24 -74.56 37.25 -59.76
CA ILE G 24 -73.16 37.54 -59.47
C ILE G 24 -72.44 36.30 -58.94
N GLN G 25 -71.28 36.00 -59.50
CA GLN G 25 -70.54 34.80 -59.12
C GLN G 25 -69.46 35.04 -58.06
N ALA G 26 -68.77 36.17 -58.16
CA ALA G 26 -67.67 36.45 -57.23
C ALA G 26 -67.51 37.94 -56.92
N VAL G 27 -66.87 38.23 -55.78
CA VAL G 27 -66.59 39.61 -55.38
C VAL G 27 -65.17 39.81 -54.81
N GLN G 28 -64.48 40.82 -55.32
CA GLN G 28 -63.18 41.24 -54.78
C GLN G 28 -63.26 42.69 -54.34
N THR G 29 -63.39 42.94 -53.04
CA THR G 29 -63.33 44.31 -52.55
C THR G 29 -61.92 44.71 -52.13
N PHE G 30 -61.28 45.42 -53.03
CA PHE G 30 -59.93 45.90 -52.81
C PHE G 30 -59.97 47.42 -52.82
N THR G 31 -58.93 48.04 -52.25
CA THR G 31 -58.83 49.48 -52.27
C THR G 31 -57.50 49.84 -52.94
N ASP G 32 -57.52 50.82 -53.83
CA ASP G 32 -56.31 51.21 -54.53
C ASP G 32 -55.56 52.31 -53.79
N SER G 33 -54.27 52.09 -53.56
CA SER G 33 -53.43 53.03 -52.81
C SER G 33 -53.17 54.34 -53.56
N THR G 34 -53.48 54.35 -54.86
CA THR G 34 -53.37 55.56 -55.67
C THR G 34 -54.67 56.38 -55.63
N LYS G 35 -55.77 55.70 -55.32
CA LYS G 35 -57.10 56.31 -55.36
C LYS G 35 -57.83 56.19 -54.02
N PRO G 36 -57.47 57.08 -53.06
CA PRO G 36 -57.99 57.15 -51.70
C PRO G 36 -59.51 57.33 -51.65
N GLY G 37 -60.12 57.08 -50.50
CA GLY G 37 -61.55 57.27 -50.35
C GLY G 37 -62.43 56.51 -51.31
N TYR G 38 -61.83 55.76 -52.23
CA TYR G 38 -62.58 54.94 -53.17
C TYR G 38 -62.45 53.45 -52.87
N ALA G 39 -63.58 52.79 -52.67
CA ALA G 39 -63.57 51.36 -52.40
C ALA G 39 -64.04 50.63 -53.64
N PHE G 40 -63.14 49.87 -54.25
CA PHE G 40 -63.45 49.24 -55.53
C PHE G 40 -64.02 47.82 -55.38
N ILE G 41 -65.02 47.53 -56.18
CA ILE G 41 -65.72 46.26 -56.09
C ILE G 41 -65.73 45.51 -57.41
N ALA G 42 -64.82 44.56 -57.54
CA ALA G 42 -64.79 43.70 -58.71
C ALA G 42 -65.96 42.73 -58.61
N ALA G 43 -66.59 42.44 -59.75
CA ALA G 43 -67.77 41.59 -59.78
C ALA G 43 -67.85 40.75 -61.05
N LYS G 44 -67.73 39.43 -60.91
CA LYS G 44 -67.92 38.55 -62.05
C LYS G 44 -69.42 38.22 -62.22
N PRO G 45 -69.94 38.39 -63.45
CA PRO G 45 -71.35 38.20 -63.79
C PRO G 45 -71.85 36.78 -63.61
N LYS G 46 -70.96 35.84 -63.30
CA LYS G 46 -71.36 34.44 -63.14
C LYS G 46 -71.74 33.74 -64.44
N SER G 47 -71.87 34.51 -65.51
CA SER G 47 -72.30 33.99 -66.79
C SER G 47 -71.37 34.57 -67.86
N GLY G 48 -71.52 35.86 -68.14
CA GLY G 48 -70.74 36.53 -69.16
C GLY G 48 -69.45 37.13 -68.62
N LEU G 49 -69.11 38.31 -69.14
CA LEU G 49 -67.90 39.00 -68.73
C LEU G 49 -68.20 40.26 -67.96
N TYR G 50 -68.84 41.21 -68.62
CA TYR G 50 -69.06 42.53 -68.04
C TYR G 50 -70.43 42.71 -67.41
N LEU G 51 -70.46 43.22 -66.19
CA LEU G 51 -71.72 43.57 -65.56
C LEU G 51 -72.21 44.87 -66.17
N THR G 52 -73.45 44.87 -66.63
CA THR G 52 -73.99 45.96 -67.43
C THR G 52 -72.90 46.53 -68.34
N THR G 53 -72.57 45.77 -69.38
CA THR G 53 -71.69 46.28 -70.43
C THR G 53 -72.46 47.41 -71.13
N VAL G 54 -73.72 47.39 -70.72
CA VAL G 54 -74.78 48.30 -71.03
C VAL G 54 -74.44 49.43 -70.11
N GLN G 55 -73.31 49.29 -69.43
CA GLN G 55 -72.82 50.34 -68.57
C GLN G 55 -73.60 50.76 -67.33
N ARG G 56 -73.79 49.83 -66.42
CA ARG G 56 -74.37 50.12 -65.13
C ARG G 56 -75.62 49.40 -64.94
N GLU G 57 -76.54 49.69 -65.84
CA GLU G 57 -77.83 49.00 -65.71
C GLU G 57 -77.66 48.23 -64.41
N ASP G 58 -76.45 47.73 -64.21
CA ASP G 58 -76.13 46.94 -63.04
C ASP G 58 -75.16 47.68 -62.13
N ILE G 59 -74.00 48.07 -62.67
CA ILE G 59 -72.96 48.71 -61.85
C ILE G 59 -73.42 50.03 -61.24
N LYS G 60 -74.69 50.34 -61.40
CA LYS G 60 -75.32 51.51 -60.80
C LYS G 60 -76.26 51.09 -59.69
N ASN G 61 -76.89 49.93 -59.86
CA ASN G 61 -77.74 49.36 -58.82
C ASN G 61 -76.98 49.06 -57.54
N TYR G 62 -75.74 48.60 -57.69
CA TYR G 62 -74.91 48.31 -56.52
C TYR G 62 -74.42 49.60 -55.89
N LEU G 63 -74.11 50.58 -56.74
CA LEU G 63 -73.87 51.92 -56.24
C LEU G 63 -74.98 52.23 -55.25
N LYS G 64 -76.22 51.98 -55.67
CA LYS G 64 -77.40 52.23 -54.82
C LYS G 64 -77.53 51.26 -53.65
N ASP G 65 -76.45 51.11 -52.90
CA ASP G 65 -76.46 50.38 -51.64
C ASP G 65 -75.57 51.12 -50.66
N TYR G 66 -76.20 51.77 -49.68
CA TYR G 66 -75.45 52.63 -48.78
C TYR G 66 -75.74 52.46 -47.30
N ASN G 67 -74.65 52.40 -46.54
CA ASN G 67 -74.69 52.27 -45.09
C ASN G 67 -73.96 53.41 -44.41
N LEU G 68 -72.64 53.26 -44.26
CA LEU G 68 -71.82 54.25 -43.59
C LEU G 68 -70.47 54.52 -44.25
N ALA G 69 -69.83 55.57 -43.80
CA ALA G 69 -68.49 55.92 -44.23
C ALA G 69 -68.42 57.08 -45.18
N PRO G 70 -67.26 57.73 -45.16
CA PRO G 70 -66.97 58.88 -46.00
C PRO G 70 -66.34 58.41 -47.27
N ILE G 71 -66.12 57.11 -47.41
CA ILE G 71 -65.55 56.57 -48.62
C ILE G 71 -66.68 56.14 -49.50
N THR G 72 -66.42 56.13 -50.81
CA THR G 72 -67.46 55.81 -51.80
C THR G 72 -67.19 54.57 -52.65
N PRO G 73 -68.23 53.75 -52.87
CA PRO G 73 -68.07 52.55 -53.71
C PRO G 73 -67.83 52.91 -55.18
N SER G 74 -67.14 52.03 -55.90
CA SER G 74 -66.92 52.20 -57.33
C SER G 74 -67.02 50.84 -58.02
N ILE G 75 -68.25 50.36 -58.16
CA ILE G 75 -68.51 49.01 -58.67
C ILE G 75 -68.01 48.83 -60.11
N ILE G 76 -66.89 48.13 -60.25
CA ILE G 76 -66.27 47.91 -61.56
C ILE G 76 -66.37 46.45 -61.99
N SER G 77 -66.10 46.20 -63.26
CA SER G 77 -65.95 44.84 -63.76
C SER G 77 -64.49 44.44 -63.61
N PRO G 78 -64.25 43.15 -63.35
CA PRO G 78 -62.92 42.65 -62.98
C PRO G 78 -61.86 42.94 -64.04
N ASN G 79 -60.64 43.24 -63.62
CA ASN G 79 -59.54 43.46 -64.52
C ASN G 79 -59.08 42.09 -65.03
N TYR G 80 -59.49 41.72 -66.24
CA TYR G 80 -59.29 40.36 -66.73
C TYR G 80 -57.92 40.13 -67.29
N LEU G 81 -57.34 39.01 -66.91
CA LEU G 81 -56.11 38.53 -67.53
C LEU G 81 -56.55 37.48 -68.52
N PHE G 82 -56.12 37.60 -69.77
CA PHE G 82 -56.44 36.56 -70.75
C PHE G 82 -55.20 35.73 -71.10
N ILE G 83 -55.43 34.50 -71.53
CA ILE G 83 -54.33 33.62 -71.90
C ILE G 83 -54.39 33.27 -73.40
N LYS G 84 -53.64 34.00 -74.22
CA LYS G 84 -53.60 33.67 -75.63
C LYS G 84 -52.84 32.35 -75.81
N THR G 85 -53.58 31.25 -75.90
CA THR G 85 -52.99 29.93 -75.98
C THR G 85 -52.84 29.45 -77.41
N ASN G 86 -51.64 29.06 -77.80
CA ASN G 86 -51.45 28.41 -79.10
C ASN G 86 -51.29 26.91 -78.93
N LEU G 87 -52.40 26.21 -78.70
CA LEU G 87 -52.40 24.77 -78.42
C LEU G 87 -51.97 23.99 -79.65
N LYS G 88 -51.28 22.87 -79.42
CA LYS G 88 -50.85 21.97 -80.50
C LYS G 88 -50.94 20.54 -80.00
N VAL G 89 -52.16 20.06 -79.78
CA VAL G 89 -52.43 18.67 -79.41
C VAL G 89 -52.11 17.68 -80.55
N THR G 90 -51.64 16.48 -80.21
CA THR G 90 -51.44 15.43 -81.21
C THR G 90 -52.05 14.10 -80.78
N TYR G 91 -52.69 13.39 -81.70
CA TYR G 91 -53.40 12.15 -81.38
C TYR G 91 -53.08 11.02 -82.34
N ALA G 92 -53.60 9.84 -82.03
CA ALA G 92 -53.37 8.66 -82.85
C ALA G 92 -54.51 8.49 -83.84
N LEU G 93 -54.18 8.47 -85.12
CA LEU G 93 -55.18 8.37 -86.18
C LEU G 93 -56.27 7.35 -85.88
N ASN G 94 -55.83 6.17 -85.46
CA ASN G 94 -56.71 5.03 -85.25
C ASN G 94 -57.54 5.11 -83.98
N LYS G 95 -56.92 5.56 -82.88
CA LYS G 95 -57.62 5.61 -81.60
C LYS G 95 -58.83 6.52 -81.66
N LEU G 96 -58.90 7.35 -82.70
CA LEU G 96 -59.96 8.33 -82.86
C LEU G 96 -61.14 7.83 -83.69
N GLN G 97 -62.34 7.93 -83.12
CA GLN G 97 -63.57 7.53 -83.80
C GLN G 97 -64.44 8.63 -84.39
N GLU G 98 -64.47 9.81 -83.75
CA GLU G 98 -65.26 10.92 -84.29
C GLU G 98 -64.23 11.85 -84.94
N SER G 99 -64.71 12.90 -85.60
CA SER G 99 -63.81 13.85 -86.25
C SER G 99 -62.89 14.76 -85.44
N GLU G 100 -61.97 15.43 -86.12
CA GLU G 100 -61.15 16.46 -85.49
C GLU G 100 -62.07 17.55 -84.91
N GLN G 101 -63.15 17.84 -85.63
CA GLN G 101 -64.15 18.84 -85.20
C GLN G 101 -64.79 18.45 -83.88
N TRP G 102 -65.15 17.18 -83.74
CA TRP G 102 -65.79 16.72 -82.51
C TRP G 102 -64.78 16.67 -81.40
N LEU G 103 -63.53 16.38 -81.77
CA LEU G 103 -62.42 16.31 -80.83
C LEU G 103 -62.10 17.68 -80.23
N GLU G 104 -61.97 18.70 -81.07
CA GLU G 104 -61.75 20.04 -80.57
C GLU G 104 -62.83 20.37 -79.56
N GLY G 105 -64.08 20.20 -79.96
CA GLY G 105 -65.20 20.43 -79.05
C GLY G 105 -65.15 19.55 -77.82
N GLN G 106 -64.07 18.78 -77.70
CA GLN G 106 -63.92 17.86 -76.57
C GLN G 106 -62.79 18.30 -75.66
N ILE G 107 -61.74 18.85 -76.27
CA ILE G 107 -60.62 19.39 -75.49
C ILE G 107 -61.03 20.72 -74.87
N ILE G 108 -61.66 21.59 -75.64
CA ILE G 108 -62.09 22.88 -75.09
C ILE G 108 -63.16 22.70 -74.03
N ASP G 109 -63.83 21.55 -74.04
CA ASP G 109 -64.73 21.21 -72.95
C ASP G 109 -63.95 20.97 -71.66
N LYS G 110 -62.70 20.52 -71.81
CA LYS G 110 -61.81 20.29 -70.67
C LYS G 110 -61.08 21.57 -70.26
N ILE G 111 -60.40 22.18 -71.22
CA ILE G 111 -59.78 23.47 -70.97
C ILE G 111 -60.75 24.37 -70.22
N ASP G 112 -62.05 24.22 -70.48
CA ASP G 112 -63.02 24.98 -69.69
C ASP G 112 -63.17 24.43 -68.27
N ARG G 113 -63.29 23.10 -68.16
CA ARG G 113 -63.46 22.44 -66.87
C ARG G 113 -62.34 22.83 -65.91
N TYR G 114 -61.12 22.89 -66.41
CA TYR G 114 -59.99 23.33 -65.57
C TYR G 114 -60.22 24.75 -65.09
N TYR G 115 -60.15 25.70 -66.02
CA TYR G 115 -60.39 27.10 -65.71
C TYR G 115 -61.49 27.31 -64.65
N THR G 116 -62.71 26.92 -64.98
CA THR G 116 -63.88 27.22 -64.15
C THR G 116 -63.91 26.50 -62.79
N GLU G 117 -62.97 25.61 -62.57
CA GLU G 117 -62.92 24.92 -61.30
C GLU G 117 -61.77 25.42 -60.43
N ASP G 118 -60.62 25.63 -61.06
CA ASP G 118 -59.41 26.03 -60.33
C ASP G 118 -58.97 27.48 -60.56
N VAL G 119 -59.14 27.96 -61.78
CA VAL G 119 -58.64 29.27 -62.12
C VAL G 119 -59.58 30.44 -62.14
N GLU G 120 -60.81 30.23 -62.53
CA GLU G 120 -61.68 31.37 -62.67
C GLU G 120 -62.20 31.74 -61.31
N ILE G 121 -61.31 32.29 -60.49
CA ILE G 121 -61.62 32.71 -59.15
C ILE G 121 -60.78 33.89 -58.75
N PHE G 122 -61.21 34.63 -57.74
CA PHE G 122 -60.47 35.76 -57.23
C PHE G 122 -59.27 35.33 -56.41
N ASN G 123 -58.15 36.02 -56.63
CA ASN G 123 -56.88 35.68 -56.00
C ASN G 123 -56.80 34.16 -56.15
N SER G 124 -56.65 33.69 -57.39
CA SER G 124 -56.59 32.27 -57.69
C SER G 124 -55.65 32.44 -58.89
N SER G 125 -55.13 31.33 -59.41
CA SER G 125 -54.09 31.34 -60.44
C SER G 125 -54.22 30.24 -61.50
N PHE G 126 -53.43 30.37 -62.56
CA PHE G 126 -53.47 29.48 -63.72
C PHE G 126 -52.07 28.91 -63.94
N ALA G 127 -52.00 27.65 -64.35
CA ALA G 127 -50.72 27.03 -64.68
C ALA G 127 -50.82 26.24 -65.98
N LYS G 128 -50.00 26.58 -66.96
CA LYS G 128 -50.05 25.89 -68.24
C LYS G 128 -49.91 24.37 -68.09
N SER G 129 -48.94 23.92 -67.30
CA SER G 129 -48.72 22.49 -67.16
C SER G 129 -49.98 21.80 -66.66
N LYS G 130 -50.74 22.50 -65.83
CA LYS G 130 -51.87 21.89 -65.16
C LYS G 130 -53.05 21.76 -66.10
N MET G 131 -53.18 22.69 -67.04
CA MET G 131 -54.30 22.66 -67.97
C MET G 131 -54.01 21.67 -69.08
N LEU G 132 -52.76 21.62 -69.54
CA LEU G 132 -52.36 20.65 -70.53
C LEU G 132 -52.52 19.24 -70.01
N THR G 133 -52.59 19.07 -68.69
CA THR G 133 -52.97 17.77 -68.19
C THR G 133 -54.44 17.54 -68.57
N TYR G 134 -55.29 18.52 -68.31
CA TYR G 134 -56.70 18.43 -68.68
C TYR G 134 -56.93 18.21 -70.19
N VAL G 135 -56.15 18.89 -71.02
CA VAL G 135 -56.24 18.69 -72.47
C VAL G 135 -55.92 17.24 -72.83
N ASP G 136 -54.78 16.75 -72.34
CA ASP G 136 -54.36 15.38 -72.61
C ASP G 136 -55.46 14.38 -72.25
N ASP G 137 -56.31 14.77 -71.31
CA ASP G 137 -57.28 13.89 -70.69
C ASP G 137 -58.64 13.99 -71.38
N ALA G 138 -58.65 13.85 -72.70
CA ALA G 138 -59.89 13.98 -73.45
C ALA G 138 -60.16 12.79 -74.39
N ASP G 139 -59.30 11.77 -74.37
CA ASP G 139 -59.44 10.62 -75.26
C ASP G 139 -58.55 9.47 -74.85
N HIS G 140 -58.69 8.33 -75.54
CA HIS G 140 -57.74 7.23 -75.41
C HIS G 140 -56.51 7.59 -76.23
N SER G 141 -56.62 8.70 -76.97
CA SER G 141 -55.47 9.30 -77.65
C SER G 141 -55.88 10.32 -78.68
N VAL G 142 -55.33 11.55 -78.63
CA VAL G 142 -54.50 12.19 -77.57
C VAL G 142 -53.27 11.53 -76.91
N ILE G 143 -52.13 11.61 -77.60
CA ILE G 143 -50.84 11.19 -77.07
C ILE G 143 -50.22 12.21 -76.13
N GLY G 144 -50.11 13.45 -76.62
CA GLY G 144 -49.52 14.54 -75.86
C GLY G 144 -50.02 15.91 -76.26
N SER G 145 -49.31 16.96 -75.87
CA SER G 145 -49.75 18.32 -76.21
C SER G 145 -48.69 19.41 -75.94
N SER G 146 -48.70 20.44 -76.76
CA SER G 146 -47.80 21.56 -76.56
C SER G 146 -48.65 22.81 -76.41
N ALA G 147 -48.03 23.91 -76.02
CA ALA G 147 -48.76 25.15 -75.86
C ALA G 147 -47.77 26.30 -75.82
N THR G 148 -48.25 27.49 -76.10
CA THR G 148 -47.40 28.67 -76.14
C THR G 148 -48.31 29.77 -75.74
N ILE G 149 -48.17 30.27 -74.53
CA ILE G 149 -49.14 31.22 -74.06
C ILE G 149 -48.56 32.59 -73.82
N GLN G 150 -49.46 33.56 -73.87
CA GLN G 150 -49.18 34.94 -73.53
C GLN G 150 -50.31 35.45 -72.68
N MET G 151 -49.98 36.39 -71.82
CA MET G 151 -51.00 37.05 -71.04
C MET G 151 -51.54 38.17 -71.91
N VAL G 152 -52.85 38.37 -71.82
CA VAL G 152 -53.46 39.46 -72.55
C VAL G 152 -54.20 40.37 -71.57
N ARG G 153 -53.98 41.66 -71.73
CA ARG G 153 -54.74 42.66 -71.00
C ARG G 153 -55.48 43.46 -72.06
N GLU G 154 -56.80 43.54 -71.95
CA GLU G 154 -57.57 44.33 -72.89
C GLU G 154 -57.56 45.79 -72.47
N VAL G 155 -57.22 46.66 -73.39
CA VAL G 155 -57.04 48.07 -73.08
C VAL G 155 -58.12 48.89 -73.73
N GLN G 156 -59.02 49.48 -72.95
CA GLN G 156 -59.89 50.52 -73.48
C GLN G 156 -59.07 51.80 -73.55
N ASN G 157 -59.45 52.70 -74.46
CA ASN G 157 -58.59 53.82 -74.82
C ASN G 157 -57.13 53.43 -75.02
N PHE G 158 -56.82 53.05 -76.25
CA PHE G 158 -55.47 52.80 -76.69
C PHE G 158 -54.62 54.06 -76.53
N TYR G 159 -55.26 55.22 -76.51
CA TYR G 159 -54.50 56.45 -76.58
C TYR G 159 -53.50 56.52 -75.42
N LYS G 160 -53.96 56.17 -74.23
CA LYS G 160 -53.12 56.26 -73.04
C LYS G 160 -53.59 55.31 -71.94
N THR G 161 -52.62 54.76 -71.21
CA THR G 161 -52.91 53.92 -70.05
C THR G 161 -53.53 54.75 -68.94
N PRO G 162 -54.03 54.08 -67.90
CA PRO G 162 -54.55 54.83 -66.77
C PRO G 162 -53.50 55.69 -66.11
N GLU G 163 -54.01 56.61 -65.29
CA GLU G 163 -53.23 57.45 -64.41
C GLU G 163 -52.07 56.67 -63.76
N ALA G 164 -52.39 55.50 -63.20
CA ALA G 164 -51.41 54.74 -62.43
C ALA G 164 -50.72 53.58 -63.17
N GLY G 165 -50.83 53.55 -64.49
CA GLY G 165 -50.29 52.47 -65.30
C GLY G 165 -51.13 51.22 -65.20
N ILE G 166 -50.88 50.26 -66.09
CA ILE G 166 -51.56 48.98 -66.03
C ILE G 166 -50.56 47.92 -65.61
N LYS G 167 -51.01 46.94 -64.83
CA LYS G 167 -50.14 45.85 -64.39
C LYS G 167 -50.72 44.50 -64.79
N TYR G 168 -49.90 43.45 -64.73
CA TYR G 168 -50.37 42.09 -65.01
C TYR G 168 -50.60 41.27 -63.74
N ASN G 169 -50.05 41.74 -62.62
CA ASN G 169 -49.91 40.92 -61.42
C ASN G 169 -49.00 39.73 -61.70
N ASN G 170 -48.22 39.85 -62.77
CA ASN G 170 -47.19 38.88 -63.12
C ASN G 170 -46.01 39.52 -63.83
N GLN G 171 -44.92 38.77 -63.88
CA GLN G 171 -43.66 39.26 -64.43
C GLN G 171 -43.51 38.76 -65.87
N ILE G 172 -43.14 39.66 -66.77
CA ILE G 172 -42.97 39.31 -68.17
C ILE G 172 -41.50 39.42 -68.55
N LYS G 173 -41.18 39.07 -69.79
CA LYS G 173 -39.80 38.98 -70.22
C LYS G 173 -39.47 40.20 -71.06
N ASP G 174 -38.19 40.51 -71.20
CA ASP G 174 -37.75 41.64 -72.04
C ASP G 174 -38.29 41.63 -73.48
N ARG G 175 -38.98 42.71 -73.86
CA ARG G 175 -39.54 42.89 -75.21
C ARG G 175 -40.87 42.13 -75.30
N SER G 176 -41.13 41.26 -74.33
CA SER G 176 -42.35 40.45 -74.30
C SER G 176 -43.62 41.23 -74.59
N MET G 177 -43.69 42.47 -74.12
CA MET G 177 -44.90 43.29 -74.21
C MET G 177 -45.10 43.92 -75.58
N GLU G 178 -46.21 43.56 -76.22
CA GLU G 178 -46.54 44.11 -77.53
C GLU G 178 -48.03 44.04 -77.79
N SER G 179 -48.57 45.08 -78.41
CA SER G 179 -49.98 45.15 -78.75
C SER G 179 -50.27 44.64 -80.17
N ASN G 180 -51.54 44.37 -80.46
CA ASN G 180 -51.93 44.12 -81.84
C ASN G 180 -51.75 45.40 -82.64
N THR G 181 -51.89 45.31 -83.96
CA THR G 181 -51.67 46.48 -84.80
C THR G 181 -52.97 47.27 -84.99
N PHE G 182 -52.83 48.56 -85.23
CA PHE G 182 -53.97 49.42 -85.54
C PHE G 182 -53.58 50.45 -86.59
N SER G 183 -54.59 51.05 -87.24
CA SER G 183 -54.30 51.96 -88.34
C SER G 183 -54.10 53.38 -87.88
N PHE G 184 -53.06 54.00 -88.44
CA PHE G 184 -52.78 55.41 -88.20
C PHE G 184 -52.94 56.19 -89.48
N ASN G 185 -53.96 57.04 -89.53
CA ASN G 185 -54.22 57.87 -90.70
C ASN G 185 -53.24 59.03 -90.88
N SER G 186 -52.15 58.79 -91.59
CA SER G 186 -51.23 59.87 -91.93
C SER G 186 -52.04 60.88 -92.73
N GLY G 187 -51.83 62.17 -92.48
CA GLY G 187 -52.58 63.20 -93.17
C GLY G 187 -52.46 63.13 -94.68
N ARG G 188 -51.32 62.62 -95.15
CA ARG G 188 -50.97 62.63 -96.57
C ARG G 188 -51.84 61.78 -97.50
N LYS G 189 -51.62 61.97 -98.80
CA LYS G 189 -52.47 61.39 -99.83
C LYS G 189 -51.67 60.82 -101.01
N VAL G 190 -52.12 59.69 -101.54
CA VAL G 190 -51.39 59.01 -102.61
C VAL G 190 -52.35 58.30 -103.58
N VAL G 191 -51.84 57.92 -104.75
CA VAL G 191 -52.68 57.31 -105.79
C VAL G 191 -52.06 56.03 -106.39
N ASN G 192 -52.95 55.12 -106.75
CA ASN G 192 -52.58 53.99 -107.57
C ASN G 192 -53.72 53.27 -108.25
N PRO G 193 -53.34 52.37 -109.17
CA PRO G 193 -54.37 51.65 -109.87
C PRO G 193 -55.49 52.52 -110.41
N ASP G 194 -55.13 53.59 -111.12
CA ASP G 194 -56.16 54.36 -111.78
C ASP G 194 -57.14 54.74 -110.73
N THR G 195 -56.79 55.21 -109.54
CA THR G 195 -58.01 55.38 -108.77
C THR G 195 -58.25 56.80 -108.28
N GLY G 196 -57.21 57.46 -107.81
CA GLY G 196 -57.35 58.82 -107.30
C GLY G 196 -56.55 59.09 -106.04
N LEU G 197 -56.96 60.12 -105.31
CA LEU G 197 -56.30 60.52 -104.07
C LEU G 197 -56.37 59.41 -103.02
N GLU G 198 -57.51 58.74 -102.95
CA GLU G 198 -57.71 57.66 -101.98
C GLU G 198 -57.57 58.15 -100.54
N GLU G 199 -58.07 59.35 -100.27
CA GLU G 199 -58.02 59.94 -98.94
C GLU G 199 -56.60 60.10 -98.39
N ASP G 200 -56.39 59.63 -97.17
CA ASP G 200 -55.08 59.76 -96.52
C ASP G 200 -54.38 58.42 -96.32
N VAL G 201 -53.12 58.37 -96.72
CA VAL G 201 -52.31 57.17 -96.60
C VAL G 201 -52.42 56.59 -95.18
N LEU G 202 -52.65 55.28 -95.09
CA LEU G 202 -52.72 54.58 -93.80
C LEU G 202 -51.70 53.45 -93.72
N TYR G 203 -51.03 53.32 -92.58
CA TYR G 203 -50.22 52.13 -92.34
C TYR G 203 -50.50 51.52 -90.96
N ASP G 204 -50.18 50.24 -90.84
CA ASP G 204 -50.34 49.54 -89.56
C ASP G 204 -49.21 49.87 -88.59
N VAL G 205 -49.59 50.35 -87.40
CA VAL G 205 -48.66 50.80 -86.39
C VAL G 205 -48.99 50.11 -85.06
N ARG G 206 -48.06 50.07 -84.10
CA ARG G 206 -48.33 49.42 -82.81
C ARG G 206 -47.41 49.78 -81.63
N ILE G 207 -47.76 49.29 -80.45
CA ILE G 207 -47.02 49.58 -79.22
C ILE G 207 -46.24 48.36 -78.66
N VAL G 208 -44.93 48.53 -78.50
CA VAL G 208 -44.03 47.47 -78.05
C VAL G 208 -43.13 47.97 -76.90
N SER G 209 -42.61 47.05 -76.09
CA SER G 209 -41.64 47.42 -75.05
C SER G 209 -40.20 47.10 -75.45
N THR G 210 -39.25 47.70 -74.74
CA THR G 210 -37.84 47.47 -75.05
C THR G 210 -37.19 46.71 -73.91
N ASP G 211 -36.05 46.09 -74.19
CA ASP G 211 -35.27 45.44 -73.14
C ASP G 211 -35.15 46.40 -71.97
N ARG G 212 -35.17 45.88 -70.75
CA ARG G 212 -35.05 46.72 -69.56
C ARG G 212 -33.64 47.26 -69.39
N ASP G 213 -33.55 48.49 -68.91
CA ASP G 213 -32.27 49.10 -68.61
C ASP G 213 -31.74 48.54 -67.30
N SER G 214 -30.59 49.07 -66.87
CA SER G 214 -29.87 48.57 -65.71
C SER G 214 -30.64 48.70 -64.39
N LYS G 215 -31.84 49.26 -64.44
CA LYS G 215 -32.67 49.45 -63.23
C LYS G 215 -34.04 48.78 -63.35
N GLY G 216 -34.23 48.03 -64.44
CA GLY G 216 -35.44 47.24 -64.65
C GLY G 216 -36.50 47.92 -65.49
N ILE G 217 -36.06 48.79 -66.40
CA ILE G 217 -36.98 49.77 -66.97
C ILE G 217 -36.71 50.11 -68.42
N GLY G 218 -37.61 49.66 -69.30
CA GLY G 218 -37.49 49.95 -70.72
C GLY G 218 -38.57 50.93 -71.13
N LYS G 219 -38.54 51.32 -72.41
CA LYS G 219 -39.49 52.28 -72.93
C LYS G 219 -40.71 51.57 -73.48
N VAL G 220 -41.79 52.30 -73.67
CA VAL G 220 -42.93 51.79 -74.41
C VAL G 220 -42.99 52.59 -75.70
N ILE G 221 -42.64 51.96 -76.82
CA ILE G 221 -42.49 52.71 -78.06
C ILE G 221 -43.54 52.39 -79.12
N ILE G 222 -43.78 53.33 -80.04
CA ILE G 222 -44.83 53.16 -81.02
C ILE G 222 -44.30 53.48 -82.41
N GLY G 223 -44.67 52.64 -83.39
CA GLY G 223 -44.21 52.81 -84.77
C GLY G 223 -44.58 51.62 -85.63
N PRO G 224 -44.04 51.55 -86.87
CA PRO G 224 -43.14 52.53 -87.48
C PRO G 224 -43.88 53.78 -87.97
N PHE G 225 -43.14 54.71 -88.58
CA PHE G 225 -43.75 55.89 -89.20
C PHE G 225 -43.01 56.30 -90.46
N ALA G 226 -43.35 57.47 -90.94
CA ALA G 226 -42.74 58.06 -92.12
C ALA G 226 -41.79 59.11 -91.59
N SER G 227 -40.92 59.60 -92.46
CA SER G 227 -39.80 60.39 -92.01
C SER G 227 -40.11 61.84 -91.67
N GLY G 228 -41.38 62.20 -91.56
CA GLY G 228 -42.47 61.29 -91.79
C GLY G 228 -43.73 61.97 -91.31
N ASP G 229 -44.63 61.18 -90.78
CA ASP G 229 -45.91 61.71 -90.37
C ASP G 229 -45.94 62.19 -88.93
N VAL G 230 -44.84 62.09 -88.21
CA VAL G 230 -44.78 62.59 -86.83
C VAL G 230 -43.75 63.70 -86.68
N THR G 231 -44.15 64.81 -86.07
CA THR G 231 -43.32 66.01 -86.01
C THR G 231 -42.31 66.00 -84.85
N GLU G 232 -41.03 66.06 -85.20
CA GLU G 232 -39.93 65.90 -84.25
C GLU G 232 -39.43 67.22 -83.62
N ASN G 233 -39.25 67.16 -82.29
CA ASN G 233 -38.90 68.30 -81.46
C ASN G 233 -37.58 68.08 -80.73
N GLU G 234 -37.37 68.86 -79.69
CA GLU G 234 -36.27 68.63 -78.76
C GLU G 234 -36.60 67.40 -77.94
N ASN G 235 -37.89 67.21 -77.68
CA ASN G 235 -38.37 66.04 -76.95
C ASN G 235 -38.63 64.90 -77.91
N ILE G 236 -39.61 65.10 -78.76
CA ILE G 236 -40.02 64.12 -79.77
C ILE G 236 -38.91 63.84 -80.78
N GLN G 237 -38.27 62.68 -80.65
CA GLN G 237 -37.22 62.27 -81.58
C GLN G 237 -37.29 60.76 -81.79
N PRO G 238 -36.95 60.26 -82.95
CA PRO G 238 -37.10 58.83 -83.16
C PRO G 238 -36.31 58.04 -82.13
N TYR G 239 -36.85 56.93 -81.66
CA TYR G 239 -36.16 56.21 -80.63
C TYR G 239 -34.80 55.91 -81.15
N THR G 240 -33.82 56.13 -80.31
CA THR G 240 -32.45 56.02 -80.72
C THR G 240 -31.93 54.69 -81.22
N GLY G 241 -32.22 53.58 -80.58
CA GLY G 241 -31.59 52.37 -81.06
C GLY G 241 -32.23 51.01 -81.01
N ASN G 242 -31.78 50.12 -81.88
CA ASN G 242 -32.32 48.77 -81.87
C ASN G 242 -32.26 48.20 -80.46
N ASP G 243 -33.29 47.47 -80.06
CA ASP G 243 -33.47 47.10 -78.67
C ASP G 243 -34.83 46.46 -78.41
N PHE G 244 -35.46 45.93 -79.46
CA PHE G 244 -36.84 45.44 -79.34
C PHE G 244 -37.31 44.77 -80.63
N ASN G 245 -38.63 44.59 -80.74
CA ASN G 245 -39.23 43.90 -81.89
C ASN G 245 -39.87 44.85 -82.89
N LYS G 246 -39.30 44.97 -84.08
CA LYS G 246 -39.89 45.82 -85.12
C LYS G 246 -40.85 45.00 -85.99
N LEU G 247 -41.86 45.63 -86.58
CA LEU G 247 -42.80 44.86 -87.41
C LEU G 247 -42.59 45.03 -88.91
N ALA G 248 -43.22 44.14 -89.68
CA ALA G 248 -43.05 44.05 -91.13
C ALA G 248 -43.32 45.35 -91.88
N ASN G 249 -42.26 45.93 -92.44
CA ASN G 249 -42.39 47.11 -93.28
C ASN G 249 -42.71 46.74 -94.72
N SER G 250 -43.81 46.02 -94.91
CA SER G 250 -44.33 45.73 -96.24
C SER G 250 -44.66 47.06 -96.91
N ASP G 251 -44.64 48.11 -96.11
CA ASP G 251 -44.81 49.48 -96.56
C ASP G 251 -43.46 50.23 -96.43
N GLY G 252 -42.42 49.52 -95.98
CA GLY G 252 -41.06 50.03 -95.94
C GLY G 252 -40.62 50.83 -94.71
N ARG G 253 -41.59 51.26 -93.92
CA ARG G 253 -41.38 52.28 -92.87
C ARG G 253 -40.52 51.85 -91.70
N ASP G 254 -40.01 52.81 -90.96
CA ASP G 254 -39.37 52.54 -89.70
C ASP G 254 -38.81 53.75 -89.02
N LYS G 255 -39.53 54.25 -88.05
CA LYS G 255 -39.03 55.25 -87.17
C LYS G 255 -39.99 55.05 -86.07
N TYR G 256 -39.47 54.68 -84.90
CA TYR G 256 -40.41 54.52 -83.78
C TYR G 256 -40.14 55.64 -82.79
N TYR G 257 -41.13 55.95 -81.96
CA TYR G 257 -41.03 57.03 -80.98
C TYR G 257 -41.39 56.58 -79.55
N VAL G 258 -40.62 57.02 -78.55
CA VAL G 258 -40.90 56.67 -77.15
C VAL G 258 -42.18 57.36 -76.65
N ILE G 259 -43.04 56.64 -75.93
CA ILE G 259 -44.21 57.26 -75.31
C ILE G 259 -44.58 56.80 -73.90
N GLY G 260 -43.63 56.19 -73.19
CA GLY G 260 -43.88 55.79 -71.81
C GLY G 260 -42.75 54.90 -71.32
N GLU G 261 -43.08 53.97 -70.41
CA GLU G 261 -42.11 52.95 -70.02
C GLU G 261 -42.73 51.80 -69.22
N ILE G 262 -42.09 50.64 -69.25
CA ILE G 262 -42.51 49.56 -68.36
C ILE G 262 -41.55 49.56 -67.23
N ASN G 263 -42.08 49.46 -66.02
CA ASN G 263 -41.30 49.08 -64.87
C ASN G 263 -41.47 47.58 -64.70
N TYR G 264 -40.47 46.81 -65.14
CA TYR G 264 -40.61 45.37 -65.15
C TYR G 264 -40.77 44.78 -63.75
N PRO G 265 -39.87 45.16 -62.82
CA PRO G 265 -39.97 44.72 -61.43
C PRO G 265 -41.28 45.17 -60.77
N ALA G 266 -41.59 46.47 -60.86
CA ALA G 266 -42.80 47.00 -60.25
C ALA G 266 -44.07 46.50 -60.95
N ASP G 267 -43.89 45.98 -62.16
CA ASP G 267 -45.01 45.55 -63.01
C ASP G 267 -45.98 46.71 -63.20
N VAL G 268 -45.56 47.74 -63.90
CA VAL G 268 -46.44 48.85 -64.30
C VAL G 268 -46.07 49.34 -65.71
N ILE G 269 -47.08 49.62 -66.52
CA ILE G 269 -46.85 50.09 -67.87
C ILE G 269 -47.67 51.33 -68.14
N TYR G 270 -46.99 52.41 -68.51
CA TYR G 270 -47.67 53.67 -68.81
C TYR G 270 -47.27 54.17 -70.18
N TRP G 271 -48.26 54.65 -70.94
CA TRP G 271 -48.00 55.46 -72.12
C TRP G 271 -49.08 56.51 -72.36
N ASN G 272 -48.76 57.45 -73.23
CA ASN G 272 -49.64 58.56 -73.51
C ASN G 272 -49.24 59.05 -74.88
N ILE G 273 -50.08 58.81 -75.88
CA ILE G 273 -49.69 59.13 -77.24
C ILE G 273 -49.52 60.65 -77.39
N ALA G 274 -50.19 61.39 -76.52
CA ALA G 274 -50.02 62.82 -76.46
C ALA G 274 -48.56 63.23 -76.22
N LYS G 275 -47.71 62.30 -75.81
CA LYS G 275 -46.31 62.63 -75.55
C LYS G 275 -45.56 62.93 -76.85
N ILE G 276 -45.94 62.23 -77.92
CA ILE G 276 -45.67 62.76 -79.25
C ILE G 276 -46.93 63.60 -79.50
N ASN G 277 -47.18 64.08 -80.71
CA ASN G 277 -48.30 65.01 -80.81
C ASN G 277 -49.51 64.54 -81.62
N LEU G 278 -49.75 63.24 -81.59
CA LEU G 278 -50.81 62.66 -82.40
C LEU G 278 -52.16 62.67 -81.69
N THR G 279 -53.18 63.10 -82.42
CA THR G 279 -54.52 63.15 -81.90
C THR G 279 -55.15 61.79 -82.15
N SER G 280 -55.96 61.34 -81.18
CA SER G 280 -56.69 60.09 -81.30
C SER G 280 -57.48 59.99 -82.61
N GLU G 281 -57.76 61.15 -83.22
CA GLU G 281 -58.42 61.20 -84.52
C GLU G 281 -57.61 60.47 -85.56
N LYS G 282 -56.29 60.56 -85.44
CA LYS G 282 -55.39 59.90 -86.37
C LYS G 282 -55.32 58.39 -86.15
N PHE G 283 -56.21 57.84 -85.31
CA PHE G 283 -56.23 56.39 -85.04
C PHE G 283 -57.64 55.83 -85.17
N GLU G 284 -57.78 54.82 -86.01
CA GLU G 284 -59.06 54.17 -86.23
C GLU G 284 -59.68 53.62 -84.95
N VAL G 285 -58.84 53.15 -84.03
CA VAL G 285 -59.30 52.29 -82.96
C VAL G 285 -59.77 53.00 -81.69
N GLN G 286 -60.28 52.21 -80.75
CA GLN G 286 -60.57 52.64 -79.40
C GLN G 286 -59.93 51.67 -78.41
N THR G 287 -60.31 50.41 -78.52
CA THR G 287 -59.75 49.35 -77.68
C THR G 287 -58.62 48.62 -78.39
N ILE G 288 -57.59 48.23 -77.64
CA ILE G 288 -56.54 47.38 -78.18
C ILE G 288 -56.13 46.26 -77.23
N GLU G 289 -55.26 45.37 -77.71
CA GLU G 289 -54.82 44.22 -76.94
C GLU G 289 -53.35 44.38 -76.56
N LEU G 290 -53.02 44.02 -75.33
CA LEU G 290 -51.64 44.11 -74.89
C LEU G 290 -51.11 42.74 -74.49
N TYR G 291 -50.24 42.18 -75.33
CA TYR G 291 -49.69 40.85 -75.12
C TYR G 291 -48.30 40.93 -74.53
N SER G 292 -48.06 40.09 -73.54
CA SER G 292 -46.72 39.86 -73.06
C SER G 292 -46.70 38.39 -72.74
N ASP G 293 -45.51 37.81 -72.78
CA ASP G 293 -45.35 36.43 -72.34
C ASP G 293 -44.54 36.39 -71.05
N PRO G 294 -45.05 35.61 -70.08
CA PRO G 294 -44.61 35.56 -68.69
C PRO G 294 -43.26 34.90 -68.52
N THR G 295 -42.68 35.00 -67.33
CA THR G 295 -41.58 34.14 -66.91
C THR G 295 -42.18 33.10 -66.01
N ASP G 296 -43.48 33.24 -65.79
CA ASP G 296 -44.21 32.40 -64.87
C ASP G 296 -44.63 31.09 -65.49
N ASP G 297 -44.31 30.00 -64.80
CA ASP G 297 -44.92 28.74 -65.16
C ASP G 297 -46.24 28.68 -64.41
N VAL G 298 -46.49 29.75 -63.67
CA VAL G 298 -47.77 29.98 -63.00
C VAL G 298 -48.18 31.46 -63.05
N ILE G 299 -49.37 31.73 -63.54
CA ILE G 299 -49.84 33.09 -63.67
C ILE G 299 -50.78 33.41 -62.52
N PHE G 300 -50.53 34.52 -61.84
CA PHE G 300 -51.32 34.86 -60.69
C PHE G 300 -52.29 35.97 -60.93
N THR G 301 -53.49 35.74 -60.48
CA THR G 301 -54.53 36.72 -60.55
C THR G 301 -54.22 37.49 -59.30
N ARG G 302 -55.09 38.38 -58.88
CA ARG G 302 -54.80 39.16 -57.70
C ARG G 302 -55.88 40.14 -57.35
N ASP G 303 -55.56 41.41 -57.24
CA ASP G 303 -56.53 42.37 -56.81
C ASP G 303 -57.41 42.96 -57.88
N GLY G 304 -58.58 42.38 -58.01
CA GLY G 304 -59.54 42.87 -58.99
C GLY G 304 -59.22 42.23 -60.30
N SER G 305 -58.07 41.57 -60.33
CA SER G 305 -57.61 40.81 -61.49
C SER G 305 -58.18 39.40 -61.40
N LEU G 306 -58.40 38.80 -62.56
CA LEU G 306 -59.11 37.51 -62.62
C LEU G 306 -58.76 36.82 -63.94
N ILE G 307 -58.26 35.59 -63.86
CA ILE G 307 -57.90 34.84 -65.06
C ILE G 307 -59.08 34.02 -65.55
N VAL G 308 -59.59 34.38 -66.72
CA VAL G 308 -60.82 33.78 -67.18
C VAL G 308 -60.67 33.17 -68.59
N PHE G 309 -61.50 32.17 -68.88
CA PHE G 309 -61.48 31.49 -70.17
C PHE G 309 -62.88 31.51 -70.75
N GLU G 310 -63.09 32.40 -71.71
CA GLU G 310 -64.40 32.52 -72.33
C GLU G 310 -64.30 32.31 -73.85
N ASN G 311 -64.11 31.07 -74.27
CA ASN G 311 -63.79 30.81 -75.68
C ASN G 311 -64.88 31.26 -76.66
N ASP G 312 -66.12 30.82 -76.43
CA ASP G 312 -67.26 31.35 -77.16
C ASP G 312 -67.30 32.84 -77.49
N LEU G 313 -67.03 33.66 -76.46
CA LEU G 313 -67.12 35.12 -76.51
C LEU G 313 -65.74 35.77 -76.67
N ARG G 314 -64.74 34.90 -76.77
CA ARG G 314 -63.34 35.31 -76.85
C ARG G 314 -62.57 34.19 -77.50
N PRO G 315 -62.98 33.81 -78.71
CA PRO G 315 -62.45 32.62 -79.39
C PRO G 315 -61.05 32.90 -79.85
N GLN G 316 -60.85 34.16 -80.22
CA GLN G 316 -59.57 34.67 -80.68
C GLN G 316 -58.39 34.27 -79.79
N TYR G 317 -58.69 33.93 -78.54
CA TYR G 317 -57.65 33.62 -77.55
C TYR G 317 -57.51 32.12 -77.37
N LEU G 318 -57.32 31.43 -78.48
CA LEU G 318 -57.16 29.99 -78.50
C LEU G 318 -57.12 29.53 -79.94
N THR G 319 -55.98 28.95 -80.33
CA THR G 319 -55.85 28.24 -81.58
C THR G 319 -55.44 26.81 -81.26
N ILE G 320 -56.19 25.85 -81.78
CA ILE G 320 -55.85 24.44 -81.65
C ILE G 320 -55.37 23.86 -82.98
N ASP G 321 -54.10 23.50 -83.07
CA ASP G 321 -53.60 22.80 -84.25
C ASP G 321 -53.42 21.34 -83.90
N LEU G 322 -54.28 20.48 -84.42
CA LEU G 322 -54.13 19.04 -84.20
C LEU G 322 -53.09 18.41 -85.12
N GLU G 323 -52.72 17.19 -84.82
CA GLU G 323 -51.80 16.46 -85.66
C GLU G 323 -52.10 15.00 -85.47
N PRO G 324 -52.42 14.32 -86.56
CA PRO G 324 -52.77 12.91 -86.50
C PRO G 324 -51.51 12.09 -86.65
N ILE G 325 -51.55 10.91 -86.05
CA ILE G 325 -50.41 10.05 -86.04
C ILE G 325 -50.69 8.65 -86.53
N SER G 326 -49.74 8.16 -87.30
CA SER G 326 -49.80 6.84 -87.87
C SER G 326 -49.81 5.85 -86.75
N GLN G 327 -50.46 4.71 -86.95
CA GLN G 327 -50.50 3.69 -85.92
C GLN G 327 -49.14 3.00 -85.80
N LEU G 328 -48.92 2.28 -84.71
CA LEU G 328 -47.66 1.57 -84.48
C LEU G 328 -47.85 0.05 -84.43
N GLU G 329 -46.88 -0.78 -84.82
CA GLU G 329 -47.32 -2.17 -84.65
C GLU G 329 -48.85 -2.41 -84.59
N HIS G 330 -49.41 -3.08 -85.61
CA HIS G 330 -50.69 -3.82 -85.52
C HIS G 330 -50.52 -5.16 -86.13
N HIS G 331 -50.03 -6.08 -85.32
CA HIS G 331 -49.43 -7.29 -85.81
C HIS G 331 -48.90 -8.09 -84.64
N HIS G 332 -49.74 -8.92 -84.04
CA HIS G 332 -49.24 -9.90 -83.08
C HIS G 332 -50.28 -10.55 -82.23
N ALA H 9 -42.13 -9.93 -83.27
CA ALA H 9 -41.92 -9.39 -81.95
C ALA H 9 -42.25 -10.45 -80.96
N THR H 10 -43.44 -10.40 -80.43
CA THR H 10 -43.86 -11.27 -79.36
C THR H 10 -43.81 -12.72 -79.71
N ASP H 11 -43.70 -13.09 -80.97
CA ASP H 11 -43.74 -14.52 -81.26
C ASP H 11 -42.67 -15.24 -80.48
N TYR H 12 -41.48 -14.68 -80.43
CA TYR H 12 -40.44 -15.35 -79.68
C TYR H 12 -40.06 -14.60 -78.43
N ASP H 13 -40.34 -13.32 -78.41
CA ASP H 13 -40.01 -12.49 -77.28
C ASP H 13 -40.77 -12.91 -76.04
N THR H 14 -42.03 -13.26 -76.22
CA THR H 14 -42.87 -13.60 -75.11
C THR H 14 -42.33 -14.78 -74.39
N PHE H 15 -41.99 -15.80 -75.14
CA PHE H 15 -41.49 -16.96 -74.48
C PHE H 15 -40.41 -16.43 -73.62
N VAL H 16 -39.30 -16.13 -74.23
CA VAL H 16 -38.20 -15.57 -73.45
C VAL H 16 -38.71 -14.77 -72.27
N SER H 17 -39.74 -13.96 -72.49
CA SER H 17 -40.29 -13.13 -71.42
C SER H 17 -40.91 -13.95 -70.29
N GLU H 18 -40.95 -15.27 -70.47
CA GLU H 18 -41.46 -16.16 -69.45
C GLU H 18 -40.32 -16.75 -68.61
N ARG H 19 -39.35 -17.35 -69.30
CA ARG H 19 -38.22 -18.01 -68.64
C ARG H 19 -37.25 -17.03 -68.01
N PHE H 20 -37.52 -15.73 -68.15
CA PHE H 20 -36.58 -14.72 -67.70
C PHE H 20 -37.27 -13.47 -67.19
N GLY H 21 -38.59 -13.54 -67.02
CA GLY H 21 -39.38 -12.40 -66.56
C GLY H 21 -38.85 -11.74 -65.30
N SER H 22 -37.96 -12.43 -64.59
CA SER H 22 -37.38 -11.92 -63.34
C SER H 22 -36.27 -10.90 -63.60
N ILE H 23 -35.71 -10.93 -64.80
CA ILE H 23 -34.78 -9.86 -65.19
C ILE H 23 -35.36 -8.98 -66.28
N ILE H 24 -35.44 -9.50 -67.50
CA ILE H 24 -35.86 -8.69 -68.64
C ILE H 24 -37.23 -8.03 -68.44
N GLN H 25 -37.28 -6.71 -68.67
CA GLN H 25 -38.54 -5.97 -68.55
C GLN H 25 -39.07 -5.56 -69.92
N ALA H 26 -38.29 -5.79 -70.97
CA ALA H 26 -38.70 -5.41 -72.31
C ALA H 26 -38.00 -6.26 -73.37
N VAL H 27 -38.80 -6.95 -74.17
CA VAL H 27 -38.27 -7.80 -75.23
C VAL H 27 -39.08 -7.66 -76.48
N GLN H 28 -38.39 -7.40 -77.58
CA GLN H 28 -39.00 -7.33 -78.90
C GLN H 28 -37.98 -7.72 -79.97
N THR H 29 -38.46 -8.37 -81.02
CA THR H 29 -37.61 -8.77 -82.12
C THR H 29 -37.76 -7.80 -83.27
N PHE H 30 -36.82 -7.84 -84.20
CA PHE H 30 -36.90 -7.06 -85.41
C PHE H 30 -35.79 -7.49 -86.37
N THR H 31 -35.96 -7.15 -87.65
CA THR H 31 -34.94 -7.41 -88.65
C THR H 31 -34.30 -6.08 -89.02
N ASP H 32 -33.19 -6.13 -89.73
CA ASP H 32 -32.61 -4.90 -90.23
C ASP H 32 -32.75 -4.88 -91.75
N SER H 33 -33.43 -3.92 -92.30
CA SER H 33 -33.54 -4.03 -93.70
C SER H 33 -32.13 -3.76 -94.03
N THR H 34 -31.41 -4.77 -94.49
CA THR H 34 -30.03 -4.57 -94.81
C THR H 34 -29.17 -5.66 -94.30
N LYS H 35 -29.32 -5.98 -93.03
CA LYS H 35 -28.56 -7.05 -92.48
C LYS H 35 -29.44 -8.21 -92.72
N PRO H 36 -29.63 -8.53 -93.98
CA PRO H 36 -30.55 -9.58 -94.34
C PRO H 36 -30.14 -10.86 -93.73
N GLY H 37 -31.08 -11.62 -93.23
CA GLY H 37 -30.78 -12.89 -92.62
C GLY H 37 -30.74 -12.87 -91.12
N TYR H 38 -30.47 -11.72 -90.57
CA TYR H 38 -30.24 -11.58 -89.13
C TYR H 38 -31.47 -11.10 -88.39
N ALA H 39 -31.82 -11.80 -87.32
CA ALA H 39 -32.91 -11.39 -86.46
C ALA H 39 -32.37 -11.12 -85.06
N PHE H 40 -32.64 -9.93 -84.54
CA PHE H 40 -32.09 -9.50 -83.25
C PHE H 40 -33.23 -9.36 -82.26
N ILE H 41 -32.96 -9.65 -81.00
CA ILE H 41 -33.94 -9.36 -79.96
C ILE H 41 -33.35 -8.39 -78.95
N ALA H 42 -33.91 -7.19 -78.88
CA ALA H 42 -33.48 -6.23 -77.90
C ALA H 42 -34.14 -6.59 -76.57
N ALA H 43 -33.36 -6.60 -75.50
CA ALA H 43 -33.95 -6.80 -74.19
C ALA H 43 -33.36 -5.84 -73.19
N LYS H 44 -34.23 -5.22 -72.40
CA LYS H 44 -33.81 -4.35 -71.31
C LYS H 44 -33.99 -5.04 -69.96
N PRO H 45 -32.90 -5.19 -69.20
CA PRO H 45 -32.96 -5.68 -67.82
C PRO H 45 -34.04 -4.92 -67.06
N LYS H 46 -34.82 -5.56 -66.22
CA LYS H 46 -35.74 -4.78 -65.43
C LYS H 46 -34.81 -4.03 -64.54
N SER H 47 -33.70 -4.68 -64.27
CA SER H 47 -32.74 -4.22 -63.28
C SER H 47 -31.69 -3.36 -63.90
N GLY H 48 -32.08 -2.21 -64.43
CA GLY H 48 -31.13 -1.32 -65.06
C GLY H 48 -31.19 -1.29 -66.57
N LEU H 49 -30.02 -1.28 -67.15
CA LEU H 49 -29.75 -0.87 -68.55
C LEU H 49 -29.25 -1.96 -69.51
N TYR H 50 -28.13 -2.60 -69.18
CA TYR H 50 -27.54 -3.59 -70.08
C TYR H 50 -27.45 -4.96 -69.43
N LEU H 51 -28.07 -5.95 -70.06
CA LEU H 51 -27.95 -7.32 -69.59
C LEU H 51 -26.47 -7.70 -69.62
N THR H 52 -26.05 -8.52 -68.66
CA THR H 52 -24.65 -8.90 -68.58
C THR H 52 -24.30 -10.08 -69.48
N THR H 53 -23.10 -10.03 -70.04
CA THR H 53 -22.66 -11.00 -71.04
C THR H 53 -22.81 -12.45 -70.56
N VAL H 54 -22.96 -12.62 -69.25
CA VAL H 54 -23.31 -13.94 -68.72
C VAL H 54 -24.83 -14.13 -68.78
N GLN H 55 -25.59 -13.14 -68.33
CA GLN H 55 -27.05 -13.14 -68.52
C GLN H 55 -27.42 -13.34 -69.99
N ARG H 56 -26.52 -12.93 -70.88
CA ARG H 56 -26.78 -12.97 -72.31
C ARG H 56 -26.43 -14.33 -72.92
N GLU H 57 -25.42 -14.97 -72.39
CA GLU H 57 -25.03 -16.27 -72.91
C GLU H 57 -25.99 -17.35 -72.44
N ASP H 58 -26.54 -17.16 -71.25
CA ASP H 58 -27.56 -18.07 -70.73
C ASP H 58 -28.80 -18.00 -71.61
N ILE H 59 -29.28 -16.79 -71.83
CA ILE H 59 -30.49 -16.58 -72.60
C ILE H 59 -30.34 -17.06 -74.05
N LYS H 60 -29.16 -16.86 -74.62
CA LYS H 60 -28.91 -17.35 -75.98
C LYS H 60 -28.94 -18.86 -75.99
N ASN H 61 -28.50 -19.47 -74.89
CA ASN H 61 -28.43 -20.93 -74.78
C ASN H 61 -29.74 -21.58 -74.37
N TYR H 62 -30.86 -20.90 -74.64
CA TYR H 62 -32.16 -21.57 -74.66
C TYR H 62 -32.56 -21.70 -76.12
N LEU H 63 -31.76 -21.11 -77.01
CA LEU H 63 -31.98 -21.22 -78.44
C LEU H 63 -31.77 -22.66 -78.89
N LYS H 64 -30.83 -23.33 -78.25
CA LYS H 64 -30.62 -24.74 -78.47
C LYS H 64 -31.79 -25.50 -77.89
N ASP H 65 -32.27 -25.02 -76.73
CA ASP H 65 -33.33 -25.68 -75.98
C ASP H 65 -34.44 -25.91 -77.01
N TYR H 66 -34.97 -24.82 -77.56
CA TYR H 66 -35.79 -24.89 -78.75
C TYR H 66 -34.91 -25.06 -79.98
N ASN H 67 -34.92 -26.28 -80.50
CA ASN H 67 -33.99 -26.72 -81.54
C ASN H 67 -34.07 -25.83 -82.78
N LEU H 68 -32.98 -25.13 -83.05
CA LEU H 68 -32.80 -24.48 -84.34
C LEU H 68 -31.29 -24.57 -84.53
N ALA H 69 -30.89 -25.00 -85.72
CA ALA H 69 -29.49 -25.15 -86.07
C ALA H 69 -29.06 -23.86 -86.77
N PRO H 70 -29.91 -23.31 -87.65
CA PRO H 70 -29.51 -22.08 -88.34
C PRO H 70 -29.02 -21.13 -87.26
N ILE H 71 -28.07 -20.27 -87.58
CA ILE H 71 -27.66 -19.17 -86.70
C ILE H 71 -29.01 -18.62 -86.29
N THR H 72 -29.20 -18.50 -84.98
CA THR H 72 -30.49 -18.18 -84.39
C THR H 72 -30.45 -17.05 -83.36
N PRO H 73 -31.29 -16.06 -83.68
CA PRO H 73 -31.51 -14.76 -83.04
C PRO H 73 -30.38 -14.32 -82.19
N SER H 74 -29.99 -13.06 -82.33
CA SER H 74 -28.91 -12.52 -81.55
C SER H 74 -29.73 -11.80 -80.54
N ILE H 75 -29.43 -12.02 -79.27
CA ILE H 75 -29.98 -11.23 -78.22
C ILE H 75 -29.09 -10.05 -78.13
N ILE H 76 -29.61 -8.91 -77.70
CA ILE H 76 -28.79 -7.74 -77.55
C ILE H 76 -29.55 -6.73 -76.76
N SER H 77 -28.84 -5.74 -76.27
CA SER H 77 -29.48 -4.65 -75.52
C SER H 77 -30.07 -3.56 -76.43
N PRO H 78 -31.20 -2.99 -76.00
CA PRO H 78 -32.05 -2.06 -76.75
C PRO H 78 -31.32 -0.79 -77.20
N ASN H 79 -31.71 -0.22 -78.35
CA ASN H 79 -31.14 1.05 -78.78
C ASN H 79 -31.84 2.22 -78.08
N TYR H 80 -31.24 2.71 -76.99
CA TYR H 80 -31.89 3.70 -76.12
C TYR H 80 -31.93 5.12 -76.66
N LEU H 81 -33.07 5.75 -76.51
CA LEU H 81 -33.18 7.14 -76.80
C LEU H 81 -33.41 7.73 -75.43
N PHE H 82 -32.64 8.75 -75.07
CA PHE H 82 -32.72 9.37 -73.78
C PHE H 82 -33.20 10.79 -73.92
N ILE H 83 -33.88 11.27 -72.90
CA ILE H 83 -34.39 12.62 -72.91
C ILE H 83 -33.64 13.42 -71.92
N LYS H 84 -32.90 14.42 -72.36
CA LYS H 84 -32.16 15.19 -71.42
C LYS H 84 -33.17 16.17 -71.01
N THR H 85 -33.64 16.02 -69.79
CA THR H 85 -34.68 16.90 -69.33
C THR H 85 -34.13 17.99 -68.48
N ASN H 86 -34.66 19.16 -68.71
CA ASN H 86 -34.31 20.33 -67.98
C ASN H 86 -35.60 20.77 -67.42
N LEU H 87 -35.89 20.30 -66.23
CA LEU H 87 -37.17 20.51 -65.56
C LEU H 87 -37.12 21.73 -64.65
N LYS H 88 -38.28 22.36 -64.48
CA LYS H 88 -38.46 23.49 -63.59
C LYS H 88 -39.81 23.34 -62.92
N VAL H 89 -39.81 23.21 -61.61
CA VAL H 89 -41.07 23.08 -60.88
C VAL H 89 -41.19 24.23 -59.89
N THR H 90 -42.29 24.96 -59.94
CA THR H 90 -42.48 26.05 -58.99
C THR H 90 -43.51 25.59 -57.96
N TYR H 91 -43.21 25.76 -56.67
CA TYR H 91 -44.05 25.23 -55.59
C TYR H 91 -44.35 26.28 -54.51
N ALA H 92 -45.37 26.01 -53.70
CA ALA H 92 -45.82 26.95 -52.69
C ALA H 92 -45.09 26.78 -51.36
N LEU H 93 -44.42 27.83 -50.88
CA LEU H 93 -43.69 27.74 -49.62
C LEU H 93 -44.55 27.18 -48.51
N ASN H 94 -45.68 27.82 -48.25
CA ASN H 94 -46.58 27.43 -47.16
C ASN H 94 -46.85 25.93 -47.15
N LYS H 95 -47.15 25.38 -48.34
CA LYS H 95 -47.71 24.05 -48.44
C LYS H 95 -46.66 22.95 -48.53
N LEU H 96 -45.39 23.32 -48.37
CA LEU H 96 -44.29 22.35 -48.48
C LEU H 96 -43.61 22.08 -47.14
N GLN H 97 -43.85 20.89 -46.59
CA GLN H 97 -43.39 20.57 -45.25
C GLN H 97 -41.90 20.22 -45.16
N GLU H 98 -41.46 19.26 -45.97
CA GLU H 98 -40.09 18.76 -45.90
C GLU H 98 -39.08 19.59 -46.69
N SER H 99 -37.87 19.06 -46.82
CA SER H 99 -36.79 19.77 -47.49
C SER H 99 -37.05 19.86 -48.98
N GLU H 100 -36.38 20.82 -49.62
CA GLU H 100 -36.35 20.85 -51.07
C GLU H 100 -35.76 19.56 -51.57
N GLN H 101 -34.69 19.11 -50.91
CA GLN H 101 -34.03 17.86 -51.25
C GLN H 101 -35.02 16.70 -51.24
N TRP H 102 -35.99 16.76 -50.33
CA TRP H 102 -37.02 15.75 -50.25
C TRP H 102 -37.94 15.83 -51.45
N LEU H 103 -38.53 17.02 -51.64
CA LEU H 103 -39.42 17.29 -52.75
C LEU H 103 -38.86 16.73 -54.07
N GLU H 104 -37.65 17.14 -54.44
CA GLU H 104 -37.02 16.57 -55.62
C GLU H 104 -37.22 15.06 -55.65
N GLY H 105 -36.70 14.37 -54.65
CA GLY H 105 -36.88 12.93 -54.56
C GLY H 105 -38.30 12.55 -54.89
N GLN H 106 -39.24 13.27 -54.28
CA GLN H 106 -40.65 12.95 -54.43
C GLN H 106 -41.12 13.03 -55.88
N ILE H 107 -40.57 13.96 -56.65
CA ILE H 107 -40.96 14.10 -58.04
C ILE H 107 -40.13 13.23 -58.97
N ILE H 108 -38.82 13.20 -58.74
CA ILE H 108 -37.95 12.31 -59.50
C ILE H 108 -38.41 10.86 -59.40
N ASP H 109 -39.28 10.57 -58.45
CA ASP H 109 -39.94 9.27 -58.42
C ASP H 109 -41.08 9.26 -59.42
N LYS H 110 -41.90 10.32 -59.40
CA LYS H 110 -43.05 10.41 -60.27
C LYS H 110 -42.62 10.28 -61.72
N ILE H 111 -41.53 10.94 -62.08
CA ILE H 111 -41.05 10.86 -63.45
C ILE H 111 -40.86 9.40 -63.81
N ASP H 112 -40.21 8.66 -62.92
CA ASP H 112 -39.87 7.27 -63.20
C ASP H 112 -41.13 6.41 -63.29
N ARG H 113 -42.09 6.68 -62.40
CA ARG H 113 -43.34 5.93 -62.38
C ARG H 113 -44.12 6.14 -63.68
N TYR H 114 -43.93 7.29 -64.32
CA TYR H 114 -44.56 7.55 -65.61
C TYR H 114 -43.83 6.79 -66.70
N TYR H 115 -42.50 6.80 -66.62
CA TYR H 115 -41.65 6.13 -67.60
C TYR H 115 -41.87 4.62 -67.59
N THR H 116 -41.82 4.05 -66.40
CA THR H 116 -42.03 2.63 -66.26
C THR H 116 -43.39 2.24 -66.80
N GLU H 117 -44.43 2.96 -66.40
CA GLU H 117 -45.79 2.63 -66.83
C GLU H 117 -46.14 2.93 -68.28
N ASP H 118 -45.88 4.13 -68.75
CA ASP H 118 -46.39 4.52 -70.06
C ASP H 118 -45.33 4.62 -71.15
N VAL H 119 -44.05 4.60 -70.79
CA VAL H 119 -43.00 4.91 -71.77
C VAL H 119 -42.01 3.78 -72.03
N GLU H 120 -41.50 3.19 -70.96
CA GLU H 120 -40.45 2.19 -71.08
C GLU H 120 -41.05 0.89 -71.58
N ILE H 121 -41.23 0.82 -72.89
CA ILE H 121 -42.00 -0.21 -73.55
C ILE H 121 -41.71 0.00 -75.03
N PHE H 122 -41.75 -1.06 -75.81
CA PHE H 122 -41.35 -0.92 -77.21
C PHE H 122 -42.41 -0.26 -78.08
N ASN H 123 -41.97 0.76 -78.82
CA ASN H 123 -42.87 1.51 -79.70
C ASN H 123 -43.91 2.38 -78.99
N SER H 124 -43.94 2.33 -77.66
CA SER H 124 -44.63 3.32 -76.84
C SER H 124 -43.83 4.60 -76.87
N SER H 125 -44.41 5.71 -76.46
CA SER H 125 -43.69 6.97 -76.63
C SER H 125 -43.71 7.91 -75.43
N PHE H 126 -42.77 8.86 -75.43
CA PHE H 126 -42.62 9.88 -74.40
C PHE H 126 -43.36 11.15 -74.80
N ALA H 127 -44.25 11.60 -73.92
CA ALA H 127 -44.98 12.85 -74.12
C ALA H 127 -44.67 13.81 -72.98
N LYS H 128 -43.88 14.83 -73.25
CA LYS H 128 -43.49 15.80 -72.23
C LYS H 128 -44.67 16.34 -71.46
N SER H 129 -45.81 16.48 -72.13
CA SER H 129 -47.01 16.99 -71.50
C SER H 129 -47.54 16.04 -70.44
N LYS H 130 -47.29 14.75 -70.60
CA LYS H 130 -47.84 13.75 -69.70
C LYS H 130 -47.01 13.74 -68.42
N MET H 131 -45.70 13.61 -68.59
CA MET H 131 -44.79 13.50 -67.46
C MET H 131 -44.80 14.74 -66.59
N LEU H 132 -45.06 15.91 -67.20
CA LEU H 132 -45.25 17.14 -66.43
C LEU H 132 -46.48 17.04 -65.55
N THR H 133 -47.54 16.42 -66.04
CA THR H 133 -48.70 16.23 -65.19
C THR H 133 -48.39 15.22 -64.10
N TYR H 134 -47.44 14.32 -64.35
CA TYR H 134 -46.93 13.45 -63.29
C TYR H 134 -46.17 14.27 -62.26
N VAL H 135 -45.24 15.10 -62.73
CA VAL H 135 -44.53 16.02 -61.85
C VAL H 135 -45.49 16.84 -60.97
N ASP H 136 -46.45 17.51 -61.61
CA ASP H 136 -47.50 18.24 -60.90
C ASP H 136 -48.14 17.39 -59.80
N ASP H 137 -48.18 16.08 -60.05
CA ASP H 137 -48.95 15.13 -59.27
C ASP H 137 -48.19 14.65 -58.02
N ALA H 138 -46.92 15.04 -57.94
CA ALA H 138 -46.00 14.51 -56.93
C ALA H 138 -46.19 15.00 -55.49
N ASP H 139 -46.93 16.09 -55.29
CA ASP H 139 -47.10 16.64 -53.95
C ASP H 139 -48.40 17.39 -54.14
N HIS H 140 -49.05 17.78 -53.04
CA HIS H 140 -50.26 18.61 -53.12
C HIS H 140 -49.89 20.08 -53.18
N SER H 141 -48.59 20.34 -53.37
CA SER H 141 -48.02 21.66 -53.20
C SER H 141 -47.21 22.11 -54.41
N VAL H 142 -47.35 21.37 -55.51
CA VAL H 142 -46.54 21.59 -56.71
C VAL H 142 -47.37 22.27 -57.79
N ILE H 143 -47.42 23.57 -57.65
CA ILE H 143 -48.37 24.42 -58.28
C ILE H 143 -48.41 24.34 -59.76
N GLY H 144 -47.26 24.10 -60.34
CA GLY H 144 -47.09 24.12 -61.78
C GLY H 144 -45.65 23.98 -62.26
N SER H 145 -45.44 23.17 -63.30
CA SER H 145 -44.11 22.93 -63.84
C SER H 145 -43.95 23.31 -65.33
N SER H 146 -42.70 23.34 -65.79
CA SER H 146 -42.39 23.56 -67.19
C SER H 146 -41.19 22.70 -67.44
N ALA H 147 -40.70 22.64 -68.68
CA ALA H 147 -39.74 21.60 -69.02
C ALA H 147 -39.18 21.74 -70.43
N THR H 148 -37.91 21.41 -70.58
CA THR H 148 -37.20 21.56 -71.85
C THR H 148 -36.39 20.31 -72.16
N ILE H 149 -36.67 19.68 -73.29
CA ILE H 149 -36.04 18.39 -73.56
C ILE H 149 -35.02 18.43 -74.69
N GLN H 150 -34.14 17.43 -74.67
CA GLN H 150 -33.23 17.12 -75.74
C GLN H 150 -33.25 15.63 -75.96
N MET H 151 -32.78 15.19 -77.11
CA MET H 151 -32.69 13.75 -77.37
C MET H 151 -31.23 13.30 -77.27
N VAL H 152 -31.01 12.18 -76.58
CA VAL H 152 -29.67 11.63 -76.50
C VAL H 152 -29.60 10.22 -77.06
N ARG H 153 -28.83 10.07 -78.13
CA ARG H 153 -28.51 8.76 -78.66
C ARG H 153 -27.08 8.52 -78.21
N GLU H 154 -26.85 7.41 -77.53
CA GLU H 154 -25.51 7.12 -77.02
C GLU H 154 -24.75 6.30 -78.04
N VAL H 155 -23.74 6.92 -78.64
CA VAL H 155 -23.04 6.32 -79.77
C VAL H 155 -21.96 5.34 -79.35
N GLN H 156 -22.00 4.13 -79.92
CA GLN H 156 -21.05 3.08 -79.61
C GLN H 156 -19.64 3.37 -80.13
N ASN H 157 -19.56 3.81 -81.38
CA ASN H 157 -18.28 4.23 -81.96
C ASN H 157 -18.34 5.65 -82.56
N PHE H 158 -17.44 6.49 -82.08
CA PHE H 158 -17.39 7.90 -82.46
C PHE H 158 -16.87 8.10 -83.86
N TYR H 159 -16.05 7.17 -84.33
CA TYR H 159 -15.30 7.39 -85.55
C TYR H 159 -16.13 7.41 -86.83
N LYS H 160 -17.07 6.49 -86.93
CA LYS H 160 -17.95 6.48 -88.09
C LYS H 160 -19.27 5.93 -87.68
N THR H 161 -20.32 6.50 -88.25
CA THR H 161 -21.67 6.03 -88.00
C THR H 161 -21.75 4.61 -88.52
N PRO H 162 -22.81 3.89 -88.12
CA PRO H 162 -22.97 2.52 -88.64
C PRO H 162 -23.01 2.54 -90.15
N GLU H 163 -22.64 1.42 -90.75
CA GLU H 163 -22.80 1.25 -92.20
C GLU H 163 -24.00 2.01 -92.72
N ALA H 164 -25.10 1.96 -91.98
CA ALA H 164 -26.40 2.37 -92.51
C ALA H 164 -26.70 3.82 -92.18
N GLY H 165 -27.03 4.09 -90.93
CA GLY H 165 -26.74 5.37 -90.32
C GLY H 165 -27.08 5.40 -88.83
N ILE H 166 -27.17 6.60 -88.28
CA ILE H 166 -27.82 6.80 -86.98
C ILE H 166 -29.04 7.67 -87.16
N LYS H 167 -30.17 7.23 -86.59
CA LYS H 167 -31.40 8.01 -86.66
C LYS H 167 -32.11 8.11 -85.31
N TYR H 168 -32.87 9.18 -85.13
CA TYR H 168 -33.53 9.47 -83.86
C TYR H 168 -34.97 8.99 -83.84
N ASN H 169 -35.45 8.55 -85.01
CA ASN H 169 -36.87 8.25 -85.18
C ASN H 169 -37.73 9.46 -84.87
N ASN H 170 -37.10 10.63 -84.95
CA ASN H 170 -37.73 11.89 -84.62
C ASN H 170 -37.07 13.07 -85.29
N GLN H 171 -37.86 14.10 -85.48
CA GLN H 171 -37.42 15.27 -86.19
C GLN H 171 -36.65 16.19 -85.25
N ILE H 172 -35.41 16.51 -85.60
CA ILE H 172 -34.65 17.52 -84.86
C ILE H 172 -34.65 18.88 -85.58
N LYS H 173 -34.13 19.90 -84.90
CA LYS H 173 -34.10 21.24 -85.45
C LYS H 173 -32.76 21.47 -86.16
N ASP H 174 -32.58 22.66 -86.72
CA ASP H 174 -31.34 22.98 -87.42
C ASP H 174 -30.20 23.21 -86.45
N ARG H 175 -28.99 22.76 -86.83
CA ARG H 175 -27.78 22.95 -86.03
C ARG H 175 -27.87 22.22 -84.71
N SER H 176 -29.00 21.55 -84.54
CA SER H 176 -29.40 20.94 -83.27
C SER H 176 -28.49 19.77 -82.89
N MET H 177 -28.26 18.87 -83.85
CA MET H 177 -27.40 17.72 -83.63
C MET H 177 -26.02 18.17 -83.17
N GLU H 178 -25.62 17.74 -81.99
CA GLU H 178 -24.28 18.05 -81.53
C GLU H 178 -23.88 17.06 -80.47
N SER H 179 -22.72 16.43 -80.70
CA SER H 179 -22.12 15.49 -79.78
C SER H 179 -21.43 16.26 -78.67
N ASN H 180 -20.96 15.57 -77.64
CA ASN H 180 -20.13 16.25 -76.64
C ASN H 180 -18.70 16.33 -77.10
N THR H 181 -17.80 16.73 -76.21
CA THR H 181 -16.41 16.93 -76.60
C THR H 181 -15.48 15.77 -76.27
N PHE H 182 -14.53 15.52 -77.17
CA PHE H 182 -13.55 14.46 -77.01
C PHE H 182 -12.16 14.92 -77.44
N SER H 183 -11.14 14.51 -76.70
CA SER H 183 -9.78 15.00 -76.91
C SER H 183 -9.23 14.55 -78.25
N PHE H 184 -8.74 15.50 -79.04
CA PHE H 184 -7.99 15.14 -80.23
C PHE H 184 -6.50 15.29 -79.93
N ASN H 185 -5.69 14.38 -80.45
CA ASN H 185 -4.26 14.42 -80.20
C ASN H 185 -3.48 14.87 -81.43
N SER H 186 -3.03 16.12 -81.42
CA SER H 186 -2.33 16.73 -82.55
C SER H 186 -1.12 15.90 -82.95
N GLY H 187 -0.11 15.88 -82.09
CA GLY H 187 1.10 15.14 -82.36
C GLY H 187 2.36 15.95 -82.07
N ARG H 188 2.17 17.24 -81.76
CA ARG H 188 3.30 18.12 -81.46
C ARG H 188 3.78 17.93 -80.02
N LYS H 189 5.01 18.35 -79.75
CA LYS H 189 5.55 18.34 -78.40
C LYS H 189 5.32 19.71 -77.75
N VAL H 190 5.16 19.73 -76.44
CA VAL H 190 4.90 20.99 -75.73
C VAL H 190 6.12 21.53 -75.01
N VAL H 191 7.07 20.66 -74.70
CA VAL H 191 8.28 21.04 -73.96
C VAL H 191 7.91 21.81 -72.68
N ASN H 192 7.49 21.07 -71.66
CA ASN H 192 7.14 21.68 -70.38
C ASN H 192 7.77 20.95 -69.20
N PRO H 193 8.78 21.57 -68.57
CA PRO H 193 9.48 21.02 -67.39
C PRO H 193 8.54 20.86 -66.19
N ASP H 194 7.34 21.42 -66.28
CA ASP H 194 6.33 21.24 -65.24
C ASP H 194 5.99 19.77 -65.11
N THR H 195 5.71 19.14 -66.25
CA THR H 195 5.41 17.70 -66.30
C THR H 195 6.44 16.96 -67.15
N GLY H 196 7.71 17.18 -66.85
CA GLY H 196 8.80 16.48 -67.52
C GLY H 196 9.49 17.23 -68.64
N LEU H 197 9.34 16.73 -69.86
CA LEU H 197 9.97 17.33 -71.02
C LEU H 197 9.05 17.33 -72.23
N GLU H 198 7.98 16.56 -72.17
CA GLU H 198 7.04 16.47 -73.29
C GLU H 198 5.64 15.98 -72.94
N GLU H 199 4.66 16.88 -73.10
CA GLU H 199 3.26 16.47 -73.19
C GLU H 199 2.86 16.57 -74.67
N ASP H 200 1.80 15.86 -75.05
CA ASP H 200 1.53 15.60 -76.46
C ASP H 200 0.22 16.41 -76.51
N VAL H 201 0.28 17.69 -76.89
CA VAL H 201 -0.90 18.56 -76.96
C VAL H 201 -2.21 18.01 -77.49
N LEU H 202 -3.25 18.02 -76.66
CA LEU H 202 -4.54 17.46 -77.04
C LEU H 202 -5.72 18.36 -76.68
N TYR H 203 -6.32 18.95 -77.71
CA TYR H 203 -7.42 19.90 -77.54
C TYR H 203 -8.79 19.34 -77.90
N ASP H 204 -9.78 19.66 -77.07
CA ASP H 204 -11.15 19.16 -77.27
C ASP H 204 -11.70 19.47 -78.66
N VAL H 205 -12.80 18.81 -78.99
CA VAL H 205 -13.37 18.84 -80.33
C VAL H 205 -14.72 18.15 -80.26
N ARG H 206 -15.69 18.59 -81.06
CA ARG H 206 -17.01 17.94 -81.07
C ARG H 206 -17.50 17.76 -82.51
N ILE H 207 -18.64 17.10 -82.69
CA ILE H 207 -19.22 16.98 -84.04
C ILE H 207 -20.66 17.47 -84.12
N VAL H 208 -20.83 18.59 -84.82
CA VAL H 208 -22.09 19.32 -84.90
C VAL H 208 -22.67 19.20 -86.30
N SER H 209 -23.93 19.59 -86.46
CA SER H 209 -24.59 19.63 -87.76
C SER H 209 -24.92 21.06 -88.14
N THR H 210 -25.01 21.32 -89.44
CA THR H 210 -25.34 22.66 -89.93
C THR H 210 -26.75 22.68 -90.50
N ASP H 211 -27.11 23.83 -91.06
CA ASP H 211 -28.49 24.12 -91.48
C ASP H 211 -28.93 23.39 -92.74
N ARG H 212 -30.20 22.98 -92.76
CA ARG H 212 -30.80 22.36 -93.93
C ARG H 212 -30.51 23.18 -95.18
N ASP H 213 -30.22 22.49 -96.28
CA ASP H 213 -30.06 23.15 -97.57
C ASP H 213 -31.40 23.44 -98.23
N SER H 214 -31.30 23.88 -99.48
CA SER H 214 -32.40 23.85 -100.43
C SER H 214 -32.34 22.35 -100.66
N LYS H 215 -33.51 21.73 -100.62
CA LYS H 215 -33.63 20.31 -100.31
C LYS H 215 -33.53 19.41 -99.06
N GLY H 216 -33.42 20.00 -97.88
CA GLY H 216 -33.53 19.26 -96.64
C GLY H 216 -32.26 18.64 -96.05
N ILE H 217 -31.10 18.90 -96.66
CA ILE H 217 -29.86 18.29 -96.20
C ILE H 217 -28.90 19.23 -95.50
N GLY H 218 -28.30 18.75 -94.42
CA GLY H 218 -27.26 19.48 -93.72
C GLY H 218 -25.93 18.78 -93.90
N LYS H 219 -24.89 19.33 -93.28
CA LYS H 219 -23.55 18.74 -93.33
C LYS H 219 -23.09 18.41 -91.91
N VAL H 220 -22.59 17.20 -91.68
CA VAL H 220 -22.06 16.84 -90.36
C VAL H 220 -20.60 17.22 -90.24
N ILE H 221 -20.31 18.34 -89.58
CA ILE H 221 -18.94 18.83 -89.52
C ILE H 221 -18.32 18.62 -88.14
N ILE H 222 -16.99 18.62 -88.06
CA ILE H 222 -16.28 18.28 -86.82
C ILE H 222 -15.36 19.38 -86.27
N GLY H 223 -15.54 19.68 -84.98
CA GLY H 223 -14.86 20.72 -84.22
C GLY H 223 -13.48 21.24 -84.61
N PRO H 224 -13.06 22.35 -83.98
CA PRO H 224 -11.91 23.24 -84.22
C PRO H 224 -10.51 22.61 -84.25
N PHE H 225 -9.71 23.01 -85.24
CA PHE H 225 -8.34 22.54 -85.38
C PHE H 225 -7.36 23.70 -85.61
N ALA H 226 -6.05 23.40 -85.62
CA ALA H 226 -5.03 24.43 -85.81
C ALA H 226 -4.27 24.34 -87.14
N SER H 227 -5.00 24.48 -88.24
CA SER H 227 -4.43 24.46 -89.58
C SER H 227 -3.52 23.25 -89.82
N GLY H 228 -2.30 23.34 -89.31
CA GLY H 228 -1.28 22.33 -89.52
C GLY H 228 -1.69 20.88 -89.32
N ASP H 229 -2.18 20.54 -88.14
CA ASP H 229 -2.39 19.13 -87.79
C ASP H 229 -3.58 18.43 -88.48
N VAL H 230 -4.20 19.12 -89.44
CA VAL H 230 -5.09 18.45 -90.41
C VAL H 230 -4.63 18.77 -91.82
N THR H 231 -4.29 17.74 -92.59
CA THR H 231 -3.74 17.97 -93.92
C THR H 231 -4.83 18.19 -94.98
N GLU H 232 -4.71 19.31 -95.67
CA GLU H 232 -5.68 19.71 -96.65
C GLU H 232 -5.07 19.72 -98.02
N ASN H 233 -5.79 19.15 -98.95
CA ASN H 233 -5.40 19.09 -100.32
C ASN H 233 -6.66 19.58 -100.92
N GLU H 234 -6.62 20.02 -102.17
CA GLU H 234 -7.84 20.53 -102.74
C GLU H 234 -8.85 19.41 -102.66
N ASN H 235 -10.00 19.73 -102.10
CA ASN H 235 -11.04 18.75 -101.90
C ASN H 235 -11.37 18.87 -100.42
N ILE H 236 -10.45 18.35 -99.62
CA ILE H 236 -10.54 18.37 -98.19
C ILE H 236 -10.02 19.68 -97.69
N GLN H 237 -10.87 20.70 -97.60
CA GLN H 237 -10.43 21.99 -97.12
C GLN H 237 -11.42 22.56 -96.10
N PRO H 238 -10.97 23.45 -95.21
CA PRO H 238 -11.80 23.94 -94.11
C PRO H 238 -13.21 24.26 -94.58
N TYR H 239 -14.20 23.90 -93.78
CA TYR H 239 -15.58 24.25 -94.05
C TYR H 239 -15.80 25.72 -93.71
N THR H 240 -16.64 26.37 -94.50
CA THR H 240 -16.96 27.76 -94.31
C THR H 240 -18.45 27.96 -94.48
N GLY H 241 -19.13 28.37 -93.42
CA GLY H 241 -20.56 28.55 -93.50
C GLY H 241 -21.15 29.34 -92.36
N ASN H 242 -20.57 29.21 -91.18
CA ASN H 242 -21.15 29.81 -89.98
C ASN H 242 -22.62 29.45 -89.79
N ASP H 243 -23.06 28.38 -90.45
CA ASP H 243 -24.43 27.89 -90.29
C ASP H 243 -24.49 26.72 -89.30
N PHE H 244 -23.65 26.78 -88.27
CA PHE H 244 -23.62 25.77 -87.23
C PHE H 244 -23.18 26.42 -85.93
N ASN H 245 -23.02 25.63 -84.88
CA ASN H 245 -22.59 26.16 -83.59
C ASN H 245 -21.11 25.91 -83.31
N LYS H 246 -20.34 26.98 -83.21
CA LYS H 246 -18.93 26.89 -82.89
C LYS H 246 -18.80 26.75 -81.37
N LEU H 247 -17.61 26.40 -80.87
CA LEU H 247 -17.50 26.22 -79.42
C LEU H 247 -16.53 27.15 -78.67
N ALA H 248 -16.73 27.23 -77.35
CA ALA H 248 -15.88 28.03 -76.48
C ALA H 248 -14.40 27.71 -76.67
N ASN H 249 -13.59 28.74 -76.86
CA ASN H 249 -12.15 28.55 -76.97
C ASN H 249 -11.35 29.41 -76.01
N SER H 250 -10.07 29.09 -75.93
CA SER H 250 -9.09 29.93 -75.27
C SER H 250 -7.90 29.91 -76.23
N ASP H 251 -8.00 29.06 -77.23
CA ASP H 251 -6.95 28.86 -78.21
C ASP H 251 -7.32 29.50 -79.55
N GLY H 252 -6.31 29.69 -80.40
CA GLY H 252 -6.55 30.16 -81.75
C GLY H 252 -6.96 28.99 -82.62
N ARG H 253 -8.23 28.58 -82.49
CA ARG H 253 -8.74 27.42 -83.22
C ARG H 253 -10.12 27.68 -83.85
N ASP H 254 -10.18 27.69 -85.18
CA ASP H 254 -11.44 28.01 -85.87
C ASP H 254 -11.59 27.28 -87.19
N LYS H 255 -10.94 26.13 -87.32
CA LYS H 255 -10.96 25.40 -88.58
C LYS H 255 -11.73 24.11 -88.42
N TYR H 256 -13.02 24.14 -88.77
CA TYR H 256 -13.87 22.95 -88.70
C TYR H 256 -13.88 22.28 -90.06
N TYR H 257 -14.08 20.96 -90.09
CA TYR H 257 -14.04 20.20 -91.34
C TYR H 257 -15.31 19.39 -91.58
N VAL H 258 -15.53 18.94 -92.81
CA VAL H 258 -16.77 18.24 -93.15
C VAL H 258 -16.62 16.74 -93.39
N ILE H 259 -17.36 15.95 -92.62
CA ILE H 259 -17.55 14.52 -92.85
C ILE H 259 -19.05 14.32 -93.03
N GLY H 260 -19.49 13.08 -93.25
CA GLY H 260 -20.90 12.77 -93.48
C GLY H 260 -21.94 13.87 -93.76
N GLU H 261 -23.17 13.61 -93.35
CA GLU H 261 -24.25 14.58 -93.52
C GLU H 261 -25.60 14.15 -92.90
N ILE H 262 -26.39 15.14 -92.49
CA ILE H 262 -27.68 14.90 -91.86
C ILE H 262 -28.75 15.04 -92.92
N ASN H 263 -29.59 14.02 -93.06
CA ASN H 263 -30.79 14.21 -93.87
C ASN H 263 -31.92 14.52 -92.92
N TYR H 264 -32.14 15.81 -92.70
CA TYR H 264 -33.09 16.25 -91.69
C TYR H 264 -34.46 15.57 -91.76
N PRO H 265 -35.10 15.59 -92.94
CA PRO H 265 -36.46 15.03 -93.09
C PRO H 265 -36.53 13.51 -93.00
N ALA H 266 -35.51 12.81 -93.48
CA ALA H 266 -35.46 11.34 -93.38
C ALA H 266 -34.72 10.89 -92.12
N ASP H 267 -34.51 11.84 -91.21
CA ASP H 267 -33.52 11.72 -90.14
C ASP H 267 -32.58 10.54 -90.30
N VAL H 268 -31.57 10.72 -91.13
CA VAL H 268 -30.43 9.80 -91.13
C VAL H 268 -29.18 10.63 -90.97
N ILE H 269 -28.24 10.07 -90.22
CA ILE H 269 -27.00 10.75 -89.91
C ILE H 269 -25.87 9.80 -90.21
N TYR H 270 -25.07 10.12 -91.21
CA TYR H 270 -23.87 9.36 -91.49
C TYR H 270 -22.71 10.31 -91.37
N TRP H 271 -21.62 9.82 -90.79
CA TRP H 271 -20.35 10.52 -90.87
C TRP H 271 -19.24 9.50 -90.78
N ASN H 272 -18.07 9.88 -91.24
CA ASN H 272 -16.92 9.00 -91.14
C ASN H 272 -15.66 9.83 -91.07
N ILE H 273 -15.08 9.94 -89.88
CA ILE H 273 -13.88 10.74 -89.68
C ILE H 273 -12.85 10.45 -90.76
N ALA H 274 -12.85 9.23 -91.27
CA ALA H 274 -11.87 8.84 -92.28
C ALA H 274 -11.81 9.84 -93.42
N LYS H 275 -12.95 10.45 -93.73
CA LYS H 275 -13.04 11.41 -94.82
C LYS H 275 -12.05 12.57 -94.66
N ILE H 276 -11.20 12.53 -93.62
CA ILE H 276 -10.17 13.55 -93.46
C ILE H 276 -8.77 13.04 -93.03
N ASN H 277 -8.49 11.76 -93.23
CA ASN H 277 -7.18 11.20 -92.87
C ASN H 277 -6.85 11.36 -91.40
N LEU H 278 -7.72 10.83 -90.55
CA LEU H 278 -7.48 10.85 -89.11
C LEU H 278 -7.87 9.51 -88.48
N THR H 279 -6.88 8.67 -88.21
CA THR H 279 -7.14 7.35 -87.66
C THR H 279 -7.74 7.42 -86.27
N SER H 280 -8.55 6.43 -85.91
CA SER H 280 -9.09 6.34 -84.56
C SER H 280 -8.02 6.64 -83.51
N GLU H 281 -6.83 6.10 -83.73
CA GLU H 281 -5.67 6.30 -82.86
C GLU H 281 -5.57 7.73 -82.36
N LYS H 282 -5.94 8.67 -83.22
CA LYS H 282 -5.70 10.09 -82.97
C LYS H 282 -6.59 10.70 -81.88
N PHE H 283 -7.69 10.02 -81.55
CA PHE H 283 -8.62 10.55 -80.55
C PHE H 283 -8.67 9.68 -79.31
N GLU H 284 -8.53 10.28 -78.14
CA GLU H 284 -8.62 9.53 -76.91
C GLU H 284 -10.07 9.40 -76.39
N VAL H 285 -10.91 8.71 -77.16
CA VAL H 285 -12.20 8.18 -76.68
C VAL H 285 -12.56 7.02 -77.57
N GLN H 286 -13.68 6.37 -77.28
CA GLN H 286 -14.17 5.31 -78.14
C GLN H 286 -15.67 5.40 -78.24
N THR H 287 -16.26 6.18 -77.34
CA THR H 287 -17.69 6.30 -77.27
C THR H 287 -18.05 7.77 -77.10
N ILE H 288 -19.19 8.17 -77.66
CA ILE H 288 -19.67 9.54 -77.48
C ILE H 288 -21.19 9.59 -77.31
N GLU H 289 -21.72 10.80 -77.18
CA GLU H 289 -23.15 11.02 -77.01
C GLU H 289 -23.62 12.15 -77.91
N LEU H 290 -24.67 11.87 -78.66
CA LEU H 290 -25.18 12.80 -79.64
C LEU H 290 -26.47 13.39 -79.11
N TYR H 291 -26.54 14.72 -79.07
CA TYR H 291 -27.74 15.40 -78.59
C TYR H 291 -28.44 16.07 -79.76
N SER H 292 -29.63 16.62 -79.50
CA SER H 292 -30.37 17.33 -80.53
C SER H 292 -31.75 17.65 -80.02
N ASP H 293 -32.23 18.83 -80.38
CA ASP H 293 -33.54 19.29 -79.96
C ASP H 293 -34.61 18.65 -80.82
N PRO H 294 -35.62 18.03 -80.21
CA PRO H 294 -36.77 17.57 -80.97
C PRO H 294 -37.50 18.73 -81.65
N THR H 295 -38.34 18.42 -82.64
CA THR H 295 -39.21 19.41 -83.22
C THR H 295 -40.40 19.48 -82.31
N ASP H 296 -40.84 18.31 -81.87
CA ASP H 296 -42.06 18.25 -81.07
C ASP H 296 -41.83 17.97 -79.59
N ASP H 297 -42.93 17.90 -78.85
CA ASP H 297 -42.89 17.57 -77.45
C ASP H 297 -43.53 16.20 -77.27
N VAL H 298 -43.64 15.47 -78.38
CA VAL H 298 -44.03 14.06 -78.34
C VAL H 298 -43.02 13.25 -79.15
N ILE H 299 -42.25 12.38 -78.49
CA ILE H 299 -41.18 11.69 -79.20
C ILE H 299 -41.36 10.17 -79.27
N PHE H 300 -40.84 9.56 -80.33
CA PHE H 300 -41.23 8.21 -80.73
C PHE H 300 -40.11 7.20 -80.82
N THR H 301 -40.49 5.94 -80.65
CA THR H 301 -39.59 4.81 -80.85
C THR H 301 -40.06 3.97 -82.01
N ARG H 302 -39.16 3.10 -82.50
CA ARG H 302 -39.40 2.34 -83.71
C ARG H 302 -38.46 1.19 -83.40
N ASP H 303 -38.00 0.53 -84.45
CA ASP H 303 -37.44 -0.82 -84.46
C ASP H 303 -36.31 -0.99 -83.46
N GLY H 304 -36.60 -1.63 -82.34
CA GLY H 304 -35.56 -1.93 -81.36
C GLY H 304 -35.05 -0.73 -80.55
N SER H 305 -35.64 0.44 -80.81
CA SER H 305 -35.35 1.62 -80.02
C SER H 305 -36.30 1.65 -78.83
N LEU H 306 -35.77 2.10 -77.70
CA LEU H 306 -36.55 2.18 -76.48
C LEU H 306 -36.16 3.47 -75.75
N ILE H 307 -37.17 4.20 -75.28
CA ILE H 307 -36.99 5.43 -74.52
C ILE H 307 -37.05 5.10 -73.04
N VAL H 308 -36.13 5.66 -72.25
CA VAL H 308 -35.97 5.21 -70.86
C VAL H 308 -35.38 6.24 -69.87
N PHE H 309 -35.92 6.22 -68.65
CA PHE H 309 -35.48 7.10 -67.57
C PHE H 309 -34.76 6.24 -66.55
N GLU H 310 -33.44 6.30 -66.54
CA GLU H 310 -32.72 5.50 -65.58
C GLU H 310 -31.87 6.40 -64.71
N ASN H 311 -32.53 7.13 -63.82
CA ASN H 311 -31.91 8.32 -63.30
C ASN H 311 -30.85 8.28 -62.25
N ASP H 312 -30.86 7.26 -61.39
CA ASP H 312 -29.72 6.95 -60.54
C ASP H 312 -28.51 6.40 -61.25
N LEU H 313 -28.59 6.36 -62.58
CA LEU H 313 -27.52 5.80 -63.39
C LEU H 313 -27.25 6.65 -64.63
N ARG H 314 -28.21 7.50 -64.97
CA ARG H 314 -27.99 8.56 -65.94
C ARG H 314 -28.50 9.90 -65.43
N PRO H 315 -27.87 10.40 -64.37
CA PRO H 315 -28.45 11.48 -63.58
C PRO H 315 -28.20 12.78 -64.30
N GLN H 316 -27.25 12.70 -65.21
CA GLN H 316 -26.83 13.79 -66.06
C GLN H 316 -27.93 14.25 -67.03
N TYR H 317 -29.01 13.47 -67.13
CA TYR H 317 -30.05 13.76 -68.12
C TYR H 317 -31.31 14.31 -67.47
N LEU H 318 -31.18 14.69 -66.21
CA LEU H 318 -32.24 15.41 -65.52
C LEU H 318 -31.59 16.51 -64.70
N THR H 319 -32.19 17.69 -64.75
CA THR H 319 -31.85 18.74 -63.82
C THR H 319 -33.17 19.35 -63.36
N ILE H 320 -33.28 19.61 -62.06
CA ILE H 320 -34.48 20.20 -61.49
C ILE H 320 -34.18 21.58 -60.93
N ASP H 321 -34.90 22.60 -61.38
CA ASP H 321 -34.88 23.91 -60.73
C ASP H 321 -36.20 24.09 -60.03
N LEU H 322 -36.18 24.32 -58.73
CA LEU H 322 -37.40 24.67 -58.02
C LEU H 322 -37.55 26.18 -57.87
N GLU H 323 -38.78 26.61 -57.66
CA GLU H 323 -39.04 28.00 -57.44
C GLU H 323 -40.06 28.08 -56.33
N PRO H 324 -39.62 28.49 -55.15
CA PRO H 324 -40.55 28.63 -54.03
C PRO H 324 -41.34 29.92 -54.06
N ILE H 325 -42.64 29.80 -53.90
CA ILE H 325 -43.49 30.97 -53.94
C ILE H 325 -44.27 31.21 -52.66
N SER H 326 -44.55 32.47 -52.38
CA SER H 326 -45.32 32.87 -51.21
C SER H 326 -46.46 33.79 -51.57
N GLN H 327 -46.18 35.10 -51.67
CA GLN H 327 -47.16 36.13 -52.08
C GLN H 327 -46.66 37.56 -51.96
N LEU H 328 -45.96 38.13 -52.95
CA LEU H 328 -45.54 37.46 -54.18
C LEU H 328 -44.88 38.32 -55.31
N GLU H 329 -44.92 39.66 -55.24
CA GLU H 329 -44.26 40.46 -56.29
C GLU H 329 -43.05 39.77 -56.93
N HIS H 330 -42.97 38.45 -57.08
CA HIS H 330 -41.81 38.09 -57.89
C HIS H 330 -41.50 36.57 -57.92
N HIS H 331 -41.37 36.00 -59.11
CA HIS H 331 -40.80 34.66 -59.34
C HIS H 331 -39.94 34.65 -60.62
N HIS H 332 -39.10 35.67 -60.74
CA HIS H 332 -38.13 35.87 -61.83
C HIS H 332 -38.53 37.01 -62.76
N VAL I 7 -36.45 -28.63 -81.18
CA VAL I 7 -35.05 -28.35 -81.44
C VAL I 7 -34.19 -29.01 -80.38
N THR I 8 -32.98 -28.54 -80.18
CA THR I 8 -32.14 -29.15 -79.19
C THR I 8 -31.86 -30.56 -79.64
N ALA I 9 -30.59 -30.89 -79.72
CA ALA I 9 -30.17 -32.21 -80.18
C ALA I 9 -30.74 -33.24 -79.27
N THR I 10 -30.77 -32.94 -77.99
CA THR I 10 -31.27 -33.92 -77.07
C THR I 10 -32.70 -34.23 -77.41
N ASP I 11 -33.48 -33.21 -77.72
CA ASP I 11 -34.86 -33.45 -78.06
C ASP I 11 -34.89 -34.32 -79.28
N TYR I 12 -34.07 -34.02 -80.26
CA TYR I 12 -34.03 -34.84 -81.45
C TYR I 12 -33.56 -36.26 -81.18
N ASP I 13 -32.61 -36.44 -80.28
CA ASP I 13 -32.12 -37.78 -80.12
C ASP I 13 -33.27 -38.64 -79.73
N THR I 14 -34.09 -38.14 -78.83
CA THR I 14 -35.25 -38.88 -78.43
C THR I 14 -36.06 -39.11 -79.67
N PHE I 15 -36.58 -38.04 -80.21
CA PHE I 15 -37.44 -38.14 -81.38
C PHE I 15 -37.23 -39.41 -82.20
N VAL I 16 -35.99 -39.85 -82.29
CA VAL I 16 -35.58 -40.99 -83.10
C VAL I 16 -35.49 -42.25 -82.23
N SER I 17 -35.17 -42.07 -80.96
CA SER I 17 -35.20 -43.20 -80.03
C SER I 17 -36.65 -43.60 -79.80
N GLU I 18 -37.53 -43.12 -80.66
CA GLU I 18 -38.94 -43.44 -80.60
C GLU I 18 -39.47 -43.87 -81.96
N ARG I 19 -39.55 -42.93 -82.89
CA ARG I 19 -40.01 -43.21 -84.25
C ARG I 19 -39.25 -44.36 -84.94
N PHE I 20 -38.09 -44.70 -84.39
CA PHE I 20 -37.26 -45.77 -84.94
C PHE I 20 -36.85 -46.74 -83.84
N GLY I 21 -36.78 -46.24 -82.61
CA GLY I 21 -36.41 -47.07 -81.48
C GLY I 21 -36.79 -48.52 -81.70
N SER I 22 -36.26 -49.09 -82.77
CA SER I 22 -36.54 -50.47 -83.13
C SER I 22 -35.29 -51.10 -83.67
N ILE I 23 -34.72 -50.48 -84.68
CA ILE I 23 -33.53 -50.99 -85.30
C ILE I 23 -32.38 -50.04 -85.10
N ILE I 24 -32.44 -49.29 -84.02
CA ILE I 24 -31.44 -48.28 -83.66
C ILE I 24 -31.06 -48.39 -82.19
N GLN I 25 -29.75 -48.40 -81.91
CA GLN I 25 -29.28 -48.56 -80.55
C GLN I 25 -28.95 -47.25 -79.84
N ALA I 26 -28.37 -46.30 -80.57
CA ALA I 26 -27.96 -45.03 -79.97
C ALA I 26 -28.08 -43.85 -80.91
N VAL I 27 -28.18 -42.64 -80.34
CA VAL I 27 -28.22 -41.40 -81.12
C VAL I 27 -27.35 -40.27 -80.55
N GLN I 28 -26.54 -39.66 -81.40
CA GLN I 28 -25.77 -38.47 -81.06
C GLN I 28 -26.15 -37.33 -81.99
N THR I 29 -26.97 -36.39 -81.51
CA THR I 29 -27.27 -35.20 -82.31
C THR I 29 -26.32 -34.05 -81.97
N PHE I 30 -25.34 -33.90 -82.83
CA PHE I 30 -24.36 -32.85 -82.69
C PHE I 30 -24.46 -31.94 -83.89
N THR I 31 -23.94 -30.73 -83.77
CA THR I 31 -23.91 -29.80 -84.88
C THR I 31 -22.46 -29.41 -85.13
N ASP I 32 -22.05 -29.39 -86.40
CA ASP I 32 -20.67 -29.05 -86.72
C ASP I 32 -20.49 -27.56 -86.95
N SER I 33 -19.52 -26.96 -86.27
CA SER I 33 -19.28 -25.52 -86.36
C SER I 33 -18.73 -25.08 -87.71
N THR I 34 -18.29 -26.04 -88.52
CA THR I 34 -17.81 -25.78 -89.88
C THR I 34 -18.98 -25.83 -90.89
N LYS I 35 -20.03 -26.56 -90.52
CA LYS I 35 -21.16 -26.81 -91.41
C LYS I 35 -22.49 -26.34 -90.81
N PRO I 36 -22.75 -25.02 -90.88
CA PRO I 36 -23.93 -24.32 -90.34
C PRO I 36 -25.24 -24.86 -90.91
N GLY I 37 -26.37 -24.56 -90.27
CA GLY I 37 -27.66 -24.98 -90.76
C GLY I 37 -27.84 -26.49 -90.96
N TYR I 38 -26.80 -27.26 -90.68
CA TYR I 38 -26.88 -28.71 -90.76
C TYR I 38 -26.85 -29.37 -89.39
N ALA I 39 -27.87 -30.16 -89.10
CA ALA I 39 -27.93 -30.87 -87.84
C ALA I 39 -27.62 -32.33 -88.08
N PHE I 40 -26.50 -32.79 -87.54
CA PHE I 40 -26.03 -34.15 -87.83
C PHE I 40 -26.51 -35.16 -86.81
N ILE I 41 -26.91 -36.32 -87.32
CA ILE I 41 -27.47 -37.37 -86.47
C ILE I 41 -26.73 -38.69 -86.61
N ALA I 42 -25.84 -38.95 -85.65
CA ALA I 42 -25.14 -40.21 -85.61
C ALA I 42 -26.12 -41.28 -85.14
N ALA I 43 -26.02 -42.47 -85.72
CA ALA I 43 -26.96 -43.55 -85.43
C ALA I 43 -26.29 -44.92 -85.47
N LYS I 44 -26.20 -45.60 -84.32
CA LYS I 44 -25.70 -46.95 -84.30
C LYS I 44 -26.85 -47.94 -84.59
N PRO I 45 -26.63 -48.87 -85.53
CA PRO I 45 -27.62 -49.84 -86.00
C PRO I 45 -28.07 -50.82 -84.93
N LYS I 46 -27.44 -50.81 -83.77
CA LYS I 46 -27.78 -51.75 -82.69
C LYS I 46 -27.37 -53.19 -82.96
N SER I 47 -26.95 -53.46 -84.19
CA SER I 47 -26.58 -54.81 -84.60
C SER I 47 -25.26 -54.71 -85.36
N GLY I 48 -25.31 -54.17 -86.57
CA GLY I 48 -24.13 -54.05 -87.41
C GLY I 48 -23.37 -52.76 -87.21
N LEU I 49 -22.87 -52.21 -88.32
CA LEU I 49 -22.10 -50.97 -88.28
C LEU I 49 -22.84 -49.82 -88.95
N TYR I 50 -23.09 -49.96 -90.24
CA TYR I 50 -23.64 -48.87 -91.02
C TYR I 50 -25.15 -48.98 -91.22
N LEU I 51 -25.86 -47.89 -90.97
CA LEU I 51 -27.28 -47.83 -91.28
C LEU I 51 -27.44 -47.65 -92.79
N THR I 52 -28.23 -48.52 -93.39
CA THR I 52 -28.31 -48.59 -94.85
C THR I 52 -26.93 -48.34 -95.46
N THR I 53 -26.06 -49.32 -95.34
CA THR I 53 -24.79 -49.30 -96.06
C THR I 53 -25.11 -49.40 -97.54
N VAL I 54 -26.38 -49.71 -97.68
CA VAL I 54 -27.16 -49.84 -98.88
C VAL I 54 -27.44 -48.38 -99.16
N GLN I 55 -26.83 -47.53 -98.35
CA GLN I 55 -26.95 -46.10 -98.56
C GLN I 55 -28.30 -45.39 -98.45
N ARG I 56 -28.90 -45.48 -97.28
CA ARG I 56 -30.10 -44.72 -96.97
C ARG I 56 -31.22 -45.61 -96.68
N GLU I 57 -31.51 -46.43 -97.67
CA GLU I 57 -32.64 -47.35 -97.44
C GLU I 57 -33.15 -46.91 -96.08
N ASP I 58 -32.21 -46.55 -95.22
CA ASP I 58 -32.52 -46.14 -93.86
C ASP I 58 -32.25 -44.65 -93.67
N ILE I 59 -31.00 -44.24 -93.92
CA ILE I 59 -30.59 -42.84 -93.67
C ILE I 59 -31.38 -41.84 -94.52
N LYS I 60 -32.40 -42.34 -95.22
CA LYS I 60 -33.29 -41.50 -96.01
C LYS I 60 -34.67 -41.47 -95.34
N ASN I 61 -35.05 -42.58 -94.72
CA ASN I 61 -36.28 -42.65 -93.95
C ASN I 61 -36.31 -41.66 -92.79
N TYR I 62 -35.17 -41.48 -92.14
CA TYR I 62 -35.08 -40.54 -91.04
C TYR I 62 -35.08 -39.12 -91.58
N LEU I 63 -34.42 -38.91 -92.71
CA LEU I 63 -34.56 -37.65 -93.42
C LEU I 63 -36.05 -37.33 -93.45
N LYS I 64 -36.85 -38.32 -93.86
CA LYS I 64 -38.31 -38.16 -93.95
C LYS I 64 -39.00 -38.06 -92.58
N ASP I 65 -38.47 -37.17 -91.73
CA ASP I 65 -39.13 -36.82 -90.48
C ASP I 65 -38.95 -35.32 -90.26
N TYR I 66 -40.03 -34.58 -90.42
CA TYR I 66 -39.94 -33.13 -90.39
C TYR I 66 -40.97 -32.41 -89.54
N ASN I 67 -40.47 -31.46 -88.75
CA ASN I 67 -41.27 -30.64 -87.87
C ASN I 67 -41.07 -29.16 -88.18
N LEU I 68 -40.04 -28.56 -87.60
CA LEU I 68 -39.76 -27.14 -87.77
C LEU I 68 -38.30 -26.80 -87.93
N ALA I 69 -38.06 -25.56 -88.33
CA ALA I 69 -36.71 -25.03 -88.44
C ALA I 69 -36.20 -24.89 -89.85
N PRO I 70 -35.28 -23.96 -90.01
CA PRO I 70 -34.65 -23.65 -91.27
C PRO I 70 -33.41 -24.47 -91.41
N ILE I 71 -33.08 -25.26 -90.40
CA ILE I 71 -31.91 -26.11 -90.46
C ILE I 71 -32.36 -27.46 -90.93
N THR I 72 -31.45 -28.19 -91.57
CA THR I 72 -31.78 -29.50 -92.17
C THR I 72 -31.02 -30.70 -91.57
N PRO I 73 -31.73 -31.81 -91.35
CA PRO I 73 -31.08 -33.01 -90.82
C PRO I 73 -30.11 -33.62 -91.82
N SER I 74 -29.09 -34.33 -91.32
CA SER I 74 -28.14 -35.04 -92.17
C SER I 74 -27.78 -36.37 -91.51
N ILE I 75 -28.71 -37.32 -91.57
CA ILE I 75 -28.58 -38.59 -90.87
C ILE I 75 -27.38 -39.40 -91.35
N ILE I 76 -26.31 -39.42 -90.54
CA ILE I 76 -25.09 -40.12 -90.90
C ILE I 76 -24.86 -41.34 -90.01
N SER I 77 -23.93 -42.20 -90.43
CA SER I 77 -23.47 -43.28 -89.59
C SER I 77 -22.31 -42.78 -88.76
N PRO I 78 -22.17 -43.29 -87.53
CA PRO I 78 -21.22 -42.77 -86.55
C PRO I 78 -19.77 -42.80 -87.03
N ASN I 79 -19.00 -41.78 -86.68
CA ASN I 79 -17.58 -41.73 -87.02
C ASN I 79 -16.85 -42.69 -86.08
N TYR I 80 -16.53 -43.88 -86.57
CA TYR I 80 -16.03 -44.95 -85.71
C TYR I 80 -14.56 -44.83 -85.43
N LEU I 81 -14.21 -45.02 -84.16
CA LEU I 81 -12.82 -45.16 -83.76
C LEU I 81 -12.60 -46.65 -83.60
N PHE I 82 -11.57 -47.19 -84.25
CA PHE I 82 -11.25 -48.60 -84.06
C PHE I 82 -9.97 -48.77 -83.23
N ILE I 83 -9.87 -49.91 -82.56
CA ILE I 83 -8.69 -50.20 -81.76
C ILE I 83 -7.92 -51.40 -82.31
N LYS I 84 -6.89 -51.15 -83.10
CA LYS I 84 -6.08 -52.23 -83.60
C LYS I 84 -5.28 -52.82 -82.44
N THR I 85 -5.79 -53.89 -81.84
CA THR I 85 -5.18 -54.50 -80.66
C THR I 85 -4.26 -55.64 -81.03
N ASN I 86 -3.00 -55.60 -80.57
CA ASN I 86 -2.12 -56.75 -80.71
C ASN I 86 -1.99 -57.49 -79.39
N LEU I 87 -3.02 -58.27 -79.06
CA LEU I 87 -3.08 -58.98 -77.78
C LEU I 87 -2.02 -60.06 -77.69
N LYS I 88 -1.51 -60.30 -76.49
CA LYS I 88 -0.51 -61.34 -76.23
C LYS I 88 -0.76 -61.95 -74.87
N VAL I 89 -1.89 -62.64 -74.74
CA VAL I 89 -2.24 -63.39 -73.52
C VAL I 89 -1.32 -64.59 -73.27
N THR I 90 -1.04 -64.89 -72.01
CA THR I 90 -0.27 -66.10 -71.66
C THR I 90 -0.95 -66.92 -70.56
N TYR I 91 -0.95 -68.25 -70.70
CA TYR I 91 -1.65 -69.12 -69.76
C TYR I 91 -0.80 -70.30 -69.30
N ALA I 92 -1.34 -71.05 -68.36
CA ALA I 92 -0.64 -72.20 -67.81
C ALA I 92 -1.06 -73.47 -68.55
N LEU I 93 -0.09 -74.15 -69.13
CA LEU I 93 -0.35 -75.35 -69.93
C LEU I 93 -1.38 -76.28 -69.29
N ASN I 94 -1.17 -76.53 -67.99
CA ASN I 94 -1.96 -77.50 -67.25
C ASN I 94 -3.34 -77.00 -66.87
N LYS I 95 -3.44 -75.74 -66.44
CA LYS I 95 -4.73 -75.20 -66.00
C LYS I 95 -5.76 -75.23 -67.11
N LEU I 96 -5.30 -75.42 -68.34
CA LEU I 96 -6.16 -75.39 -69.52
C LEU I 96 -6.68 -76.78 -69.91
N GLN I 97 -8.00 -76.88 -70.04
CA GLN I 97 -8.64 -78.12 -70.46
C GLN I 97 -9.12 -78.22 -71.92
N GLU I 98 -9.55 -77.10 -72.49
CA GLU I 98 -9.99 -77.12 -73.90
C GLU I 98 -8.82 -76.49 -74.67
N SER I 99 -8.92 -76.48 -76.00
CA SER I 99 -7.88 -75.92 -76.83
C SER I 99 -7.59 -74.41 -76.83
N GLU I 100 -6.48 -74.03 -77.46
CA GLU I 100 -6.19 -72.61 -77.68
C GLU I 100 -7.33 -71.98 -78.49
N GLN I 101 -7.87 -72.75 -79.44
CA GLN I 101 -8.99 -72.32 -80.28
C GLN I 101 -10.23 -72.01 -79.44
N TRP I 102 -10.53 -72.86 -78.47
CA TRP I 102 -11.70 -72.64 -77.65
C TRP I 102 -11.45 -71.49 -76.69
N LEU I 103 -10.19 -71.35 -76.31
CA LEU I 103 -9.76 -70.28 -75.40
C LEU I 103 -9.88 -68.91 -76.05
N GLU I 104 -9.38 -68.76 -77.28
CA GLU I 104 -9.53 -67.51 -77.99
C GLU I 104 -11.00 -67.14 -78.03
N GLY I 105 -11.83 -68.07 -78.47
CA GLY I 105 -13.26 -67.85 -78.50
C GLY I 105 -13.84 -67.58 -77.13
N GLN I 106 -12.97 -67.49 -76.14
CA GLN I 106 -13.39 -67.27 -74.76
C GLN I 106 -12.95 -65.88 -74.27
N ILE I 107 -11.77 -65.46 -74.71
CA ILE I 107 -11.29 -64.13 -74.39
C ILE I 107 -12.03 -63.09 -75.22
N ILE I 108 -12.20 -63.34 -76.51
CA ILE I 108 -12.91 -62.38 -77.34
C ILE I 108 -14.39 -62.29 -76.94
N ASP I 109 -14.88 -63.31 -76.26
CA ASP I 109 -16.21 -63.23 -75.67
C ASP I 109 -16.22 -62.19 -74.55
N LYS I 110 -15.07 -62.00 -73.90
CA LYS I 110 -14.93 -61.00 -72.84
C LYS I 110 -14.60 -59.63 -73.40
N ILE I 111 -13.55 -59.55 -74.20
CA ILE I 111 -13.23 -58.32 -74.89
C ILE I 111 -14.50 -57.72 -75.48
N ASP I 112 -15.45 -58.57 -75.88
CA ASP I 112 -16.73 -58.03 -76.34
C ASP I 112 -17.59 -57.53 -75.18
N ARG I 113 -17.67 -58.32 -74.11
CA ARG I 113 -18.47 -57.98 -72.95
C ARG I 113 -18.08 -56.61 -72.41
N TYR I 114 -16.78 -56.34 -72.36
CA TYR I 114 -16.31 -55.02 -71.91
C TYR I 114 -16.83 -53.93 -72.84
N TYR I 115 -16.33 -53.92 -74.06
CA TYR I 115 -16.78 -52.97 -75.07
C TYR I 115 -18.28 -52.65 -74.98
N THR I 116 -19.11 -53.66 -75.21
CA THR I 116 -20.56 -53.46 -75.35
C THR I 116 -21.27 -53.05 -74.06
N GLU I 117 -20.55 -53.03 -72.95
CA GLU I 117 -21.16 -52.61 -71.70
C GLU I 117 -20.68 -51.23 -71.28
N ASP I 118 -19.39 -50.97 -71.45
CA ASP I 118 -18.79 -49.72 -71.00
C ASP I 118 -18.38 -48.78 -72.15
N VAL I 119 -17.88 -49.33 -73.23
CA VAL I 119 -17.35 -48.53 -74.31
C VAL I 119 -18.20 -48.24 -75.51
N GLU I 120 -19.00 -49.18 -75.93
CA GLU I 120 -19.73 -48.96 -77.15
C GLU I 120 -20.92 -48.09 -76.86
N ILE I 121 -20.63 -46.82 -76.58
CA ILE I 121 -21.65 -45.85 -76.28
C ILE I 121 -21.22 -44.47 -76.74
N PHE I 122 -22.16 -43.56 -76.89
CA PHE I 122 -21.88 -42.20 -77.29
C PHE I 122 -21.29 -41.40 -76.16
N ASN I 123 -20.27 -40.60 -76.47
CA ASN I 123 -19.52 -39.83 -75.48
C ASN I 123 -19.28 -40.83 -74.35
N SER I 124 -18.47 -41.84 -74.61
CA SER I 124 -18.17 -42.90 -73.64
C SER I 124 -16.75 -43.13 -74.15
N SER I 125 -15.97 -43.92 -73.40
CA SER I 125 -14.54 -44.12 -73.67
C SER I 125 -14.03 -45.53 -73.42
N PHE I 126 -12.79 -45.77 -73.86
CA PHE I 126 -12.16 -47.08 -73.79
C PHE I 126 -10.83 -46.96 -73.06
N ALA I 127 -10.48 -47.95 -72.27
CA ALA I 127 -9.19 -47.97 -71.58
C ALA I 127 -8.54 -49.35 -71.70
N LYS I 128 -7.32 -49.39 -72.26
CA LYS I 128 -6.65 -50.68 -72.41
C LYS I 128 -6.54 -51.44 -71.10
N SER I 129 -6.11 -50.77 -70.04
CA SER I 129 -5.93 -51.47 -68.77
C SER I 129 -7.21 -52.14 -68.33
N LYS I 130 -8.34 -51.51 -68.65
CA LYS I 130 -9.62 -51.98 -68.15
C LYS I 130 -10.10 -53.19 -68.90
N MET I 131 -9.75 -53.29 -70.18
CA MET I 131 -10.19 -54.41 -70.99
C MET I 131 -9.30 -55.61 -70.74
N LEU I 132 -8.01 -55.36 -70.58
CA LEU I 132 -7.07 -56.41 -70.24
C LEU I 132 -7.41 -57.02 -68.89
N THR I 133 -8.18 -56.31 -68.06
CA THR I 133 -8.70 -56.96 -66.88
C THR I 133 -9.71 -58.02 -67.35
N TYR I 134 -10.62 -57.62 -68.23
CA TYR I 134 -11.60 -58.56 -68.78
C TYR I 134 -10.96 -59.77 -69.49
N VAL I 135 -9.90 -59.54 -70.25
CA VAL I 135 -9.19 -60.63 -70.90
C VAL I 135 -8.65 -61.61 -69.86
N ASP I 136 -7.91 -61.09 -68.88
CA ASP I 136 -7.35 -61.91 -67.82
C ASP I 136 -8.41 -62.80 -67.16
N ASP I 137 -9.65 -62.33 -67.22
CA ASP I 137 -10.75 -62.92 -66.47
C ASP I 137 -11.53 -63.90 -67.33
N ALA I 138 -10.83 -64.85 -67.93
CA ALA I 138 -11.47 -65.82 -68.82
C ALA I 138 -11.13 -67.28 -68.47
N ASP I 139 -10.36 -67.50 -67.40
CA ASP I 139 -9.95 -68.85 -67.04
C ASP I 139 -9.33 -68.89 -65.63
N HIS I 140 -9.02 -70.10 -65.16
CA HIS I 140 -8.24 -70.28 -63.94
C HIS I 140 -6.78 -70.02 -64.31
N SER I 141 -6.54 -69.86 -65.61
CA SER I 141 -5.23 -69.42 -66.11
C SER I 141 -5.08 -69.63 -67.60
N VAL I 142 -4.71 -68.59 -68.37
CA VAL I 142 -4.62 -67.13 -68.04
C VAL I 142 -3.91 -66.56 -66.81
N ILE I 143 -2.59 -66.44 -66.91
CA ILE I 143 -1.75 -65.78 -65.90
C ILE I 143 -1.81 -64.26 -66.02
N GLY I 144 -1.51 -63.76 -67.22
CA GLY I 144 -1.48 -62.33 -67.48
C GLY I 144 -1.77 -61.98 -68.93
N SER I 145 -1.43 -60.76 -69.34
CA SER I 145 -1.69 -60.34 -70.71
C SER I 145 -1.01 -59.02 -71.11
N SER I 146 -0.63 -58.90 -72.37
CA SER I 146 -0.04 -57.67 -72.88
C SER I 146 -0.90 -57.20 -74.02
N ALA I 147 -0.65 -55.98 -74.50
CA ALA I 147 -1.42 -55.45 -75.59
C ALA I 147 -0.68 -54.26 -76.17
N THR I 148 -0.99 -53.93 -77.41
CA THR I 148 -0.32 -52.84 -78.11
C THR I 148 -1.36 -52.32 -79.03
N ILE I 149 -1.91 -51.17 -78.71
CA ILE I 149 -3.04 -50.72 -79.50
C ILE I 149 -2.75 -49.46 -80.27
N GLN I 150 -3.54 -49.29 -81.33
CA GLN I 150 -3.56 -48.09 -82.14
C GLN I 150 -5.00 -47.76 -82.40
N MET I 151 -5.24 -46.47 -82.59
CA MET I 151 -6.55 -46.03 -82.98
C MET I 151 -6.60 -46.14 -84.51
N VAL I 152 -7.75 -46.54 -85.01
CA VAL I 152 -7.95 -46.62 -86.43
C VAL I 152 -9.13 -45.77 -86.82
N ARG I 153 -8.93 -44.97 -87.86
CA ARG I 153 -10.01 -44.22 -88.49
C ARG I 153 -10.12 -44.74 -89.91
N GLU I 154 -11.29 -45.23 -90.29
CA GLU I 154 -11.47 -45.69 -91.66
C GLU I 154 -11.78 -44.52 -92.57
N VAL I 155 -11.03 -44.42 -93.66
CA VAL I 155 -11.12 -43.28 -94.54
C VAL I 155 -11.73 -43.68 -95.87
N GLN I 156 -12.94 -43.21 -96.17
CA GLN I 156 -13.45 -43.31 -97.53
C GLN I 156 -12.80 -42.19 -98.33
N ASN I 157 -12.67 -42.40 -99.64
CA ASN I 157 -11.81 -41.55 -100.47
C ASN I 157 -10.45 -41.27 -99.83
N PHE I 158 -9.51 -42.14 -100.12
CA PHE I 158 -8.12 -41.97 -99.76
C PHE I 158 -7.56 -40.71 -100.41
N TYR I 159 -8.17 -40.27 -101.50
CA TYR I 159 -7.57 -39.21 -102.28
C TYR I 159 -7.35 -37.96 -101.41
N LYS I 160 -8.36 -37.62 -100.62
CA LYS I 160 -8.30 -36.42 -99.79
C LYS I 160 -9.23 -36.51 -98.60
N THR I 161 -8.79 -35.94 -97.48
CA THR I 161 -9.60 -35.84 -96.27
C THR I 161 -10.77 -34.91 -96.50
N PRO I 162 -11.72 -34.88 -95.56
CA PRO I 162 -12.80 -33.92 -95.69
C PRO I 162 -12.32 -32.48 -95.70
N GLU I 163 -13.24 -31.63 -96.12
CA GLU I 163 -13.10 -30.18 -96.08
C GLU I 163 -12.44 -29.72 -94.77
N ALA I 164 -12.94 -30.22 -93.64
CA ALA I 164 -12.49 -29.75 -92.33
C ALA I 164 -11.45 -30.63 -91.61
N GLY I 165 -10.83 -31.55 -92.34
CA GLY I 165 -9.88 -32.48 -91.78
C GLY I 165 -10.58 -33.59 -90.99
N ILE I 166 -9.83 -34.63 -90.65
CA ILE I 166 -10.36 -35.69 -89.80
C ILE I 166 -9.69 -35.62 -88.45
N LYS I 167 -10.44 -35.92 -87.39
CA LYS I 167 -9.89 -35.93 -86.04
C LYS I 167 -10.08 -37.27 -85.37
N TYR I 168 -9.37 -37.50 -84.26
CA TYR I 168 -9.53 -38.74 -83.49
C TYR I 168 -10.38 -38.53 -82.21
N ASN I 169 -10.53 -37.27 -81.82
CA ASN I 169 -11.02 -36.95 -80.48
C ASN I 169 -10.04 -37.45 -79.43
N ASN I 170 -8.82 -37.70 -79.88
CA ASN I 170 -7.72 -38.07 -79.00
C ASN I 170 -6.36 -37.59 -79.53
N GLN I 171 -5.38 -37.59 -78.65
CA GLN I 171 -4.06 -37.08 -78.95
C GLN I 171 -3.13 -38.25 -79.30
N ILE I 172 -2.38 -38.10 -80.39
CA ILE I 172 -1.46 -39.14 -80.82
C ILE I 172 -0.03 -38.66 -80.68
N LYS I 173 0.92 -39.53 -80.98
CA LYS I 173 2.32 -39.23 -80.75
C LYS I 173 2.99 -38.87 -82.05
N ASP I 174 4.13 -38.19 -82.00
CA ASP I 174 4.88 -37.85 -83.20
C ASP I 174 5.20 -39.02 -84.14
N ARG I 175 4.77 -38.91 -85.40
CA ARG I 175 5.01 -39.92 -86.44
C ARG I 175 3.98 -41.05 -86.29
N SER I 176 3.29 -41.08 -85.15
CA SER I 176 2.31 -42.12 -84.86
C SER I 176 1.34 -42.40 -86.01
N MET I 177 0.96 -41.35 -86.75
CA MET I 177 -0.05 -41.46 -87.80
C MET I 177 0.48 -42.05 -89.09
N GLU I 178 -0.09 -43.17 -89.50
CA GLU I 178 0.32 -43.83 -90.74
C GLU I 178 -0.79 -44.72 -91.27
N SER I 179 -0.97 -44.72 -92.59
CA SER I 179 -1.99 -45.54 -93.24
C SER I 179 -1.44 -46.89 -93.69
N ASN I 180 -2.33 -47.82 -94.02
CA ASN I 180 -1.91 -49.04 -94.68
C ASN I 180 -1.40 -48.69 -96.07
N THR I 181 -0.78 -49.65 -96.76
CA THR I 181 -0.23 -49.37 -98.07
C THR I 181 -1.25 -49.59 -99.18
N PHE I 182 -1.08 -48.89 -100.28
CA PHE I 182 -1.91 -49.09 -101.45
C PHE I 182 -1.08 -48.95 -102.74
N SER I 183 -1.61 -49.45 -103.85
CA SER I 183 -0.83 -49.48 -105.08
C SER I 183 -0.98 -48.20 -105.88
N PHE I 184 0.16 -47.72 -106.37
CA PHE I 184 0.20 -46.57 -107.25
C PHE I 184 0.70 -46.99 -108.62
N ASN I 185 -0.18 -46.94 -109.61
CA ASN I 185 0.19 -47.31 -110.98
C ASN I 185 1.04 -46.27 -111.70
N SER I 186 2.37 -46.38 -111.57
CA SER I 186 3.25 -45.51 -112.32
C SER I 186 2.94 -45.78 -113.80
N GLY I 187 2.94 -44.73 -114.61
CA GLY I 187 2.61 -44.88 -116.01
C GLY I 187 3.52 -45.84 -116.74
N ARG I 188 4.76 -45.93 -116.27
CA ARG I 188 5.83 -46.69 -116.93
C ARG I 188 5.64 -48.20 -117.03
N LYS I 189 6.50 -48.83 -117.83
CA LYS I 189 6.38 -50.24 -118.19
C LYS I 189 7.72 -50.98 -118.13
N VAL I 190 7.69 -52.22 -117.67
CA VAL I 190 8.92 -53.00 -117.51
C VAL I 190 8.68 -54.49 -117.75
N VAL I 191 9.75 -55.26 -117.95
CA VAL I 191 9.64 -56.69 -118.28
C VAL I 191 10.55 -57.58 -117.42
N ASN I 192 10.05 -58.77 -117.16
CA ASN I 192 10.85 -59.83 -116.61
C ASN I 192 10.30 -61.23 -116.74
N PRO I 193 11.17 -62.20 -116.44
CA PRO I 193 10.72 -63.57 -116.55
C PRO I 193 10.02 -63.88 -117.86
N ASP I 194 10.64 -63.52 -118.97
CA ASP I 194 10.10 -63.93 -120.24
C ASP I 194 8.68 -63.47 -120.27
N THR I 195 8.33 -62.25 -119.88
CA THR I 195 6.87 -62.21 -119.96
C THR I 195 6.32 -61.13 -120.88
N GLY I 196 6.91 -59.93 -120.84
CA GLY I 196 6.45 -58.85 -121.67
C GLY I 196 6.42 -57.50 -120.96
N LEU I 197 5.63 -56.58 -121.49
CA LEU I 197 5.49 -55.24 -120.93
C LEU I 197 4.93 -55.27 -119.51
N GLU I 198 3.96 -56.16 -119.29
CA GLU I 198 3.34 -56.28 -117.98
C GLU I 198 2.65 -54.99 -117.53
N GLU I 199 2.02 -54.30 -118.48
CA GLU I 199 1.31 -53.06 -118.19
C GLU I 199 2.20 -51.97 -117.62
N ASP I 200 1.76 -51.37 -116.52
CA ASP I 200 2.49 -50.29 -115.87
C ASP I 200 3.05 -50.66 -114.51
N VAL I 201 4.33 -50.38 -114.31
CA VAL I 201 5.02 -50.68 -113.06
C VAL I 201 4.19 -50.18 -111.87
N LEU I 202 4.02 -51.02 -110.86
CA LEU I 202 3.31 -50.65 -109.63
C LEU I 202 4.17 -50.84 -108.40
N TYR I 203 4.14 -49.88 -107.48
CA TYR I 203 4.74 -50.09 -106.17
C TYR I 203 3.81 -49.71 -105.03
N ASP I 204 4.07 -50.27 -103.85
CA ASP I 204 3.29 -49.96 -102.67
C ASP I 204 3.71 -48.61 -102.05
N VAL I 205 2.72 -47.74 -101.91
CA VAL I 205 2.94 -46.37 -101.43
C VAL I 205 1.98 -46.09 -100.27
N ARG I 206 2.25 -45.07 -99.45
CA ARG I 206 1.35 -44.77 -98.31
C ARG I 206 1.49 -43.38 -97.67
N ILE I 207 0.58 -43.08 -96.75
CA ILE I 207 0.51 -41.76 -96.09
C ILE I 207 0.93 -41.81 -94.60
N VAL I 208 1.95 -41.01 -94.26
CA VAL I 208 2.52 -40.95 -92.91
C VAL I 208 2.64 -39.51 -92.41
N SER I 209 2.68 -39.31 -91.09
CA SER I 209 2.91 -37.97 -90.53
C SER I 209 4.35 -37.77 -90.07
N THR I 210 4.75 -36.53 -89.88
CA THR I 210 6.11 -36.23 -89.45
C THR I 210 6.09 -35.67 -88.04
N ASP I 211 7.24 -35.71 -87.37
CA ASP I 211 7.36 -35.09 -86.06
C ASP I 211 6.78 -33.69 -86.14
N ARG I 212 6.13 -33.23 -85.08
CA ARG I 212 5.55 -31.89 -85.04
C ARG I 212 6.60 -30.80 -84.95
N ASP I 213 6.35 -29.70 -85.64
CA ASP I 213 7.24 -28.55 -85.58
C ASP I 213 7.02 -27.81 -84.26
N SER I 214 7.72 -26.69 -84.11
CA SER I 214 7.72 -25.92 -82.87
C SER I 214 6.37 -25.34 -82.48
N LYS I 215 5.34 -25.57 -83.30
CA LYS I 215 3.99 -25.04 -83.05
C LYS I 215 2.95 -26.17 -83.00
N GLY I 216 3.40 -27.41 -83.05
CA GLY I 216 2.55 -28.57 -82.91
C GLY I 216 2.06 -29.19 -84.21
N ILE I 217 2.88 -29.04 -85.26
CA ILE I 217 2.36 -29.20 -86.61
C ILE I 217 3.35 -29.82 -87.59
N GLY I 218 3.09 -31.06 -87.97
CA GLY I 218 3.93 -31.75 -88.93
C GLY I 218 3.21 -31.91 -90.24
N LYS I 219 3.89 -32.46 -91.24
CA LYS I 219 3.32 -32.64 -92.56
C LYS I 219 2.62 -33.99 -92.65
N VAL I 220 1.79 -34.15 -93.67
CA VAL I 220 1.25 -35.45 -94.00
C VAL I 220 1.86 -35.82 -95.35
N ILE I 221 2.78 -36.77 -95.36
CA ILE I 221 3.53 -37.05 -96.59
C ILE I 221 3.24 -38.40 -97.22
N ILE I 222 3.48 -38.51 -98.52
CA ILE I 222 3.13 -39.73 -99.23
C ILE I 222 4.31 -40.19 -100.09
N GLY I 223 4.57 -41.50 -100.07
CA GLY I 223 5.69 -42.08 -100.81
C GLY I 223 5.91 -43.54 -100.45
N PRO I 224 7.03 -44.13 -100.92
CA PRO I 224 8.07 -43.51 -101.74
C PRO I 224 7.64 -43.39 -103.22
N PHE I 225 8.54 -42.89 -104.06
CA PHE I 225 8.29 -42.83 -105.49
C PHE I 225 9.58 -43.05 -106.28
N ALA I 226 9.49 -42.80 -107.57
CA ALA I 226 10.60 -42.91 -108.49
C ALA I 226 11.06 -41.50 -108.75
N SER I 227 12.23 -41.36 -109.33
CA SER I 227 12.88 -40.07 -109.40
C SER I 227 12.36 -39.10 -110.43
N GLY I 228 11.23 -39.38 -111.03
CA GLY I 228 10.47 -40.58 -110.76
C GLY I 228 9.13 -40.43 -111.42
N ASP I 229 8.12 -40.98 -110.78
CA ASP I 229 6.79 -40.97 -111.35
C ASP I 229 5.97 -39.76 -110.96
N VAL I 230 6.52 -38.86 -110.16
CA VAL I 230 5.79 -37.64 -109.78
C VAL I 230 6.51 -36.38 -110.27
N THR I 231 5.78 -35.49 -110.92
CA THR I 231 6.38 -34.33 -111.59
C THR I 231 6.61 -33.14 -110.65
N GLU I 232 7.88 -32.75 -110.50
CA GLU I 232 8.30 -31.74 -109.54
C GLU I 232 8.31 -30.29 -110.08
N ASN I 233 7.75 -29.39 -109.26
CA ASN I 233 7.54 -27.99 -109.61
C ASN I 233 8.26 -27.06 -108.65
N GLU I 234 7.84 -25.81 -108.62
CA GLU I 234 8.27 -24.86 -107.62
C GLU I 234 7.62 -25.24 -106.30
N ASN I 235 6.42 -25.76 -106.39
CA ASN I 235 5.68 -26.24 -105.23
C ASN I 235 6.04 -27.67 -104.91
N ILE I 236 5.66 -28.55 -105.85
CA ILE I 236 5.92 -29.98 -105.74
C ILE I 236 7.40 -30.32 -105.73
N GLN I 237 7.93 -30.66 -104.56
CA GLN I 237 9.34 -31.03 -104.43
C GLN I 237 9.48 -32.12 -103.39
N PRO I 238 10.41 -33.03 -103.52
CA PRO I 238 10.48 -34.11 -102.55
C PRO I 238 10.63 -33.58 -101.15
N TYR I 239 9.98 -34.19 -100.18
CA TYR I 239 10.05 -33.66 -98.85
C TYR I 239 11.49 -33.57 -98.50
N THR I 240 11.86 -32.46 -97.91
CA THR I 240 13.23 -32.17 -97.64
C THR I 240 14.01 -33.07 -96.71
N GLY I 241 13.48 -33.47 -95.57
CA GLY I 241 14.34 -34.25 -94.70
C GLY I 241 13.84 -35.35 -93.80
N ASN I 242 14.74 -36.26 -93.44
CA ASN I 242 14.35 -37.33 -92.53
C ASN I 242 13.68 -36.74 -91.30
N ASP I 243 12.63 -37.41 -90.82
CA ASP I 243 11.75 -36.80 -89.82
C ASP I 243 10.50 -37.66 -89.58
N PHE I 244 10.56 -38.94 -89.92
CA PHE I 244 9.37 -39.79 -89.89
C PHE I 244 9.70 -41.24 -90.20
N ASN I 245 8.67 -42.03 -90.51
CA ASN I 245 8.82 -43.45 -90.76
C ASN I 245 8.77 -43.82 -92.24
N LYS I 246 9.88 -44.25 -92.83
CA LYS I 246 9.89 -44.66 -94.23
C LYS I 246 9.60 -46.17 -94.35
N LEU I 247 9.03 -46.61 -95.45
CA LEU I 247 8.73 -48.04 -95.58
C LEU I 247 9.71 -48.82 -96.46
N ALA I 248 9.63 -50.14 -96.38
CA ALA I 248 10.57 -51.05 -97.03
C ALA I 248 10.67 -50.85 -98.55
N ASN I 249 11.84 -50.39 -99.00
CA ASN I 249 12.10 -50.25 -100.42
C ASN I 249 12.64 -51.55 -101.00
N SER I 250 11.85 -52.63 -100.86
CA SER I 250 12.17 -53.89 -101.52
C SER I 250 12.16 -53.66 -103.02
N ASP I 251 11.69 -52.47 -103.40
CA ASP I 251 11.73 -52.00 -104.78
C ASP I 251 12.73 -50.85 -104.90
N GLY I 252 13.42 -50.53 -103.79
CA GLY I 252 14.51 -49.57 -103.76
C GLY I 252 14.17 -48.09 -103.60
N ARG I 253 12.90 -47.75 -103.79
CA ARG I 253 12.46 -46.35 -103.96
C ARG I 253 12.57 -45.47 -102.72
N ASP I 254 12.56 -44.16 -102.93
CA ASP I 254 12.43 -43.23 -101.83
C ASP I 254 12.47 -41.80 -102.26
N LYS I 255 11.31 -41.19 -102.33
CA LYS I 255 11.21 -39.78 -102.49
C LYS I 255 9.82 -39.63 -102.02
N TYR I 256 9.65 -38.88 -100.95
CA TYR I 256 8.28 -38.67 -100.50
C TYR I 256 7.91 -37.21 -100.75
N TYR I 257 6.60 -36.94 -100.83
CA TYR I 257 6.10 -35.60 -101.12
C TYR I 257 5.06 -35.12 -100.10
N VAL I 258 5.14 -33.86 -99.68
CA VAL I 258 4.17 -33.29 -98.73
C VAL I 258 2.78 -33.12 -99.36
N ILE I 259 1.71 -33.50 -98.66
CA ILE I 259 0.36 -33.25 -99.17
C ILE I 259 -0.68 -32.78 -98.14
N GLY I 260 -0.24 -32.27 -97.00
CA GLY I 260 -1.16 -31.74 -96.01
C GLY I 260 -0.44 -31.47 -94.71
N GLU I 261 -1.13 -31.60 -93.59
CA GLU I 261 -0.49 -31.54 -92.28
C GLU I 261 -1.37 -32.00 -91.13
N ILE I 262 -0.77 -32.45 -90.04
CA ILE I 262 -1.53 -32.74 -88.84
C ILE I 262 -1.33 -31.58 -87.93
N ASN I 263 -2.42 -31.11 -87.37
CA ASN I 263 -2.36 -30.24 -86.21
C ASN I 263 -2.52 -31.13 -84.98
N TYR I 264 -1.40 -31.43 -84.32
CA TYR I 264 -1.43 -32.40 -83.24
C TYR I 264 -2.29 -31.92 -82.07
N PRO I 265 -2.05 -30.69 -81.59
CA PRO I 265 -2.86 -30.11 -80.52
C PRO I 265 -4.33 -30.00 -80.91
N ALA I 266 -4.63 -29.39 -82.06
CA ALA I 266 -6.01 -29.23 -82.52
C ALA I 266 -6.66 -30.56 -82.88
N ASP I 267 -5.83 -31.58 -83.07
CA ASP I 267 -6.29 -32.88 -83.53
C ASP I 267 -7.08 -32.75 -84.83
N VAL I 268 -6.39 -32.36 -85.90
CA VAL I 268 -6.98 -32.35 -87.24
C VAL I 268 -5.94 -32.77 -88.29
N ILE I 269 -6.37 -33.58 -89.25
CA ILE I 269 -5.47 -34.06 -90.28
C ILE I 269 -6.08 -33.83 -91.65
N TYR I 270 -5.37 -33.10 -92.50
CA TYR I 270 -5.86 -32.83 -93.85
C TYR I 270 -4.80 -33.23 -94.86
N TRP I 271 -5.26 -33.86 -95.95
CA TRP I 271 -4.44 -34.00 -97.15
C TRP I 271 -5.29 -33.99 -98.41
N ASN I 272 -4.61 -33.84 -99.53
CA ASN I 272 -5.25 -33.74 -100.83
C ASN I 272 -4.20 -34.14 -101.83
N ILE I 273 -4.36 -35.31 -102.44
CA ILE I 273 -3.30 -35.80 -103.32
C ILE I 273 -3.17 -34.90 -104.53
N ALA I 274 -4.24 -34.18 -104.85
CA ALA I 274 -4.20 -33.18 -105.89
C ALA I 274 -3.13 -32.10 -105.64
N LYS I 275 -2.59 -32.04 -104.44
CA LYS I 275 -1.57 -31.03 -104.14
C LYS I 275 -0.25 -31.35 -104.86
N ILE I 276 0.05 -32.64 -105.01
CA ILE I 276 0.95 -33.05 -106.06
C ILE I 276 -0.01 -33.26 -107.22
N ASN I 277 0.40 -33.85 -108.34
CA ASN I 277 -0.55 -33.86 -109.46
C ASN I 277 -1.09 -35.21 -109.89
N LEU I 278 -1.24 -36.11 -108.92
CA LEU I 278 -1.67 -37.46 -109.21
C LEU I 278 -3.19 -37.61 -109.25
N THR I 279 -3.67 -38.28 -110.28
CA THR I 279 -5.08 -38.52 -110.43
C THR I 279 -5.41 -39.80 -109.68
N SER I 280 -6.58 -39.82 -109.05
CA SER I 280 -7.07 -41.01 -108.34
C SER I 280 -7.02 -42.26 -109.22
N GLU I 281 -6.99 -42.07 -110.54
CA GLU I 281 -6.86 -43.17 -111.48
C GLU I 281 -5.57 -43.93 -111.23
N LYS I 282 -4.53 -43.20 -110.84
CA LYS I 282 -3.24 -43.80 -110.57
C LYS I 282 -3.21 -44.55 -109.23
N PHE I 283 -4.38 -44.75 -108.62
CA PHE I 283 -4.47 -45.49 -107.34
C PHE I 283 -5.55 -46.55 -107.38
N GLU I 284 -5.16 -47.78 -107.09
CA GLU I 284 -6.08 -48.91 -107.08
C GLU I 284 -7.27 -48.69 -106.14
N VAL I 285 -7.02 -48.02 -105.02
CA VAL I 285 -7.95 -48.06 -103.90
C VAL I 285 -9.06 -47.02 -103.90
N GLN I 286 -9.95 -47.13 -102.92
CA GLN I 286 -10.95 -46.11 -102.61
C GLN I 286 -10.89 -45.79 -101.13
N THR I 287 -11.08 -46.82 -100.30
CA THR I 287 -11.01 -46.68 -98.86
C THR I 287 -9.62 -47.07 -98.33
N ILE I 288 -9.14 -46.36 -97.31
CA ILE I 288 -7.93 -46.77 -96.63
C ILE I 288 -8.04 -46.65 -95.11
N GLU I 289 -7.00 -47.11 -94.42
CA GLU I 289 -6.98 -47.13 -92.96
C GLU I 289 -5.96 -46.12 -92.44
N LEU I 290 -6.31 -45.39 -91.39
CA LEU I 290 -5.40 -44.43 -90.82
C LEU I 290 -5.10 -44.79 -89.36
N TYR I 291 -3.88 -45.27 -89.13
CA TYR I 291 -3.45 -45.71 -87.80
C TYR I 291 -2.62 -44.66 -87.14
N SER I 292 -2.90 -44.43 -85.87
CA SER I 292 -2.02 -43.65 -85.02
C SER I 292 -2.08 -44.35 -83.69
N ASP I 293 -1.03 -44.20 -82.91
CA ASP I 293 -1.06 -44.68 -81.53
C ASP I 293 -1.08 -43.51 -80.56
N PRO I 294 -1.97 -43.60 -79.57
CA PRO I 294 -2.36 -42.54 -78.65
C PRO I 294 -1.27 -42.22 -77.64
N THR I 295 -1.44 -41.13 -76.89
CA THR I 295 -0.69 -40.88 -75.66
C THR I 295 -1.62 -41.22 -74.54
N ASP I 296 -2.84 -41.59 -74.91
CA ASP I 296 -3.91 -41.84 -73.97
C ASP I 296 -3.86 -43.23 -73.40
N ASP I 297 -3.89 -43.33 -72.09
CA ASP I 297 -4.14 -44.61 -71.46
C ASP I 297 -5.66 -44.74 -71.40
N VAL I 298 -6.33 -43.72 -71.91
CA VAL I 298 -7.77 -43.74 -72.11
C VAL I 298 -8.17 -43.04 -73.41
N ILE I 299 -8.93 -43.73 -74.25
CA ILE I 299 -9.31 -43.19 -75.53
C ILE I 299 -10.75 -42.68 -75.44
N PHE I 300 -10.96 -41.44 -75.86
CA PHE I 300 -12.27 -40.84 -75.75
C PHE I 300 -13.01 -40.76 -77.04
N THR I 301 -14.25 -41.15 -76.96
CA THR I 301 -15.14 -41.06 -78.07
C THR I 301 -15.60 -39.64 -77.91
N ARG I 302 -16.61 -39.21 -78.64
CA ARG I 302 -17.03 -37.84 -78.53
C ARG I 302 -18.19 -37.50 -79.43
N ASP I 303 -18.04 -36.50 -80.27
CA ASP I 303 -19.16 -36.07 -81.08
C ASP I 303 -19.35 -36.80 -82.37
N GLY I 304 -20.23 -37.77 -82.35
CA GLY I 304 -20.54 -38.53 -83.54
C GLY I 304 -19.52 -39.63 -83.66
N SER I 305 -18.51 -39.53 -82.82
CA SER I 305 -17.46 -40.54 -82.71
C SER I 305 -17.90 -41.62 -81.73
N LEU I 306 -17.43 -42.84 -81.95
CA LEU I 306 -17.91 -43.98 -81.20
C LEU I 306 -16.89 -45.10 -81.26
N ILE I 307 -16.44 -45.57 -80.09
CA ILE I 307 -15.45 -46.66 -80.05
C ILE I 307 -16.15 -48.00 -80.03
N VAL I 308 -15.96 -48.76 -81.10
CA VAL I 308 -16.71 -50.00 -81.24
C VAL I 308 -15.79 -51.21 -81.47
N PHE I 309 -16.27 -52.39 -81.09
CA PHE I 309 -15.53 -53.63 -81.25
C PHE I 309 -16.40 -54.62 -82.01
N GLU I 310 -16.11 -54.79 -83.30
CA GLU I 310 -16.88 -55.71 -84.11
C GLU I 310 -15.97 -56.76 -84.74
N ASN I 311 -15.50 -57.73 -83.94
CA ASN I 311 -14.47 -58.64 -84.41
C ASN I 311 -14.88 -59.49 -85.61
N ASP I 312 -16.02 -60.17 -85.51
CA ASP I 312 -16.62 -60.83 -86.66
C ASP I 312 -16.56 -60.13 -88.03
N LEU I 313 -16.93 -58.86 -88.03
CA LEU I 313 -17.05 -58.03 -89.23
C LEU I 313 -15.85 -57.12 -89.41
N ARG I 314 -14.90 -57.26 -88.49
CA ARG I 314 -13.72 -56.42 -88.45
C ARG I 314 -12.64 -57.18 -87.69
N PRO I 315 -12.32 -58.38 -88.16
CA PRO I 315 -11.45 -59.31 -87.44
C PRO I 315 -10.04 -58.79 -87.50
N GLN I 316 -9.73 -58.17 -88.63
CA GLN I 316 -8.44 -57.57 -88.90
C GLN I 316 -7.90 -56.71 -87.75
N TYR I 317 -8.81 -56.25 -86.89
CA TYR I 317 -8.45 -55.35 -85.80
C TYR I 317 -8.35 -56.09 -84.48
N LEU I 318 -7.55 -57.14 -84.49
CA LEU I 318 -7.33 -57.97 -83.32
C LEU I 318 -6.49 -59.17 -83.73
N THR I 319 -5.30 -59.25 -83.14
CA THR I 319 -4.48 -60.44 -83.24
C THR I 319 -4.23 -60.92 -81.81
N ILE I 320 -4.53 -62.19 -81.57
CA ILE I 320 -4.23 -62.83 -80.29
C ILE I 320 -3.08 -63.83 -80.41
N ASP I 321 -1.94 -63.53 -79.80
CA ASP I 321 -0.85 -64.49 -79.74
C ASP I 321 -0.80 -65.09 -78.35
N LEU I 322 -1.19 -66.35 -78.22
CA LEU I 322 -1.11 -67.02 -76.92
C LEU I 322 0.29 -67.52 -76.62
N GLU I 323 0.50 -67.93 -75.38
CA GLU I 323 1.77 -68.50 -74.99
C GLU I 323 1.49 -69.41 -73.83
N PRO I 324 1.85 -70.68 -73.99
CA PRO I 324 1.60 -71.67 -72.95
C PRO I 324 2.78 -71.71 -72.01
N ILE I 325 2.50 -72.06 -70.77
CA ILE I 325 3.49 -72.06 -69.76
C ILE I 325 3.59 -73.37 -69.00
N SER I 326 4.83 -73.75 -68.76
CA SER I 326 5.16 -74.95 -68.05
C SER I 326 4.61 -74.85 -66.66
N GLN I 327 4.24 -75.96 -66.08
CA GLN I 327 3.70 -75.95 -64.72
C GLN I 327 4.82 -75.68 -63.72
N LEU I 328 4.44 -75.33 -62.49
CA LEU I 328 5.43 -75.05 -61.43
C LEU I 328 5.32 -76.04 -60.26
N GLU I 329 6.40 -76.37 -59.53
CA GLU I 329 6.01 -77.32 -58.49
C GLU I 329 4.70 -78.12 -58.72
N HIS I 330 4.81 -79.44 -58.92
CA HIS I 330 3.73 -80.42 -58.67
C HIS I 330 4.28 -81.55 -57.90
N HIS I 331 4.31 -81.38 -56.59
CA HIS I 331 5.13 -82.16 -55.71
C HIS I 331 4.99 -81.67 -54.29
N HIS I 332 4.01 -82.18 -53.57
CA HIS I 332 3.97 -81.92 -52.14
C HIS I 332 2.67 -82.25 -51.46
N ALA J 9 10.05 -78.85 -50.10
CA ALA J 9 9.50 -77.57 -49.74
C ALA J 9 8.74 -77.74 -48.46
N THR J 10 7.45 -77.91 -48.59
CA THR J 10 6.57 -77.95 -47.45
C THR J 10 6.87 -79.04 -46.47
N ASP J 11 7.66 -80.04 -46.84
CA ASP J 11 7.86 -81.11 -45.89
C ASP J 11 8.39 -80.57 -44.58
N TYR J 12 9.33 -79.66 -44.64
CA TYR J 12 9.83 -79.12 -43.39
C TYR J 12 9.44 -77.68 -43.19
N ASP J 13 9.12 -77.00 -44.28
CA ASP J 13 8.74 -75.61 -44.21
C ASP J 13 7.47 -75.42 -43.43
N THR J 14 6.53 -76.33 -43.63
CA THR J 14 5.24 -76.19 -43.01
C THR J 14 5.37 -76.21 -41.53
N PHE J 15 6.11 -77.17 -41.04
CA PHE J 15 6.25 -77.23 -39.62
C PHE J 15 6.66 -75.86 -39.24
N VAL J 16 7.91 -75.57 -39.48
CA VAL J 16 8.39 -74.23 -39.17
C VAL J 16 7.27 -73.20 -39.31
N SER J 17 6.47 -73.31 -40.37
CA SER J 17 5.40 -72.36 -40.61
C SER J 17 4.31 -72.42 -39.53
N GLU J 18 4.45 -73.37 -38.61
CA GLU J 18 3.52 -73.49 -37.50
C GLU J 18 4.06 -72.79 -36.25
N ARG J 19 5.28 -73.17 -35.86
CA ARG J 19 5.91 -72.65 -34.65
C ARG J 19 6.34 -71.19 -34.79
N PHE J 20 6.11 -70.61 -35.96
CA PHE J 20 6.61 -69.26 -36.24
C PHE J 20 5.68 -68.48 -37.15
N GLY J 21 4.48 -69.00 -37.39
CA GLY J 21 3.51 -68.37 -38.26
C GLY J 21 3.23 -66.91 -37.95
N SER J 22 3.64 -66.47 -36.75
CA SER J 22 3.43 -65.09 -36.31
C SER J 22 4.45 -64.13 -36.92
N ILE J 23 5.57 -64.65 -37.37
CA ILE J 23 6.50 -63.83 -38.15
C ILE J 23 6.56 -64.26 -39.62
N ILE J 24 7.17 -65.41 -39.89
CA ILE J 24 7.38 -65.82 -41.28
C ILE J 24 6.09 -65.91 -42.09
N GLN J 25 6.09 -65.26 -43.26
CA GLN J 25 4.94 -65.31 -44.15
C GLN J 25 5.20 -66.17 -45.38
N ALA J 26 6.44 -66.63 -45.53
CA ALA J 26 6.79 -67.46 -46.68
C ALA J 26 8.00 -68.34 -46.39
N VAL J 27 7.79 -69.65 -46.50
CA VAL J 27 8.86 -70.62 -46.26
C VAL J 27 8.85 -71.70 -47.29
N GLN J 28 10.01 -71.93 -47.89
CA GLN J 28 10.20 -73.02 -48.84
C GLN J 28 11.64 -73.49 -48.82
N THR J 29 11.84 -74.79 -49.02
CA THR J 29 13.18 -75.36 -49.04
C THR J 29 13.60 -75.56 -50.48
N PHE J 30 14.91 -75.75 -50.67
CA PHE J 30 15.45 -76.10 -51.97
C PHE J 30 16.92 -76.49 -51.82
N THR J 31 17.45 -77.17 -52.83
CA THR J 31 18.86 -77.52 -52.87
C THR J 31 19.52 -76.65 -53.93
N ASP J 32 20.85 -76.62 -53.94
CA ASP J 32 21.54 -75.93 -55.01
C ASP J 32 22.23 -76.96 -55.89
N SER J 33 21.90 -77.03 -57.15
CA SER J 33 22.56 -78.07 -57.86
C SER J 33 23.92 -77.47 -57.83
N THR J 34 24.83 -78.06 -57.07
CA THR J 34 26.15 -77.51 -57.00
C THR J 34 26.65 -77.46 -55.59
N LYS J 35 25.86 -76.91 -54.70
CA LYS J 35 26.26 -76.87 -53.33
C LYS J 35 25.72 -78.15 -52.82
N PRO J 36 26.25 -79.24 -53.31
CA PRO J 36 25.74 -80.54 -52.95
C PRO J 36 25.82 -80.74 -51.49
N GLY J 37 24.78 -81.31 -50.91
CA GLY J 37 24.79 -81.58 -49.49
C GLY J 37 24.01 -80.58 -48.67
N TYR J 38 23.88 -79.39 -49.21
CA TYR J 38 23.29 -78.27 -48.46
C TYR J 38 21.83 -78.05 -48.81
N ALA J 39 21.01 -77.95 -47.77
CA ALA J 39 19.59 -77.64 -47.94
C ALA J 39 19.29 -76.33 -47.23
N PHE J 40 18.71 -75.38 -47.98
CA PHE J 40 18.46 -74.04 -47.45
C PHE J 40 16.96 -73.83 -47.36
N ILE J 41 16.52 -73.06 -46.36
CA ILE J 41 15.13 -72.66 -46.32
C ILE J 41 15.02 -71.15 -46.36
N ALA J 42 14.45 -70.62 -47.43
CA ALA J 42 14.23 -69.20 -47.51
C ALA J 42 12.98 -68.86 -46.71
N ALA J 43 13.06 -67.83 -45.89
CA ALA J 43 11.87 -67.37 -45.19
C ALA J 43 11.78 -65.86 -45.24
N LYS J 44 10.59 -65.38 -45.55
CA LYS J 44 10.31 -63.95 -45.52
C LYS J 44 9.46 -63.59 -44.29
N PRO J 45 9.98 -62.69 -43.44
CA PRO J 45 9.22 -62.13 -42.33
C PRO J 45 7.86 -61.65 -42.82
N LYS J 46 6.79 -61.86 -42.11
CA LYS J 46 5.55 -61.29 -42.56
C LYS J 46 5.81 -59.85 -42.39
N SER J 47 6.63 -59.56 -41.41
CA SER J 47 6.88 -58.21 -40.94
C SER J 47 8.05 -57.59 -41.65
N GLY J 48 7.93 -57.40 -42.95
CA GLY J 48 9.03 -56.84 -43.71
C GLY J 48 9.79 -57.82 -44.57
N LEU J 49 11.09 -57.66 -44.55
CA LEU J 49 12.04 -58.19 -45.55
C LEU J 49 13.04 -59.25 -45.07
N TYR J 50 13.84 -58.93 -44.05
CA TYR J 50 14.88 -59.85 -43.59
C TYR J 50 14.68 -60.23 -42.13
N LEU J 51 14.55 -61.53 -41.88
CA LEU J 51 14.48 -62.01 -40.51
C LEU J 51 15.75 -61.60 -39.79
N THR J 52 15.64 -61.30 -38.50
CA THR J 52 16.79 -60.84 -37.74
C THR J 52 17.64 -61.99 -37.20
N THR J 53 18.94 -61.77 -37.18
CA THR J 53 19.90 -62.82 -36.83
C THR J 53 19.60 -63.47 -35.49
N VAL J 54 18.78 -62.81 -34.68
CA VAL J 54 18.27 -63.44 -33.46
C VAL J 54 17.04 -64.29 -33.81
N GLN J 55 16.09 -63.72 -34.56
CA GLN J 55 14.97 -64.50 -35.09
C GLN J 55 15.46 -65.74 -35.84
N ARG J 56 16.67 -65.65 -36.39
CA ARG J 56 17.23 -66.73 -37.20
C ARG J 56 17.92 -67.79 -36.37
N GLU J 57 18.53 -67.39 -35.27
CA GLU J 57 19.21 -68.35 -34.42
C GLU J 57 18.20 -69.15 -33.60
N ASP J 58 17.08 -68.51 -33.26
CA ASP J 58 16.00 -69.20 -32.57
C ASP J 58 15.43 -70.28 -33.48
N ILE J 59 15.07 -69.89 -34.69
CA ILE J 59 14.46 -70.81 -35.64
C ILE J 59 15.39 -71.97 -36.00
N LYS J 60 16.69 -71.69 -36.11
CA LYS J 60 17.65 -72.74 -36.39
C LYS J 60 17.71 -73.71 -35.21
N ASN J 61 17.53 -73.16 -34.01
CA ASN J 61 17.60 -73.97 -32.79
C ASN J 61 16.31 -74.70 -32.43
N TYR J 62 15.49 -74.97 -33.45
CA TYR J 62 14.44 -75.97 -33.32
C TYR J 62 14.89 -77.17 -34.14
N LEU J 63 16.02 -77.02 -34.84
CA LEU J 63 16.61 -78.11 -35.60
C LEU J 63 17.11 -79.19 -34.65
N LYS J 64 17.59 -78.76 -33.49
CA LYS J 64 17.97 -79.69 -32.45
C LYS J 64 16.69 -80.31 -31.88
N ASP J 65 15.65 -79.48 -31.77
CA ASP J 65 14.39 -79.89 -31.16
C ASP J 65 14.01 -81.19 -31.87
N TYR J 66 13.81 -81.11 -33.17
CA TYR J 66 13.76 -82.30 -34.02
C TYR J 66 15.17 -82.80 -34.29
N ASN J 67 15.51 -83.89 -33.60
CA ASN J 67 16.88 -84.42 -33.56
C ASN J 67 17.43 -84.70 -34.96
N LEU J 68 18.46 -83.95 -35.32
CA LEU J 68 19.27 -84.30 -36.47
C LEU J 68 20.64 -83.78 -36.08
N ALA J 69 21.65 -84.64 -36.26
CA ALA J 69 23.02 -84.34 -35.92
C ALA J 69 23.69 -83.79 -37.19
N PRO J 70 23.41 -84.41 -38.35
CA PRO J 70 24.05 -83.91 -39.57
C PRO J 70 23.83 -82.39 -39.58
N ILE J 71 24.76 -81.65 -40.15
CA ILE J 71 24.57 -80.22 -40.41
C ILE J 71 23.18 -80.23 -41.02
N THR J 72 22.32 -79.38 -40.47
CA THR J 72 20.89 -79.40 -40.78
C THR J 72 20.31 -78.02 -41.10
N PRO J 73 19.72 -77.99 -42.30
CA PRO J 73 19.12 -76.87 -43.03
C PRO J 73 19.60 -75.54 -42.58
N SER J 74 19.92 -74.69 -43.53
CA SER J 74 20.38 -73.36 -43.22
C SER J 74 19.12 -72.64 -43.46
N ILE J 75 18.70 -71.82 -42.52
CA ILE J 75 17.63 -70.90 -42.74
C ILE J 75 18.26 -69.71 -43.35
N ILE J 76 17.53 -68.98 -44.16
CA ILE J 76 18.07 -67.78 -44.75
C ILE J 76 16.95 -66.99 -45.35
N SER J 77 17.23 -65.74 -45.64
CA SER J 77 16.24 -64.88 -46.29
C SER J 77 16.16 -65.06 -47.81
N PRO J 78 14.95 -64.95 -48.36
CA PRO J 78 14.59 -65.25 -49.75
C PRO J 78 15.38 -64.42 -50.78
N ASN J 79 15.64 -64.99 -51.96
CA ASN J 79 16.28 -64.22 -53.03
C ASN J 79 15.24 -63.36 -53.77
N TYR J 80 15.14 -62.09 -53.39
CA TYR J 80 14.07 -61.22 -53.88
C TYR J 80 14.25 -60.70 -55.30
N LEU J 81 13.18 -60.73 -56.06
CA LEU J 81 13.17 -60.11 -57.34
C LEU J 81 12.20 -58.96 -57.13
N PHE J 82 12.60 -57.77 -57.50
CA PHE J 82 11.81 -56.57 -57.31
C PHE J 82 11.40 -56.00 -58.65
N ILE J 83 10.26 -55.37 -58.68
CA ILE J 83 9.76 -54.77 -59.89
C ILE J 83 9.81 -53.30 -59.76
N LYS J 84 10.62 -52.64 -60.56
CA LYS J 84 10.69 -51.22 -60.43
C LYS J 84 9.57 -50.81 -61.28
N THR J 85 8.52 -50.34 -60.65
CA THR J 85 7.36 -49.96 -61.39
C THR J 85 7.29 -48.49 -61.62
N ASN J 86 6.92 -48.16 -62.83
CA ASN J 86 6.75 -46.80 -63.24
C ASN J 86 5.34 -46.77 -63.67
N LEU J 87 4.50 -46.41 -62.74
CA LEU J 87 3.03 -46.42 -62.91
C LEU J 87 2.53 -45.07 -63.37
N LYS J 88 1.42 -45.10 -64.11
CA LYS J 88 0.73 -43.91 -64.58
C LYS J 88 -0.76 -44.18 -64.50
N VAL J 89 -1.46 -43.42 -63.68
CA VAL J 89 -2.90 -43.59 -63.56
C VAL J 89 -3.60 -42.31 -63.94
N THR J 90 -4.53 -42.38 -64.88
CA THR J 90 -5.27 -41.19 -65.28
C THR J 90 -6.67 -41.27 -64.66
N TYR J 91 -7.11 -40.20 -64.00
CA TYR J 91 -8.38 -40.21 -63.26
C TYR J 91 -9.26 -39.00 -63.58
N ALA J 92 -10.53 -39.10 -63.23
CA ALA J 92 -11.52 -38.07 -63.55
C ALA J 92 -11.61 -37.00 -62.47
N LEU J 93 -11.36 -35.74 -62.85
CA LEU J 93 -11.41 -34.65 -61.87
C LEU J 93 -12.72 -34.67 -61.07
N ASN J 94 -13.84 -34.61 -61.79
CA ASN J 94 -15.16 -34.56 -61.15
C ASN J 94 -15.32 -35.61 -60.05
N LYS J 95 -14.89 -36.83 -60.36
CA LYS J 95 -15.24 -37.99 -59.53
C LYS J 95 -14.24 -38.25 -58.40
N LEU J 96 -13.28 -37.35 -58.22
CA LEU J 96 -12.25 -37.52 -57.20
C LEU J 96 -12.37 -36.51 -56.06
N GLN J 97 -12.81 -36.99 -54.90
CA GLN J 97 -13.13 -36.11 -53.78
C GLN J 97 -11.90 -35.60 -53.01
N GLU J 98 -11.05 -36.51 -52.56
CA GLU J 98 -9.90 -36.16 -51.73
C GLU J 98 -8.67 -35.70 -52.51
N SER J 99 -7.57 -35.57 -51.81
CA SER J 99 -6.34 -35.07 -52.40
C SER J 99 -5.74 -36.09 -53.36
N GLU J 100 -4.90 -35.62 -54.27
CA GLU J 100 -4.09 -36.51 -55.08
C GLU J 100 -3.25 -37.36 -54.15
N GLN J 101 -2.69 -36.73 -53.13
CA GLN J 101 -1.88 -37.42 -52.13
C GLN J 101 -2.66 -38.58 -51.51
N TRP J 102 -3.96 -38.40 -51.35
CA TRP J 102 -4.82 -39.44 -50.82
C TRP J 102 -4.96 -40.57 -51.81
N LEU J 103 -5.41 -40.22 -53.01
CA LEU J 103 -5.58 -41.18 -54.10
C LEU J 103 -4.37 -42.12 -54.21
N GLU J 104 -3.17 -41.56 -54.37
CA GLU J 104 -1.97 -42.39 -54.37
C GLU J 104 -2.05 -43.43 -53.27
N GLY J 105 -2.10 -42.98 -52.03
CA GLY J 105 -2.23 -43.88 -50.90
C GLY J 105 -3.22 -44.97 -51.20
N GLN J 106 -4.38 -44.57 -51.72
CA GLN J 106 -5.47 -45.50 -51.97
C GLN J 106 -5.09 -46.59 -52.96
N ILE J 107 -4.26 -46.25 -53.94
CA ILE J 107 -3.86 -47.25 -54.93
C ILE J 107 -2.60 -48.02 -54.49
N ILE J 108 -1.63 -47.29 -53.97
CA ILE J 108 -0.44 -47.93 -53.42
C ILE J 108 -0.80 -48.97 -52.36
N ASP J 109 -2.03 -48.93 -51.86
CA ASP J 109 -2.52 -50.02 -51.03
C ASP J 109 -2.95 -51.19 -51.91
N LYS J 110 -3.70 -50.88 -52.96
CA LYS J 110 -4.20 -51.91 -53.86
C LYS J 110 -3.06 -52.73 -54.41
N ILE J 111 -1.98 -52.06 -54.81
CA ILE J 111 -0.84 -52.78 -55.35
C ILE J 111 -0.40 -53.83 -54.33
N ASP J 112 -0.29 -53.41 -53.08
CA ASP J 112 0.22 -54.30 -52.04
C ASP J 112 -0.75 -55.45 -51.79
N ARG J 113 -2.04 -55.15 -51.80
CA ARG J 113 -3.07 -56.16 -51.57
C ARG J 113 -3.04 -57.23 -52.67
N TYR J 114 -2.60 -56.84 -53.87
CA TYR J 114 -2.44 -57.80 -54.95
C TYR J 114 -1.21 -58.63 -54.73
N TYR J 115 -0.12 -57.98 -54.31
CA TYR J 115 1.15 -58.64 -54.06
C TYR J 115 1.04 -59.66 -52.93
N THR J 116 0.47 -59.21 -51.82
CA THR J 116 0.30 -60.10 -50.69
C THR J 116 -0.54 -61.32 -51.09
N GLU J 117 -1.67 -61.08 -51.74
CA GLU J 117 -2.57 -62.16 -52.12
C GLU J 117 -2.09 -63.09 -53.25
N ASP J 118 -1.68 -62.53 -54.37
CA ASP J 118 -1.43 -63.36 -55.54
C ASP J 118 0.05 -63.52 -55.91
N VAL J 119 0.93 -62.72 -55.31
CA VAL J 119 2.32 -62.69 -55.77
C VAL J 119 3.35 -63.11 -54.73
N GLU J 120 3.25 -62.55 -53.53
CA GLU J 120 4.25 -62.77 -52.50
C GLU J 120 4.08 -64.17 -51.93
N ILE J 121 4.64 -65.12 -52.64
CA ILE J 121 4.40 -66.54 -52.41
C ILE J 121 5.43 -67.24 -53.30
N PHE J 122 5.88 -68.42 -52.91
CA PHE J 122 6.95 -69.04 -53.65
C PHE J 122 6.50 -69.67 -54.96
N ASN J 123 7.20 -69.32 -56.03
CA ASN J 123 6.88 -69.83 -57.36
C ASN J 123 5.58 -69.31 -57.97
N SER J 124 4.85 -68.49 -57.22
CA SER J 124 3.77 -67.68 -57.76
C SER J 124 4.40 -66.54 -58.55
N SER J 125 3.62 -65.86 -59.37
CA SER J 125 4.25 -64.87 -60.23
C SER J 125 3.53 -63.51 -60.32
N PHE J 126 4.28 -62.51 -60.80
CA PHE J 126 3.79 -61.15 -60.99
C PHE J 126 3.31 -60.96 -62.42
N ALA J 127 2.06 -60.50 -62.57
CA ALA J 127 1.49 -60.20 -63.87
C ALA J 127 1.08 -58.74 -63.91
N LYS J 128 1.85 -57.93 -64.62
CA LYS J 128 1.58 -56.50 -64.72
C LYS J 128 0.12 -56.20 -65.07
N SER J 129 -0.47 -57.05 -65.89
CA SER J 129 -1.85 -56.88 -66.29
C SER J 129 -2.82 -57.03 -65.14
N LYS J 130 -2.45 -57.81 -64.14
CA LYS J 130 -3.34 -58.09 -63.02
C LYS J 130 -3.34 -56.90 -62.08
N MET J 131 -2.14 -56.49 -61.68
CA MET J 131 -1.97 -55.43 -60.70
C MET J 131 -2.51 -54.10 -61.22
N LEU J 132 -2.46 -53.89 -62.53
CA LEU J 132 -3.10 -52.72 -63.13
C LEU J 132 -4.61 -52.77 -62.94
N THR J 133 -5.20 -53.95 -63.05
CA THR J 133 -6.63 -54.06 -62.78
C THR J 133 -6.91 -53.83 -61.30
N TYR J 134 -5.91 -54.12 -60.45
CA TYR J 134 -6.01 -53.74 -59.04
C TYR J 134 -5.97 -52.22 -58.89
N VAL J 135 -4.99 -51.59 -59.53
CA VAL J 135 -4.92 -50.13 -59.56
C VAL J 135 -6.24 -49.51 -60.01
N ASP J 136 -6.74 -49.92 -61.17
CA ASP J 136 -8.04 -49.51 -61.67
C ASP J 136 -9.12 -49.60 -60.59
N ASP J 137 -8.95 -50.58 -59.71
CA ASP J 137 -9.97 -51.02 -58.77
C ASP J 137 -9.97 -50.17 -57.49
N ALA J 138 -8.97 -49.30 -57.38
CA ALA J 138 -8.71 -48.55 -56.14
C ALA J 138 -9.68 -47.42 -55.80
N ASP J 139 -10.47 -46.96 -56.76
CA ASP J 139 -11.35 -45.83 -56.52
C ASP J 139 -12.39 -46.07 -57.61
N HIS J 140 -13.55 -45.42 -57.50
CA HIS J 140 -14.56 -45.51 -58.55
C HIS J 140 -14.31 -44.47 -59.63
N SER J 141 -13.13 -43.85 -59.56
CA SER J 141 -12.80 -42.66 -60.33
C SER J 141 -11.50 -42.80 -61.09
N VAL J 142 -10.98 -44.03 -61.14
CA VAL J 142 -9.68 -44.30 -61.73
C VAL J 142 -9.83 -44.95 -63.10
N ILE J 143 -10.01 -44.09 -64.07
CA ILE J 143 -10.52 -44.39 -65.36
C ILE J 143 -9.74 -45.42 -66.11
N GLY J 144 -8.45 -45.42 -65.90
CA GLY J 144 -7.53 -46.26 -66.64
C GLY J 144 -6.06 -46.00 -66.36
N SER J 145 -5.29 -47.07 -66.24
CA SER J 145 -3.85 -46.97 -65.95
C SER J 145 -2.95 -47.62 -67.00
N SER J 146 -1.65 -47.34 -66.91
CA SER J 146 -0.65 -47.96 -67.75
C SER J 146 0.54 -48.11 -66.85
N ALA J 147 1.63 -48.72 -67.33
CA ALA J 147 2.68 -49.15 -66.42
C ALA J 147 3.89 -49.72 -67.13
N THR J 148 5.06 -49.45 -66.58
CA THR J 148 6.34 -49.84 -67.16
C THR J 148 7.25 -50.45 -66.12
N ILE J 149 7.66 -51.71 -66.31
CA ILE J 149 8.41 -52.38 -65.26
C ILE J 149 9.88 -52.62 -65.61
N GLN J 150 10.64 -52.83 -64.55
CA GLN J 150 12.02 -53.30 -64.62
C GLN J 150 12.20 -54.37 -63.56
N MET J 151 13.24 -55.17 -63.70
CA MET J 151 13.53 -56.17 -62.70
C MET J 151 14.73 -55.74 -61.85
N VAL J 152 14.60 -55.88 -60.54
CA VAL J 152 15.72 -55.56 -59.67
C VAL J 152 16.16 -56.76 -58.84
N ARG J 153 17.39 -57.20 -59.08
CA ARG J 153 18.01 -58.20 -58.24
C ARG J 153 18.99 -57.41 -57.38
N GLU J 154 18.88 -57.55 -56.06
CA GLU J 154 19.73 -56.80 -55.16
C GLU J 154 20.97 -57.61 -54.85
N VAL J 155 22.11 -57.16 -55.35
CA VAL J 155 23.34 -57.94 -55.30
C VAL J 155 24.08 -57.79 -53.98
N GLN J 156 24.41 -58.92 -53.35
CA GLN J 156 25.10 -58.94 -52.07
C GLN J 156 26.55 -58.46 -52.18
N ASN J 157 27.27 -58.96 -53.17
CA ASN J 157 28.64 -58.49 -53.44
C ASN J 157 28.83 -58.03 -54.88
N PHE J 158 29.29 -56.80 -55.03
CA PHE J 158 29.45 -56.15 -56.32
C PHE J 158 30.64 -56.69 -57.09
N TYR J 159 31.63 -57.20 -56.37
CA TYR J 159 32.91 -57.51 -56.98
C TYR J 159 32.89 -58.70 -57.93
N LYS J 160 32.21 -59.76 -57.55
CA LYS J 160 32.09 -60.90 -58.42
C LYS J 160 30.79 -61.57 -58.16
N THR J 161 30.18 -62.07 -59.23
CA THR J 161 28.94 -62.80 -59.12
C THR J 161 29.22 -64.05 -58.33
N PRO J 162 28.17 -64.72 -57.86
CA PRO J 162 28.38 -65.96 -57.12
C PRO J 162 29.16 -66.95 -57.96
N GLU J 163 29.86 -67.87 -57.30
CA GLU J 163 30.50 -68.97 -57.98
C GLU J 163 29.74 -69.38 -59.24
N ALA J 164 28.42 -69.44 -59.11
CA ALA J 164 27.58 -70.12 -60.10
C ALA J 164 27.08 -69.14 -61.17
N GLY J 165 26.11 -68.32 -60.79
CA GLY J 165 25.96 -67.01 -61.38
C GLY J 165 24.87 -66.18 -60.70
N ILE J 166 24.43 -65.13 -61.37
CA ILE J 166 23.18 -64.46 -61.01
C ILE J 166 22.19 -64.60 -62.16
N LYS J 167 20.96 -65.00 -61.84
CA LYS J 167 19.92 -65.12 -62.84
C LYS J 167 18.60 -64.52 -62.40
N TYR J 168 17.80 -64.07 -63.37
CA TYR J 168 16.55 -63.38 -63.11
C TYR J 168 15.35 -64.32 -63.15
N ASN J 169 15.59 -65.55 -63.58
CA ASN J 169 14.51 -66.50 -63.85
C ASN J 169 13.56 -65.93 -64.90
N ASN J 170 14.07 -64.99 -65.67
CA ASN J 170 13.29 -64.28 -66.66
C ASN J 170 14.14 -63.69 -67.76
N GLN J 171 13.51 -63.53 -68.91
CA GLN J 171 14.21 -63.07 -70.08
C GLN J 171 14.30 -61.56 -70.07
N ILE J 172 15.52 -61.01 -70.14
CA ILE J 172 15.70 -59.58 -70.30
C ILE J 172 16.02 -59.19 -71.76
N LYS J 173 16.03 -57.90 -72.04
CA LYS J 173 16.28 -57.41 -73.39
C LYS J 173 17.78 -57.12 -73.56
N ASP J 174 18.17 -56.67 -74.74
CA ASP J 174 19.57 -56.36 -75.00
C ASP J 174 20.00 -55.08 -74.31
N ARG J 175 21.24 -55.05 -73.82
CA ARG J 175 21.82 -53.87 -73.18
C ARG J 175 21.07 -53.50 -71.92
N SER J 176 20.07 -54.32 -71.62
CA SER J 176 19.09 -54.07 -70.58
C SER J 176 19.70 -54.14 -69.18
N MET J 177 20.46 -55.20 -68.92
CA MET J 177 21.12 -55.38 -67.64
C MET J 177 22.02 -54.18 -67.34
N GLU J 178 21.74 -53.49 -66.24
CA GLU J 178 22.60 -52.41 -65.83
C GLU J 178 22.43 -52.16 -64.36
N SER J 179 23.56 -52.17 -63.65
CA SER J 179 23.62 -51.88 -62.22
C SER J 179 23.56 -50.38 -62.03
N ASN J 180 23.44 -49.93 -60.79
CA ASN J 180 23.55 -48.50 -60.53
C ASN J 180 25.02 -48.09 -60.42
N THR J 181 25.26 -46.86 -59.99
CA THR J 181 26.64 -46.37 -59.95
C THR J 181 27.31 -46.45 -58.58
N PHE J 182 28.60 -46.76 -58.58
CA PHE J 182 29.39 -46.85 -57.37
C PHE J 182 30.77 -46.22 -57.56
N SER J 183 31.25 -45.54 -56.52
CA SER J 183 32.49 -44.75 -56.63
C SER J 183 33.68 -45.64 -56.85
N PHE J 184 34.47 -45.35 -57.87
CA PHE J 184 35.76 -45.99 -58.01
C PHE J 184 36.84 -45.03 -57.52
N ASN J 185 37.86 -45.56 -56.85
CA ASN J 185 38.93 -44.74 -56.32
C ASN J 185 40.22 -44.89 -57.11
N SER J 186 40.52 -43.91 -57.96
CA SER J 186 41.69 -43.95 -58.83
C SER J 186 42.97 -44.17 -58.05
N GLY J 187 43.35 -43.17 -57.27
CA GLY J 187 44.56 -43.26 -56.46
C GLY J 187 45.41 -42.00 -56.57
N ARG J 188 45.03 -41.10 -57.47
CA ARG J 188 45.76 -39.85 -57.66
C ARG J 188 45.40 -38.82 -56.60
N LYS J 189 46.27 -37.84 -56.41
CA LYS J 189 45.99 -36.72 -55.51
C LYS J 189 45.38 -35.56 -56.31
N VAL J 190 44.53 -34.77 -55.66
CA VAL J 190 43.86 -33.67 -56.33
C VAL J 190 44.48 -32.31 -56.01
N VAL J 191 45.16 -32.22 -54.87
CA VAL J 191 45.75 -30.97 -54.41
C VAL J 191 44.72 -29.83 -54.44
N ASN J 192 43.85 -29.81 -53.43
CA ASN J 192 42.83 -28.77 -53.30
C ASN J 192 42.76 -28.17 -51.91
N PRO J 193 43.25 -26.93 -51.75
CA PRO J 193 43.22 -26.20 -50.48
C PRO J 193 41.80 -25.94 -49.98
N ASP J 194 40.81 -26.20 -50.82
CA ASP J 194 39.41 -26.10 -50.42
C ASP J 194 39.13 -27.07 -49.28
N THR J 195 39.54 -28.32 -49.48
CA THR J 195 39.39 -29.38 -48.48
C THR J 195 40.76 -29.92 -48.07
N GLY J 196 41.66 -29.02 -47.69
CA GLY J 196 42.97 -29.39 -47.17
C GLY J 196 44.11 -29.33 -48.17
N LEU J 197 44.68 -30.50 -48.48
CA LEU J 197 45.80 -30.58 -49.40
C LEU J 197 45.67 -31.79 -50.33
N GLU J 198 44.78 -32.71 -50.01
CA GLU J 198 44.59 -33.90 -50.82
C GLU J 198 43.24 -34.61 -50.67
N GLU J 199 42.47 -34.61 -51.75
CA GLU J 199 41.36 -35.55 -51.91
C GLU J 199 41.81 -36.62 -52.90
N ASP J 200 41.17 -37.78 -52.86
CA ASP J 200 41.72 -38.97 -53.51
C ASP J 200 40.60 -39.10 -54.55
N VAL J 201 40.78 -38.53 -55.74
CA VAL J 201 39.78 -38.57 -56.81
C VAL J 201 38.99 -39.85 -57.06
N LEU J 202 37.67 -39.77 -56.92
CA LEU J 202 36.82 -40.96 -57.07
C LEU J 202 35.59 -40.70 -57.94
N TYR J 203 35.61 -41.27 -59.14
CA TYR J 203 34.54 -41.07 -60.12
C TYR J 203 33.61 -42.27 -60.28
N ASP J 204 32.31 -41.98 -60.37
CA ASP J 204 31.30 -43.04 -60.50
C ASP J 204 31.57 -43.99 -61.65
N VAL J 205 30.85 -45.12 -61.64
CA VAL J 205 31.09 -46.21 -62.56
C VAL J 205 29.95 -47.20 -62.39
N ARG J 206 29.54 -47.88 -63.46
CA ARG J 206 28.48 -48.88 -63.34
C ARG J 206 28.84 -50.15 -64.13
N ILE J 207 28.03 -51.20 -64.05
CA ILE J 207 28.27 -52.40 -64.86
C ILE J 207 27.08 -52.80 -65.72
N VAL J 208 27.25 -52.63 -67.03
CA VAL J 208 26.20 -52.80 -68.02
C VAL J 208 26.46 -54.05 -68.85
N SER J 209 25.46 -54.47 -69.62
CA SER J 209 25.62 -55.59 -70.55
C SER J 209 25.46 -55.10 -71.98
N THR J 210 26.07 -55.82 -72.92
CA THR J 210 25.99 -55.46 -74.34
C THR J 210 25.10 -56.45 -75.08
N ASP J 211 25.04 -56.27 -76.40
CA ASP J 211 24.09 -56.98 -77.25
C ASP J 211 24.44 -58.45 -77.50
N ARG J 212 23.40 -59.28 -77.56
CA ARG J 212 23.56 -60.70 -77.89
C ARG J 212 24.42 -60.86 -79.13
N ASP J 213 25.30 -61.86 -79.10
CA ASP J 213 26.10 -62.22 -80.27
C ASP J 213 25.31 -63.06 -81.26
N SER J 214 26.05 -63.57 -82.25
CA SER J 214 25.64 -64.69 -83.07
C SER J 214 25.89 -65.72 -82.00
N LYS J 215 24.92 -66.62 -81.83
CA LYS J 215 24.72 -67.34 -80.58
C LYS J 215 24.18 -67.06 -79.17
N GLY J 216 23.61 -65.88 -78.97
CA GLY J 216 22.90 -65.58 -77.74
C GLY J 216 23.68 -65.01 -76.55
N ILE J 217 24.95 -64.73 -76.75
CA ILE J 217 25.80 -64.25 -75.64
C ILE J 217 26.17 -62.77 -75.72
N GLY J 218 26.13 -62.09 -74.58
CA GLY J 218 26.59 -60.73 -74.47
C GLY J 218 27.84 -60.67 -73.62
N LYS J 219 28.35 -59.46 -73.40
CA LYS J 219 29.52 -59.26 -72.57
C LYS J 219 29.17 -58.33 -71.41
N VAL J 220 29.54 -58.71 -70.19
CA VAL J 220 29.29 -57.84 -69.02
C VAL J 220 30.43 -56.86 -68.82
N ILE J 221 30.27 -55.62 -69.26
CA ILE J 221 31.36 -54.66 -69.20
C ILE J 221 31.15 -53.61 -68.11
N ILE J 222 32.22 -52.97 -67.67
CA ILE J 222 32.17 -52.06 -66.51
C ILE J 222 32.59 -50.61 -66.80
N GLY J 223 31.72 -49.67 -66.39
CA GLY J 223 31.83 -48.24 -66.61
C GLY J 223 33.17 -47.55 -66.81
N PRO J 224 33.12 -46.27 -67.21
CA PRO J 224 34.18 -45.35 -67.71
C PRO J 224 35.40 -45.12 -66.81
N PHE J 225 36.58 -45.15 -67.43
CA PHE J 225 37.85 -44.91 -66.73
C PHE J 225 38.73 -43.90 -67.47
N ALA J 226 39.85 -43.51 -66.85
CA ALA J 226 40.75 -42.53 -67.45
C ALA J 226 42.12 -43.10 -67.89
N SER J 227 42.08 -44.04 -68.81
CA SER J 227 43.28 -44.67 -69.35
C SER J 227 44.24 -45.15 -68.26
N GLY J 228 44.99 -44.21 -67.70
CA GLY J 228 46.02 -44.52 -66.72
C GLY J 228 45.65 -45.47 -65.59
N ASP J 229 44.61 -45.14 -64.83
CA ASP J 229 44.32 -45.87 -63.59
C ASP J 229 43.74 -47.30 -63.77
N VAL J 230 43.69 -47.78 -65.00
CA VAL J 230 43.49 -49.20 -65.28
C VAL J 230 44.63 -49.71 -66.16
N THR J 231 45.39 -50.68 -65.67
CA THR J 231 46.55 -51.16 -66.42
C THR J 231 46.19 -52.19 -67.48
N GLU J 232 46.62 -51.90 -68.70
CA GLU J 232 46.30 -52.71 -69.83
C GLU J 232 47.55 -53.31 -70.40
N ASN J 233 47.47 -54.60 -70.67
CA ASN J 233 48.55 -55.34 -71.26
C ASN J 233 47.78 -56.00 -72.35
N GLU J 234 48.45 -56.51 -73.35
CA GLU J 234 47.71 -57.12 -74.43
C GLU J 234 46.88 -58.22 -73.80
N ASN J 235 45.60 -58.17 -74.08
CA ASN J 235 44.67 -59.10 -73.52
C ASN J 235 43.59 -58.23 -72.91
N ILE J 236 43.96 -57.63 -71.79
CA ILE J 236 43.11 -56.73 -71.06
C ILE J 236 43.21 -55.37 -71.66
N GLN J 237 42.39 -55.07 -72.66
CA GLN J 237 42.43 -53.76 -73.28
C GLN J 237 41.01 -53.20 -73.47
N PRO J 238 40.88 -51.88 -73.56
CA PRO J 238 39.56 -51.24 -73.59
C PRO J 238 38.60 -51.98 -74.52
N TYR J 239 37.35 -52.13 -74.09
CA TYR J 239 36.32 -52.72 -74.93
C TYR J 239 35.88 -51.70 -75.96
N THR J 240 35.56 -52.19 -77.15
CA THR J 240 35.12 -51.33 -78.23
C THR J 240 33.94 -52.01 -78.92
N GLY J 241 32.78 -51.37 -78.87
CA GLY J 241 31.60 -51.97 -79.48
C GLY J 241 30.45 -51.01 -79.67
N ASN J 242 30.30 -50.07 -78.74
CA ASN J 242 29.14 -49.18 -78.73
C ASN J 242 27.82 -49.95 -78.78
N ASP J 243 27.87 -51.24 -78.44
CA ASP J 243 26.66 -52.06 -78.36
C ASP J 243 26.14 -52.17 -76.93
N PHE J 244 26.28 -51.08 -76.17
CA PHE J 244 25.81 -51.03 -74.80
C PHE J 244 25.45 -49.58 -74.48
N ASN J 245 25.05 -49.33 -73.23
CA ASN J 245 24.70 -47.97 -72.82
C ASN J 245 25.80 -47.28 -72.04
N LYS J 246 26.34 -46.21 -72.60
CA LYS J 246 27.35 -45.42 -71.93
C LYS J 246 26.66 -44.46 -70.96
N LEU J 247 27.41 -43.82 -70.06
CA LEU J 247 26.73 -42.95 -69.09
C LEU J 247 27.09 -41.45 -69.13
N ALA J 248 26.21 -40.64 -68.54
CA ALA J 248 26.41 -39.20 -68.43
C ALA J 248 27.77 -38.85 -67.84
N ASN J 249 28.51 -37.97 -68.52
CA ASN J 249 29.78 -37.51 -68.02
C ASN J 249 29.88 -36.00 -67.92
N SER J 250 30.94 -35.56 -67.25
CA SER J 250 31.37 -34.18 -67.25
C SER J 250 32.88 -34.27 -67.41
N ASP J 251 33.38 -35.49 -67.31
CA ASP J 251 34.81 -35.77 -67.38
C ASP J 251 35.19 -36.40 -68.72
N GLY J 252 36.47 -36.36 -69.04
CA GLY J 252 36.98 -37.06 -70.20
C GLY J 252 37.16 -38.54 -69.88
N ARG J 253 36.05 -39.28 -69.86
CA ARG J 253 36.08 -40.69 -69.50
C ARG J 253 35.24 -41.56 -70.46
N ASP J 254 35.91 -42.44 -71.20
CA ASP J 254 35.20 -43.25 -72.20
C ASP J 254 35.83 -44.63 -72.40
N LYS J 255 36.50 -45.12 -71.38
CA LYS J 255 37.20 -46.39 -71.48
C LYS J 255 36.54 -47.44 -70.61
N TYR J 256 35.65 -48.23 -71.21
CA TYR J 256 34.96 -49.30 -70.49
C TYR J 256 35.72 -50.59 -70.70
N TYR J 257 35.63 -51.52 -69.75
CA TYR J 257 36.38 -52.78 -69.82
C TYR J 257 35.48 -54.00 -69.69
N VAL J 258 35.99 -55.17 -70.06
CA VAL J 258 35.17 -56.38 -70.07
C VAL J 258 35.50 -57.39 -68.98
N ILE J 259 34.49 -57.71 -68.16
CA ILE J 259 34.55 -58.83 -67.22
C ILE J 259 33.39 -59.75 -67.61
N GLY J 260 33.22 -60.86 -66.89
CA GLY J 260 32.17 -61.83 -67.18
C GLY J 260 31.39 -61.81 -68.50
N GLU J 261 30.13 -62.26 -68.44
CA GLU J 261 29.27 -62.26 -69.61
C GLU J 261 27.83 -62.74 -69.35
N ILE J 262 26.89 -62.21 -70.12
CA ILE J 262 25.48 -62.55 -69.99
C ILE J 262 25.14 -63.63 -70.98
N ASN J 263 24.57 -64.73 -70.51
CA ASN J 263 23.98 -65.68 -71.45
C ASN J 263 22.50 -65.38 -71.52
N TYR J 264 22.13 -64.55 -72.48
CA TYR J 264 20.76 -64.05 -72.54
C TYR J 264 19.68 -65.14 -72.46
N PRO J 265 19.78 -66.17 -73.31
CA PRO J 265 18.76 -67.24 -73.36
C PRO J 265 18.72 -68.13 -72.14
N ALA J 266 19.88 -68.42 -71.54
CA ALA J 266 19.94 -69.24 -70.33
C ALA J 266 19.92 -68.37 -69.07
N ASP J 267 19.55 -67.11 -69.26
CA ASP J 267 19.81 -66.04 -68.28
C ASP J 267 20.75 -66.45 -67.15
N VAL J 268 22.05 -66.41 -67.45
CA VAL J 268 23.05 -66.46 -66.40
C VAL J 268 23.97 -65.29 -66.58
N ILE J 269 24.39 -64.72 -65.47
CA ILE J 269 25.21 -63.54 -65.47
C ILE J 269 26.39 -63.81 -64.54
N TYR J 270 27.59 -63.90 -65.11
CA TYR J 270 28.78 -64.00 -64.29
C TYR J 270 29.65 -62.82 -64.63
N TRP J 271 30.28 -62.25 -63.62
CA TRP J 271 31.34 -61.29 -63.83
C TRP J 271 32.28 -61.37 -62.64
N ASN J 272 33.50 -60.90 -62.84
CA ASN J 272 34.45 -60.85 -61.77
C ASN J 272 35.44 -59.73 -62.00
N ILE J 273 35.28 -58.63 -61.27
CA ILE J 273 36.13 -57.45 -61.43
C ILE J 273 37.60 -57.86 -61.48
N ALA J 274 37.94 -58.96 -60.81
CA ALA J 274 39.32 -59.40 -60.75
C ALA J 274 39.94 -59.49 -62.14
N LYS J 275 39.12 -59.84 -63.13
CA LYS J 275 39.57 -59.98 -64.50
C LYS J 275 40.25 -58.71 -65.04
N ILE J 276 40.41 -57.70 -64.18
CA ILE J 276 41.14 -56.49 -64.60
C ILE J 276 42.11 -55.89 -63.54
N ASN J 277 42.53 -56.69 -62.57
CA ASN J 277 43.46 -56.21 -61.55
C ASN J 277 42.94 -55.02 -60.77
N LEU J 278 41.78 -55.18 -60.14
CA LEU J 278 41.21 -54.13 -59.31
C LEU J 278 40.62 -54.73 -58.05
N THR J 279 41.35 -54.62 -56.94
CA THR J 279 40.90 -55.21 -55.68
C THR J 279 39.65 -54.52 -55.15
N SER J 280 38.83 -55.28 -54.42
CA SER J 280 37.64 -54.71 -53.77
C SER J 280 37.96 -53.36 -53.13
N GLU J 281 39.12 -53.31 -52.46
CA GLU J 281 39.61 -52.10 -51.82
C GLU J 281 39.35 -50.84 -52.63
N LYS J 282 39.46 -50.98 -53.95
CA LYS J 282 39.44 -49.84 -54.85
C LYS J 282 38.07 -49.17 -55.00
N PHE J 283 37.00 -49.87 -54.62
CA PHE J 283 35.66 -49.33 -54.76
C PHE J 283 34.99 -49.08 -53.42
N GLU J 284 34.45 -47.89 -53.22
CA GLU J 284 33.75 -47.60 -51.99
C GLU J 284 32.27 -47.99 -52.02
N VAL J 285 32.01 -49.30 -52.16
CA VAL J 285 30.69 -49.90 -51.86
C VAL J 285 30.93 -51.35 -51.54
N GLN J 286 29.87 -52.08 -51.21
CA GLN J 286 29.98 -53.50 -50.99
C GLN J 286 28.76 -54.19 -51.57
N THR J 287 27.75 -53.41 -51.86
CA THR J 287 26.48 -53.93 -52.34
C THR J 287 26.02 -53.08 -53.51
N ILE J 288 25.34 -53.70 -54.46
CA ILE J 288 24.76 -52.97 -55.58
C ILE J 288 23.40 -53.51 -55.98
N GLU J 289 22.81 -52.91 -57.02
CA GLU J 289 21.51 -53.32 -57.52
C GLU J 289 21.54 -53.42 -59.03
N LEU J 290 21.07 -54.54 -59.54
CA LEU J 290 21.11 -54.83 -60.96
C LEU J 290 19.71 -54.71 -61.51
N TYR J 291 19.56 -53.89 -62.55
CA TYR J 291 18.26 -53.72 -63.18
C TYR J 291 18.25 -54.37 -64.55
N SER J 292 17.09 -54.40 -65.19
CA SER J 292 16.98 -54.96 -66.53
C SER J 292 15.53 -55.07 -66.93
N ASP J 293 15.26 -54.79 -68.19
CA ASP J 293 13.90 -54.82 -68.70
C ASP J 293 13.50 -56.26 -68.99
N PRO J 294 12.36 -56.69 -68.47
CA PRO J 294 11.82 -58.00 -68.86
C PRO J 294 11.51 -58.05 -70.37
N THR J 295 11.36 -59.26 -70.90
CA THR J 295 10.88 -59.42 -72.26
C THR J 295 9.39 -59.32 -72.17
N ASP J 296 8.84 -59.95 -71.15
CA ASP J 296 7.39 -60.03 -71.02
C ASP J 296 6.80 -59.15 -69.93
N ASP J 297 5.49 -59.21 -69.80
CA ASP J 297 4.77 -58.50 -68.76
C ASP J 297 4.23 -59.51 -67.78
N VAL J 298 4.77 -60.72 -67.84
CA VAL J 298 4.49 -61.74 -66.82
C VAL J 298 5.82 -62.31 -66.34
N ILE J 299 6.16 -62.07 -65.06
CA ILE J 299 7.48 -62.47 -64.59
C ILE J 299 7.45 -63.54 -63.49
N PHE J 300 8.49 -64.37 -63.43
CA PHE J 300 8.45 -65.63 -62.70
C PHE J 300 9.50 -65.80 -61.62
N THR J 301 9.15 -66.65 -60.65
CA THR J 301 10.09 -67.05 -59.62
C THR J 301 10.36 -68.55 -59.71
N ARG J 302 11.42 -68.98 -59.04
CA ARG J 302 11.92 -70.34 -59.16
C ARG J 302 12.61 -70.42 -57.82
N ASP J 303 13.60 -71.31 -57.73
CA ASP J 303 14.14 -71.90 -56.51
C ASP J 303 14.57 -70.84 -55.50
N GLY J 304 13.75 -70.63 -54.47
CA GLY J 304 14.11 -69.71 -53.40
C GLY J 304 14.04 -68.23 -53.75
N SER J 305 13.62 -67.95 -54.97
CA SER J 305 13.38 -66.58 -55.39
C SER J 305 11.94 -66.21 -55.05
N LEU J 306 11.74 -64.97 -54.64
CA LEU J 306 10.43 -64.48 -54.27
C LEU J 306 10.30 -63.05 -54.76
N ILE J 307 9.16 -62.75 -55.39
CA ILE J 307 8.83 -61.42 -55.89
C ILE J 307 8.00 -60.69 -54.84
N VAL J 308 8.31 -59.42 -54.58
CA VAL J 308 7.73 -58.74 -53.43
C VAL J 308 7.63 -57.20 -53.51
N PHE J 309 6.53 -56.67 -53.01
CA PHE J 309 6.27 -55.23 -52.97
C PHE J 309 6.37 -54.78 -51.53
N GLU J 310 7.47 -54.15 -51.18
CA GLU J 310 7.60 -53.68 -49.82
C GLU J 310 7.80 -52.18 -49.80
N ASN J 311 6.73 -51.46 -50.08
CA ASN J 311 6.90 -50.11 -50.56
C ASN J 311 7.24 -48.98 -49.63
N ASP J 312 6.82 -49.05 -48.38
CA ASP J 312 7.34 -48.18 -47.33
C ASP J 312 8.76 -48.44 -46.92
N LEU J 313 9.43 -49.35 -47.64
CA LEU J 313 10.79 -49.74 -47.32
C LEU J 313 11.63 -49.90 -48.58
N ARG J 314 10.96 -50.02 -49.72
CA ARG J 314 11.62 -49.89 -51.02
C ARG J 314 10.83 -48.97 -51.94
N PRO J 315 10.76 -47.69 -51.58
CA PRO J 315 9.79 -46.77 -52.17
C PRO J 315 10.32 -46.33 -53.50
N GLN J 316 11.62 -46.53 -53.66
CA GLN J 316 12.36 -46.22 -54.85
C GLN J 316 11.94 -47.05 -56.05
N TYR J 317 11.13 -48.09 -55.82
CA TYR J 317 10.77 -49.02 -56.89
C TYR J 317 9.34 -48.83 -57.35
N LEU J 318 8.74 -47.73 -56.92
CA LEU J 318 7.44 -47.31 -57.43
C LEU J 318 7.49 -45.82 -57.65
N THR J 319 6.94 -45.39 -58.79
CA THR J 319 6.67 -44.00 -59.01
C THR J 319 5.27 -43.92 -59.62
N ILE J 320 4.48 -42.98 -59.15
CA ILE J 320 3.13 -42.78 -59.66
C ILE J 320 3.00 -41.42 -60.35
N ASP J 321 2.58 -41.42 -61.62
CA ASP J 321 2.18 -40.18 -62.29
C ASP J 321 0.67 -40.22 -62.44
N LEU J 322 -0.01 -39.23 -61.91
CA LEU J 322 -1.44 -39.11 -62.15
C LEU J 322 -1.73 -38.16 -63.30
N GLU J 323 -2.90 -38.31 -63.89
CA GLU J 323 -3.32 -37.42 -64.95
C GLU J 323 -4.78 -37.12 -64.71
N PRO J 324 -5.06 -35.91 -64.25
CA PRO J 324 -6.46 -35.52 -64.03
C PRO J 324 -7.17 -35.10 -65.31
N ILE J 325 -8.35 -35.66 -65.52
CA ILE J 325 -9.10 -35.36 -66.69
C ILE J 325 -10.46 -34.73 -66.42
N SER J 326 -10.93 -33.90 -67.34
CA SER J 326 -12.22 -33.25 -67.24
C SER J 326 -13.03 -33.44 -68.51
N GLN J 327 -12.82 -32.56 -69.50
CA GLN J 327 -13.48 -32.64 -70.83
C GLN J 327 -13.19 -31.44 -71.73
N LEU J 328 -12.11 -31.42 -72.52
CA LEU J 328 -11.06 -32.42 -72.53
C LEU J 328 -9.94 -32.33 -73.63
N GLU J 329 -10.08 -31.49 -74.65
CA GLU J 329 -9.01 -31.36 -75.65
C GLU J 329 -7.60 -31.65 -75.10
N HIS J 330 -7.38 -32.53 -74.12
CA HIS J 330 -5.95 -32.75 -73.93
C HIS J 330 -5.60 -33.56 -72.66
N HIS J 331 -4.81 -34.62 -72.84
CA HIS J 331 -4.14 -35.34 -71.74
C HIS J 331 -2.72 -35.78 -72.15
N HIS J 332 -2.02 -34.85 -72.79
CA HIS J 332 -0.62 -34.99 -73.24
C HIS J 332 -0.51 -35.08 -74.76
N VAL K 7 14.80 -86.45 -32.39
CA VAL K 7 16.10 -85.81 -32.35
C VAL K 7 16.29 -85.14 -31.00
N THR K 8 17.17 -84.16 -30.92
CA THR K 8 17.37 -83.54 -29.64
C THR K 8 17.94 -84.55 -28.70
N ALA K 9 19.07 -84.23 -28.09
CA ALA K 9 19.73 -85.15 -27.19
C ALA K 9 18.82 -85.46 -26.05
N THR K 10 18.09 -84.46 -25.60
CA THR K 10 17.22 -84.70 -24.48
C THR K 10 16.23 -85.77 -24.85
N ASP K 11 15.68 -85.68 -26.05
CA ASP K 11 14.71 -86.69 -26.45
C ASP K 11 15.39 -88.03 -26.44
N TYR K 12 16.61 -88.10 -26.95
CA TYR K 12 17.33 -89.35 -26.95
C TYR K 12 17.66 -89.83 -25.56
N ASP K 13 17.98 -88.93 -24.64
CA ASP K 13 18.38 -89.42 -23.35
C ASP K 13 17.24 -90.23 -22.81
N THR K 14 16.05 -89.72 -22.96
CA THR K 14 14.89 -90.45 -22.50
C THR K 14 14.91 -91.76 -23.23
N PHE K 15 14.70 -91.68 -24.52
CA PHE K 15 14.61 -92.89 -25.33
C PHE K 15 15.30 -94.11 -24.71
N VAL K 16 16.42 -93.86 -24.06
CA VAL K 16 17.26 -94.91 -23.47
C VAL K 16 16.94 -95.08 -21.98
N SER K 17 16.51 -94.00 -21.34
CA SER K 17 16.05 -94.12 -19.96
C SER K 17 14.73 -94.88 -19.94
N GLU K 18 14.43 -95.53 -21.06
CA GLU K 18 13.22 -96.34 -21.19
C GLU K 18 13.54 -97.72 -21.74
N ARG K 19 13.92 -97.78 -23.01
CA ARG K 19 14.28 -99.03 -23.66
C ARG K 19 15.37 -99.83 -22.91
N PHE K 20 16.06 -99.16 -22.00
CA PHE K 20 17.12 -99.79 -21.21
C PHE K 20 16.93 -99.50 -19.73
N GLY K 21 16.29 -98.37 -19.44
CA GLY K 21 16.03 -97.97 -18.07
C GLY K 21 15.93 -99.18 -17.16
N SER K 22 16.98 -99.99 -17.13
CA SER K 22 17.01 -101.19 -16.33
C SER K 22 18.38 -101.35 -15.74
N ILE K 23 19.37 -101.36 -16.62
CA ILE K 23 20.75 -101.54 -16.20
C ILE K 23 21.54 -100.30 -16.50
N ILE K 24 20.85 -99.17 -16.52
CA ILE K 24 21.44 -97.86 -16.82
C ILE K 24 20.99 -96.80 -15.82
N GLN K 25 21.92 -96.04 -15.27
CA GLN K 25 21.60 -95.04 -14.26
C GLN K 25 21.42 -93.64 -14.82
N ALA K 26 22.24 -93.26 -15.79
CA ALA K 26 22.19 -91.91 -16.34
C ALA K 26 22.54 -91.83 -17.82
N VAL K 27 22.08 -90.77 -18.48
CA VAL K 27 22.39 -90.53 -19.90
C VAL K 27 22.75 -89.07 -20.21
N GLN K 28 23.86 -88.88 -20.93
CA GLN K 28 24.25 -87.57 -21.44
C GLN K 28 24.37 -87.63 -22.96
N THR K 29 23.37 -87.12 -23.67
CA THR K 29 23.48 -87.03 -25.12
C THR K 29 24.04 -85.69 -25.57
N PHE K 30 25.32 -85.69 -25.86
CA PHE K 30 26.00 -84.51 -26.32
C PHE K 30 26.51 -84.77 -27.73
N THR K 31 26.82 -83.70 -28.44
CA THR K 31 27.40 -83.84 -29.77
C THR K 31 28.73 -83.10 -29.78
N ASP K 32 29.75 -83.71 -30.36
CA ASP K 32 31.07 -83.09 -30.40
C ASP K 32 31.26 -82.24 -31.64
N SER K 33 31.67 -80.99 -31.45
CA SER K 33 31.84 -80.04 -32.56
C SER K 33 33.01 -80.39 -33.48
N THR K 34 33.86 -81.30 -33.03
CA THR K 34 34.98 -81.80 -33.84
C THR K 34 34.55 -83.01 -34.69
N LYS K 35 33.52 -83.70 -34.22
CA LYS K 35 33.07 -84.93 -34.85
C LYS K 35 31.60 -84.86 -35.28
N PRO K 36 31.34 -84.21 -36.44
CA PRO K 36 30.02 -83.98 -37.04
C PRO K 36 29.27 -85.29 -37.31
N GLY K 37 27.96 -85.20 -37.54
CA GLY K 37 27.16 -86.36 -37.86
C GLY K 37 27.19 -87.50 -36.84
N TYR K 38 27.96 -87.31 -35.77
CA TYR K 38 28.02 -88.31 -34.70
C TYR K 38 27.34 -87.81 -33.42
N ALA K 39 26.38 -88.59 -32.95
CA ALA K 39 25.68 -88.23 -31.72
C ALA K 39 26.15 -89.15 -30.62
N PHE K 40 26.82 -88.57 -29.63
CA PHE K 40 27.46 -89.37 -28.58
C PHE K 40 26.55 -89.57 -27.37
N ILE K 41 26.56 -90.79 -26.85
CA ILE K 41 25.68 -91.14 -25.75
C ILE K 41 26.45 -91.70 -24.55
N ALA K 42 26.70 -90.85 -23.57
CA ALA K 42 27.34 -91.28 -22.35
C ALA K 42 26.32 -92.08 -21.55
N ALA K 43 26.78 -93.14 -20.89
CA ALA K 43 25.90 -94.04 -20.16
C ALA K 43 26.56 -94.62 -18.90
N LYS K 44 26.05 -94.25 -17.74
CA LYS K 44 26.55 -94.85 -16.51
C LYS K 44 25.78 -96.15 -16.22
N PRO K 45 26.53 -97.24 -15.95
CA PRO K 45 26.01 -98.59 -15.73
C PRO K 45 25.11 -98.72 -14.51
N LYS K 46 25.01 -97.66 -13.70
CA LYS K 46 24.20 -97.71 -12.48
C LYS K 46 24.77 -98.58 -11.37
N SER K 47 25.81 -99.34 -11.70
CA SER K 47 26.41 -100.27 -10.76
C SER K 47 27.92 -100.10 -10.84
N GLY K 48 28.50 -100.56 -11.95
CA GLY K 48 29.94 -100.51 -12.14
C GLY K 48 30.40 -99.23 -12.84
N LEU K 49 31.38 -99.38 -13.71
CA LEU K 49 31.94 -98.24 -14.44
C LEU K 49 31.61 -98.30 -15.91
N TYR K 50 32.12 -99.32 -16.59
CA TYR K 50 32.01 -99.41 -18.04
C TYR K 50 30.87 -100.30 -18.51
N LEU K 51 30.06 -99.78 -19.44
CA LEU K 51 29.04 -100.59 -20.07
C LEU K 51 29.72 -101.51 -21.07
N THR K 52 29.42 -102.80 -20.96
CA THR K 52 30.15 -103.82 -21.72
C THR K 52 31.61 -103.43 -21.84
N THR K 53 32.35 -103.57 -20.73
CA THR K 53 33.80 -103.43 -20.77
C THR K 53 34.34 -104.59 -21.58
N VAL K 54 33.36 -105.45 -21.80
CA VAL K 54 33.36 -106.65 -22.58
C VAL K 54 33.20 -106.07 -23.96
N GLN K 55 33.22 -104.74 -24.01
CA GLN K 55 33.16 -104.06 -25.28
C GLN K 55 31.92 -104.16 -26.18
N ARG K 56 30.79 -103.74 -25.66
CA ARG K 56 29.58 -103.61 -26.44
C ARG K 56 28.53 -104.49 -25.91
N GLU K 57 28.87 -105.76 -25.90
CA GLU K 57 27.85 -106.69 -25.37
C GLU K 57 26.66 -105.79 -25.14
N ASP K 58 26.96 -104.57 -24.69
CA ASP K 58 25.94 -103.60 -24.36
C ASP K 58 25.99 -102.43 -25.33
N ILE K 59 27.15 -101.76 -25.44
CA ILE K 59 27.28 -100.57 -26.27
C ILE K 59 27.01 -100.85 -27.75
N LYS K 60 26.58 -102.07 -28.04
CA LYS K 60 26.18 -102.47 -29.40
C LYS K 60 24.68 -102.65 -29.46
N ASN K 61 24.09 -103.11 -28.37
CA ASN K 61 22.64 -103.22 -28.26
C ASN K 61 21.93 -101.88 -28.42
N TYR K 62 22.53 -100.82 -27.87
CA TYR K 62 21.95 -99.50 -27.99
C TYR K 62 22.16 -98.97 -29.40
N LEU K 63 23.32 -99.27 -29.97
CA LEU K 63 23.52 -99.01 -31.39
C LEU K 63 22.28 -99.52 -32.11
N LYS K 64 21.86 -100.74 -31.78
CA LYS K 64 20.68 -101.37 -32.39
C LYS K 64 19.36 -100.73 -31.93
N ASP K 65 19.29 -99.41 -32.02
CA ASP K 65 18.04 -98.69 -31.80
C ASP K 65 17.99 -97.55 -32.81
N TYR K 66 17.13 -97.69 -33.81
CA TYR K 66 17.11 -96.73 -34.90
C TYR K 66 15.74 -96.21 -35.31
N ASN K 67 15.68 -94.89 -35.48
CA ASN K 67 14.48 -94.18 -35.89
C ASN K 67 14.73 -93.38 -37.16
N LEU K 68 15.26 -92.17 -37.01
CA LEU K 68 15.50 -91.28 -38.13
C LEU K 68 16.80 -90.51 -38.06
N ALA K 69 17.15 -89.88 -39.17
CA ALA K 69 18.31 -89.02 -39.26
C ALA K 69 19.49 -89.61 -39.98
N PRO K 70 20.30 -88.71 -40.51
CA PRO K 70 21.49 -89.05 -41.25
C PRO K 70 22.66 -89.08 -40.31
N ILE K 71 22.42 -88.77 -39.04
CA ILE K 71 23.49 -88.80 -38.07
C ILE K 71 23.44 -90.14 -37.40
N THR K 72 24.59 -90.58 -36.90
CA THR K 72 24.72 -91.91 -36.30
C THR K 72 25.10 -91.92 -34.80
N PRO K 73 24.44 -92.79 -34.01
CA PRO K 73 24.77 -92.90 -32.58
C PRO K 73 26.17 -93.48 -32.36
N SER K 74 26.78 -93.13 -31.25
CA SER K 74 28.08 -93.68 -30.86
C SER K 74 28.10 -93.91 -29.35
N ILE K 75 27.40 -94.96 -28.91
CA ILE K 75 27.20 -95.23 -27.50
C ILE K 75 28.53 -95.49 -26.76
N ILE K 76 28.97 -94.50 -26.00
CA ILE K 76 30.24 -94.61 -25.27
C ILE K 76 30.02 -94.68 -23.76
N SER K 77 31.07 -95.05 -23.05
CA SER K 77 31.07 -94.96 -21.59
C SER K 77 31.57 -93.59 -21.20
N PRO K 78 31.06 -93.06 -20.09
CA PRO K 78 31.28 -91.67 -19.69
C PRO K 78 32.76 -91.34 -19.50
N ASN K 79 33.16 -90.12 -19.87
CA ASN K 79 34.53 -89.68 -19.67
C ASN K 79 34.69 -89.33 -18.20
N TYR K 80 35.30 -90.24 -17.43
CA TYR K 80 35.31 -90.11 -15.97
C TYR K 80 36.38 -89.19 -15.48
N LEU K 81 36.00 -88.33 -14.53
CA LEU K 81 36.95 -87.52 -13.80
C LEU K 81 37.14 -88.24 -12.48
N PHE K 82 38.39 -88.52 -12.10
CA PHE K 82 38.62 -89.11 -10.79
C PHE K 82 39.26 -88.11 -9.83
N ILE K 83 39.05 -88.34 -8.54
CA ILE K 83 39.61 -87.46 -7.52
C ILE K 83 40.63 -88.21 -6.65
N LYS K 84 41.91 -88.08 -6.98
CA LYS K 84 42.93 -88.70 -6.15
C LYS K 84 43.00 -87.95 -4.82
N THR K 85 42.32 -88.47 -3.80
CA THR K 85 42.22 -87.81 -2.51
C THR K 85 43.26 -88.32 -1.54
N ASN K 86 44.06 -87.43 -0.95
CA ASN K 86 44.94 -87.82 0.14
C ASN K 86 44.37 -87.37 1.47
N LEU K 87 43.38 -88.10 1.97
CA LEU K 87 42.67 -87.74 3.20
C LEU K 87 43.57 -87.87 4.41
N LYS K 88 43.37 -87.01 5.40
CA LYS K 88 44.12 -87.05 6.66
C LYS K 88 43.21 -86.65 7.79
N VAL K 89 42.23 -87.50 8.08
CA VAL K 89 41.32 -87.35 9.22
C VAL K 89 42.04 -87.50 10.57
N THR K 90 41.60 -86.75 11.59
CA THR K 90 42.12 -86.93 12.95
C THR K 90 41.01 -87.02 13.98
N TYR K 91 41.16 -87.93 14.95
CA TYR K 91 40.11 -88.19 15.93
C TYR K 91 40.64 -88.22 17.37
N ALA K 92 39.71 -88.34 18.32
CA ALA K 92 40.07 -88.37 19.73
C ALA K 92 40.19 -89.82 20.18
N LEU K 93 41.36 -90.18 20.70
CA LEU K 93 41.63 -91.54 21.13
C LEU K 93 40.48 -92.16 21.91
N ASN K 94 39.98 -91.40 22.87
CA ASN K 94 38.96 -91.88 23.80
C ASN K 94 37.56 -91.96 23.21
N LYS K 95 37.18 -90.95 22.42
CA LYS K 95 35.83 -90.91 21.86
C LYS K 95 35.57 -92.12 20.96
N LEU K 96 36.63 -92.81 20.58
CA LEU K 96 36.54 -93.95 19.67
C LEU K 96 36.40 -95.29 20.38
N GLN K 97 35.36 -96.04 20.00
CA GLN K 97 35.12 -97.36 20.56
C GLN K 97 35.51 -98.58 19.70
N GLU K 98 35.41 -98.46 18.39
CA GLU K 98 35.80 -99.58 17.51
C GLU K 98 37.16 -99.15 16.95
N SER K 99 37.79 -100.05 16.19
CA SER K 99 39.09 -99.75 15.61
C SER K 99 39.24 -98.69 14.50
N GLU K 100 40.49 -98.35 14.19
CA GLU K 100 40.78 -97.50 13.05
C GLU K 100 40.22 -98.16 11.77
N GLN K 101 40.32 -99.49 11.70
CA GLN K 101 39.82 -100.26 10.57
C GLN K 101 38.31 -100.10 10.41
N TRP K 102 37.58 -100.13 11.52
CA TRP K 102 36.14 -100.01 11.46
C TRP K 102 35.77 -98.58 11.14
N LEU K 103 36.61 -97.66 11.61
CA LEU K 103 36.42 -96.23 11.38
C LEU K 103 36.60 -95.85 9.92
N GLU K 104 37.67 -96.32 9.29
CA GLU K 104 37.86 -96.08 7.88
C GLU K 104 36.62 -96.55 7.13
N GLY K 105 36.22 -97.79 7.37
CA GLY K 105 35.01 -98.32 6.75
C GLY K 105 33.77 -97.53 7.12
N GLN K 106 33.96 -96.44 7.84
CA GLN K 106 32.85 -95.60 8.29
C GLN K 106 32.88 -94.25 7.60
N ILE K 107 34.08 -93.73 7.38
CA ILE K 107 34.23 -92.48 6.65
C ILE K 107 34.01 -92.71 5.16
N ILE K 108 34.58 -93.77 4.61
CA ILE K 108 34.38 -94.05 3.19
C ILE K 108 32.92 -94.41 2.90
N ASP K 109 32.19 -94.82 3.92
CA ASP K 109 30.75 -94.99 3.79
C ASP K 109 30.08 -93.64 3.57
N LYS K 110 30.68 -92.58 4.11
CA LYS K 110 30.17 -91.21 3.96
C LYS K 110 30.67 -90.58 2.66
N ILE K 111 31.99 -90.56 2.48
CA ILE K 111 32.56 -90.12 1.23
C ILE K 111 31.78 -90.70 0.08
N ASP K 112 31.25 -91.91 0.23
CA ASP K 112 30.39 -92.46 -0.82
C ASP K 112 29.00 -91.80 -0.84
N ARG K 113 28.41 -91.63 0.34
CA ARG K 113 27.08 -91.04 0.46
C ARG K 113 27.05 -89.67 -0.20
N TYR K 114 28.10 -88.88 0.00
CA TYR K 114 28.18 -87.57 -0.65
C TYR K 114 28.17 -87.72 -2.17
N TYR K 115 29.25 -88.28 -2.70
CA TYR K 115 29.37 -88.54 -4.12
C TYR K 115 28.05 -88.98 -4.77
N THR K 116 27.54 -90.13 -4.36
CA THR K 116 26.38 -90.75 -5.01
C THR K 116 25.07 -89.99 -4.84
N GLU K 117 25.06 -88.94 -4.05
CA GLU K 117 23.86 -88.16 -3.88
C GLU K 117 23.95 -86.82 -4.60
N ASP K 118 25.12 -86.18 -4.51
CA ASP K 118 25.31 -84.85 -5.07
C ASP K 118 26.22 -84.82 -6.31
N VAL K 119 27.25 -85.63 -6.31
CA VAL K 119 28.23 -85.59 -7.37
C VAL K 119 28.15 -86.55 -8.50
N GLU K 120 27.75 -87.78 -8.23
CA GLU K 120 27.80 -88.75 -9.28
C GLU K 120 26.59 -88.57 -10.15
N ILE K 121 26.62 -87.49 -10.91
CA ILE K 121 25.54 -87.15 -11.82
C ILE K 121 26.07 -86.41 -13.02
N PHE K 122 25.30 -86.38 -14.10
CA PHE K 122 25.69 -85.67 -15.31
C PHE K 122 25.53 -84.17 -15.14
N ASN K 123 26.50 -83.43 -15.63
CA ASN K 123 26.56 -81.97 -15.48
C ASN K 123 26.20 -81.75 -14.02
N SER K 124 27.08 -82.18 -13.12
CA SER K 124 26.87 -82.06 -11.68
C SER K 124 28.35 -81.88 -11.34
N SER K 125 28.64 -81.54 -10.08
CA SER K 125 29.99 -81.17 -9.66
C SER K 125 30.38 -81.65 -8.25
N PHE K 126 31.66 -81.52 -7.94
CA PHE K 126 32.24 -81.99 -6.68
C PHE K 126 32.94 -80.84 -6.00
N ALA K 127 32.87 -80.79 -4.67
CA ALA K 127 33.58 -79.78 -3.91
C ALA K 127 34.26 -80.40 -2.70
N LYS K 128 35.58 -80.22 -2.60
CA LYS K 128 36.31 -80.81 -1.48
C LYS K 128 35.74 -80.39 -0.13
N SER K 129 35.48 -79.10 0.05
CA SER K 129 34.99 -78.63 1.34
C SER K 129 33.71 -79.35 1.72
N LYS K 130 32.91 -79.69 0.72
CA LYS K 130 31.59 -80.22 0.97
C LYS K 130 31.65 -81.68 1.38
N MET K 131 32.64 -82.40 0.86
CA MET K 131 32.78 -83.82 1.17
C MET K 131 33.46 -83.98 2.52
N LEU K 132 34.44 -83.13 2.80
CA LEU K 132 35.10 -83.14 4.10
C LEU K 132 34.12 -82.80 5.20
N THR K 133 33.00 -82.19 4.86
CA THR K 133 31.95 -82.05 5.86
C THR K 133 31.41 -83.47 6.13
N TYR K 134 31.10 -84.21 5.07
CA TYR K 134 30.64 -85.59 5.23
C TYR K 134 31.62 -86.50 5.98
N VAL K 135 32.91 -86.35 5.70
CA VAL K 135 33.93 -87.13 6.42
C VAL K 135 33.87 -86.82 7.91
N ASP K 136 33.92 -85.53 8.25
CA ASP K 136 33.87 -85.10 9.64
C ASP K 136 32.67 -85.71 10.38
N ASP K 137 31.64 -86.02 9.61
CA ASP K 137 30.34 -86.40 10.15
C ASP K 137 30.20 -87.91 10.23
N ALA K 138 31.18 -88.56 10.85
CA ALA K 138 31.17 -90.02 10.95
C ALA K 138 31.35 -90.55 12.39
N ASP K 139 31.44 -89.65 13.36
CA ASP K 139 31.66 -90.05 14.75
C ASP K 139 31.41 -88.89 15.73
N HIS K 140 31.49 -89.19 17.02
CA HIS K 140 31.50 -88.16 18.05
C HIS K 140 32.90 -87.58 18.08
N SER K 141 33.80 -88.20 17.32
CA SER K 141 35.14 -87.65 17.09
C SER K 141 36.09 -88.67 16.50
N VAL K 142 36.75 -88.37 15.38
CA VAL K 142 36.58 -87.22 14.43
C VAL K 142 36.48 -85.74 14.87
N ILE K 143 37.63 -85.13 15.11
CA ILE K 143 37.74 -83.69 15.38
C ILE K 143 37.68 -82.86 14.11
N GLY K 144 38.54 -83.19 13.15
CA GLY K 144 38.64 -82.47 11.89
C GLY K 144 39.16 -83.31 10.74
N SER K 145 39.60 -82.66 9.67
CA SER K 145 40.10 -83.41 8.51
C SER K 145 40.80 -82.54 7.46
N SER K 146 41.80 -83.12 6.80
CA SER K 146 42.50 -82.41 5.74
C SER K 146 42.37 -83.24 4.48
N ALA K 147 42.77 -82.69 3.35
CA ALA K 147 42.69 -83.41 2.10
C ALA K 147 43.56 -82.72 1.07
N THR K 148 43.95 -83.45 0.05
CA THR K 148 44.82 -82.92 -0.98
C THR K 148 44.42 -83.67 -2.20
N ILE K 149 43.72 -83.01 -3.10
CA ILE K 149 43.18 -83.75 -4.21
C ILE K 149 43.76 -83.34 -5.54
N GLN K 150 43.67 -84.28 -6.48
CA GLN K 150 44.02 -84.07 -7.86
C GLN K 150 42.93 -84.69 -8.70
N MET K 151 42.76 -84.12 -9.88
CA MET K 151 41.86 -84.70 -10.84
C MET K 151 42.63 -85.77 -11.59
N VAL K 152 41.96 -86.87 -11.88
CA VAL K 152 42.58 -87.91 -12.65
C VAL K 152 41.75 -88.19 -13.90
N ARG K 153 42.43 -88.27 -15.02
CA ARG K 153 41.82 -88.71 -16.26
C ARG K 153 42.53 -89.98 -16.66
N GLU K 154 41.78 -91.07 -16.84
CA GLU K 154 42.39 -92.31 -17.26
C GLU K 154 42.56 -92.31 -18.77
N VAL K 155 43.77 -92.62 -19.22
CA VAL K 155 44.11 -92.52 -20.62
C VAL K 155 44.34 -93.90 -21.21
N GLN K 156 43.46 -94.35 -22.10
CA GLN K 156 43.78 -95.52 -22.91
C GLN K 156 44.70 -95.06 -24.03
N ASN K 157 45.52 -95.97 -24.54
CA ASN K 157 46.64 -95.58 -25.39
C ASN K 157 47.42 -94.38 -24.87
N PHE K 158 48.41 -94.67 -24.06
CA PHE K 158 49.37 -93.70 -23.58
C PHE K 158 50.12 -93.09 -24.76
N TYR K 159 50.17 -93.79 -25.88
CA TYR K 159 51.04 -93.37 -26.95
C TYR K 159 50.69 -91.94 -27.40
N LYS K 160 49.40 -91.68 -27.54
CA LYS K 160 48.93 -90.39 -28.02
C LYS K 160 47.51 -90.09 -27.57
N THR K 161 47.24 -88.82 -27.29
CA THR K 161 45.90 -88.36 -26.95
C THR K 161 44.99 -88.47 -28.16
N PRO K 162 43.69 -88.27 -27.95
CA PRO K 162 42.80 -88.26 -29.10
C PRO K 162 43.12 -87.16 -30.09
N GLU K 163 42.53 -87.32 -31.26
CA GLU K 163 42.54 -86.34 -32.33
C GLU K 163 42.36 -84.92 -31.79
N ALA K 164 41.36 -84.72 -30.94
CA ALA K 164 41.00 -83.39 -30.46
C ALA K 164 41.53 -83.00 -29.07
N GLY K 165 42.50 -83.77 -28.56
CA GLY K 165 43.05 -83.53 -27.23
C GLY K 165 42.10 -84.02 -26.15
N ILE K 166 42.60 -84.10 -24.92
CA ILE K 166 41.75 -84.45 -23.78
C ILE K 166 41.59 -83.24 -22.92
N LYS K 167 40.40 -83.08 -22.31
CA LYS K 167 40.13 -81.95 -21.42
C LYS K 167 39.68 -82.45 -20.06
N TYR K 168 39.70 -81.56 -19.07
CA TYR K 168 39.21 -81.90 -17.73
C TYR K 168 37.80 -81.34 -17.44
N ASN K 169 37.38 -80.37 -18.26
CA ASN K 169 36.22 -79.54 -17.94
C ASN K 169 36.51 -78.73 -16.68
N ASN K 170 37.80 -78.60 -16.36
CA ASN K 170 38.27 -77.77 -15.27
C ASN K 170 39.66 -77.20 -15.53
N GLN K 171 40.01 -76.19 -14.76
CA GLN K 171 41.25 -75.46 -14.94
C GLN K 171 42.28 -75.99 -13.94
N ILE K 172 43.50 -76.26 -14.42
CA ILE K 172 44.56 -76.75 -13.56
C ILE K 172 45.67 -75.71 -13.45
N LYS K 173 46.67 -76.00 -12.64
CA LYS K 173 47.70 -75.03 -12.32
C LYS K 173 48.95 -75.36 -13.12
N ASP K 174 49.84 -74.38 -13.28
CA ASP K 174 51.10 -74.59 -13.98
C ASP K 174 51.94 -75.78 -13.47
N ARG K 175 52.26 -76.71 -14.37
CA ARG K 175 53.08 -77.90 -14.07
C ARG K 175 52.19 -78.96 -13.42
N SER K 176 51.00 -78.57 -12.98
CA SER K 176 50.08 -79.47 -12.29
C SER K 176 49.91 -80.82 -12.99
N MET K 177 49.94 -80.82 -14.32
CA MET K 177 49.65 -82.03 -15.10
C MET K 177 50.83 -82.98 -15.20
N GLU K 178 50.63 -84.19 -14.68
CA GLU K 178 51.68 -85.20 -14.73
C GLU K 178 51.09 -86.60 -14.65
N SER K 179 51.65 -87.53 -15.41
CA SER K 179 51.19 -88.91 -15.43
C SER K 179 51.98 -89.79 -14.45
N ASN K 180 51.47 -90.97 -14.17
CA ASN K 180 52.24 -91.96 -13.43
C ASN K 180 53.41 -92.40 -14.31
N THR K 181 54.34 -93.16 -13.74
CA THR K 181 55.50 -93.58 -14.51
C THR K 181 55.25 -94.90 -15.24
N PHE K 182 55.96 -95.10 -16.34
CA PHE K 182 55.90 -96.35 -17.08
C PHE K 182 57.28 -96.70 -17.63
N SER K 183 57.47 -97.98 -17.99
CA SER K 183 58.79 -98.42 -18.41
C SER K 183 59.03 -98.22 -19.90
N PHE K 184 60.22 -97.72 -20.20
CA PHE K 184 60.67 -97.56 -21.58
C PHE K 184 61.85 -98.47 -21.82
N ASN K 185 61.65 -99.47 -22.67
CA ASN K 185 62.71 -100.42 -23.01
C ASN K 185 63.76 -99.85 -23.96
N SER K 186 64.81 -99.23 -23.42
CA SER K 186 65.92 -98.79 -24.24
C SER K 186 66.47 -100.03 -24.92
N GLY K 187 66.84 -99.91 -26.19
CA GLY K 187 67.33 -101.05 -26.94
C GLY K 187 68.55 -101.70 -26.31
N ARG K 188 69.34 -100.89 -25.60
CA ARG K 188 70.64 -101.30 -25.06
C ARG K 188 70.61 -102.38 -23.97
N LYS K 189 71.81 -102.88 -23.65
CA LYS K 189 71.98 -104.04 -22.77
C LYS K 189 73.11 -103.85 -21.77
N VAL K 190 72.91 -104.33 -20.55
CA VAL K 190 73.89 -104.14 -19.49
C VAL K 190 73.90 -105.33 -18.51
N VAL K 191 74.96 -105.44 -17.70
CA VAL K 191 75.12 -106.57 -16.79
C VAL K 191 75.47 -106.16 -15.36
N ASN K 192 74.98 -106.96 -14.42
CA ASN K 192 75.41 -106.89 -13.06
C ASN K 192 75.11 -108.09 -12.19
N PRO K 193 75.72 -108.09 -11.01
CA PRO K 193 75.48 -109.21 -10.12
C PRO K 193 75.63 -110.56 -10.81
N ASP K 194 76.73 -110.77 -11.50
CA ASP K 194 76.98 -112.09 -12.04
C ASP K 194 75.78 -112.47 -12.82
N THR K 195 75.20 -111.63 -13.67
CA THR K 195 74.01 -112.32 -14.18
C THR K 195 74.00 -112.50 -15.70
N GLY K 196 74.39 -111.47 -16.44
CA GLY K 196 74.39 -111.54 -17.88
C GLY K 196 73.92 -110.27 -18.56
N LEU K 197 73.49 -110.40 -19.81
CA LEU K 197 73.00 -109.28 -20.60
C LEU K 197 71.76 -108.65 -19.98
N GLU K 198 70.88 -109.49 -19.44
CA GLU K 198 69.64 -109.01 -18.82
C GLU K 198 68.76 -108.24 -19.80
N GLU K 199 68.70 -108.71 -21.04
CA GLU K 199 67.88 -108.09 -22.07
C GLU K 199 68.26 -106.63 -22.36
N ASP K 200 67.26 -105.77 -22.35
CA ASP K 200 67.46 -104.35 -22.64
C ASP K 200 67.21 -103.45 -21.44
N VAL K 201 68.17 -102.57 -21.17
CA VAL K 201 68.09 -101.62 -20.05
C VAL K 201 66.72 -100.93 -20.05
N LEU K 202 66.07 -100.88 -18.89
CA LEU K 202 64.79 -100.19 -18.73
C LEU K 202 64.86 -99.12 -17.65
N TYR K 203 64.28 -97.96 -17.92
CA TYR K 203 64.09 -96.96 -16.86
C TYR K 203 62.66 -96.43 -16.82
N ASP K 204 62.29 -95.90 -15.67
CA ASP K 204 60.97 -95.29 -15.50
C ASP K 204 60.91 -93.88 -16.10
N VAL K 205 59.96 -93.69 -17.00
CA VAL K 205 59.81 -92.45 -17.75
C VAL K 205 58.36 -91.97 -17.64
N ARG K 206 58.08 -90.68 -17.90
CA ARG K 206 56.70 -90.17 -17.78
C ARG K 206 56.39 -88.84 -18.50
N ILE K 207 55.11 -88.48 -18.51
CA ILE K 207 54.62 -87.29 -19.19
C ILE K 207 54.17 -86.16 -18.23
N VAL K 208 54.79 -84.99 -18.38
CA VAL K 208 54.54 -83.83 -17.51
C VAL K 208 54.28 -82.57 -18.34
N SER K 209 53.60 -81.58 -17.77
CA SER K 209 53.42 -80.29 -18.45
C SER K 209 54.37 -79.21 -17.92
N THR K 210 54.52 -78.13 -18.68
CA THR K 210 55.42 -77.06 -18.28
C THR K 210 54.60 -75.81 -17.97
N ASP K 211 55.21 -74.88 -17.22
CA ASP K 211 54.57 -73.60 -16.96
C ASP K 211 54.05 -73.06 -18.29
N ARG K 212 52.90 -72.39 -18.26
CA ARG K 212 52.32 -71.80 -19.47
C ARG K 212 53.10 -70.60 -19.96
N ASP K 213 53.20 -70.48 -21.27
CA ASP K 213 53.84 -69.32 -21.88
C ASP K 213 52.90 -68.13 -21.82
N SER K 214 53.34 -67.02 -22.40
CA SER K 214 52.64 -65.74 -22.34
C SER K 214 51.25 -65.75 -22.99
N LYS K 215 50.85 -66.89 -23.56
CA LYS K 215 49.55 -67.03 -24.23
C LYS K 215 48.70 -68.15 -23.64
N GLY K 216 49.20 -68.74 -22.54
CA GLY K 216 48.45 -69.76 -21.80
C GLY K 216 48.80 -71.20 -22.18
N ILE K 217 50.03 -71.41 -22.62
CA ILE K 217 50.34 -72.61 -23.38
C ILE K 217 51.74 -73.17 -23.13
N GLY K 218 51.80 -74.30 -22.44
CA GLY K 218 53.05 -74.95 -22.17
C GLY K 218 53.16 -76.23 -22.97
N LYS K 219 54.31 -76.90 -22.87
CA LYS K 219 54.56 -78.12 -23.62
C LYS K 219 54.10 -79.33 -22.83
N VAL K 220 53.95 -80.46 -23.49
CA VAL K 220 53.76 -81.73 -22.80
C VAL K 220 55.02 -82.54 -23.07
N ILE K 221 55.86 -82.70 -22.05
CA ILE K 221 57.16 -83.32 -22.28
C ILE K 221 57.34 -84.70 -21.64
N ILE K 222 58.25 -85.49 -22.19
CA ILE K 222 58.41 -86.85 -21.72
C ILE K 222 59.88 -87.16 -21.47
N GLY K 223 60.18 -87.83 -20.35
CA GLY K 223 61.54 -88.14 -19.97
C GLY K 223 61.61 -88.72 -18.56
N PRO K 224 62.84 -88.88 -18.02
CA PRO K 224 64.12 -88.55 -18.64
C PRO K 224 64.55 -89.62 -19.67
N PHE K 225 65.73 -89.44 -20.25
CA PHE K 225 66.30 -90.44 -21.15
C PHE K 225 67.82 -90.51 -21.02
N ALA K 226 68.43 -91.21 -21.95
CA ALA K 226 69.86 -91.36 -22.03
C ALA K 226 70.30 -90.46 -23.14
N SER K 227 71.60 -90.21 -23.22
CA SER K 227 72.10 -89.16 -24.07
C SER K 227 72.18 -89.47 -25.55
N GLY K 228 71.56 -90.54 -25.99
CA GLY K 228 70.86 -91.45 -25.13
C GLY K 228 70.06 -92.39 -26.00
N ASP K 229 68.90 -92.78 -25.51
CA ASP K 229 68.10 -93.75 -26.23
C ASP K 229 67.13 -93.13 -27.22
N VAL K 230 67.10 -91.81 -27.33
CA VAL K 230 66.22 -91.14 -28.30
C VAL K 230 67.03 -90.35 -29.33
N THR K 231 66.72 -90.56 -30.61
CA THR K 231 67.52 -89.99 -31.69
C THR K 231 67.14 -88.56 -32.06
N GLU K 232 68.10 -87.65 -31.91
CA GLU K 232 67.87 -86.21 -32.06
C GLU K 232 68.09 -85.66 -33.48
N ASN K 233 67.13 -84.84 -33.91
CA ASN K 233 67.06 -84.29 -35.27
C ASN K 233 67.09 -82.78 -35.26
N GLU K 234 66.65 -82.19 -36.36
CA GLU K 234 66.42 -80.75 -36.44
C GLU K 234 65.19 -80.44 -35.62
N ASN K 235 64.25 -81.37 -35.60
CA ASN K 235 63.04 -81.25 -34.82
C ASN K 235 63.24 -81.77 -33.42
N ILE K 236 63.48 -83.07 -33.34
CA ILE K 236 63.71 -83.77 -32.08
C ILE K 236 64.97 -83.29 -31.38
N GLN K 237 64.81 -82.51 -30.32
CA GLN K 237 65.94 -82.01 -29.54
C GLN K 237 65.55 -81.95 -28.07
N PRO K 238 66.46 -82.17 -27.15
CA PRO K 238 66.05 -82.19 -25.76
C PRO K 238 65.39 -80.88 -25.37
N TYR K 239 64.35 -80.94 -24.55
CA TYR K 239 63.66 -79.72 -24.22
C TYR K 239 64.68 -78.78 -23.68
N THR K 240 64.60 -77.56 -24.13
CA THR K 240 65.60 -76.58 -23.81
C THR K 240 65.79 -76.18 -22.36
N GLY K 241 64.76 -75.94 -21.58
CA GLY K 241 65.05 -75.47 -20.24
C GLY K 241 64.22 -75.79 -19.04
N ASN K 242 64.83 -75.71 -17.87
CA ASN K 242 64.06 -75.96 -16.65
C ASN K 242 62.80 -75.12 -16.64
N ASP K 243 61.70 -75.69 -16.16
CA ASP K 243 60.39 -75.08 -16.36
C ASP K 243 59.26 -76.02 -15.94
N PHE K 244 59.57 -77.01 -15.09
CA PHE K 244 58.60 -78.05 -14.76
C PHE K 244 59.12 -78.99 -13.68
N ASN K 245 58.46 -80.14 -13.54
CA ASN K 245 58.81 -81.11 -12.50
C ASN K 245 59.58 -82.32 -13.05
N LYS K 246 60.86 -82.44 -12.69
CA LYS K 246 61.66 -83.60 -13.13
C LYS K 246 61.56 -84.73 -12.10
N LEU K 247 61.70 -85.98 -12.51
CA LEU K 247 61.60 -87.07 -11.54
C LEU K 247 62.94 -87.68 -11.13
N ALA K 248 62.91 -88.47 -10.06
CA ALA K 248 64.11 -89.03 -9.42
C ALA K 248 64.99 -89.83 -10.37
N ASN K 249 66.18 -89.31 -10.63
CA ASN K 249 67.17 -90.01 -11.43
C ASN K 249 68.01 -90.94 -10.57
N SER K 250 67.33 -91.87 -9.88
CA SER K 250 68.02 -92.93 -9.15
C SER K 250 68.82 -93.76 -10.15
N ASP K 251 68.56 -93.49 -11.42
CA ASP K 251 69.31 -94.06 -12.53
C ASP K 251 70.16 -92.96 -13.20
N GLY K 252 70.10 -91.76 -12.65
CA GLY K 252 70.96 -90.65 -13.06
C GLY K 252 70.51 -89.78 -14.24
N ARG K 253 69.52 -90.28 -15.00
CA ARG K 253 69.17 -89.73 -16.31
C ARG K 253 68.54 -88.33 -16.30
N ASP K 254 68.57 -87.68 -17.45
CA ASP K 254 67.82 -86.45 -17.62
C ASP K 254 68.00 -85.83 -18.96
N LYS K 255 67.03 -86.02 -19.82
CA LYS K 255 66.95 -85.30 -21.05
C LYS K 255 65.52 -85.54 -21.33
N TYR K 256 64.75 -84.46 -21.39
CA TYR K 256 63.35 -84.67 -21.71
C TYR K 256 63.10 -84.12 -23.10
N TYR K 257 62.03 -84.59 -23.75
CA TYR K 257 61.69 -84.18 -25.12
C TYR K 257 60.24 -83.70 -25.24
N VAL K 258 60.00 -82.62 -25.99
CA VAL K 258 58.64 -82.09 -26.20
C VAL K 258 57.81 -83.03 -27.10
N ILE K 259 56.56 -83.30 -26.73
CA ILE K 259 55.69 -84.09 -27.61
C ILE K 259 54.22 -83.62 -27.72
N GLY K 260 53.95 -82.37 -27.37
CA GLY K 260 52.61 -81.83 -27.53
C GLY K 260 52.51 -80.49 -26.81
N GLU K 261 51.31 -80.17 -26.32
CA GLU K 261 51.15 -78.99 -25.47
C GLU K 261 49.81 -78.95 -24.74
N ILE K 262 49.75 -78.25 -23.61
CA ILE K 262 48.48 -78.00 -22.97
C ILE K 262 48.09 -76.61 -23.33
N ASN K 263 46.84 -76.44 -23.71
CA ASN K 263 46.21 -75.15 -23.75
C ASN K 263 45.48 -74.98 -22.43
N TYR K 264 46.08 -74.24 -21.51
CA TYR K 264 45.52 -74.13 -20.16
C TYR K 264 44.13 -73.49 -20.15
N PRO K 265 44.02 -72.31 -20.80
CA PRO K 265 42.72 -71.63 -20.91
C PRO K 265 41.68 -72.49 -21.65
N ALA K 266 42.03 -73.00 -22.83
CA ALA K 266 41.11 -73.81 -23.62
C ALA K 266 40.82 -75.16 -22.96
N ASP K 267 41.68 -75.54 -22.02
CA ASP K 267 41.61 -76.84 -21.38
C ASP K 267 41.66 -77.95 -22.43
N VAL K 268 42.79 -78.09 -23.11
CA VAL K 268 43.02 -79.22 -24.03
C VAL K 268 44.48 -79.68 -23.95
N ILE K 269 44.69 -80.99 -23.96
CA ILE K 269 46.02 -81.53 -23.87
C ILE K 269 46.24 -82.55 -24.97
N TYR K 270 47.25 -82.32 -25.81
CA TYR K 270 47.57 -83.24 -26.89
C TYR K 270 49.02 -83.66 -26.82
N TRP K 271 49.25 -84.95 -27.04
CA TRP K 271 50.60 -85.44 -27.34
C TRP K 271 50.58 -86.64 -28.28
N ASN K 272 51.75 -86.95 -28.81
CA ASN K 272 51.90 -88.01 -29.78
C ASN K 272 53.34 -88.43 -29.71
N ILE K 273 53.61 -89.61 -29.15
CA ILE K 273 54.99 -90.00 -28.94
C ILE K 273 55.71 -90.17 -30.26
N ALA K 274 54.94 -90.42 -31.32
CA ALA K 274 55.48 -90.45 -32.66
C ALA K 274 56.19 -89.14 -33.05
N LYS K 275 55.99 -88.07 -32.28
CA LYS K 275 56.64 -86.80 -32.61
C LYS K 275 58.13 -86.86 -32.37
N ILE K 276 58.54 -87.61 -31.35
CA ILE K 276 59.90 -88.13 -31.33
C ILE K 276 59.73 -89.45 -32.08
N ASN K 277 60.71 -90.35 -32.09
CA ASN K 277 60.52 -91.49 -32.97
C ASN K 277 60.36 -92.85 -32.31
N LEU K 278 59.78 -92.85 -31.12
CA LEU K 278 59.65 -94.06 -30.35
C LEU K 278 58.40 -94.87 -30.69
N THR K 279 58.59 -96.16 -30.87
CA THR K 279 57.50 -97.05 -31.19
C THR K 279 56.89 -97.51 -29.87
N SER K 280 55.57 -97.65 -29.86
CA SER K 280 54.85 -98.15 -28.69
C SER K 280 55.43 -99.46 -28.16
N GLU K 281 56.15 -100.18 -29.02
CA GLU K 281 56.84 -101.41 -28.62
C GLU K 281 57.83 -101.11 -27.51
N LYS K 282 58.45 -99.95 -27.57
CA LYS K 282 59.43 -99.55 -26.57
C LYS K 282 58.77 -99.15 -25.24
N PHE K 283 57.46 -99.40 -25.10
CA PHE K 283 56.74 -99.08 -23.85
C PHE K 283 55.91 -100.25 -23.36
N GLU K 284 56.16 -100.64 -22.12
CA GLU K 284 55.44 -101.75 -21.50
C GLU K 284 53.92 -101.55 -21.51
N VAL K 285 53.49 -100.31 -21.36
CA VAL K 285 52.10 -100.03 -20.99
C VAL K 285 51.12 -99.90 -22.15
N GLN K 286 49.84 -99.75 -21.78
CA GLN K 286 48.78 -99.38 -22.71
C GLN K 286 48.00 -98.19 -22.15
N THR K 287 47.46 -98.38 -20.96
CA THR K 287 46.73 -97.33 -20.26
C THR K 287 47.62 -96.61 -19.26
N ILE K 288 47.44 -95.30 -19.11
CA ILE K 288 48.11 -94.55 -18.06
C ILE K 288 47.19 -93.56 -17.36
N GLU K 289 47.71 -92.93 -16.32
CA GLU K 289 46.94 -91.99 -15.50
C GLU K 289 47.47 -90.57 -15.71
N LEU K 290 46.55 -89.61 -15.82
CA LEU K 290 46.96 -88.24 -15.99
C LEU K 290 46.45 -87.37 -14.83
N TYR K 291 47.38 -86.97 -13.97
CA TYR K 291 47.03 -86.19 -12.78
C TYR K 291 47.32 -84.73 -12.99
N SER K 292 46.38 -83.91 -12.57
CA SER K 292 46.62 -82.48 -12.46
C SER K 292 45.88 -82.09 -11.22
N ASP K 293 46.33 -81.00 -10.60
CA ASP K 293 45.60 -80.43 -9.47
C ASP K 293 44.99 -79.10 -9.87
N PRO K 294 43.70 -78.93 -9.53
CA PRO K 294 42.82 -77.85 -9.98
C PRO K 294 43.17 -76.51 -9.35
N THR K 295 42.57 -75.44 -9.86
CA THR K 295 42.52 -74.16 -9.17
C THR K 295 41.14 -74.06 -8.57
N ASP K 296 40.35 -75.09 -8.84
CA ASP K 296 38.95 -75.12 -8.45
C ASP K 296 38.76 -75.59 -7.04
N ASP K 297 38.02 -74.82 -6.26
CA ASP K 297 37.55 -75.31 -4.98
C ASP K 297 36.27 -76.06 -5.29
N VAL K 298 35.92 -76.07 -6.58
CA VAL K 298 34.81 -76.85 -7.09
C VAL K 298 35.14 -77.45 -8.48
N ILE K 299 35.00 -78.75 -8.61
CA ILE K 299 35.34 -79.42 -9.85
C ILE K 299 34.05 -79.70 -10.62
N PHE K 300 34.03 -79.31 -11.88
CA PHE K 300 32.84 -79.46 -12.68
C PHE K 300 32.91 -80.57 -13.66
N THR K 301 31.85 -81.33 -13.69
CA THR K 301 31.71 -82.40 -14.62
C THR K 301 31.16 -81.63 -15.79
N ARG K 302 30.68 -82.29 -16.82
CA ARG K 302 30.18 -81.58 -17.97
C ARG K 302 29.67 -82.46 -19.07
N ASP K 303 30.21 -82.32 -20.26
CA ASP K 303 29.68 -83.09 -21.37
C ASP K 303 30.26 -84.46 -21.56
N GLY K 304 29.57 -85.44 -21.04
CA GLY K 304 29.99 -86.81 -21.18
C GLY K 304 30.97 -87.11 -20.08
N SER K 305 31.36 -86.04 -19.41
CA SER K 305 32.24 -86.11 -18.24
C SER K 305 31.40 -86.35 -16.99
N LEU K 306 31.98 -87.04 -16.01
CA LEU K 306 31.23 -87.47 -14.85
C LEU K 306 32.18 -87.73 -13.69
N ILE K 307 31.96 -87.07 -12.56
CA ILE K 307 32.83 -87.25 -11.39
C ILE K 307 32.31 -88.39 -10.52
N VAL K 308 33.08 -89.45 -10.45
CA VAL K 308 32.60 -90.65 -9.79
C VAL K 308 33.57 -91.13 -8.68
N PHE K 309 33.02 -91.84 -7.70
CA PHE K 309 33.81 -92.37 -6.59
C PHE K 309 33.54 -93.84 -6.48
N GLU K 310 34.49 -94.65 -6.96
CA GLU K 310 34.33 -96.10 -6.91
C GLU K 310 35.50 -96.73 -6.14
N ASN K 311 35.50 -96.59 -4.82
CA ASN K 311 36.68 -96.99 -4.04
C ASN K 311 37.04 -98.47 -4.15
N ASP K 312 36.06 -99.35 -3.90
CA ASP K 312 36.22 -100.77 -4.19
C ASP K 312 36.96 -101.19 -5.45
N LEU K 313 36.59 -100.57 -6.57
CA LEU K 313 37.08 -100.90 -7.90
C LEU K 313 38.15 -99.89 -8.37
N ARG K 314 38.45 -98.96 -7.48
CA ARG K 314 39.38 -97.87 -7.75
C ARG K 314 39.90 -97.36 -6.42
N PRO K 315 40.50 -98.26 -5.64
CA PRO K 315 40.89 -97.98 -4.26
C PRO K 315 42.09 -97.05 -4.28
N GLN K 316 42.91 -97.26 -5.30
CA GLN K 316 44.11 -96.47 -5.54
C GLN K 316 43.89 -94.96 -5.42
N TYR K 317 42.64 -94.53 -5.60
CA TYR K 317 42.30 -93.12 -5.60
C TYR K 317 41.72 -92.67 -4.28
N LEU K 318 42.45 -92.97 -3.22
CA LEU K 318 42.04 -92.63 -1.86
C LEU K 318 43.05 -93.24 -0.89
N THR K 319 43.73 -92.38 -0.16
CA THR K 319 44.53 -92.79 0.97
C THR K 319 44.00 -92.06 2.19
N ILE K 320 43.69 -92.83 3.24
CA ILE K 320 43.29 -92.26 4.53
C ILE K 320 44.37 -92.43 5.58
N ASP K 321 44.97 -91.33 6.02
CA ASP K 321 45.91 -91.39 7.13
C ASP K 321 45.24 -90.84 8.36
N LEU K 322 44.91 -91.71 9.31
CA LEU K 322 44.31 -91.25 10.57
C LEU K 322 45.35 -90.74 11.54
N GLU K 323 44.88 -90.09 12.59
CA GLU K 323 45.77 -89.61 13.62
C GLU K 323 44.96 -89.55 14.89
N PRO K 324 45.42 -90.27 15.92
CA PRO K 324 44.70 -90.33 17.18
C PRO K 324 45.19 -89.20 18.08
N ILE K 325 44.30 -88.76 18.93
CA ILE K 325 44.59 -87.66 19.78
C ILE K 325 44.34 -87.93 21.25
N SER K 326 45.27 -87.44 22.05
CA SER K 326 45.23 -87.57 23.47
C SER K 326 44.01 -86.86 23.98
N GLN K 327 43.44 -87.35 25.06
CA GLN K 327 42.26 -86.72 25.64
C GLN K 327 42.63 -85.40 26.30
N LEU K 328 41.64 -84.55 26.58
CA LEU K 328 41.87 -83.26 27.22
C LEU K 328 41.22 -83.17 28.60
N GLU K 329 41.74 -82.41 29.57
CA GLU K 329 40.90 -82.50 30.77
C GLU K 329 39.98 -83.73 30.89
N HIS K 330 40.25 -84.62 31.84
CA HIS K 330 39.26 -85.56 32.44
C HIS K 330 39.36 -85.51 33.90
N HIS K 331 38.66 -84.56 34.49
CA HIS K 331 38.94 -84.10 35.82
C HIS K 331 38.02 -82.94 36.16
N HIS K 332 36.84 -83.24 36.66
CA HIS K 332 36.01 -82.18 37.24
C HIS K 332 34.57 -82.54 37.48
N ALA L 9 39.83 -76.21 37.72
CA ALA L 9 39.11 -75.45 36.75
C ALA L 9 37.80 -75.07 37.35
N THR L 10 36.78 -75.84 37.04
CA THR L 10 35.43 -75.52 37.42
C THR L 10 35.22 -75.44 38.91
N ASP L 11 36.14 -75.94 39.71
CA ASP L 11 35.85 -75.90 41.14
C ASP L 11 35.55 -74.48 41.58
N TYR L 12 36.33 -73.52 41.12
CA TYR L 12 36.05 -72.16 41.51
C TYR L 12 35.53 -71.32 40.37
N ASP L 13 35.81 -71.75 39.16
CA ASP L 13 35.38 -71.03 37.99
C ASP L 13 33.87 -70.99 37.89
N THR L 14 33.24 -72.10 38.20
CA THR L 14 31.81 -72.21 38.05
C THR L 14 31.13 -71.20 38.91
N PHE L 15 31.54 -71.14 40.16
CA PHE L 15 30.89 -70.20 41.01
C PHE L 15 30.95 -68.93 40.27
N VAL L 16 32.11 -68.34 40.28
CA VAL L 16 32.28 -67.09 39.53
C VAL L 16 31.35 -67.06 38.31
N SER L 17 31.26 -68.17 37.59
CA SER L 17 30.43 -68.23 36.40
C SER L 17 28.94 -68.07 36.70
N GLU L 18 28.61 -68.00 37.99
CA GLU L 18 27.24 -67.78 38.41
C GLU L 18 26.98 -66.30 38.70
N ARG L 19 27.81 -65.73 39.56
CA ARG L 19 27.66 -64.34 40.01
C ARG L 19 28.01 -63.34 38.91
N PHE L 20 28.42 -63.83 37.75
CA PHE L 20 28.91 -62.97 36.69
C PHE L 20 28.58 -63.49 35.31
N GLY L 21 27.73 -64.52 35.23
CA GLY L 21 27.36 -65.13 33.96
C GLY L 21 26.88 -64.15 32.91
N SER L 22 26.55 -62.93 33.34
CA SER L 22 26.05 -61.89 32.43
C SER L 22 27.18 -61.22 31.65
N ILE L 23 28.40 -61.33 32.15
CA ILE L 23 29.55 -60.90 31.35
C ILE L 23 30.41 -62.08 30.92
N ILE L 24 31.15 -62.67 31.85
CA ILE L 24 32.09 -63.73 31.48
C ILE L 24 31.45 -64.90 30.72
N GLN L 25 32.06 -65.25 29.59
CA GLN L 25 31.57 -66.37 28.79
C GLN L 25 32.50 -67.58 28.88
N ALA L 26 33.65 -67.40 29.54
CA ALA L 26 34.61 -68.48 29.66
C ALA L 26 35.51 -68.29 30.87
N VAL L 27 35.49 -69.26 31.77
CA VAL L 27 36.29 -69.22 32.98
C VAL L 27 36.91 -70.55 33.27
N GLN L 28 38.22 -70.54 33.48
CA GLN L 28 38.95 -71.75 33.87
C GLN L 28 40.18 -71.36 34.69
N THR L 29 40.53 -72.20 35.65
CA THR L 29 41.69 -71.96 36.48
C THR L 29 42.84 -72.81 35.99
N PHE L 30 44.05 -72.46 36.42
CA PHE L 30 45.23 -73.26 36.16
C PHE L 30 46.40 -72.73 36.98
N THR L 31 47.43 -73.56 37.12
CA THR L 31 48.65 -73.16 37.79
C THR L 31 49.73 -73.00 36.73
N ASP L 32 50.85 -72.39 37.11
CA ASP L 32 51.98 -72.34 36.18
C ASP L 32 53.09 -73.22 36.71
N SER L 33 53.49 -74.23 36.00
CA SER L 33 54.50 -75.00 36.61
C SER L 33 55.58 -74.01 36.57
N THR L 34 55.96 -73.47 37.70
CA THR L 34 57.00 -72.48 37.71
C THR L 34 56.67 -71.32 38.59
N LYS L 35 55.50 -70.78 38.40
CA LYS L 35 55.09 -69.68 39.23
C LYS L 35 54.42 -70.39 40.35
N PRO L 36 55.20 -71.13 41.10
CA PRO L 36 54.64 -71.94 42.16
C PRO L 36 53.93 -71.08 43.14
N GLY L 37 52.78 -71.53 43.60
CA GLY L 37 52.04 -70.78 44.58
C GLY L 37 50.89 -69.99 44.01
N TYR L 38 51.00 -69.66 42.74
CA TYR L 38 50.04 -68.77 42.09
C TYR L 38 48.98 -69.52 41.30
N ALA L 39 47.72 -69.17 41.53
CA ALA L 39 46.61 -69.73 40.78
C ALA L 39 45.90 -68.61 40.04
N PHE L 40 45.77 -68.76 38.73
CA PHE L 40 45.19 -67.72 37.88
C PHE L 40 43.88 -68.21 37.31
N ILE L 41 42.92 -67.29 37.13
CA ILE L 41 41.71 -67.65 36.42
C ILE L 41 41.55 -66.79 35.19
N ALA L 42 41.63 -67.42 34.02
CA ALA L 42 41.40 -66.70 32.79
C ALA L 42 39.91 -66.54 32.59
N ALA L 43 39.47 -65.35 32.24
CA ALA L 43 38.07 -65.16 31.91
C ALA L 43 37.93 -64.29 30.67
N LYS L 44 37.08 -64.74 29.76
CA LYS L 44 36.74 -63.97 28.57
C LYS L 44 35.34 -63.35 28.71
N PRO L 45 35.28 -62.01 28.62
CA PRO L 45 34.00 -61.30 28.55
C PRO L 45 33.10 -61.94 27.51
N LYS L 46 31.82 -62.09 27.74
CA LYS L 46 31.00 -62.60 26.69
C LYS L 46 31.05 -61.48 25.71
N SER L 47 31.18 -60.29 26.26
CA SER L 47 31.07 -59.06 25.53
C SER L 47 32.39 -58.60 25.01
N GLY L 48 32.99 -59.37 24.12
CA GLY L 48 34.30 -59.01 23.61
C GLY L 48 35.45 -59.83 24.12
N LEU L 49 36.53 -59.11 24.39
CA LEU L 49 37.89 -59.65 24.55
C LEU L 49 38.53 -59.54 25.95
N TYR L 50 38.64 -58.33 26.47
CA TYR L 50 39.31 -58.13 27.76
C TYR L 50 38.37 -57.51 28.79
N LEU L 51 38.19 -58.21 29.91
CA LEU L 51 37.41 -57.66 31.01
C LEU L 51 38.08 -56.37 31.46
N THR L 52 37.26 -55.40 31.89
CA THR L 52 37.80 -54.10 32.28
C THR L 52 38.27 -54.08 33.73
N THR L 53 39.35 -53.34 33.96
CA THR L 53 40.04 -53.33 35.24
C THR L 53 39.09 -52.99 36.40
N VAL L 54 37.92 -52.44 36.08
CA VAL L 54 36.87 -52.28 37.08
C VAL L 54 36.07 -53.58 37.19
N GLN L 55 35.65 -54.15 36.06
CA GLN L 55 35.05 -55.48 36.06
C GLN L 55 35.94 -56.50 36.77
N ARG L 56 37.23 -56.25 36.76
CA ARG L 56 38.21 -57.18 37.33
C ARG L 56 38.40 -56.99 38.82
N GLU L 57 38.29 -55.75 39.28
CA GLU L 57 38.46 -55.49 40.70
C GLU L 57 37.21 -55.91 41.48
N ASP L 58 36.05 -55.82 40.82
CA ASP L 58 34.82 -56.29 41.42
C ASP L 58 34.88 -57.80 41.61
N ILE L 59 35.21 -58.50 40.53
CA ILE L 59 35.27 -59.95 40.57
C ILE L 59 36.31 -60.47 41.56
N LYS L 60 37.44 -59.77 41.66
CA LYS L 60 38.46 -60.17 42.62
C LYS L 60 37.93 -59.97 44.03
N ASN L 61 37.10 -58.96 44.21
CA ASN L 61 36.55 -58.63 45.52
C ASN L 61 35.31 -59.44 45.90
N TYR L 62 35.18 -60.64 45.32
CA TYR L 62 34.29 -61.66 45.87
C TYR L 62 35.18 -62.71 46.51
N LEU L 63 36.48 -62.56 46.34
CA LEU L 63 37.46 -63.44 46.96
C LEU L 63 37.43 -63.27 48.47
N LYS L 64 37.18 -62.05 48.90
CA LYS L 64 36.99 -61.77 50.31
C LYS L 64 35.64 -62.37 50.72
N ASP L 65 34.66 -62.26 49.83
CA ASP L 65 33.30 -62.70 50.10
C ASP L 65 33.44 -64.13 50.64
N TYR L 66 33.96 -65.01 49.80
CA TYR L 66 34.45 -66.30 50.26
C TYR L 66 35.81 -66.14 50.93
N ASN L 67 35.79 -66.22 52.26
CA ASN L 67 36.94 -65.89 53.10
C ASN L 67 38.17 -66.71 52.73
N LEU L 68 39.20 -66.02 52.24
CA LEU L 68 40.52 -66.60 52.13
C LEU L 68 41.42 -65.41 52.35
N ALA L 69 42.41 -65.59 53.23
CA ALA L 69 43.37 -64.56 53.59
C ALA L 69 44.58 -64.73 52.67
N PRO L 70 45.01 -65.99 52.43
CA PRO L 70 46.18 -66.18 51.57
C PRO L 70 45.91 -65.35 50.31
N ILE L 71 46.96 -64.82 49.69
CA ILE L 71 46.87 -64.20 48.37
C ILE L 71 46.03 -65.24 47.62
N THR L 72 44.95 -64.76 47.01
CA THR L 72 43.93 -65.61 46.43
C THR L 72 43.54 -65.23 45.00
N PRO L 73 43.69 -66.26 44.16
CA PRO L 73 43.51 -66.32 42.71
C PRO L 73 43.59 -64.99 42.05
N SER L 74 44.34 -64.92 40.96
CA SER L 74 44.49 -63.70 40.22
C SER L 74 43.51 -63.99 39.13
N ILE L 75 42.60 -63.07 38.89
CA ILE L 75 41.77 -63.13 37.73
C ILE L 75 42.56 -62.50 36.65
N ILE L 76 42.35 -62.90 35.41
CA ILE L 76 43.06 -62.30 34.31
C ILE L 76 42.40 -62.70 33.03
N SER L 77 42.71 -62.00 31.97
CA SER L 77 42.18 -62.34 30.64
C SER L 77 42.96 -63.46 29.95
N PRO L 78 42.24 -64.30 29.20
CA PRO L 78 42.70 -65.54 28.57
C PRO L 78 43.87 -65.33 27.61
N ASN L 79 44.76 -66.32 27.48
CA ASN L 79 45.83 -66.24 26.49
C ASN L 79 45.31 -66.66 25.11
N TYR L 80 44.94 -65.68 24.28
CA TYR L 80 44.27 -65.94 23.01
C TYR L 80 45.15 -66.46 21.89
N LEU L 81 44.67 -67.45 21.18
CA LEU L 81 45.32 -67.90 20.00
C LEU L 81 44.33 -67.51 18.93
N PHE L 82 44.81 -66.82 17.91
CA PHE L 82 43.97 -66.33 16.84
C PHE L 82 44.31 -67.02 15.54
N ILE L 83 43.33 -67.17 14.68
CA ILE L 83 43.53 -67.82 13.41
C ILE L 83 43.42 -66.79 12.33
N LYS L 84 44.50 -66.53 11.62
CA LYS L 84 44.42 -65.55 10.60
C LYS L 84 43.90 -66.35 9.48
N THR L 85 42.66 -66.13 9.13
CA THR L 85 42.06 -66.90 8.10
C THR L 85 42.05 -66.18 6.80
N ASN L 86 42.37 -66.92 5.77
CA ASN L 86 42.37 -66.43 4.43
C ASN L 86 41.42 -67.32 3.76
N LEU L 87 40.18 -66.89 3.73
CA LEU L 87 39.07 -67.68 3.21
C LEU L 87 38.80 -67.36 1.75
N LYS L 88 38.28 -68.37 1.04
CA LYS L 88 37.88 -68.24 -0.36
C LYS L 88 36.60 -69.04 -0.53
N VAL L 89 35.53 -68.37 -0.91
CA VAL L 89 34.27 -69.05 -1.13
C VAL L 89 33.82 -68.83 -2.56
N THR L 90 33.54 -69.90 -3.28
CA THR L 90 33.08 -69.75 -4.65
C THR L 90 31.57 -70.05 -4.67
N TYR L 91 30.78 -69.16 -5.29
CA TYR L 91 29.32 -69.27 -5.25
C TYR L 91 28.69 -69.13 -6.63
N ALA L 92 27.43 -69.56 -6.74
CA ALA L 92 26.72 -69.58 -8.02
C ALA L 92 26.00 -68.26 -8.31
N LEU L 93 26.34 -67.62 -9.42
CA LEU L 93 25.70 -66.34 -9.77
C LEU L 93 24.19 -66.43 -9.71
N ASN L 94 23.61 -67.36 -10.46
CA ASN L 94 22.17 -67.53 -10.56
C ASN L 94 21.51 -67.54 -9.18
N LYS L 95 22.08 -68.29 -8.26
CA LYS L 95 21.41 -68.63 -7.01
C LYS L 95 21.65 -67.61 -5.90
N LEU L 96 22.32 -66.51 -6.23
CA LEU L 96 22.64 -65.48 -5.23
C LEU L 96 21.86 -64.19 -5.45
N GLN L 97 20.90 -63.93 -4.56
CA GLN L 97 19.97 -62.82 -4.74
C GLN L 97 20.56 -61.45 -4.36
N GLU L 98 21.08 -61.34 -3.14
CA GLU L 98 21.58 -60.06 -2.64
C GLU L 98 23.01 -59.73 -3.05
N SER L 99 23.54 -58.68 -2.44
CA SER L 99 24.87 -58.20 -2.80
C SER L 99 25.95 -59.18 -2.34
N GLU L 100 27.12 -59.07 -2.95
CA GLU L 100 28.28 -59.78 -2.44
C GLU L 100 28.54 -59.33 -1.02
N GLN L 101 28.42 -58.02 -0.81
CA GLN L 101 28.60 -57.44 0.52
C GLN L 101 27.68 -58.11 1.55
N TRP L 102 26.48 -58.49 1.09
CA TRP L 102 25.53 -59.17 1.95
C TRP L 102 26.02 -60.58 2.26
N LEU L 103 26.26 -61.34 1.20
CA LEU L 103 26.77 -62.71 1.32
C LEU L 103 27.90 -62.81 2.35
N GLU L 104 28.96 -62.02 2.18
CA GLU L 104 30.01 -61.98 3.17
C GLU L 104 29.42 -61.95 4.58
N GLY L 105 28.66 -60.89 4.88
CA GLY L 105 28.00 -60.79 6.16
C GLY L 105 27.39 -62.11 6.56
N GLN L 106 26.67 -62.72 5.62
CA GLN L 106 25.95 -63.94 5.90
C GLN L 106 26.87 -65.08 6.33
N ILE L 107 28.07 -65.13 5.78
CA ILE L 107 29.01 -66.19 6.14
C ILE L 107 29.87 -65.81 7.35
N ILE L 108 30.36 -64.58 7.36
CA ILE L 108 31.10 -64.08 8.51
C ILE L 108 30.28 -64.21 9.81
N ASP L 109 28.97 -64.43 9.67
CA ASP L 109 28.17 -64.79 10.82
C ASP L 109 28.35 -66.26 11.15
N LYS L 110 28.28 -67.09 10.11
CA LYS L 110 28.39 -68.53 10.28
C LYS L 110 29.70 -68.87 10.96
N ILE L 111 30.78 -68.22 10.55
CA ILE L 111 32.07 -68.49 11.16
C ILE L 111 31.95 -68.28 12.66
N ASP L 112 31.35 -67.17 13.05
CA ASP L 112 31.25 -66.82 14.45
C ASP L 112 30.37 -67.80 15.21
N ARG L 113 29.27 -68.22 14.59
CA ARG L 113 28.35 -69.15 15.20
C ARG L 113 29.03 -70.50 15.45
N TYR L 114 30.02 -70.84 14.63
CA TYR L 114 30.79 -72.06 14.84
C TYR L 114 31.77 -71.86 15.98
N TYR L 115 32.41 -70.70 16.02
CA TYR L 115 33.37 -70.36 17.06
C TYR L 115 32.73 -70.32 18.43
N THR L 116 31.63 -69.60 18.53
CA THR L 116 30.93 -69.48 19.78
C THR L 116 30.51 -70.87 20.27
N GLU L 117 29.89 -71.65 19.39
CA GLU L 117 29.41 -72.98 19.77
C GLU L 117 30.47 -74.06 20.03
N ASP L 118 31.39 -74.25 19.10
CA ASP L 118 32.28 -75.40 19.20
C ASP L 118 33.72 -75.06 19.57
N VAL L 119 34.10 -73.79 19.52
CA VAL L 119 35.50 -73.43 19.65
C VAL L 119 35.84 -72.55 20.85
N GLU L 120 35.07 -71.48 21.03
CA GLU L 120 35.36 -70.50 22.07
C GLU L 120 34.98 -71.06 23.43
N ILE L 121 35.90 -71.86 23.96
CA ILE L 121 35.66 -72.69 25.12
C ILE L 121 37.03 -73.22 25.49
N PHE L 122 37.27 -73.49 26.76
CA PHE L 122 38.62 -73.86 27.18
C PHE L 122 38.97 -75.30 26.82
N ASN L 123 40.13 -75.45 26.18
CA ASN L 123 40.60 -76.77 25.76
C ASN L 123 39.81 -77.43 24.63
N SER L 124 38.75 -76.78 24.18
CA SER L 124 38.08 -77.12 22.93
C SER L 124 38.97 -76.63 21.80
N SER L 125 38.73 -77.10 20.58
CA SER L 125 39.65 -76.75 19.51
C SER L 125 39.03 -76.31 18.19
N PHE L 126 39.86 -75.65 17.37
CA PHE L 126 39.48 -75.17 16.06
C PHE L 126 39.83 -76.18 14.97
N ALA L 127 38.84 -76.57 14.18
CA ALA L 127 39.05 -77.47 13.06
C ALA L 127 38.65 -76.78 11.77
N LYS L 128 39.64 -76.40 10.97
CA LYS L 128 39.38 -75.70 9.72
C LYS L 128 38.34 -76.41 8.86
N SER L 129 38.33 -77.73 8.91
CA SER L 129 37.38 -78.52 8.14
C SER L 129 35.94 -78.30 8.59
N LYS L 130 35.76 -77.98 9.87
CA LYS L 130 34.42 -77.82 10.42
C LYS L 130 33.84 -76.49 10.01
N MET L 131 34.61 -75.43 10.26
CA MET L 131 34.17 -74.08 9.99
C MET L 131 33.92 -73.84 8.52
N LEU L 132 34.66 -74.53 7.65
CA LEU L 132 34.38 -74.49 6.22
C LEU L 132 33.02 -75.09 5.91
N THR L 133 32.64 -76.15 6.60
CA THR L 133 31.30 -76.70 6.41
C THR L 133 30.26 -75.72 6.96
N TYR L 134 30.64 -74.90 7.93
CA TYR L 134 29.79 -73.80 8.38
C TYR L 134 29.66 -72.76 7.28
N VAL L 135 30.78 -72.33 6.72
CA VAL L 135 30.79 -71.42 5.58
C VAL L 135 29.88 -71.93 4.45
N ASP L 136 30.12 -73.16 4.01
CA ASP L 136 29.27 -73.82 3.01
C ASP L 136 27.79 -73.67 3.35
N ASP L 137 27.50 -73.64 4.66
CA ASP L 137 26.16 -73.76 5.22
C ASP L 137 25.43 -72.43 5.23
N ALA L 138 26.15 -71.36 4.91
CA ALA L 138 25.66 -69.99 5.07
C ALA L 138 24.60 -69.51 4.07
N ASP L 139 24.44 -70.20 2.96
CA ASP L 139 23.50 -69.75 1.94
C ASP L 139 23.22 -71.07 1.24
N HIS L 140 22.16 -71.14 0.43
CA HIS L 140 21.88 -72.33 -0.37
C HIS L 140 22.62 -72.26 -1.69
N SER L 141 23.53 -71.29 -1.79
CA SER L 141 24.15 -70.91 -3.04
C SER L 141 25.68 -70.89 -2.96
N VAL L 142 26.21 -71.45 -1.87
CA VAL L 142 27.64 -71.40 -1.60
C VAL L 142 28.29 -72.76 -1.87
N ILE L 143 28.60 -72.92 -3.13
CA ILE L 143 28.89 -74.17 -3.74
C ILE L 143 30.00 -74.93 -3.12
N GLY L 144 30.97 -74.21 -2.61
CA GLY L 144 32.20 -74.78 -2.08
C GLY L 144 33.26 -73.78 -1.69
N SER L 145 33.91 -74.00 -0.55
CA SER L 145 34.95 -73.10 -0.05
C SER L 145 36.32 -73.77 0.16
N SER L 146 37.34 -72.94 0.37
CA SER L 146 38.67 -73.41 0.70
C SER L 146 39.21 -72.38 1.66
N ALA L 147 40.40 -72.57 2.20
CA ALA L 147 40.81 -71.77 3.35
C ALA L 147 42.25 -72.02 3.77
N THR L 148 42.92 -70.96 4.21
CA THR L 148 44.32 -71.02 4.58
C THR L 148 44.56 -70.29 5.90
N ILE L 149 45.08 -71.01 6.89
CA ILE L 149 45.19 -70.41 8.21
C ILE L 149 46.60 -70.11 8.65
N GLN L 150 46.69 -69.20 9.62
CA GLN L 150 47.91 -68.91 10.35
C GLN L 150 47.55 -68.81 11.81
N MET L 151 48.54 -68.93 12.68
CA MET L 151 48.30 -68.76 14.10
C MET L 151 48.82 -67.40 14.57
N VAL L 152 48.01 -66.70 15.37
CA VAL L 152 48.47 -65.44 15.92
C VAL L 152 48.45 -65.45 17.44
N ARG L 153 49.63 -65.31 18.03
CA ARG L 153 49.76 -65.10 19.44
C ARG L 153 50.07 -63.61 19.58
N GLU L 154 49.28 -62.91 20.37
CA GLU L 154 49.47 -61.47 20.53
C GLU L 154 50.38 -61.22 21.70
N VAL L 155 51.59 -60.74 21.41
CA VAL L 155 52.63 -60.62 22.42
C VAL L 155 52.52 -59.34 23.23
N GLN L 156 52.53 -59.49 24.56
CA GLN L 156 52.43 -58.35 25.48
C GLN L 156 53.66 -57.46 25.47
N ASN L 157 54.84 -58.09 25.54
CA ASN L 157 56.10 -57.36 25.44
C ASN L 157 57.01 -57.91 24.35
N PHE L 158 57.41 -57.03 23.43
CA PHE L 158 58.21 -57.39 22.27
C PHE L 158 59.65 -57.68 22.64
N TYR L 159 60.12 -57.07 23.72
CA TYR L 159 61.55 -57.08 24.01
C TYR L 159 62.12 -58.43 24.42
N LYS L 160 61.40 -59.15 25.26
CA LYS L 160 61.84 -60.47 25.65
C LYS L 160 60.63 -61.31 25.94
N THR L 161 60.73 -62.57 25.56
CA THR L 161 59.68 -63.52 25.83
C THR L 161 59.55 -63.65 27.33
N PRO L 162 58.44 -64.25 27.80
CA PRO L 162 58.30 -64.43 29.24
C PRO L 162 59.46 -65.22 29.78
N GLU L 163 59.74 -65.05 31.07
CA GLU L 163 60.72 -65.87 31.76
C GLU L 163 60.77 -67.28 31.17
N ALA L 164 59.60 -67.85 30.89
CA ALA L 164 59.48 -69.27 30.65
C ALA L 164 59.57 -69.59 29.15
N GLY L 165 58.50 -69.28 28.42
CA GLY L 165 58.62 -68.92 27.02
C GLY L 165 57.31 -68.47 26.42
N ILE L 166 57.24 -68.45 25.10
CA ILE L 166 55.95 -68.38 24.40
C ILE L 166 55.74 -69.65 23.59
N LYS L 167 54.57 -70.26 23.72
CA LYS L 167 54.25 -71.46 22.95
C LYS L 167 52.86 -71.40 22.33
N TYR L 168 52.69 -72.12 21.21
CA TYR L 168 51.45 -72.09 20.44
C TYR L 168 50.53 -73.23 20.81
N ASN L 169 51.04 -74.16 21.61
CA ASN L 169 50.33 -75.42 21.89
C ASN L 169 50.06 -76.16 20.60
N ASN L 170 50.86 -75.84 19.58
CA ASN L 170 50.69 -76.41 18.25
C ASN L 170 51.97 -76.36 17.45
N GLN L 171 52.06 -77.29 16.52
CA GLN L 171 53.26 -77.45 15.72
C GLN L 171 53.24 -76.45 14.57
N ILE L 172 54.26 -75.62 14.47
CA ILE L 172 54.42 -74.75 13.29
C ILE L 172 55.45 -75.31 12.30
N LYS L 173 55.55 -74.69 11.13
CA LYS L 173 56.46 -75.14 10.09
C LYS L 173 57.78 -74.38 10.22
N ASP L 174 58.73 -74.69 9.35
CA ASP L 174 60.03 -74.03 9.37
C ASP L 174 59.94 -72.60 8.86
N ARG L 175 60.72 -71.70 9.49
CA ARG L 175 60.79 -70.30 9.07
C ARG L 175 59.45 -69.60 9.25
N SER L 176 58.50 -70.38 9.75
CA SER L 176 57.10 -69.99 9.83
C SER L 176 56.86 -68.86 10.82
N MET L 177 57.42 -69.01 12.02
CA MET L 177 57.31 -67.99 13.06
C MET L 177 57.82 -66.65 12.55
N GLU L 178 56.96 -65.65 12.52
CA GLU L 178 57.40 -64.32 12.13
C GLU L 178 56.44 -63.30 12.69
N SER L 179 57.01 -62.34 13.42
CA SER L 179 56.27 -61.22 13.98
C SER L 179 56.04 -60.19 12.89
N ASN L 180 55.24 -59.17 13.17
CA ASN L 180 55.11 -58.08 12.23
C ASN L 180 56.25 -57.09 12.40
N THR L 181 56.15 -55.94 11.74
CA THR L 181 57.26 -54.99 11.78
C THR L 181 57.08 -53.85 12.79
N PHE L 182 58.19 -53.45 13.41
CA PHE L 182 58.20 -52.37 14.37
C PHE L 182 59.43 -51.48 14.18
N SER L 183 59.24 -50.17 14.36
CA SER L 183 60.27 -49.19 14.05
C SER L 183 61.45 -49.33 14.98
N PHE L 184 62.65 -49.45 14.43
CA PHE L 184 63.86 -49.36 15.25
C PHE L 184 64.44 -47.95 15.08
N ASN L 185 64.96 -47.39 16.17
CA ASN L 185 65.52 -46.04 16.12
C ASN L 185 67.05 -46.07 16.20
N SER L 186 67.69 -45.87 15.05
CA SER L 186 69.15 -45.93 14.96
C SER L 186 69.81 -44.96 15.94
N GLY L 187 69.66 -43.68 15.69
CA GLY L 187 70.24 -42.66 16.54
C GLY L 187 70.95 -41.58 15.76
N ARG L 188 71.05 -41.77 14.44
CA ARG L 188 71.71 -40.78 13.58
C ARG L 188 70.77 -39.63 13.23
N LYS L 189 71.34 -38.51 12.82
CA LYS L 189 70.55 -37.37 12.35
C LYS L 189 70.41 -37.45 10.83
N VAL L 190 69.30 -36.93 10.31
CA VAL L 190 69.05 -37.00 8.87
C VAL L 190 69.31 -35.66 8.16
N VAL L 191 69.26 -34.57 8.92
CA VAL L 191 69.43 -33.23 8.35
C VAL L 191 68.52 -33.03 7.14
N ASN L 192 67.25 -32.76 7.42
CA ASN L 192 66.27 -32.50 6.37
C ASN L 192 65.42 -31.26 6.63
N PRO L 193 65.67 -30.17 5.88
CA PRO L 193 64.92 -28.92 5.99
C PRO L 193 63.44 -29.08 5.64
N ASP L 194 63.08 -30.24 5.10
CA ASP L 194 61.68 -30.55 4.82
C ASP L 194 60.89 -30.55 6.11
N THR L 195 61.42 -31.27 7.11
CA THR L 195 60.81 -31.33 8.43
C THR L 195 61.76 -30.78 9.50
N GLY L 196 62.26 -29.57 9.26
CA GLY L 196 63.10 -28.88 10.22
C GLY L 196 64.59 -28.96 9.96
N LEU L 197 65.30 -29.61 10.89
CA LEU L 197 66.75 -29.75 10.78
C LEU L 197 67.21 -31.15 11.19
N GLU L 198 66.34 -31.92 11.83
CA GLU L 198 66.70 -33.26 12.27
C GLU L 198 65.53 -34.22 12.51
N GLU L 199 65.45 -35.26 11.69
CA GLU L 199 64.67 -36.44 12.02
C GLU L 199 65.63 -37.54 12.45
N ASP L 200 65.14 -38.52 13.20
CA ASP L 200 66.02 -39.42 13.94
C ASP L 200 65.65 -40.68 13.14
N VAL L 201 66.42 -41.00 12.11
CA VAL L 201 66.16 -42.18 11.26
C VAL L 201 65.70 -43.49 11.90
N LEU L 202 64.51 -43.95 11.52
CA LEU L 202 63.95 -45.16 12.11
C LEU L 202 63.37 -46.12 11.08
N TYR L 203 64.07 -47.23 10.87
CA TYR L 203 63.68 -48.23 9.87
C TYR L 203 63.05 -49.50 10.45
N ASP L 204 62.00 -49.97 9.79
CA ASP L 204 61.28 -51.15 10.25
C ASP L 204 62.19 -52.37 10.45
N VAL L 205 61.65 -53.37 11.13
CA VAL L 205 62.41 -54.53 11.56
C VAL L 205 61.41 -55.56 12.11
N ARG L 206 61.68 -56.84 11.93
CA ARG L 206 60.78 -57.87 12.46
C ARG L 206 61.58 -58.99 13.14
N ILE L 207 60.91 -59.95 13.76
CA ILE L 207 61.64 -61.11 14.34
C ILE L 207 61.11 -62.46 13.85
N VAL L 208 61.95 -63.11 13.05
CA VAL L 208 61.62 -64.34 12.34
C VAL L 208 62.35 -65.52 12.94
N SER L 209 61.96 -66.72 12.56
CA SER L 209 62.66 -67.94 12.98
C SER L 209 63.27 -68.63 11.77
N THR L 210 64.34 -69.39 12.00
CA THR L 210 65.01 -70.13 10.94
C THR L 210 64.72 -71.61 11.04
N ASP L 211 65.37 -72.38 10.16
CA ASP L 211 65.09 -73.80 9.98
C ASP L 211 65.58 -74.71 11.10
N ARG L 212 64.80 -75.73 11.42
CA ARG L 212 65.19 -76.75 12.40
C ARG L 212 66.60 -77.24 12.12
N ASP L 213 67.37 -77.45 13.18
CA ASP L 213 68.68 -78.05 13.06
C ASP L 213 68.61 -79.57 12.95
N SER L 214 69.80 -80.18 13.03
CA SER L 214 69.96 -81.59 13.34
C SER L 214 69.64 -81.41 14.81
N LYS L 215 68.79 -82.31 15.32
CA LYS L 215 67.99 -82.04 16.50
C LYS L 215 66.76 -81.19 16.89
N GLY L 216 66.11 -80.59 15.90
CA GLY L 216 64.83 -79.95 16.13
C GLY L 216 64.81 -78.49 16.54
N ILE L 217 65.97 -77.85 16.60
CA ILE L 217 66.05 -76.47 17.07
C ILE L 217 66.33 -75.44 15.98
N GLY L 218 65.63 -74.31 16.06
CA GLY L 218 65.88 -73.18 15.18
C GLY L 218 66.47 -72.03 15.97
N LYS L 219 66.72 -70.92 15.28
CA LYS L 219 67.23 -69.72 15.92
C LYS L 219 66.27 -68.56 15.73
N VAL L 220 65.93 -67.83 16.79
CA VAL L 220 65.04 -66.68 16.66
C VAL L 220 65.84 -65.42 16.34
N ILE L 221 65.86 -65.01 15.09
CA ILE L 221 66.70 -63.89 14.68
C ILE L 221 65.86 -62.64 14.39
N ILE L 222 66.50 -61.46 14.44
CA ILE L 222 65.77 -60.19 14.34
C ILE L 222 66.20 -59.30 13.17
N GLY L 223 65.20 -58.85 12.40
CA GLY L 223 65.33 -58.05 11.18
C GLY L 223 66.52 -57.15 10.93
N PRO L 224 66.62 -56.63 9.70
CA PRO L 224 67.73 -55.91 9.02
C PRO L 224 68.26 -54.63 9.68
N PHE L 225 69.59 -54.51 9.72
CA PHE L 225 70.25 -53.34 10.29
C PHE L 225 71.33 -52.79 9.36
N ALA L 226 71.92 -51.65 9.71
CA ALA L 226 72.94 -51.01 8.87
C ALA L 226 74.36 -51.01 9.50
N SER L 227 74.88 -52.21 9.74
CA SER L 227 76.22 -52.39 10.29
C SER L 227 76.46 -51.56 11.54
N GLY L 228 76.74 -50.28 11.33
CA GLY L 228 77.08 -49.36 12.41
C GLY L 228 76.22 -49.39 13.66
N ASP L 229 74.91 -49.17 13.51
CA ASP L 229 74.04 -48.96 14.67
C ASP L 229 73.73 -50.22 15.51
N VAL L 230 74.39 -51.33 15.20
CA VAL L 230 74.45 -52.47 16.12
C VAL L 230 75.91 -52.83 16.39
N THR L 231 76.33 -52.78 17.65
CA THR L 231 77.74 -53.02 17.96
C THR L 231 78.08 -54.50 18.08
N GLU L 232 79.07 -54.91 17.31
CA GLU L 232 79.47 -56.29 17.24
C GLU L 232 80.86 -56.45 17.78
N ASN L 233 81.00 -57.45 18.61
CA ASN L 233 82.26 -57.80 19.20
C ASN L 233 82.26 -59.25 18.91
N GLU L 234 83.39 -59.91 18.96
CA GLU L 234 83.38 -61.31 18.62
C GLU L 234 82.41 -61.97 19.60
N ASN L 235 81.48 -62.70 19.02
CA ASN L 235 80.45 -63.34 19.78
C ASN L 235 79.17 -62.90 19.11
N ILE L 236 78.84 -61.63 19.35
CA ILE L 236 77.67 -61.00 18.79
C ILE L 236 78.01 -60.51 17.42
N GLN L 237 77.84 -61.34 16.40
CA GLN L 237 78.14 -60.91 15.05
C GLN L 237 77.03 -61.34 14.08
N PRO L 238 76.89 -60.64 12.95
CA PRO L 238 75.76 -60.87 12.05
C PRO L 238 75.49 -62.35 11.84
N TYR L 239 74.23 -62.74 11.83
CA TYR L 239 73.84 -64.11 11.52
C TYR L 239 73.97 -64.36 10.03
N THR L 240 74.37 -65.57 9.67
CA THR L 240 74.54 -65.93 8.29
C THR L 240 73.97 -67.33 8.09
N GLY L 241 72.92 -67.43 7.27
CA GLY L 241 72.31 -68.73 7.06
C GLY L 241 71.38 -68.78 5.86
N ASN L 242 70.72 -67.67 5.58
CA ASN L 242 69.68 -67.65 4.55
C ASN L 242 68.65 -68.75 4.73
N ASP L 243 68.57 -69.31 5.94
CA ASP L 243 67.56 -70.30 6.27
C ASP L 243 66.35 -69.70 6.99
N PHE L 244 66.00 -68.48 6.58
CA PHE L 244 64.86 -67.78 7.15
C PHE L 244 64.30 -66.85 6.08
N ASN L 245 63.29 -66.06 6.43
CA ASN L 245 62.68 -65.13 5.48
C ASN L 245 63.14 -63.70 5.69
N LYS L 246 63.84 -63.16 4.70
CA LYS L 246 64.28 -61.77 4.74
C LYS L 246 63.13 -60.88 4.32
N LEU L 247 63.24 -59.56 4.52
CA LEU L 247 62.09 -58.71 4.17
C LEU L 247 62.33 -57.65 3.07
N ALA L 248 61.22 -57.18 2.49
CA ALA L 248 61.26 -56.12 1.47
C ALA L 248 62.06 -54.91 1.93
N ASN L 249 62.99 -54.48 1.09
CA ASN L 249 63.76 -53.28 1.38
C ASN L 249 63.71 -52.25 0.27
N SER L 250 64.21 -51.07 0.61
CA SER L 250 64.50 -50.02 -0.35
C SER L 250 65.85 -49.49 0.08
N ASP L 251 66.29 -49.95 1.25
CA ASP L 251 67.54 -49.50 1.85
C ASP L 251 68.61 -50.59 1.73
N GLY L 252 69.87 -50.19 1.91
CA GLY L 252 70.96 -51.13 1.98
C GLY L 252 71.02 -51.75 3.36
N ARG L 253 70.12 -52.70 3.62
CA ARG L 253 70.03 -53.33 4.94
C ARG L 253 69.90 -54.86 4.85
N ASP L 254 70.91 -55.58 5.34
CA ASP L 254 70.90 -57.04 5.23
C ASP L 254 71.61 -57.73 6.39
N LYS L 255 71.65 -57.07 7.54
CA LYS L 255 72.36 -57.61 8.68
C LYS L 255 71.39 -57.99 9.78
N TYR L 256 71.01 -59.26 9.81
CA TYR L 256 70.11 -59.77 10.84
C TYR L 256 70.93 -60.36 11.97
N TYR L 257 70.39 -60.36 13.19
CA TYR L 257 71.14 -60.82 14.36
C TYR L 257 70.38 -61.91 15.12
N VAL L 258 71.07 -62.64 16.00
CA VAL L 258 70.45 -63.77 16.69
C VAL L 258 70.20 -63.53 18.18
N ILE L 259 68.94 -63.67 18.57
CA ILE L 259 68.53 -63.73 19.98
C ILE L 259 67.82 -65.06 20.16
N GLY L 260 67.35 -65.36 21.36
CA GLY L 260 66.69 -66.64 21.66
C GLY L 260 66.73 -67.82 20.69
N GLU L 261 65.68 -68.64 20.70
CA GLU L 261 65.58 -69.79 19.81
C GLU L 261 64.27 -70.56 19.90
N ILE L 262 63.86 -71.16 18.79
CA ILE L 262 62.63 -71.92 18.71
C ILE L 262 62.94 -73.38 18.92
N ASN L 263 62.27 -74.02 19.87
CA ASN L 263 62.33 -75.47 19.93
C ASN L 263 61.11 -76.01 19.22
N TYR L 264 61.28 -76.29 17.94
CA TYR L 264 60.14 -76.65 17.10
C TYR L 264 59.24 -77.75 17.68
N PRO L 265 59.84 -78.89 18.06
CA PRO L 265 59.07 -80.05 18.57
C PRO L 265 58.43 -79.82 19.93
N ALA L 266 59.10 -79.09 20.82
CA ALA L 266 58.54 -78.79 22.14
C ALA L 266 57.79 -77.46 22.13
N ASP L 267 57.51 -76.96 20.93
CA ASP L 267 57.14 -75.57 20.69
C ASP L 267 57.35 -74.67 21.91
N VAL L 268 58.59 -74.24 22.10
CA VAL L 268 58.87 -73.14 23.01
C VAL L 268 59.68 -72.11 22.26
N ILE L 269 59.38 -70.86 22.54
CA ILE L 269 60.02 -69.75 21.86
C ILE L 269 60.52 -68.79 22.93
N TYR L 270 61.83 -68.66 23.05
CA TYR L 270 62.40 -67.66 23.92
C TYR L 270 63.25 -66.75 23.07
N TRP L 271 63.19 -65.45 23.35
CA TRP L 271 64.15 -64.51 22.80
C TRP L 271 64.30 -63.38 23.78
N ASN L 272 65.41 -62.67 23.68
CA ASN L 272 65.62 -61.51 24.51
C ASN L 272 66.51 -60.52 23.78
N ILE L 273 65.91 -59.44 23.26
CA ILE L 273 66.66 -58.44 22.51
C ILE L 273 67.94 -58.05 23.24
N ALA L 274 67.92 -58.14 24.56
CA ALA L 274 69.08 -57.75 25.36
C ALA L 274 70.35 -58.41 24.85
N LYS L 275 70.20 -59.63 24.34
CA LYS L 275 71.35 -60.39 23.85
C LYS L 275 72.13 -59.65 22.77
N ILE L 276 71.74 -58.41 22.47
CA ILE L 276 72.51 -57.59 21.52
C ILE L 276 72.73 -56.11 21.91
N ASN L 277 72.59 -55.78 23.19
CA ASN L 277 72.80 -54.41 23.64
C ASN L 277 71.88 -53.41 22.97
N LEU L 278 70.58 -53.64 23.10
CA LEU L 278 69.58 -52.72 22.56
C LEU L 278 68.43 -52.53 23.54
N THR L 279 68.44 -51.43 24.27
CA THR L 279 67.42 -51.18 25.28
C THR L 279 66.05 -51.00 24.66
N SER L 280 65.00 -51.36 25.40
CA SER L 280 63.63 -51.14 24.95
C SER L 280 63.48 -49.74 24.34
N GLU L 281 64.08 -48.75 25.00
CA GLU L 281 64.07 -47.36 24.55
C GLU L 281 64.22 -47.24 23.05
N LYS L 282 65.03 -48.13 22.47
CA LYS L 282 65.44 -48.01 21.07
C LYS L 282 64.33 -48.32 20.06
N PHE L 283 63.28 -48.98 20.50
CA PHE L 283 62.20 -49.37 19.59
C PHE L 283 60.89 -48.65 19.94
N GLU L 284 60.27 -48.04 18.95
CA GLU L 284 58.99 -47.38 19.18
C GLU L 284 57.79 -48.33 19.03
N VAL L 285 57.72 -49.33 19.90
CA VAL L 285 56.49 -50.11 20.15
C VAL L 285 56.60 -50.70 21.53
N GLN L 286 55.57 -51.41 21.96
CA GLN L 286 55.63 -52.09 23.25
C GLN L 286 54.95 -53.44 23.12
N THR L 287 54.21 -53.61 22.03
CA THR L 287 53.44 -54.81 21.81
C THR L 287 53.64 -55.25 20.36
N ILE L 288 53.62 -56.57 20.13
CA ILE L 288 53.69 -57.08 18.78
C ILE L 288 52.80 -58.30 18.59
N GLU L 289 52.84 -58.87 17.38
CA GLU L 289 52.03 -60.04 17.04
C GLU L 289 52.88 -61.06 16.30
N LEU L 290 52.82 -62.29 16.77
CA LEU L 290 53.65 -63.36 16.25
C LEU L 290 52.76 -64.27 15.43
N TYR L 291 53.15 -64.52 14.19
CA TYR L 291 52.39 -65.40 13.32
C TYR L 291 53.16 -66.69 13.09
N SER L 292 52.54 -67.65 12.41
CA SER L 292 53.20 -68.90 12.10
C SER L 292 52.20 -69.88 11.53
N ASP L 293 52.64 -70.65 10.55
CA ASP L 293 51.78 -71.62 9.89
C ASP L 293 51.69 -72.86 10.74
N PRO L 294 50.46 -73.33 11.03
CA PRO L 294 50.30 -74.62 11.69
C PRO L 294 50.86 -75.77 10.83
N THR L 295 51.08 -76.92 11.43
CA THR L 295 51.43 -78.10 10.68
C THR L 295 50.12 -78.67 10.22
N ASP L 296 49.14 -78.65 11.10
CA ASP L 296 47.87 -79.29 10.80
C ASP L 296 46.73 -78.30 10.52
N ASP L 297 45.56 -78.86 10.25
CA ASP L 297 44.37 -78.08 10.04
C ASP L 297 43.43 -78.31 11.21
N VAL L 298 43.98 -78.86 12.29
CA VAL L 298 43.26 -78.96 13.55
C VAL L 298 44.15 -78.39 14.67
N ILE L 299 43.73 -77.27 15.27
CA ILE L 299 44.61 -76.61 16.23
C ILE L 299 44.04 -76.57 17.66
N PHE L 300 44.93 -76.57 18.64
CA PHE L 300 44.58 -76.89 20.03
C PHE L 300 44.87 -75.83 21.06
N THR L 301 44.11 -75.88 22.15
CA THR L 301 44.36 -75.04 23.30
C THR L 301 44.72 -75.91 24.51
N ARG L 302 45.27 -75.26 25.53
CA ARG L 302 45.83 -75.95 26.67
C ARG L 302 45.68 -74.81 27.68
N ASP L 303 46.52 -74.85 28.71
CA ASP L 303 46.35 -74.18 29.99
C ASP L 303 46.10 -72.68 29.84
N GLY L 304 44.85 -72.27 30.00
CA GLY L 304 44.51 -70.85 29.96
C GLY L 304 44.57 -70.19 28.59
N SER L 305 44.87 -71.00 27.57
CA SER L 305 44.80 -70.53 26.19
C SER L 305 43.40 -70.75 25.67
N LEU L 306 42.93 -69.80 24.86
CA LEU L 306 41.61 -69.87 24.29
C LEU L 306 41.68 -69.37 22.86
N ILE L 307 41.05 -70.10 21.94
CA ILE L 307 40.97 -69.75 20.53
C ILE L 307 39.66 -69.01 20.28
N VAL L 308 39.71 -67.92 19.52
CA VAL L 308 38.55 -67.02 19.43
C VAL L 308 38.43 -66.17 18.14
N PHE L 309 37.21 -66.03 17.68
CA PHE L 309 36.90 -65.24 16.49
C PHE L 309 36.17 -63.99 16.95
N GLU L 310 36.87 -62.86 16.96
CA GLU L 310 36.21 -61.64 17.37
C GLU L 310 36.29 -60.62 16.26
N ASN L 311 35.50 -60.85 15.23
CA ASN L 311 35.83 -60.24 13.95
C ASN L 311 35.55 -58.79 13.66
N ASP L 312 34.52 -58.23 14.29
CA ASP L 312 34.34 -56.79 14.32
C ASP L 312 35.34 -56.03 15.17
N LEU L 313 36.32 -56.75 15.69
CA LEU L 313 37.32 -56.15 16.58
C LEU L 313 38.72 -56.68 16.27
N ARG L 314 38.77 -57.79 15.54
CA ARG L 314 40.02 -58.25 14.93
C ARG L 314 39.81 -58.63 13.47
N PRO L 315 39.48 -57.64 12.65
CA PRO L 315 38.94 -57.90 11.32
C PRO L 315 40.08 -58.25 10.41
N GLN L 316 41.27 -57.88 10.87
CA GLN L 316 42.52 -58.11 10.19
C GLN L 316 42.86 -59.59 10.07
N TYR L 317 42.11 -60.46 10.77
CA TYR L 317 42.44 -61.88 10.82
C TYR L 317 41.48 -62.71 9.99
N LEU L 318 40.68 -62.02 9.18
CA LEU L 318 39.84 -62.69 8.20
C LEU L 318 39.92 -61.90 6.91
N THR L 319 40.04 -62.60 5.80
CA THR L 319 39.86 -62.01 4.50
C THR L 319 39.02 -63.00 3.70
N ILE L 320 38.04 -62.48 2.97
CA ILE L 320 37.17 -63.30 2.14
C ILE L 320 37.36 -62.97 0.66
N ASP L 321 37.69 -63.97 -0.16
CA ASP L 321 37.65 -63.82 -1.61
C ASP L 321 36.47 -64.63 -2.11
N LEU L 322 35.55 -63.98 -2.81
CA LEU L 322 34.47 -64.72 -3.45
C LEU L 322 34.80 -65.01 -4.91
N GLU L 323 34.15 -66.01 -5.46
CA GLU L 323 34.33 -66.34 -6.86
C GLU L 323 32.96 -66.66 -7.40
N PRO L 324 32.39 -65.75 -8.19
CA PRO L 324 31.08 -66.00 -8.78
C PRO L 324 31.15 -66.89 -10.02
N ILE L 325 30.30 -67.90 -10.04
CA ILE L 325 30.29 -68.82 -11.15
C ILE L 325 28.97 -68.88 -11.89
N SER L 326 29.04 -69.17 -13.17
CA SER L 326 27.86 -69.29 -14.02
C SER L 326 27.88 -70.60 -14.81
N GLN L 327 28.54 -70.61 -15.96
CA GLN L 327 28.71 -71.79 -16.82
C GLN L 327 29.37 -71.52 -18.17
N LEU L 328 30.71 -71.50 -18.29
CA LEU L 328 31.65 -71.66 -17.20
C LEU L 328 33.18 -71.80 -17.54
N GLU L 329 33.56 -72.00 -18.79
CA GLU L 329 35.00 -72.08 -19.11
C GLU L 329 35.90 -71.26 -18.16
N HIS L 330 35.60 -71.06 -16.88
CA HIS L 330 36.70 -70.43 -16.18
C HIS L 330 36.36 -69.95 -14.75
N HIS L 331 37.18 -70.36 -13.77
CA HIS L 331 37.18 -69.79 -12.42
C HIS L 331 38.63 -69.69 -11.87
N HIS L 332 39.52 -69.19 -12.73
CA HIS L 332 40.94 -68.94 -12.46
C HIS L 332 41.85 -69.92 -13.19
#